data_2FZS
#
_entry.id   2FZS
#
_cell.length_a   190.7
_cell.length_b   101.0
_cell.length_c   155.4
_cell.angle_alpha   90.0
_cell.angle_beta   99.0
_cell.angle_gamma   90.0
#
_symmetry.space_group_name_H-M   'C 1 2 1'
#
loop_
_entity.id
_entity.type
_entity.pdbx_description
1 polymer 'ATP-dependent Clp protease proteolytic subunit'
2 non-polymer N~2~-[(BENZYLOXY)CARBONYL]-N-[(1S,2S)-2-HYDROXY-1-(4-HYDROXYBENZYL)PROPYL]-L-LEUCINAMIDE
3 non-polymer 'TRIETHYLENE GLYCOL'
4 non-polymer GLYCEROL
5 water water
#
_entity_poly.entity_id   1
_entity_poly.type   'polypeptide(L)'
_entity_poly.pdbx_seq_one_letter_code
;ALVPMVIEQTSRGERSFDIYSRLLKERVIFLTGQVEDHMANLIVAQMLFLEAENPEKDIYLYINSPGGVITAGMSIYDTM
QFIKPDVSTICMGQAASMGAFLLTAGAKGKRFCLPNSRVMIHQPLGGYQGQATDIEIHAREILKVKGRMNELMALHTGQS
LEQIERDTERDRFLSAPEAVEYGLVDSILTHRN
;
_entity_poly.pdbx_strand_id   A,B,C,D,E,F,G,H,I,J,K,L,M,N
#
loop_
_chem_comp.id
_chem_comp.type
_chem_comp.name
_chem_comp.formula
CMQ non-polymer N~2~-[(BENZYLOXY)CARBONYL]-N-[(1S,2S)-2-HYDROXY-1-(4-HYDROXYBENZYL)PROPYL]-L-LEUCINAMIDE 'C24 H32 N2 O5'
GOL non-polymer GLYCEROL 'C3 H8 O3'
PGE non-polymer 'TRIETHYLENE GLYCOL' 'C6 H14 O4'
#
# COMPACT_ATOMS: atom_id res chain seq x y z
N LEU A 2 -23.59 6.96 16.90
CA LEU A 2 -24.24 8.24 17.33
C LEU A 2 -24.67 8.11 18.80
N VAL A 3 -24.45 9.15 19.59
CA VAL A 3 -24.87 9.10 20.98
C VAL A 3 -26.25 9.71 21.17
N PRO A 4 -27.21 8.91 21.70
CA PRO A 4 -28.55 9.44 21.96
C PRO A 4 -28.54 10.69 22.81
N MET A 5 -29.53 11.55 22.57
CA MET A 5 -29.72 12.78 23.31
C MET A 5 -30.95 12.65 24.18
N VAL A 6 -31.00 13.47 25.22
CA VAL A 6 -32.20 13.60 26.04
C VAL A 6 -32.69 15.06 26.03
N ILE A 7 -34.00 15.22 25.85
CA ILE A 7 -34.66 16.52 25.71
C ILE A 7 -35.49 16.88 26.96
N GLU A 8 -35.21 18.03 27.55
CA GLU A 8 -35.84 18.44 28.81
C GLU A 8 -36.24 19.93 28.78
N ARG A 15 -31.06 22.71 27.55
CA ARG A 15 -31.93 21.58 27.88
C ARG A 15 -31.66 20.35 26.98
N SER A 16 -30.47 19.76 27.11
CA SER A 16 -30.06 18.66 26.23
C SER A 16 -28.73 18.03 26.66
N PHE A 17 -28.80 16.77 27.03
CA PHE A 17 -27.65 15.98 27.45
C PHE A 17 -27.58 14.82 26.50
N ASP A 18 -26.36 14.46 26.08
CA ASP A 18 -26.11 13.13 25.53
C ASP A 18 -26.26 12.11 26.65
N ILE A 19 -26.54 10.86 26.28
CA ILE A 19 -26.82 9.80 27.24
C ILE A 19 -25.78 9.71 28.39
N TYR A 20 -24.50 9.76 28.04
CA TYR A 20 -23.44 9.67 29.02
C TYR A 20 -23.39 10.85 30.03
N SER A 21 -23.72 12.04 29.57
CA SER A 21 -23.69 13.22 30.44
C SER A 21 -24.83 13.15 31.43
N ARG A 22 -25.94 12.62 30.96
CA ARG A 22 -27.11 12.39 31.77
C ARG A 22 -26.82 11.41 32.91
N LEU A 23 -26.10 10.33 32.59
CA LEU A 23 -25.77 9.34 33.59
C LEU A 23 -24.66 9.83 34.54
N LEU A 24 -23.79 10.68 34.01
CA LEU A 24 -22.77 11.34 34.84
C LEU A 24 -23.45 12.09 35.97
N LYS A 25 -24.59 12.69 35.68
CA LYS A 25 -25.28 13.42 36.75
C LYS A 25 -25.83 12.49 37.83
N GLU A 26 -25.87 11.20 37.54
CA GLU A 26 -26.19 10.23 38.57
C GLU A 26 -24.95 9.51 39.11
N ARG A 27 -23.78 10.08 38.81
CA ARG A 27 -22.54 9.67 39.43
C ARG A 27 -22.05 8.33 38.85
N VAL A 28 -22.45 8.11 37.61
CA VAL A 28 -22.04 6.92 36.86
C VAL A 28 -21.03 7.29 35.78
N ILE A 29 -19.88 6.63 35.81
CA ILE A 29 -18.82 6.74 34.78
C ILE A 29 -18.57 5.35 34.13
N PHE A 30 -18.32 5.36 32.81
CA PHE A 30 -18.04 4.14 32.10
C PHE A 30 -16.58 4.13 31.65
N LEU A 31 -15.90 3.04 31.95
CA LEU A 31 -14.56 2.81 31.45
C LEU A 31 -14.75 1.61 30.48
N THR A 32 -14.64 1.87 29.19
CA THR A 32 -14.87 0.88 28.16
C THR A 32 -13.69 0.80 27.19
N GLY A 33 -13.24 -0.43 26.93
CA GLY A 33 -12.23 -0.63 25.92
C GLY A 33 -10.83 -0.50 26.49
N GLN A 34 -9.86 -0.47 25.56
CA GLN A 34 -8.45 -0.44 25.97
C GLN A 34 -8.15 0.82 26.78
N VAL A 35 -7.40 0.66 27.88
CA VAL A 35 -6.98 1.77 28.74
C VAL A 35 -5.73 2.43 28.12
N GLU A 36 -5.82 3.74 27.84
CA GLU A 36 -4.75 4.52 27.26
C GLU A 36 -4.95 5.93 27.70
N ASP A 37 -3.93 6.76 27.51
CA ASP A 37 -3.83 8.02 28.19
C ASP A 37 -5.08 8.86 28.05
N HIS A 38 -5.61 8.97 26.83
CA HIS A 38 -6.67 9.99 26.60
C HIS A 38 -8.02 9.60 27.20
N MET A 39 -8.41 8.34 26.99
CA MET A 39 -9.67 7.90 27.59
C MET A 39 -9.50 7.84 29.08
N ALA A 40 -8.28 7.55 29.58
CA ALA A 40 -8.06 7.61 31.02
C ALA A 40 -8.20 9.02 31.56
N ASN A 41 -7.71 10.00 30.80
CA ASN A 41 -7.81 11.42 31.21
C ASN A 41 -9.31 11.78 31.34
N LEU A 42 -10.13 11.22 30.46
CA LEU A 42 -11.56 11.53 30.51
C LEU A 42 -12.22 10.98 31.77
N ILE A 43 -11.83 9.78 32.18
CA ILE A 43 -12.35 9.16 33.42
C ILE A 43 -11.90 9.98 34.65
N VAL A 44 -10.61 10.30 34.68
CA VAL A 44 -10.03 11.11 35.75
C VAL A 44 -10.79 12.43 35.89
N ALA A 45 -11.01 13.10 34.76
CA ALA A 45 -11.74 14.36 34.74
C ALA A 45 -13.19 14.22 35.28
N GLN A 46 -13.88 13.19 34.83
CA GLN A 46 -15.20 12.87 35.36
C GLN A 46 -15.19 12.59 36.85
N MET A 47 -14.18 11.89 37.33
CA MET A 47 -14.06 11.63 38.81
C MET A 47 -13.87 12.92 39.60
N LEU A 48 -13.01 13.81 39.07
CA LEU A 48 -12.72 15.06 39.75
C LEU A 48 -13.95 15.97 39.74
N PHE A 49 -14.64 16.03 38.61
CA PHE A 49 -15.93 16.71 38.52
C PHE A 49 -16.93 16.21 39.58
N LEU A 50 -17.13 14.90 39.66
CA LEU A 50 -18.06 14.32 40.65
C LEU A 50 -17.66 14.64 42.11
N GLU A 51 -16.36 14.58 42.40
CA GLU A 51 -15.84 14.99 43.69
C GLU A 51 -16.20 16.47 43.96
N ALA A 52 -16.01 17.35 42.98
CA ALA A 52 -16.32 18.79 43.15
C ALA A 52 -17.81 18.99 43.37
N GLU A 53 -18.62 18.19 42.68
CA GLU A 53 -20.07 18.26 42.84
C GLU A 53 -20.53 17.85 44.24
N ASN A 54 -19.99 16.75 44.74
CA ASN A 54 -20.32 16.25 46.06
C ASN A 54 -19.22 15.29 46.49
N PRO A 55 -18.35 15.72 47.42
CA PRO A 55 -17.28 14.83 47.87
C PRO A 55 -17.72 13.68 48.77
N GLU A 56 -18.97 13.69 49.22
CA GLU A 56 -19.50 12.65 50.09
C GLU A 56 -20.18 11.49 49.40
N LYS A 57 -20.75 11.72 48.21
CA LYS A 57 -21.57 10.67 47.59
C LYS A 57 -20.70 9.72 46.75
N ASP A 58 -20.98 8.42 46.84
CA ASP A 58 -20.27 7.40 46.00
C ASP A 58 -20.34 7.71 44.50
N ILE A 59 -19.30 7.23 43.81
CA ILE A 59 -19.21 7.22 42.35
C ILE A 59 -19.24 5.77 41.87
N TYR A 60 -19.92 5.52 40.76
CA TYR A 60 -20.01 4.19 40.22
C TYR A 60 -19.22 4.16 38.94
N LEU A 61 -18.25 3.25 38.91
CA LEU A 61 -17.40 3.13 37.72
C LEU A 61 -17.65 1.74 37.11
N TYR A 62 -18.33 1.67 35.96
CA TYR A 62 -18.58 0.41 35.23
C TYR A 62 -17.35 0.15 34.38
N ILE A 63 -16.89 -1.10 34.39
CA ILE A 63 -15.65 -1.44 33.76
C ILE A 63 -15.95 -2.56 32.78
N ASN A 64 -15.67 -2.33 31.50
CA ASN A 64 -15.63 -3.39 30.51
C ASN A 64 -14.39 -3.11 29.61
N SER A 65 -13.30 -3.83 29.83
CA SER A 65 -12.01 -3.48 29.24
C SER A 65 -11.16 -4.71 29.12
N PRO A 66 -10.46 -4.86 27.97
CA PRO A 66 -9.49 -5.96 27.75
C PRO A 66 -8.13 -5.71 28.35
N GLY A 67 -7.94 -4.51 28.91
CA GLY A 67 -6.70 -4.15 29.64
C GLY A 67 -6.15 -2.87 29.02
N GLY A 68 -4.86 -2.65 29.13
CA GLY A 68 -4.25 -1.48 28.51
C GLY A 68 -2.93 -1.11 29.14
N VAL A 69 -2.59 0.16 28.96
CA VAL A 69 -1.31 0.73 29.26
C VAL A 69 -1.24 1.00 30.74
N ILE A 70 -0.18 0.51 31.37
CA ILE A 70 -0.04 0.59 32.82
C ILE A 70 -0.05 2.02 33.36
N THR A 71 0.77 2.90 32.79
CA THR A 71 0.76 4.26 33.32
C THR A 71 -0.60 4.95 33.18
N ALA A 72 -1.31 4.74 32.06
CA ALA A 72 -2.63 5.30 31.87
C ALA A 72 -3.57 4.77 32.95
N GLY A 73 -3.51 3.45 33.21
CA GLY A 73 -4.27 2.83 34.32
C GLY A 73 -3.92 3.40 35.70
N MET A 74 -2.66 3.75 35.92
CA MET A 74 -2.26 4.21 37.24
C MET A 74 -2.71 5.65 37.47
N SER A 75 -3.03 6.39 36.40
CA SER A 75 -3.58 7.77 36.58
C SER A 75 -4.98 7.66 37.14
N ILE A 76 -5.68 6.61 36.71
CA ILE A 76 -7.04 6.34 37.19
C ILE A 76 -6.97 5.79 38.61
N TYR A 77 -6.12 4.79 38.83
CA TYR A 77 -5.94 4.19 40.14
C TYR A 77 -5.69 5.25 41.23
N ASP A 78 -4.73 6.14 40.98
CA ASP A 78 -4.32 7.09 41.98
C ASP A 78 -5.42 8.12 42.16
N THR A 79 -6.14 8.43 41.08
CA THR A 79 -7.30 9.38 41.26
C THR A 79 -8.42 8.75 42.15
N MET A 80 -8.72 7.48 41.94
CA MET A 80 -9.75 6.75 42.70
C MET A 80 -9.41 6.76 44.18
N GLN A 81 -8.13 6.66 44.47
CA GLN A 81 -7.66 6.66 45.88
C GLN A 81 -7.57 8.10 46.42
N PHE A 82 -7.20 9.06 45.57
CA PHE A 82 -6.96 10.44 46.02
C PHE A 82 -8.25 11.14 46.34
N ILE A 83 -9.27 10.98 45.47
CA ILE A 83 -10.52 11.75 45.70
C ILE A 83 -11.28 11.33 46.96
N LYS A 84 -12.08 12.24 47.47
CA LYS A 84 -12.87 12.01 48.68
C LYS A 84 -13.92 10.89 48.57
N PRO A 85 -14.78 10.89 47.51
CA PRO A 85 -15.82 9.85 47.38
C PRO A 85 -15.30 8.44 47.24
N ASP A 86 -15.96 7.44 47.84
CA ASP A 86 -15.69 6.04 47.42
C ASP A 86 -16.00 5.84 45.94
N VAL A 87 -15.18 5.05 45.26
CA VAL A 87 -15.49 4.69 43.88
C VAL A 87 -15.85 3.23 43.97
N SER A 88 -17.12 2.93 43.70
CA SER A 88 -17.61 1.56 43.66
C SER A 88 -17.39 1.08 42.24
N THR A 89 -16.84 -0.12 42.07
CA THR A 89 -16.55 -0.59 40.72
C THR A 89 -17.52 -1.71 40.37
N ILE A 90 -17.97 -1.73 39.11
CA ILE A 90 -18.87 -2.79 38.61
C ILE A 90 -18.36 -3.33 37.27
N CYS A 91 -18.01 -4.60 37.27
CA CYS A 91 -17.56 -5.26 36.04
C CYS A 91 -18.72 -5.80 35.25
N MET A 92 -18.81 -5.36 33.98
CA MET A 92 -19.66 -5.98 32.98
C MET A 92 -18.89 -6.37 31.70
N GLY A 93 -19.23 -7.51 31.12
CA GLY A 93 -18.52 -8.02 29.94
C GLY A 93 -17.22 -8.65 30.45
N GLN A 94 -16.16 -7.85 30.57
CA GLN A 94 -14.89 -8.39 31.14
C GLN A 94 -14.12 -7.27 31.83
N ALA A 95 -13.21 -7.68 32.68
CA ALA A 95 -12.19 -6.78 33.16
C ALA A 95 -10.89 -7.55 33.10
N ALA A 96 -10.05 -7.25 32.11
CA ALA A 96 -8.82 -8.01 31.97
C ALA A 96 -7.57 -7.16 32.23
N SER A 97 -6.63 -7.70 32.99
CA SER A 97 -5.30 -7.08 33.16
C SER A 97 -5.53 -5.68 33.74
N MET A 98 -5.23 -4.57 33.04
CA MET A 98 -5.43 -3.25 33.73
C MET A 98 -6.90 -3.05 34.13
N GLY A 99 -7.86 -3.59 33.35
CA GLY A 99 -9.27 -3.50 33.80
C GLY A 99 -9.51 -4.26 35.11
N ALA A 100 -8.93 -5.46 35.27
CA ALA A 100 -9.12 -6.19 36.58
C ALA A 100 -8.52 -5.45 37.75
N PHE A 101 -7.36 -4.82 37.46
CA PHE A 101 -6.62 -4.09 38.49
C PHE A 101 -7.49 -2.93 38.99
N LEU A 102 -8.10 -2.19 38.07
CA LEU A 102 -8.94 -1.03 38.44
C LEU A 102 -10.26 -1.48 39.13
N LEU A 103 -10.78 -2.60 38.70
CA LEU A 103 -11.95 -3.25 39.37
C LEU A 103 -11.67 -3.54 40.82
N THR A 104 -10.53 -4.18 41.09
CA THR A 104 -10.20 -4.56 42.48
C THR A 104 -9.80 -3.37 43.35
N ALA A 105 -9.50 -2.24 42.70
CA ALA A 105 -9.03 -1.03 43.38
C ALA A 105 -10.19 -0.19 43.91
N GLY A 106 -11.42 -0.59 43.57
CA GLY A 106 -12.64 0.04 44.10
C GLY A 106 -12.70 0.04 45.64
N ALA A 107 -13.61 0.86 46.20
CA ALA A 107 -13.80 0.92 47.62
C ALA A 107 -14.13 -0.48 48.18
N LYS A 108 -13.47 -0.85 49.27
CA LYS A 108 -13.71 -2.14 49.90
C LYS A 108 -15.20 -2.27 50.23
N GLY A 109 -15.73 -3.44 49.96
CA GLY A 109 -17.15 -3.72 50.13
C GLY A 109 -18.01 -3.27 48.95
N LYS A 110 -17.44 -2.44 48.04
CA LYS A 110 -18.23 -1.82 46.96
C LYS A 110 -17.73 -2.18 45.57
N ARG A 111 -17.08 -3.34 45.46
CA ARG A 111 -16.61 -3.91 44.15
C ARG A 111 -17.48 -5.10 43.76
N PHE A 112 -18.02 -5.03 42.56
CA PHE A 112 -19.03 -5.98 42.04
C PHE A 112 -18.63 -6.58 40.70
N CYS A 113 -18.96 -7.86 40.53
CA CYS A 113 -19.05 -8.46 39.18
C CYS A 113 -20.51 -8.69 38.82
N LEU A 114 -20.90 -8.37 37.60
CA LEU A 114 -22.20 -8.88 37.11
C LEU A 114 -22.04 -10.38 36.87
N PRO A 115 -23.14 -11.16 36.86
CA PRO A 115 -23.07 -12.63 36.95
C PRO A 115 -22.30 -13.31 35.88
N ASN A 116 -22.39 -12.78 34.65
CA ASN A 116 -21.70 -13.43 33.54
C ASN A 116 -20.45 -12.68 33.05
N SER A 117 -20.00 -11.69 33.84
CA SER A 117 -18.74 -11.03 33.55
C SER A 117 -17.60 -12.00 33.82
N ARG A 118 -16.49 -11.75 33.16
CA ARG A 118 -15.27 -12.52 33.46
C ARG A 118 -14.09 -11.60 33.72
N VAL A 119 -13.14 -12.09 34.50
CA VAL A 119 -11.99 -11.31 34.92
C VAL A 119 -10.70 -12.09 34.46
N MET A 120 -9.65 -11.35 34.11
CA MET A 120 -8.42 -12.05 33.79
C MET A 120 -7.26 -11.25 34.37
N ILE A 121 -6.28 -11.93 34.95
CA ILE A 121 -5.13 -11.24 35.48
C ILE A 121 -3.85 -11.80 34.83
N HIS A 122 -2.83 -10.94 34.69
CA HIS A 122 -1.54 -11.39 34.15
C HIS A 122 -0.45 -10.36 34.47
N GLN A 123 0.81 -10.73 34.29
CA GLN A 123 1.93 -9.80 34.51
C GLN A 123 2.11 -8.83 33.30
N PRO A 124 2.92 -7.74 33.46
CA PRO A 124 3.17 -6.75 32.42
C PRO A 124 3.78 -7.37 31.17
N LEU A 125 3.42 -6.79 30.02
CA LEU A 125 4.10 -7.08 28.75
C LEU A 125 4.67 -5.78 28.25
N GLY A 126 5.85 -5.89 27.64
CA GLY A 126 6.52 -4.71 27.10
C GLY A 126 7.41 -5.08 25.94
N GLY A 127 8.12 -4.09 25.45
CA GLY A 127 9.09 -4.30 24.36
C GLY A 127 10.00 -3.09 24.27
N TYR A 128 11.30 -3.32 24.10
CA TYR A 128 12.29 -2.27 23.89
C TYR A 128 13.28 -2.68 22.81
N GLN A 129 13.91 -1.69 22.17
CA GLN A 129 14.88 -1.88 21.11
C GLN A 129 15.98 -0.88 21.43
N GLY A 130 17.24 -1.31 21.45
CA GLY A 130 18.33 -0.32 21.64
C GLY A 130 19.61 -1.01 22.09
N GLN A 131 20.56 -0.20 22.52
CA GLN A 131 21.81 -0.73 23.06
C GLN A 131 21.57 -1.61 24.29
N ALA A 132 22.45 -2.57 24.50
CA ALA A 132 22.40 -3.43 25.68
C ALA A 132 22.30 -2.64 26.98
N THR A 133 23.08 -1.57 27.15
CA THR A 133 22.94 -0.71 28.33
C THR A 133 21.52 -0.22 28.58
N ASP A 134 20.88 0.28 27.51
CA ASP A 134 19.50 0.74 27.55
C ASP A 134 18.53 -0.39 27.77
N ILE A 135 18.79 -1.53 27.17
CA ILE A 135 17.95 -2.70 27.41
C ILE A 135 17.90 -3.04 28.91
N GLU A 136 19.04 -3.02 29.58
CA GLU A 136 19.12 -3.23 31.03
C GLU A 136 18.27 -2.22 31.85
N ILE A 137 18.42 -0.94 31.55
CA ILE A 137 17.62 0.13 32.18
C ILE A 137 16.13 -0.12 32.04
N HIS A 138 15.69 -0.42 30.82
CA HIS A 138 14.28 -0.70 30.57
C HIS A 138 13.75 -1.99 31.15
N ALA A 139 14.55 -3.05 31.14
CA ALA A 139 14.14 -4.29 31.74
C ALA A 139 13.99 -4.10 33.24
N ARG A 140 14.96 -3.42 33.86
CA ARG A 140 14.90 -3.26 35.29
C ARG A 140 13.65 -2.49 35.69
N GLU A 141 13.23 -1.54 34.86
CA GLU A 141 12.05 -0.73 35.17
C GLU A 141 10.76 -1.56 35.02
N ILE A 142 10.68 -2.41 33.98
CA ILE A 142 9.47 -3.28 33.81
C ILE A 142 9.39 -4.26 35.01
N LEU A 143 10.55 -4.71 35.51
CA LEU A 143 10.56 -5.64 36.66
C LEU A 143 10.12 -4.94 37.95
N LYS A 144 10.56 -3.69 38.14
CA LYS A 144 10.06 -2.86 39.26
C LYS A 144 8.54 -2.65 39.16
N VAL A 145 8.05 -2.26 37.97
CA VAL A 145 6.59 -2.11 37.74
C VAL A 145 5.84 -3.41 38.04
N LYS A 146 6.32 -4.52 37.49
CA LYS A 146 5.70 -5.82 37.79
C LYS A 146 5.55 -6.01 39.33
N GLY A 147 6.63 -5.82 40.08
CA GLY A 147 6.58 -5.89 41.53
C GLY A 147 5.62 -4.92 42.20
N ARG A 148 5.58 -3.67 41.77
CA ARG A 148 4.67 -2.71 42.42
C ARG A 148 3.19 -3.13 42.19
N MET A 149 2.91 -3.61 40.98
CA MET A 149 1.56 -3.96 40.58
C MET A 149 1.17 -5.22 41.37
N ASN A 150 2.10 -6.17 41.52
CA ASN A 150 1.81 -7.33 42.38
C ASN A 150 1.50 -7.00 43.86
N GLU A 151 2.27 -6.08 44.44
CA GLU A 151 2.05 -5.58 45.80
C GLU A 151 0.66 -4.97 45.97
N LEU A 152 0.21 -4.18 44.98
CA LEU A 152 -1.11 -3.52 45.08
C LEU A 152 -2.26 -4.51 44.89
N MET A 153 -2.06 -5.48 44.03
CA MET A 153 -3.04 -6.54 43.79
C MET A 153 -3.22 -7.37 45.05
N ALA A 154 -2.11 -7.70 45.68
CA ALA A 154 -2.12 -8.42 46.95
C ALA A 154 -2.91 -7.60 48.00
N LEU A 155 -2.64 -6.30 48.04
CA LEU A 155 -3.28 -5.44 49.02
C LEU A 155 -4.81 -5.42 48.84
N HIS A 156 -5.27 -5.33 47.60
CA HIS A 156 -6.70 -5.21 47.28
C HIS A 156 -7.45 -6.52 47.38
N THR A 157 -6.75 -7.61 47.08
CA THR A 157 -7.38 -8.93 47.09
C THR A 157 -7.34 -9.64 48.44
N GLY A 158 -6.32 -9.38 49.27
CA GLY A 158 -6.15 -10.19 50.46
C GLY A 158 -5.26 -11.41 50.22
N GLN A 159 -4.82 -11.62 48.99
CA GLN A 159 -3.83 -12.64 48.66
C GLN A 159 -2.44 -12.21 49.12
N SER A 160 -1.56 -13.18 49.39
CA SER A 160 -0.18 -12.87 49.74
C SER A 160 0.48 -12.37 48.47
N LEU A 161 1.50 -11.55 48.60
CA LEU A 161 2.30 -11.17 47.42
C LEU A 161 2.73 -12.44 46.66
N GLU A 162 3.15 -13.49 47.36
CA GLU A 162 3.71 -14.70 46.70
C GLU A 162 2.69 -15.37 45.76
N GLN A 163 1.47 -15.51 46.26
CA GLN A 163 0.34 -16.08 45.53
C GLN A 163 0.00 -15.27 44.30
N ILE A 164 -0.10 -13.94 44.45
CA ILE A 164 -0.34 -13.04 43.25
C ILE A 164 0.74 -13.22 42.20
N GLU A 165 2.00 -13.22 42.61
CA GLU A 165 3.12 -13.43 41.68
C GLU A 165 2.93 -14.75 40.96
N ARG A 166 2.73 -15.83 41.72
CA ARG A 166 2.51 -17.14 41.10
C ARG A 166 1.32 -17.18 40.13
N ASP A 167 0.21 -16.53 40.51
CA ASP A 167 -1.02 -16.64 39.73
C ASP A 167 -1.06 -15.75 38.50
N THR A 168 -0.11 -14.83 38.40
CA THR A 168 -0.05 -13.91 37.23
C THR A 168 1.13 -14.16 36.28
N GLU A 169 1.99 -15.18 36.53
CA GLU A 169 3.07 -15.51 35.55
C GLU A 169 2.50 -15.73 34.13
N ARG A 170 1.30 -16.29 34.08
CA ARG A 170 0.55 -16.53 32.85
C ARG A 170 -0.89 -16.10 33.03
N ASP A 171 -1.57 -15.85 31.91
CA ASP A 171 -2.97 -15.42 31.98
C ASP A 171 -3.79 -16.40 32.79
N ARG A 172 -4.62 -15.81 33.64
CA ARG A 172 -5.50 -16.56 34.52
C ARG A 172 -6.88 -15.98 34.45
N PHE A 173 -7.86 -16.77 33.98
CA PHE A 173 -9.26 -16.32 33.93
C PHE A 173 -10.07 -16.68 35.17
N LEU A 174 -11.00 -15.82 35.53
CA LEU A 174 -11.87 -16.09 36.69
C LEU A 174 -13.32 -15.76 36.32
N SER A 175 -14.24 -16.67 36.60
CA SER A 175 -15.66 -16.38 36.54
C SER A 175 -15.97 -15.41 37.66
N ALA A 176 -17.18 -14.85 37.65
CA ALA A 176 -17.51 -13.90 38.69
C ALA A 176 -17.48 -14.58 40.09
N PRO A 177 -18.06 -15.80 40.25
CA PRO A 177 -17.91 -16.40 41.58
C PRO A 177 -16.44 -16.66 41.98
N GLU A 178 -15.61 -17.04 41.03
CA GLU A 178 -14.16 -17.18 41.29
C GLU A 178 -13.51 -15.84 41.65
N ALA A 179 -13.95 -14.74 41.04
CA ALA A 179 -13.40 -13.42 41.39
C ALA A 179 -13.80 -13.01 42.80
N VAL A 180 -14.99 -13.40 43.26
CA VAL A 180 -15.34 -13.24 44.68
C VAL A 180 -14.43 -14.06 45.62
N GLU A 181 -14.30 -15.35 45.33
CA GLU A 181 -13.50 -16.25 46.16
C GLU A 181 -12.04 -15.76 46.23
N TYR A 182 -11.55 -15.20 45.14
CA TYR A 182 -10.18 -14.72 45.05
C TYR A 182 -9.94 -13.42 45.80
N GLY A 183 -11.04 -12.70 46.07
CA GLY A 183 -10.94 -11.38 46.78
C GLY A 183 -10.83 -10.19 45.80
N LEU A 184 -10.99 -10.48 44.51
CA LEU A 184 -10.90 -9.47 43.46
C LEU A 184 -12.09 -8.49 43.52
N VAL A 185 -13.26 -9.05 43.81
CA VAL A 185 -14.44 -8.22 44.05
C VAL A 185 -15.08 -8.71 45.33
N ASP A 186 -16.05 -7.95 45.82
CA ASP A 186 -16.74 -8.29 47.06
C ASP A 186 -17.96 -9.17 46.90
N SER A 187 -18.66 -9.07 45.78
CA SER A 187 -19.95 -9.79 45.58
C SER A 187 -20.38 -9.72 44.12
N ILE A 188 -21.34 -10.57 43.76
CA ILE A 188 -21.96 -10.54 42.45
C ILE A 188 -23.19 -9.63 42.62
N LEU A 189 -23.35 -8.69 41.69
CA LEU A 189 -24.58 -7.95 41.52
C LEU A 189 -25.48 -8.71 40.54
N THR A 190 -26.62 -9.23 40.98
CA THR A 190 -27.45 -9.93 39.96
C THR A 190 -28.65 -9.10 39.48
N HIS A 191 -29.43 -8.60 40.47
CA HIS A 191 -30.70 -7.84 40.20
C HIS A 191 -30.76 -6.53 40.98
N ARG A 192 -31.41 -5.50 40.42
CA ARG A 192 -31.48 -4.17 41.06
C ARG A 192 -32.37 -4.25 42.29
N ASN A 193 -31.80 -3.95 43.44
CA ASN A 193 -32.56 -3.99 44.68
C ASN A 193 -33.48 -2.77 44.81
N LEU B 2 -16.24 10.74 22.37
CA LEU B 2 -17.14 11.80 22.91
C LEU B 2 -16.63 12.30 24.28
N VAL B 3 -16.54 13.62 24.41
CA VAL B 3 -16.17 14.23 25.68
C VAL B 3 -17.51 14.50 26.33
N PRO B 4 -17.70 14.02 27.58
CA PRO B 4 -18.97 14.26 28.25
C PRO B 4 -19.14 15.73 28.50
N MET B 5 -20.37 16.17 28.56
CA MET B 5 -20.61 17.55 28.89
C MET B 5 -21.41 17.66 30.17
N VAL B 6 -21.64 18.91 30.55
CA VAL B 6 -22.09 19.30 31.87
C VAL B 6 -22.97 20.54 31.61
N ILE B 7 -24.05 20.70 32.36
CA ILE B 7 -24.91 21.90 32.28
C ILE B 7 -24.81 22.68 33.59
N GLU B 8 -24.68 23.99 33.49
CA GLU B 8 -24.43 24.80 34.67
C GLU B 8 -25.17 26.13 34.59
N GLN B 9 -25.81 26.52 35.69
CA GLN B 9 -26.43 27.85 35.83
C GLN B 9 -25.39 28.96 35.57
N THR B 10 -25.82 30.05 34.93
CA THR B 10 -24.90 31.11 34.46
C THR B 10 -25.45 32.55 34.68
N SER B 11 -26.56 32.66 35.41
CA SER B 11 -27.27 33.95 35.66
C SER B 11 -27.88 34.59 34.38
N ARG B 12 -27.42 34.12 33.22
CA ARG B 12 -28.02 34.49 31.93
C ARG B 12 -28.63 33.26 31.22
N GLY B 13 -28.93 32.24 32.03
CA GLY B 13 -29.39 30.94 31.53
C GLY B 13 -28.37 29.87 31.86
N GLU B 14 -28.81 28.61 31.81
CA GLU B 14 -27.89 27.48 31.85
C GLU B 14 -27.13 27.39 30.53
N ARG B 15 -25.84 27.08 30.59
CA ARG B 15 -25.11 26.70 29.39
C ARG B 15 -24.32 25.41 29.58
N SER B 16 -23.96 24.80 28.46
CA SER B 16 -23.25 23.53 28.46
C SER B 16 -21.70 23.68 28.40
N PHE B 17 -21.00 22.94 29.26
CA PHE B 17 -19.53 22.90 29.29
C PHE B 17 -19.09 21.44 29.05
N ASP B 18 -18.12 21.21 28.15
CA ASP B 18 -17.51 19.87 28.05
C ASP B 18 -16.76 19.62 29.37
N ILE B 19 -16.34 18.38 29.63
CA ILE B 19 -15.83 18.03 30.97
C ILE B 19 -14.60 18.89 31.32
N TYR B 20 -13.76 19.15 30.31
CA TYR B 20 -12.54 19.91 30.52
C TYR B 20 -12.78 21.42 30.78
N SER B 21 -13.71 22.01 30.02
CA SER B 21 -14.23 23.37 30.29
C SER B 21 -14.77 23.52 31.70
N ARG B 22 -15.59 22.55 32.13
CA ARG B 22 -16.04 22.49 33.51
C ARG B 22 -14.88 22.57 34.54
N LEU B 23 -13.86 21.74 34.35
CA LEU B 23 -12.72 21.72 35.28
C LEU B 23 -11.85 22.97 35.25
N LEU B 24 -11.86 23.67 34.12
CA LEU B 24 -11.23 24.97 34.06
C LEU B 24 -11.74 25.94 35.13
N LYS B 25 -13.01 25.77 35.54
CA LYS B 25 -13.60 26.56 36.62
C LYS B 25 -13.02 26.21 37.98
N GLU B 26 -12.41 25.04 38.09
CA GLU B 26 -11.68 24.64 39.27
C GLU B 26 -10.24 25.14 39.14
N ARG B 27 -9.95 25.85 38.02
CA ARG B 27 -8.59 26.28 37.62
C ARG B 27 -7.66 25.11 37.33
N VAL B 28 -8.23 24.04 36.79
CA VAL B 28 -7.51 22.83 36.41
C VAL B 28 -7.28 22.72 34.89
N ILE B 29 -6.05 22.36 34.51
CA ILE B 29 -5.64 22.16 33.11
C ILE B 29 -4.95 20.80 33.02
N PHE B 30 -5.23 20.03 31.96
CA PHE B 30 -4.55 18.73 31.79
C PHE B 30 -3.50 18.79 30.71
N LEU B 31 -2.36 18.14 30.95
CA LEU B 31 -1.41 17.95 29.90
C LEU B 31 -1.29 16.44 29.82
N THR B 32 -1.81 15.90 28.73
CA THR B 32 -1.87 14.45 28.48
C THR B 32 -1.24 14.06 27.15
N GLY B 33 -0.37 13.05 27.15
CA GLY B 33 0.11 12.51 25.88
C GLY B 33 1.39 13.23 25.43
N GLN B 34 1.82 12.96 24.21
CA GLN B 34 3.00 13.61 23.64
C GLN B 34 2.83 15.11 23.54
N VAL B 35 3.88 15.81 23.91
CA VAL B 35 3.99 17.28 23.78
C VAL B 35 4.34 17.67 22.33
N GLU B 36 3.53 18.53 21.72
CA GLU B 36 3.60 18.90 20.34
C GLU B 36 2.93 20.28 20.23
N ASP B 37 3.22 21.04 19.19
CA ASP B 37 2.82 22.47 19.11
C ASP B 37 1.36 22.77 19.43
N HIS B 38 0.45 21.98 18.87
CA HIS B 38 -0.96 22.35 18.97
C HIS B 38 -1.55 22.06 20.34
N MET B 39 -1.27 20.88 20.85
CA MET B 39 -1.72 20.56 22.21
C MET B 39 -1.06 21.51 23.24
N ALA B 40 0.20 21.92 22.95
CA ALA B 40 0.93 22.84 23.82
C ALA B 40 0.29 24.20 23.73
N ASN B 41 -0.16 24.60 22.54
CA ASN B 41 -0.81 25.93 22.38
C ASN B 41 -2.13 26.02 23.15
N LEU B 42 -2.88 24.89 23.17
CA LEU B 42 -4.13 24.83 23.91
C LEU B 42 -3.92 25.08 25.40
N ILE B 43 -2.87 24.48 25.97
CA ILE B 43 -2.47 24.64 27.40
C ILE B 43 -2.01 26.09 27.64
N VAL B 44 -1.17 26.63 26.76
CA VAL B 44 -0.79 28.04 26.82
C VAL B 44 -2.04 28.94 26.91
N ALA B 45 -2.95 28.77 25.94
CA ALA B 45 -4.20 29.50 25.91
C ALA B 45 -5.03 29.40 27.21
N GLN B 46 -5.07 28.22 27.83
CA GLN B 46 -5.84 27.98 29.08
C GLN B 46 -5.20 28.72 30.25
N MET B 47 -3.87 28.69 30.28
CA MET B 47 -3.07 29.39 31.28
C MET B 47 -3.31 30.89 31.20
N LEU B 48 -3.29 31.41 29.97
CA LEU B 48 -3.51 32.84 29.71
C LEU B 48 -4.93 33.27 30.07
N PHE B 49 -5.90 32.43 29.72
CA PHE B 49 -7.29 32.57 30.20
C PHE B 49 -7.43 32.64 31.72
N LEU B 50 -6.86 31.68 32.43
CA LEU B 50 -7.03 31.62 33.89
C LEU B 50 -6.38 32.82 34.60
N GLU B 51 -5.26 33.27 34.06
CA GLU B 51 -4.56 34.44 34.59
C GLU B 51 -5.42 35.68 34.44
N ALA B 52 -6.06 35.83 33.28
CA ALA B 52 -7.02 36.91 33.03
C ALA B 52 -8.23 36.84 33.96
N GLU B 53 -8.78 35.63 34.18
CA GLU B 53 -9.89 35.47 35.12
C GLU B 53 -9.56 35.90 36.53
N ASN B 54 -8.36 35.55 36.98
CA ASN B 54 -7.89 35.91 38.30
C ASN B 54 -6.37 35.70 38.35
N PRO B 55 -5.60 36.80 38.28
CA PRO B 55 -4.12 36.70 38.29
C PRO B 55 -3.47 36.26 39.62
N GLU B 56 -4.28 36.12 40.66
CA GLU B 56 -3.77 35.88 42.01
C GLU B 56 -4.04 34.49 42.61
N LYS B 57 -4.87 33.68 41.93
CA LYS B 57 -5.25 32.37 42.43
C LYS B 57 -4.40 31.35 41.65
N ASP B 58 -3.94 30.31 42.34
CA ASP B 58 -3.15 29.22 41.74
C ASP B 58 -3.86 28.51 40.59
N ILE B 59 -3.06 27.95 39.66
CA ILE B 59 -3.49 27.05 38.59
C ILE B 59 -2.94 25.64 38.86
N TYR B 60 -3.72 24.60 38.55
CA TYR B 60 -3.26 23.23 38.72
C TYR B 60 -3.12 22.57 37.39
N LEU B 61 -1.93 22.03 37.14
CA LEU B 61 -1.63 21.43 35.84
C LEU B 61 -1.35 19.95 36.08
N TYR B 62 -2.25 19.09 35.64
CA TYR B 62 -2.04 17.67 35.78
C TYR B 62 -1.26 17.20 34.55
N ILE B 63 -0.26 16.37 34.79
CA ILE B 63 0.62 15.94 33.76
C ILE B 63 0.65 14.44 33.75
N ASN B 64 0.34 13.89 32.57
CA ASN B 64 0.50 12.47 32.25
C ASN B 64 1.00 12.40 30.81
N SER B 65 2.30 12.32 30.65
CA SER B 65 2.88 12.51 29.32
C SER B 65 4.15 11.68 29.18
N PRO B 66 4.31 11.03 28.00
CA PRO B 66 5.54 10.29 27.75
C PRO B 66 6.69 11.16 27.24
N GLY B 67 6.46 12.45 27.04
CA GLY B 67 7.53 13.30 26.59
C GLY B 67 7.05 14.08 25.40
N GLY B 68 7.97 14.62 24.63
CA GLY B 68 7.60 15.28 23.40
C GLY B 68 8.58 16.31 22.87
N VAL B 69 8.08 17.24 22.07
CA VAL B 69 8.95 18.18 21.35
C VAL B 69 9.40 19.31 22.27
N ILE B 70 10.71 19.57 22.30
CA ILE B 70 11.27 20.58 23.17
C ILE B 70 10.72 22.00 22.97
N THR B 71 10.65 22.48 21.73
CA THR B 71 10.22 23.86 21.56
C THR B 71 8.76 23.99 21.97
N ALA B 72 7.95 22.97 21.69
CA ALA B 72 6.58 22.96 22.11
C ALA B 72 6.48 22.97 23.67
N GLY B 73 7.26 22.12 24.32
CA GLY B 73 7.42 22.13 25.79
C GLY B 73 7.80 23.52 26.34
N MET B 74 8.74 24.20 25.66
CA MET B 74 9.24 25.50 26.11
C MET B 74 8.24 26.60 25.93
N SER B 75 7.33 26.48 24.97
CA SER B 75 6.18 27.41 24.92
C SER B 75 5.33 27.33 26.21
N ILE B 76 5.17 26.12 26.75
CA ILE B 76 4.44 25.92 28.02
C ILE B 76 5.30 26.40 29.20
N TYR B 77 6.57 26.00 29.22
CA TYR B 77 7.50 26.40 30.29
C TYR B 77 7.53 27.92 30.45
N ASP B 78 7.77 28.63 29.34
CA ASP B 78 7.93 30.09 29.42
C ASP B 78 6.64 30.78 29.87
N THR B 79 5.51 30.21 29.50
CA THR B 79 4.18 30.72 29.90
C THR B 79 3.95 30.48 31.39
N MET B 80 4.26 29.29 31.88
CA MET B 80 4.18 28.99 33.33
C MET B 80 4.97 30.00 34.19
N GLN B 81 6.16 30.41 33.73
CA GLN B 81 6.98 31.39 34.45
C GLN B 81 6.46 32.83 34.25
N PHE B 82 5.94 33.11 33.05
CA PHE B 82 5.53 34.45 32.63
C PHE B 82 4.25 34.96 33.30
N ILE B 83 3.29 34.06 33.49
CA ILE B 83 2.01 34.49 34.06
C ILE B 83 2.11 34.76 35.56
N LYS B 84 1.23 35.66 36.03
CA LYS B 84 1.21 35.98 37.44
C LYS B 84 0.92 34.84 38.39
N PRO B 85 -0.19 34.07 38.21
CA PRO B 85 -0.42 32.97 39.16
C PRO B 85 0.66 31.89 39.20
N ASP B 86 0.86 31.31 40.39
CA ASP B 86 1.63 30.09 40.54
C ASP B 86 0.94 28.96 39.76
N VAL B 87 1.74 28.17 39.05
CA VAL B 87 1.23 26.97 38.44
C VAL B 87 1.73 25.81 39.29
N SER B 88 0.79 25.16 39.96
CA SER B 88 1.02 23.94 40.72
C SER B 88 1.02 22.75 39.72
N THR B 89 1.95 21.84 39.85
CA THR B 89 2.03 20.68 38.99
C THR B 89 1.78 19.37 39.74
N ILE B 90 1.03 18.46 39.09
CA ILE B 90 0.65 17.19 39.71
C ILE B 90 0.84 16.05 38.69
N CYS B 91 1.74 15.14 39.00
CA CYS B 91 2.00 14.07 38.08
C CYS B 91 1.05 12.90 38.36
N MET B 92 0.35 12.43 37.33
CA MET B 92 -0.43 11.21 37.43
C MET B 92 -0.08 10.28 36.26
N GLY B 93 0.10 8.98 36.52
CA GLY B 93 0.47 8.05 35.44
C GLY B 93 1.99 8.15 35.30
N GLN B 94 2.43 9.07 34.45
CA GLN B 94 3.87 9.31 34.27
C GLN B 94 4.16 10.72 33.82
N ALA B 95 5.39 11.18 34.10
CA ALA B 95 5.91 12.38 33.51
C ALA B 95 7.30 12.04 33.04
N ALA B 96 7.45 11.88 31.73
CA ALA B 96 8.75 11.45 31.17
C ALA B 96 9.34 12.52 30.23
N SER B 97 10.62 12.85 30.42
CA SER B 97 11.35 13.75 29.53
C SER B 97 10.69 15.14 29.50
N MET B 98 10.18 15.59 28.35
CA MET B 98 9.43 16.89 28.37
C MET B 98 8.36 16.94 29.47
N GLY B 99 7.65 15.83 29.72
CA GLY B 99 6.68 15.81 30.86
C GLY B 99 7.35 16.01 32.23
N ALA B 100 8.50 15.37 32.48
CA ALA B 100 9.21 15.58 33.80
C ALA B 100 9.71 16.99 33.94
N PHE B 101 10.20 17.52 32.82
CA PHE B 101 10.70 18.88 32.81
C PHE B 101 9.60 19.86 33.23
N LEU B 102 8.42 19.80 32.60
CA LEU B 102 7.32 20.72 33.00
C LEU B 102 6.76 20.48 34.43
N LEU B 103 6.81 19.23 34.87
CA LEU B 103 6.48 18.84 36.23
C LEU B 103 7.41 19.55 37.21
N THR B 104 8.72 19.48 36.96
CA THR B 104 9.69 20.09 37.91
C THR B 104 9.69 21.59 37.85
N ALA B 105 9.12 22.10 36.77
CA ALA B 105 9.02 23.53 36.50
C ALA B 105 7.87 24.24 37.26
N GLY B 106 7.02 23.48 37.97
CA GLY B 106 5.96 24.08 38.81
C GLY B 106 6.47 25.00 39.92
N ALA B 107 5.54 25.73 40.54
CA ALA B 107 5.89 26.69 41.60
C ALA B 107 6.47 25.91 42.77
N LYS B 108 7.59 26.36 43.35
CA LYS B 108 8.26 25.54 44.35
C LYS B 108 7.36 25.33 45.57
N GLY B 109 7.36 24.09 46.07
CA GLY B 109 6.51 23.73 47.20
C GLY B 109 5.17 23.20 46.70
N LYS B 110 4.87 23.48 45.43
CA LYS B 110 3.56 23.21 44.86
C LYS B 110 3.68 22.24 43.66
N ARG B 111 4.75 21.43 43.68
CA ARG B 111 4.92 20.35 42.68
C ARG B 111 4.75 18.98 43.33
N PHE B 112 3.93 18.11 42.73
CA PHE B 112 3.51 16.87 43.41
C PHE B 112 3.54 15.69 42.51
N CYS B 113 3.86 14.54 43.07
CA CYS B 113 3.58 13.27 42.40
C CYS B 113 2.42 12.60 43.11
N LEU B 114 1.52 11.99 42.36
CA LEU B 114 0.64 11.01 42.96
C LEU B 114 1.42 9.70 43.32
N PRO B 115 0.95 8.89 44.30
CA PRO B 115 1.82 7.84 44.87
C PRO B 115 2.40 6.80 43.91
N ASN B 116 1.65 6.42 42.89
CA ASN B 116 2.12 5.38 41.97
C ASN B 116 2.53 5.90 40.59
N SER B 117 2.70 7.23 40.49
CA SER B 117 3.29 7.85 39.30
C SER B 117 4.77 7.58 39.23
N ARG B 118 5.27 7.57 38.01
CA ARG B 118 6.68 7.34 37.75
C ARG B 118 7.23 8.47 36.86
N VAL B 119 8.47 8.86 37.11
CA VAL B 119 9.12 9.99 36.42
C VAL B 119 10.32 9.43 35.66
N MET B 120 10.58 9.92 34.46
CA MET B 120 11.78 9.52 33.74
C MET B 120 12.40 10.76 33.12
N ILE B 121 13.73 10.83 33.17
CA ILE B 121 14.47 11.94 32.59
C ILE B 121 15.49 11.41 31.59
N HIS B 122 15.76 12.20 30.55
CA HIS B 122 16.83 11.84 29.66
C HIS B 122 17.28 13.04 28.84
N GLN B 123 18.37 12.89 28.09
CA GLN B 123 18.86 13.98 27.23
C GLN B 123 18.03 14.08 25.93
N PRO B 124 18.22 15.16 25.15
CA PRO B 124 17.49 15.26 23.86
C PRO B 124 17.86 14.21 22.80
N LEU B 125 16.89 13.94 21.91
CA LEU B 125 17.04 13.04 20.79
C LEU B 125 16.64 13.86 19.58
N GLY B 126 17.32 13.63 18.46
CA GLY B 126 17.07 14.45 17.29
C GLY B 126 17.58 13.69 16.10
N GLY B 127 17.57 14.35 14.98
CA GLY B 127 17.99 13.67 13.75
C GLY B 127 17.96 14.58 12.56
N TYR B 128 19.09 14.66 11.86
CA TYR B 128 19.18 15.50 10.67
C TYR B 128 19.78 14.69 9.51
N GLN B 129 19.51 15.16 8.29
CA GLN B 129 20.12 14.63 7.08
C GLN B 129 20.47 15.82 6.18
N GLY B 130 21.65 15.77 5.55
CA GLY B 130 22.04 16.86 4.68
C GLY B 130 23.54 16.93 4.53
N GLN B 131 24.02 18.06 4.02
CA GLN B 131 25.49 18.22 3.82
C GLN B 131 26.19 18.28 5.16
N ALA B 132 27.44 17.82 5.19
CA ALA B 132 28.26 17.93 6.41
C ALA B 132 28.25 19.32 7.05
N THR B 133 28.34 20.39 6.27
CA THR B 133 28.21 21.74 6.87
C THR B 133 26.93 21.99 7.66
N ASP B 134 25.77 21.56 7.12
CA ASP B 134 24.46 21.60 7.81
C ASP B 134 24.35 20.63 9.01
N ILE B 135 24.88 19.43 8.86
CA ILE B 135 24.96 18.50 9.97
C ILE B 135 25.66 19.14 11.20
N GLU B 136 26.77 19.84 10.99
CA GLU B 136 27.49 20.52 12.08
C GLU B 136 26.63 21.62 12.73
N ILE B 137 25.99 22.42 11.89
CA ILE B 137 25.07 23.49 12.33
C ILE B 137 23.99 22.93 13.23
N HIS B 138 23.39 21.81 12.79
CA HIS B 138 22.31 21.18 13.56
C HIS B 138 22.77 20.41 14.81
N ALA B 139 23.89 19.72 14.69
CA ALA B 139 24.52 19.15 15.89
C ALA B 139 24.85 20.22 16.97
N ARG B 140 25.45 21.33 16.54
CA ARG B 140 25.75 22.41 17.46
C ARG B 140 24.49 22.91 18.13
N GLU B 141 23.39 23.04 17.38
CA GLU B 141 22.14 23.50 18.00
C GLU B 141 21.56 22.53 19.05
N ILE B 142 21.55 21.23 18.72
CA ILE B 142 21.00 20.25 19.67
C ILE B 142 21.89 20.17 20.93
N LEU B 143 23.19 20.40 20.77
CA LEU B 143 24.09 20.40 21.94
C LEU B 143 23.86 21.66 22.79
N LYS B 144 23.58 22.76 22.12
CA LYS B 144 23.19 24.02 22.85
C LYS B 144 21.92 23.81 23.69
N VAL B 145 20.89 23.23 23.05
CA VAL B 145 19.63 22.91 23.73
C VAL B 145 19.79 21.91 24.90
N LYS B 146 20.51 20.81 24.67
CA LYS B 146 20.87 19.87 25.73
C LYS B 146 21.41 20.61 26.97
N GLY B 147 22.42 21.47 26.79
CA GLY B 147 22.96 22.24 27.92
C GLY B 147 21.98 23.17 28.62
N ARG B 148 21.24 23.96 27.84
CA ARG B 148 20.24 24.90 28.38
C ARG B 148 19.19 24.12 29.20
N MET B 149 18.76 22.95 28.70
CA MET B 149 17.74 22.12 29.40
C MET B 149 18.33 21.54 30.71
N ASN B 150 19.59 21.12 30.68
CA ASN B 150 20.28 20.71 31.94
C ASN B 150 20.37 21.86 32.97
N GLU B 151 20.70 23.05 32.49
CA GLU B 151 20.79 24.20 33.37
C GLU B 151 19.45 24.43 34.07
N LEU B 152 18.34 24.32 33.32
CA LEU B 152 17.00 24.56 33.87
C LEU B 152 16.53 23.44 34.82
N MET B 153 16.84 22.20 34.47
CA MET B 153 16.61 21.07 35.36
C MET B 153 17.38 21.21 36.65
N ALA B 154 18.65 21.61 36.54
CA ALA B 154 19.48 21.82 37.71
C ALA B 154 18.86 22.92 38.60
N LEU B 155 18.45 24.02 37.97
CA LEU B 155 17.78 25.12 38.66
C LEU B 155 16.58 24.66 39.51
N HIS B 156 15.69 23.91 38.87
CA HIS B 156 14.44 23.52 39.48
C HIS B 156 14.58 22.42 40.51
N THR B 157 15.48 21.47 40.28
CA THR B 157 15.65 20.31 41.18
C THR B 157 16.59 20.63 42.33
N GLY B 158 17.51 21.58 42.15
CA GLY B 158 18.52 21.84 43.18
C GLY B 158 19.72 20.91 43.12
N GLN B 159 19.76 20.06 42.10
CA GLN B 159 20.96 19.27 41.81
C GLN B 159 21.97 20.15 41.07
N SER B 160 23.24 19.77 41.12
CA SER B 160 24.24 20.49 40.36
C SER B 160 24.07 20.20 38.87
N LEU B 161 24.56 21.08 38.01
CA LEU B 161 24.55 20.79 36.56
C LEU B 161 25.23 19.42 36.19
N GLU B 162 26.40 19.14 36.77
CA GLU B 162 27.12 17.88 36.49
C GLU B 162 26.34 16.65 36.93
N GLN B 163 25.62 16.75 38.05
CA GLN B 163 24.72 15.70 38.49
C GLN B 163 23.61 15.44 37.45
N ILE B 164 22.89 16.49 37.04
CA ILE B 164 21.82 16.37 35.98
C ILE B 164 22.39 15.82 34.69
N GLU B 165 23.56 16.34 34.25
CA GLU B 165 24.24 15.86 33.03
C GLU B 165 24.50 14.34 33.08
N ARG B 166 25.18 13.93 34.16
CA ARG B 166 25.49 12.52 34.43
C ARG B 166 24.24 11.63 34.44
N ASP B 167 23.20 12.09 35.12
CA ASP B 167 22.00 11.32 35.32
C ASP B 167 21.09 11.22 34.08
N THR B 168 21.25 12.16 33.14
CA THR B 168 20.39 12.15 31.94
C THR B 168 21.06 11.62 30.65
N GLU B 169 22.31 11.16 30.74
CA GLU B 169 22.95 10.59 29.52
C GLU B 169 22.16 9.43 28.96
N ARG B 170 21.66 8.58 29.85
CA ARG B 170 20.67 7.55 29.47
C ARG B 170 19.36 7.74 30.24
N ASP B 171 18.26 7.10 29.78
CA ASP B 171 16.99 7.19 30.48
C ASP B 171 17.14 6.83 31.94
N ARG B 172 16.55 7.62 32.82
CA ARG B 172 16.58 7.31 34.22
C ARG B 172 15.14 7.37 34.79
N PHE B 173 14.66 6.29 35.38
CA PHE B 173 13.32 6.25 36.02
C PHE B 173 13.37 6.50 37.50
N LEU B 174 12.34 7.18 38.02
CA LEU B 174 12.25 7.53 39.45
C LEU B 174 10.84 7.26 39.91
N SER B 175 10.73 6.53 41.02
CA SER B 175 9.44 6.33 41.66
C SER B 175 9.08 7.69 42.28
N ALA B 176 7.86 7.77 42.83
CA ALA B 176 7.39 9.02 43.46
C ALA B 176 8.27 9.47 44.64
N PRO B 177 8.57 8.56 45.61
CA PRO B 177 9.51 8.90 46.66
C PRO B 177 10.90 9.30 46.13
N GLU B 178 11.40 8.58 45.14
CA GLU B 178 12.64 8.97 44.51
C GLU B 178 12.64 10.36 43.85
N ALA B 179 11.53 10.76 43.24
CA ALA B 179 11.36 12.08 42.61
C ALA B 179 11.32 13.18 43.67
N VAL B 180 10.67 12.90 44.81
CA VAL B 180 10.81 13.81 45.94
C VAL B 180 12.30 13.92 46.37
N GLU B 181 12.94 12.77 46.59
CA GLU B 181 14.33 12.71 47.08
C GLU B 181 15.31 13.43 46.09
N TYR B 182 15.02 13.33 44.79
CA TYR B 182 15.78 14.02 43.72
C TYR B 182 15.57 15.53 43.62
N GLY B 183 14.46 16.06 44.14
CA GLY B 183 14.15 17.51 44.05
C GLY B 183 13.25 17.81 42.85
N LEU B 184 12.75 16.76 42.18
CA LEU B 184 11.91 16.89 41.00
C LEU B 184 10.51 17.36 41.37
N VAL B 185 9.97 16.80 42.47
CA VAL B 185 8.74 17.29 43.09
C VAL B 185 8.97 17.59 44.55
N ASP B 186 8.02 18.27 45.17
CA ASP B 186 8.20 18.68 46.56
C ASP B 186 7.67 17.63 47.50
N SER B 187 6.60 16.93 47.10
CA SER B 187 5.99 15.92 47.95
C SER B 187 5.07 14.97 47.17
N ILE B 188 4.59 13.94 47.85
CA ILE B 188 3.59 13.02 47.31
C ILE B 188 2.19 13.41 47.79
N LEU B 189 1.21 13.47 46.87
CA LEU B 189 -0.20 13.62 47.19
C LEU B 189 -0.84 12.24 47.31
N THR B 190 -1.46 11.91 48.45
CA THR B 190 -2.06 10.56 48.55
C THR B 190 -3.60 10.60 48.66
N HIS B 191 -4.09 11.31 49.69
CA HIS B 191 -5.51 11.40 49.92
C HIS B 191 -5.90 12.86 49.97
N ARG B 192 -7.01 13.20 49.31
CA ARG B 192 -7.37 14.60 49.09
C ARG B 192 -7.23 15.37 50.37
N ASN B 193 -6.34 16.36 50.28
CA ASN B 193 -6.02 17.31 51.32
C ASN B 193 -7.30 17.94 51.83
N VAL C 3 -10.15 21.42 21.55
CA VAL C 3 -11.32 22.35 21.58
C VAL C 3 -11.92 22.34 22.98
N PRO C 4 -11.59 23.31 23.86
CA PRO C 4 -12.28 23.42 25.17
C PRO C 4 -13.61 24.22 25.10
N MET C 5 -14.73 23.47 24.99
CA MET C 5 -16.02 24.00 24.53
C MET C 5 -16.96 24.56 25.63
N VAL C 6 -17.18 25.87 25.60
CA VAL C 6 -18.11 26.50 26.56
C VAL C 6 -19.49 26.72 25.92
N ARG C 15 -19.34 26.55 16.00
CA ARG C 15 -20.01 25.33 16.46
C ARG C 15 -19.91 25.14 17.98
N SER C 16 -18.79 25.58 18.55
CA SER C 16 -18.59 25.59 20.01
C SER C 16 -17.65 26.74 20.38
N PHE C 17 -17.82 27.31 21.57
CA PHE C 17 -16.98 28.45 21.98
C PHE C 17 -15.73 27.99 22.74
N ASP C 18 -14.59 28.05 22.05
CA ASP C 18 -13.38 27.45 22.55
C ASP C 18 -12.45 28.48 23.22
N ILE C 19 -11.29 28.00 23.64
CA ILE C 19 -10.31 28.82 24.35
C ILE C 19 -9.72 29.95 23.47
N TYR C 20 -9.54 29.65 22.18
CA TYR C 20 -9.00 30.63 21.19
C TYR C 20 -9.99 31.77 20.89
N SER C 21 -11.28 31.44 20.84
CA SER C 21 -12.36 32.45 20.75
C SER C 21 -12.37 33.35 21.97
N ARG C 22 -12.19 32.72 23.13
CA ARG C 22 -12.10 33.44 24.39
C ARG C 22 -10.93 34.43 24.43
N LEU C 23 -9.76 34.03 23.95
CA LEU C 23 -8.59 34.90 23.97
C LEU C 23 -8.65 36.01 22.92
N LEU C 24 -9.36 35.74 21.82
CA LEU C 24 -9.58 36.75 20.80
C LEU C 24 -10.35 37.95 21.36
N LYS C 25 -11.16 37.72 22.41
CA LYS C 25 -11.78 38.84 23.12
C LYS C 25 -10.73 39.79 23.68
N GLU C 26 -9.53 39.26 23.97
CA GLU C 26 -8.44 40.04 24.55
C GLU C 26 -7.52 40.57 23.44
N ARG C 27 -7.97 40.39 22.18
CA ARG C 27 -7.23 40.78 20.97
C ARG C 27 -5.96 39.94 20.79
N VAL C 28 -6.01 38.68 21.19
CA VAL C 28 -4.84 37.84 21.08
C VAL C 28 -5.15 36.80 20.03
N ILE C 29 -4.22 36.65 19.06
CA ILE C 29 -4.29 35.68 17.95
C ILE C 29 -3.05 34.77 17.99
N PHE C 30 -3.25 33.48 17.71
CA PHE C 30 -2.14 32.50 17.69
C PHE C 30 -1.78 32.02 16.30
N LEU C 31 -0.49 32.13 15.97
CA LEU C 31 0.05 31.54 14.76
C LEU C 31 0.96 30.36 15.17
N THR C 32 0.49 29.15 14.90
CA THR C 32 1.08 27.95 15.47
C THR C 32 1.27 26.94 14.36
N GLY C 33 2.47 26.37 14.26
CA GLY C 33 2.65 25.24 13.32
C GLY C 33 3.08 25.76 11.97
N GLN C 34 3.09 24.91 10.96
CA GLN C 34 3.59 25.32 9.64
C GLN C 34 2.72 26.40 9.00
N VAL C 35 3.31 27.44 8.40
CA VAL C 35 2.46 28.48 7.74
C VAL C 35 2.05 28.01 6.33
N GLU C 36 0.75 28.07 6.05
CA GLU C 36 0.14 27.48 4.87
C GLU C 36 -1.12 28.31 4.59
N ASP C 37 -1.64 28.25 3.36
CA ASP C 37 -2.68 29.20 2.93
C ASP C 37 -3.90 29.35 3.85
N HIS C 38 -4.43 28.23 4.32
CA HIS C 38 -5.67 28.23 5.08
C HIS C 38 -5.48 28.69 6.52
N MET C 39 -4.48 28.14 7.21
CA MET C 39 -4.14 28.69 8.54
C MET C 39 -3.81 30.20 8.50
N ALA C 40 -3.23 30.65 7.39
CA ALA C 40 -2.77 32.02 7.22
C ALA C 40 -4.00 32.83 6.98
N ASN C 41 -4.97 32.26 6.25
CA ASN C 41 -6.21 33.02 5.94
C ASN C 41 -6.96 33.25 7.25
N LEU C 42 -6.95 32.24 8.12
CA LEU C 42 -7.56 32.35 9.45
C LEU C 42 -6.94 33.49 10.29
N ILE C 43 -5.63 33.66 10.21
CA ILE C 43 -4.95 34.75 10.90
C ILE C 43 -5.35 36.11 10.32
N VAL C 44 -5.32 36.21 9.00
CA VAL C 44 -5.73 37.46 8.31
C VAL C 44 -7.14 37.87 8.74
N ALA C 45 -8.07 36.91 8.76
CA ALA C 45 -9.45 37.11 9.14
C ALA C 45 -9.55 37.67 10.56
N GLN C 46 -8.86 37.05 11.51
CA GLN C 46 -8.75 37.58 12.87
C GLN C 46 -8.24 39.03 12.97
N MET C 47 -7.15 39.31 12.26
CA MET C 47 -6.59 40.66 12.16
C MET C 47 -7.59 41.68 11.61
N LEU C 48 -8.24 41.32 10.50
CA LEU C 48 -9.26 42.16 9.86
C LEU C 48 -10.51 42.31 10.74
N PHE C 49 -10.91 41.24 11.42
CA PHE C 49 -11.91 41.34 12.48
C PHE C 49 -11.52 42.34 13.58
N LEU C 50 -10.33 42.17 14.18
CA LEU C 50 -9.93 43.01 15.31
C LEU C 50 -9.81 44.49 14.93
N GLU C 51 -9.27 44.76 13.74
CA GLU C 51 -9.24 46.13 13.23
C GLU C 51 -10.64 46.75 13.23
N ALA C 52 -11.63 46.02 12.71
CA ALA C 52 -13.02 46.44 12.73
C ALA C 52 -13.59 46.73 14.14
N GLU C 53 -13.36 45.82 15.09
CA GLU C 53 -13.79 46.01 16.48
C GLU C 53 -13.22 47.28 17.12
N ASN C 54 -11.92 47.54 16.92
CA ASN C 54 -11.26 48.75 17.44
C ASN C 54 -9.97 48.94 16.64
N PRO C 55 -9.96 49.93 15.73
CA PRO C 55 -8.75 50.15 14.93
C PRO C 55 -7.59 50.83 15.65
N GLU C 56 -7.79 51.16 16.92
CA GLU C 56 -6.83 51.93 17.70
C GLU C 56 -5.96 51.07 18.60
N LYS C 57 -6.51 49.95 19.07
CA LYS C 57 -5.86 49.10 20.06
C LYS C 57 -4.91 48.13 19.40
N ASP C 58 -3.73 47.92 20.01
CA ASP C 58 -2.75 46.93 19.50
C ASP C 58 -3.38 45.56 19.35
N ILE C 59 -2.83 44.76 18.44
CA ILE C 59 -3.13 43.34 18.37
C ILE C 59 -1.89 42.58 18.82
N TYR C 60 -2.08 41.42 19.42
CA TYR C 60 -0.98 40.64 19.91
C TYR C 60 -1.00 39.35 19.13
N LEU C 61 0.12 39.07 18.46
CA LEU C 61 0.24 37.82 17.71
C LEU C 61 1.31 36.92 18.34
N TYR C 62 0.89 35.81 18.97
CA TYR C 62 1.82 34.82 19.50
C TYR C 62 2.29 33.91 18.36
N ILE C 63 3.60 33.66 18.27
CA ILE C 63 4.16 32.84 17.18
C ILE C 63 4.99 31.67 17.72
N ASN C 64 4.59 30.47 17.30
CA ASN C 64 5.36 29.26 17.57
C ASN C 64 5.31 28.48 16.28
N SER C 65 6.30 28.65 15.42
CA SER C 65 6.25 28.07 14.06
C SER C 65 7.59 27.59 13.51
N PRO C 66 7.62 26.42 12.83
CA PRO C 66 8.85 25.94 12.19
C PRO C 66 9.09 26.58 10.82
N GLY C 67 8.14 27.40 10.37
CA GLY C 67 8.30 28.09 9.09
C GLY C 67 7.10 27.76 8.22
N GLY C 68 7.29 27.82 6.91
CA GLY C 68 6.20 27.53 6.01
C GLY C 68 6.33 28.18 4.68
N VAL C 69 5.21 28.22 3.96
CA VAL C 69 5.13 28.68 2.58
C VAL C 69 5.23 30.19 2.49
N ILE C 70 6.12 30.71 1.64
CA ILE C 70 6.34 32.11 1.55
C ILE C 70 5.12 32.95 1.19
N THR C 71 4.45 32.59 0.11
CA THR C 71 3.29 33.39 -0.28
C THR C 71 2.25 33.43 0.84
N ALA C 72 1.99 32.30 1.50
CA ALA C 72 1.05 32.27 2.65
C ALA C 72 1.50 33.20 3.81
N GLY C 73 2.80 33.15 4.16
CA GLY C 73 3.41 34.11 5.10
C GLY C 73 3.20 35.56 4.70
N MET C 74 3.38 35.82 3.41
CA MET C 74 3.29 37.20 2.92
C MET C 74 1.86 37.71 2.94
N SER C 75 0.85 36.81 2.95
CA SER C 75 -0.53 37.28 3.11
C SER C 75 -0.69 37.85 4.57
N ILE C 76 -0.02 37.19 5.52
CA ILE C 76 0.01 37.64 6.91
C ILE C 76 0.80 38.93 7.04
N TYR C 77 2.00 38.93 6.45
CA TYR C 77 2.90 40.07 6.50
C TYR C 77 2.21 41.35 6.03
N ASP C 78 1.58 41.28 4.85
CA ASP C 78 0.98 42.45 4.22
C ASP C 78 -0.26 42.90 4.93
N THR C 79 -0.93 41.97 5.63
CA THR C 79 -2.04 42.32 6.47
C THR C 79 -1.59 43.08 7.72
N MET C 80 -0.49 42.65 8.33
CA MET C 80 -0.02 43.24 9.56
C MET C 80 0.31 44.69 9.29
N GLN C 81 0.83 44.95 8.08
CA GLN C 81 1.29 46.32 7.70
C GLN C 81 0.12 47.16 7.20
N PHE C 82 -0.84 46.49 6.54
CA PHE C 82 -2.04 47.15 6.01
C PHE C 82 -3.01 47.69 7.06
N ILE C 83 -3.27 46.92 8.10
CA ILE C 83 -4.30 47.29 9.07
C ILE C 83 -3.80 48.49 9.94
N LYS C 84 -4.70 49.27 10.51
CA LYS C 84 -4.23 50.38 11.35
C LYS C 84 -3.65 50.01 12.71
N PRO C 85 -4.18 48.96 13.39
CA PRO C 85 -3.54 48.58 14.67
C PRO C 85 -2.08 48.13 14.56
N ASP C 86 -1.26 48.54 15.54
CA ASP C 86 0.05 47.93 15.73
C ASP C 86 -0.20 46.44 16.02
N VAL C 87 0.57 45.59 15.37
CA VAL C 87 0.60 44.18 15.72
C VAL C 87 1.88 43.94 16.53
N SER C 88 1.72 43.67 17.83
CA SER C 88 2.82 43.23 18.68
C SER C 88 3.05 41.74 18.51
N THR C 89 4.30 41.35 18.30
CA THR C 89 4.63 39.90 18.06
C THR C 89 5.35 39.27 19.26
N ILE C 90 5.05 38.00 19.55
CA ILE C 90 5.60 37.38 20.75
C ILE C 90 5.95 35.98 20.38
N CYS C 91 7.23 35.68 20.40
CA CYS C 91 7.66 34.32 20.10
C CYS C 91 7.63 33.42 21.34
N MET C 92 6.96 32.28 21.22
CA MET C 92 7.02 31.24 22.25
C MET C 92 7.39 29.94 21.59
N GLY C 93 8.27 29.16 22.20
CA GLY C 93 8.69 27.91 21.63
C GLY C 93 9.78 28.23 20.61
N GLN C 94 9.36 28.51 19.37
CA GLN C 94 10.30 28.82 18.29
C GLN C 94 9.67 29.68 17.21
N ALA C 95 10.49 30.41 16.47
CA ALA C 95 10.03 31.10 15.26
C ALA C 95 11.13 30.88 14.25
N ALA C 96 10.90 29.99 13.31
CA ALA C 96 11.92 29.56 12.34
C ALA C 96 11.47 30.02 10.96
N SER C 97 12.40 30.61 10.21
CA SER C 97 12.22 30.98 8.80
C SER C 97 10.97 31.86 8.61
N MET C 98 9.92 31.36 7.96
CA MET C 98 8.69 32.21 7.81
C MET C 98 8.20 32.70 9.17
N GLY C 99 8.29 31.86 10.22
CA GLY C 99 7.91 32.26 11.58
C GLY C 99 8.79 33.41 12.11
N ALA C 100 10.10 33.35 11.86
CA ALA C 100 11.02 34.45 12.32
C ALA C 100 10.78 35.75 11.55
N PHE C 101 10.56 35.60 10.25
CA PHE C 101 10.21 36.72 9.42
C PHE C 101 8.97 37.44 9.96
N LEU C 102 7.90 36.71 10.30
CA LEU C 102 6.64 37.36 10.79
C LEU C 102 6.86 37.96 12.17
N LEU C 103 7.70 37.32 12.98
CA LEU C 103 8.08 37.82 14.31
C LEU C 103 8.73 39.21 14.25
N THR C 104 9.66 39.39 13.32
CA THR C 104 10.41 40.68 13.22
C THR C 104 9.59 41.73 12.47
N ALA C 105 8.55 41.26 11.79
CA ALA C 105 7.61 42.13 11.07
C ALA C 105 6.66 42.90 11.99
N GLY C 106 6.71 42.60 13.29
CA GLY C 106 5.85 43.28 14.27
C GLY C 106 6.20 44.75 14.39
N ALA C 107 5.32 45.49 15.06
CA ALA C 107 5.54 46.93 15.26
C ALA C 107 6.83 47.13 16.03
N LYS C 108 7.68 48.06 15.56
CA LYS C 108 8.92 48.40 16.23
C LYS C 108 8.72 48.70 17.71
N GLY C 109 9.53 48.04 18.54
CA GLY C 109 9.51 48.23 20.00
C GLY C 109 8.48 47.30 20.65
N LYS C 110 7.53 46.82 19.82
CA LYS C 110 6.43 46.02 20.33
C LYS C 110 6.72 44.51 19.97
N ARG C 111 7.98 44.18 19.63
CA ARG C 111 8.29 42.78 19.22
C ARG C 111 9.07 42.00 20.32
N PHE C 112 8.69 40.75 20.65
CA PHE C 112 9.28 40.07 21.85
C PHE C 112 9.65 38.63 21.68
N CYS C 113 10.64 38.20 22.48
CA CYS C 113 10.87 36.77 22.69
C CYS C 113 10.58 36.40 24.14
N LEU C 114 9.97 35.26 24.38
CA LEU C 114 10.01 34.65 25.73
C LEU C 114 11.43 34.11 25.99
N PRO C 115 11.83 33.96 27.27
CA PRO C 115 13.26 33.77 27.57
C PRO C 115 13.93 32.54 26.96
N ASN C 116 13.18 31.44 26.83
CA ASN C 116 13.74 30.20 26.30
C ASN C 116 13.25 29.85 24.90
N SER C 117 12.69 30.84 24.21
CA SER C 117 12.33 30.61 22.80
C SER C 117 13.60 30.67 21.96
N ARG C 118 13.59 30.04 20.78
CA ARG C 118 14.76 30.11 19.87
C ARG C 118 14.25 30.62 18.52
N VAL C 119 15.10 31.28 17.76
CA VAL C 119 14.73 31.85 16.46
C VAL C 119 15.65 31.19 15.42
N MET C 120 15.14 30.98 14.21
CA MET C 120 16.00 30.49 13.19
C MET C 120 15.72 31.17 11.88
N ILE C 121 16.78 31.47 11.14
CA ILE C 121 16.61 32.12 9.85
C ILE C 121 17.35 31.38 8.76
N HIS C 122 16.82 31.44 7.55
CA HIS C 122 17.45 30.88 6.39
C HIS C 122 16.83 31.36 5.10
N GLN C 123 17.44 30.98 3.97
CA GLN C 123 17.00 31.37 2.62
C GLN C 123 15.85 30.43 2.11
N PRO C 124 15.17 30.81 1.00
CA PRO C 124 14.12 29.93 0.48
C PRO C 124 14.59 28.55 0.00
N LEU C 125 13.70 27.55 0.12
CA LEU C 125 13.91 26.24 -0.47
C LEU C 125 12.75 26.01 -1.41
N GLY C 126 13.02 25.28 -2.48
CA GLY C 126 11.96 25.03 -3.42
C GLY C 126 12.36 23.93 -4.34
N GLY C 127 11.64 23.86 -5.42
CA GLY C 127 11.71 22.65 -6.19
C GLY C 127 10.80 22.75 -7.38
N TYR C 128 11.34 22.32 -8.52
CA TYR C 128 10.65 22.37 -9.77
C TYR C 128 11.14 21.23 -10.66
N GLN C 129 10.30 20.85 -11.60
CA GLN C 129 10.58 19.76 -12.49
C GLN C 129 9.96 20.16 -13.82
N GLY C 130 10.64 19.93 -14.92
CA GLY C 130 10.10 20.22 -16.25
C GLY C 130 11.18 20.54 -17.29
N GLN C 131 10.80 21.17 -18.40
CA GLN C 131 11.76 21.54 -19.44
C GLN C 131 12.73 22.57 -18.93
N ALA C 132 13.92 22.60 -19.51
CA ALA C 132 14.97 23.56 -19.10
C ALA C 132 14.50 25.03 -19.17
N THR C 133 13.76 25.41 -20.22
CA THR C 133 13.18 26.79 -20.30
C THR C 133 12.31 27.16 -19.08
N ASP C 134 11.46 26.19 -18.66
CA ASP C 134 10.66 26.35 -17.45
C ASP C 134 11.47 26.35 -16.14
N ILE C 135 12.45 25.46 -16.03
CA ILE C 135 13.39 25.48 -14.91
C ILE C 135 14.00 26.89 -14.78
N GLU C 136 14.41 27.47 -15.90
CA GLU C 136 15.04 28.81 -15.92
C GLU C 136 14.07 29.89 -15.35
N ILE C 137 12.83 29.91 -15.83
CA ILE C 137 11.77 30.81 -15.32
C ILE C 137 11.55 30.64 -13.82
N HIS C 138 11.44 29.40 -13.35
CA HIS C 138 11.18 29.14 -11.94
C HIS C 138 12.38 29.40 -11.04
N ALA C 139 13.58 29.09 -11.51
CA ALA C 139 14.80 29.45 -10.80
C ALA C 139 14.93 30.99 -10.66
N ARG C 140 14.69 31.73 -11.74
CA ARG C 140 14.71 33.20 -11.67
C ARG C 140 13.72 33.72 -10.61
N GLU C 141 12.52 33.13 -10.55
CA GLU C 141 11.49 33.54 -9.60
C GLU C 141 11.87 33.33 -8.14
N ILE C 142 12.42 32.16 -7.78
CA ILE C 142 12.81 31.92 -6.38
C ILE C 142 14.00 32.84 -5.96
N LEU C 143 14.84 33.14 -6.91
CA LEU C 143 15.99 34.05 -6.67
C LEU C 143 15.49 35.47 -6.39
N LYS C 144 14.49 35.86 -7.15
CA LYS C 144 13.78 37.17 -6.93
C LYS C 144 13.15 37.26 -5.55
N VAL C 145 12.43 36.22 -5.17
CA VAL C 145 11.82 36.10 -3.86
C VAL C 145 12.85 36.13 -2.72
N LYS C 146 13.92 35.35 -2.85
CA LYS C 146 14.99 35.38 -1.87
C LYS C 146 15.51 36.79 -1.66
N GLY C 147 15.81 37.51 -2.75
CA GLY C 147 16.24 38.91 -2.61
C GLY C 147 15.22 39.84 -1.93
N ARG C 148 13.95 39.66 -2.26
CA ARG C 148 12.92 40.54 -1.69
C ARG C 148 12.80 40.26 -0.20
N MET C 149 12.83 38.97 0.15
CA MET C 149 12.75 38.52 1.52
C MET C 149 13.96 39.05 2.33
N ASN C 150 15.15 39.03 1.72
CA ASN C 150 16.36 39.60 2.36
C ASN C 150 16.22 41.12 2.61
N GLU C 151 15.68 41.85 1.62
CA GLU C 151 15.50 43.30 1.76
C GLU C 151 14.63 43.62 2.95
N LEU C 152 13.53 42.89 3.08
CA LEU C 152 12.57 43.11 4.16
C LEU C 152 13.12 42.69 5.53
N MET C 153 13.90 41.61 5.58
CA MET C 153 14.54 41.24 6.83
C MET C 153 15.54 42.31 7.28
N ALA C 154 16.28 42.85 6.33
CA ALA C 154 17.25 43.88 6.60
C ALA C 154 16.50 45.14 7.05
N LEU C 155 15.39 45.45 6.38
CA LEU C 155 14.52 46.60 6.78
C LEU C 155 14.12 46.50 8.27
N HIS C 156 13.58 45.35 8.68
CA HIS C 156 13.01 45.18 10.01
C HIS C 156 14.01 44.97 11.14
N THR C 157 15.13 44.31 10.84
CA THR C 157 16.18 44.09 11.83
C THR C 157 17.17 45.23 11.96
N GLY C 158 17.35 46.04 10.92
CA GLY C 158 18.36 47.08 10.92
C GLY C 158 19.74 46.59 10.53
N GLN C 159 19.85 45.33 10.15
CA GLN C 159 21.11 44.80 9.61
C GLN C 159 21.21 45.20 8.13
N SER C 160 22.43 45.27 7.58
CA SER C 160 22.58 45.51 6.15
C SER C 160 22.05 44.34 5.34
N LEU C 161 21.65 44.63 4.10
CA LEU C 161 21.24 43.59 3.18
C LEU C 161 22.34 42.54 3.04
N GLU C 162 23.60 43.00 2.94
CA GLU C 162 24.75 42.12 2.76
C GLU C 162 24.93 41.15 3.95
N GLN C 163 24.74 41.67 5.16
CA GLN C 163 24.82 40.83 6.36
C GLN C 163 23.69 39.79 6.36
N ILE C 164 22.47 40.22 6.02
CA ILE C 164 21.35 39.27 5.96
C ILE C 164 21.67 38.19 4.94
N GLU C 165 22.17 38.57 3.77
CA GLU C 165 22.45 37.59 2.70
C GLU C 165 23.41 36.54 3.23
N ARG C 166 24.51 37.05 3.77
CA ARG C 166 25.56 36.19 4.33
C ARG C 166 25.06 35.28 5.44
N ASP C 167 24.22 35.82 6.32
CA ASP C 167 23.75 35.08 7.51
C ASP C 167 22.65 34.03 7.29
N THR C 168 21.93 34.13 6.17
CA THR C 168 20.84 33.21 5.87
C THR C 168 21.18 32.21 4.78
N GLU C 169 22.45 32.18 4.36
CA GLU C 169 22.85 31.26 3.29
C GLU C 169 22.69 29.78 3.76
N ARG C 170 22.96 29.58 5.04
CA ARG C 170 22.60 28.33 5.72
C ARG C 170 21.82 28.63 6.98
N ASP C 171 21.13 27.59 7.51
CA ASP C 171 20.35 27.75 8.73
C ASP C 171 21.15 28.44 9.84
N ARG C 172 20.55 29.42 10.48
CA ARG C 172 21.24 30.10 11.56
C ARG C 172 20.29 30.19 12.76
N PHE C 173 20.70 29.63 13.91
CA PHE C 173 19.91 29.66 15.15
C PHE C 173 20.31 30.80 16.08
N LEU C 174 19.32 31.41 16.71
CA LEU C 174 19.47 32.53 17.65
C LEU C 174 18.72 32.21 18.93
N SER C 175 19.42 32.32 20.04
CA SER C 175 18.77 32.33 21.35
C SER C 175 17.97 33.63 21.44
N ALA C 176 17.11 33.77 22.46
CA ALA C 176 16.39 35.03 22.64
C ALA C 176 17.27 36.30 22.78
N PRO C 177 18.28 36.30 23.69
CA PRO C 177 19.27 37.40 23.76
C PRO C 177 19.93 37.71 22.43
N GLU C 178 20.27 36.67 21.68
CA GLU C 178 20.92 36.87 20.37
C GLU C 178 19.96 37.51 19.38
N ALA C 179 18.68 37.13 19.45
CA ALA C 179 17.64 37.71 18.61
C ALA C 179 17.42 39.22 18.94
N VAL C 180 17.45 39.60 20.23
CA VAL C 180 17.51 41.03 20.62
C VAL C 180 18.78 41.70 20.06
N GLU C 181 19.96 41.13 20.31
CA GLU C 181 21.26 41.70 19.80
C GLU C 181 21.18 41.85 18.26
N TYR C 182 20.60 40.86 17.57
CA TYR C 182 20.47 40.91 16.10
C TYR C 182 19.47 41.93 15.53
N GLY C 183 18.53 42.40 16.35
CA GLY C 183 17.47 43.31 15.90
C GLY C 183 16.20 42.65 15.43
N LEU C 184 16.15 41.32 15.55
CA LEU C 184 14.99 40.54 15.18
C LEU C 184 13.76 40.81 16.05
N VAL C 185 14.02 41.04 17.34
CA VAL C 185 13.03 41.24 18.39
C VAL C 185 13.54 42.46 19.23
N ASP C 186 12.65 43.15 19.93
CA ASP C 186 13.03 44.35 20.67
C ASP C 186 13.54 44.05 22.06
N SER C 187 12.97 43.04 22.72
CA SER C 187 13.34 42.71 24.09
C SER C 187 12.82 41.35 24.48
N ILE C 188 13.31 40.85 25.60
CA ILE C 188 12.83 39.60 26.12
C ILE C 188 11.70 39.87 27.11
N LEU C 189 10.63 39.08 27.01
CA LEU C 189 9.53 39.13 27.99
C LEU C 189 9.73 38.06 29.03
N THR C 190 9.84 38.38 30.34
CA THR C 190 10.08 37.27 31.30
C THR C 190 8.90 37.04 32.24
N HIS C 191 8.54 38.10 32.96
CA HIS C 191 7.40 38.05 33.85
C HIS C 191 6.44 39.17 33.50
N ARG C 192 5.14 38.87 33.55
CA ARG C 192 4.09 39.85 33.35
C ARG C 192 4.11 40.85 34.50
N ASN C 193 4.18 42.13 34.18
CA ASN C 193 3.78 43.13 35.16
C ASN C 193 2.29 43.48 34.96
N LEU D 2 -11.48 24.29 13.62
CA LEU D 2 -10.42 25.33 13.79
C LEU D 2 -10.88 26.76 13.50
N VAL D 3 -12.18 27.04 13.61
CA VAL D 3 -12.70 28.38 13.34
C VAL D 3 -13.07 29.16 14.60
N PRO D 4 -12.53 30.38 14.74
CA PRO D 4 -12.86 31.21 15.89
C PRO D 4 -14.32 31.71 15.89
N MET D 5 -14.91 31.68 17.08
CA MET D 5 -16.27 32.10 17.31
C MET D 5 -16.30 33.51 17.88
N VAL D 6 -17.41 34.21 17.62
CA VAL D 6 -17.75 35.45 18.30
C VAL D 6 -19.11 35.29 19.01
N ILE D 7 -19.15 35.63 20.31
CA ILE D 7 -20.41 35.78 21.06
C ILE D 7 -20.96 37.22 20.92
N GLU D 8 -22.16 37.34 20.37
CA GLU D 8 -22.87 38.63 20.15
C GLU D 8 -22.77 39.13 18.68
N SER D 16 -23.51 34.48 18.91
CA SER D 16 -22.76 33.41 18.23
C SER D 16 -22.51 33.70 16.71
N PHE D 17 -21.34 33.30 16.19
CA PHE D 17 -20.88 33.61 14.80
C PHE D 17 -19.44 33.11 14.51
N ASP D 18 -19.19 32.49 13.35
CA ASP D 18 -17.79 32.25 12.95
C ASP D 18 -17.13 33.48 12.27
N ILE D 19 -15.80 33.50 12.36
CA ILE D 19 -14.97 34.62 11.90
C ILE D 19 -15.26 35.00 10.42
N TYR D 20 -15.33 33.99 9.56
CA TYR D 20 -15.64 34.21 8.16
C TYR D 20 -17.06 34.80 7.96
N SER D 21 -18.02 34.34 8.76
CA SER D 21 -19.39 34.87 8.64
C SER D 21 -19.46 36.32 9.11
N ARG D 22 -18.65 36.65 10.13
CA ARG D 22 -18.59 38.03 10.65
C ARG D 22 -18.07 38.96 9.56
N LEU D 23 -17.07 38.48 8.81
CA LEU D 23 -16.51 39.27 7.73
C LEU D 23 -17.43 39.31 6.51
N LEU D 24 -18.20 38.25 6.29
CA LEU D 24 -19.29 38.29 5.29
C LEU D 24 -20.28 39.40 5.63
N LYS D 25 -20.46 39.67 6.93
CA LYS D 25 -21.32 40.78 7.42
C LYS D 25 -20.86 42.09 6.81
N GLU D 26 -19.54 42.30 6.84
CA GLU D 26 -18.88 43.48 6.24
C GLU D 26 -18.64 43.36 4.73
N ARG D 27 -19.25 42.37 4.08
CA ARG D 27 -19.19 42.17 2.63
C ARG D 27 -17.81 41.75 2.13
N VAL D 28 -17.11 41.00 2.97
CA VAL D 28 -15.81 40.44 2.59
C VAL D 28 -15.93 38.91 2.33
N ILE D 29 -15.45 38.44 1.19
CA ILE D 29 -15.44 37.02 0.81
C ILE D 29 -13.95 36.63 0.56
N PHE D 30 -13.53 35.45 1.01
CA PHE D 30 -12.17 34.94 0.76
C PHE D 30 -12.17 33.81 -0.24
N LEU D 31 -11.35 33.95 -1.27
CA LEU D 31 -11.04 32.83 -2.16
C LEU D 31 -9.58 32.41 -1.88
N THR D 32 -9.41 31.19 -1.38
CA THR D 32 -8.14 30.73 -0.85
C THR D 32 -7.91 29.32 -1.35
N GLY D 33 -6.73 29.08 -1.90
CA GLY D 33 -6.35 27.74 -2.35
C GLY D 33 -6.79 27.48 -3.78
N GLN D 34 -6.65 26.23 -4.20
CA GLN D 34 -6.97 25.77 -5.55
C GLN D 34 -8.44 26.03 -5.87
N VAL D 35 -8.70 26.62 -7.05
CA VAL D 35 -10.08 26.80 -7.54
C VAL D 35 -10.65 25.48 -8.06
N GLU D 36 -11.78 25.09 -7.48
CA GLU D 36 -12.40 23.80 -7.69
C GLU D 36 -13.92 23.99 -7.51
N ASP D 37 -14.72 23.13 -8.12
CA ASP D 37 -16.17 23.31 -8.16
C ASP D 37 -16.89 23.72 -6.89
N HIS D 38 -16.53 23.10 -5.77
CA HIS D 38 -17.30 23.22 -4.54
C HIS D 38 -16.94 24.47 -3.79
N MET D 39 -15.64 24.68 -3.55
CA MET D 39 -15.20 26.01 -3.04
C MET D 39 -15.71 27.16 -3.93
N ALA D 40 -15.72 26.95 -5.23
CA ALA D 40 -16.18 28.00 -6.16
C ALA D 40 -17.66 28.27 -6.00
N ASN D 41 -18.44 27.21 -5.77
CA ASN D 41 -19.88 27.31 -5.56
C ASN D 41 -20.13 28.10 -4.28
N LEU D 42 -19.31 27.88 -3.25
CA LEU D 42 -19.42 28.64 -2.02
C LEU D 42 -19.18 30.14 -2.22
N ILE D 43 -18.20 30.48 -3.05
CA ILE D 43 -17.96 31.89 -3.43
C ILE D 43 -19.14 32.47 -4.19
N VAL D 44 -19.64 31.72 -5.16
CA VAL D 44 -20.80 32.13 -5.92
C VAL D 44 -22.00 32.38 -4.99
N ALA D 45 -22.25 31.46 -4.05
CA ALA D 45 -23.37 31.58 -3.10
C ALA D 45 -23.25 32.82 -2.16
N GLN D 46 -22.05 33.05 -1.60
CA GLN D 46 -21.77 34.29 -0.87
C GLN D 46 -22.04 35.57 -1.69
N MET D 47 -21.65 35.57 -2.96
CA MET D 47 -21.87 36.74 -3.84
C MET D 47 -23.34 37.02 -4.09
N LEU D 48 -24.09 35.94 -4.29
CA LEU D 48 -25.52 35.98 -4.51
C LEU D 48 -26.22 36.46 -3.27
N PHE D 49 -25.79 35.97 -2.10
CA PHE D 49 -26.32 36.47 -0.81
C PHE D 49 -26.11 37.98 -0.60
N LEU D 50 -24.86 38.42 -0.83
CA LEU D 50 -24.50 39.83 -0.66
C LEU D 50 -25.29 40.77 -1.59
N GLU D 51 -25.44 40.39 -2.85
CA GLU D 51 -26.28 41.12 -3.79
C GLU D 51 -27.73 41.27 -3.30
N ALA D 52 -28.29 40.20 -2.73
CA ALA D 52 -29.65 40.25 -2.16
C ALA D 52 -29.70 41.28 -1.04
N GLU D 53 -28.70 41.24 -0.17
CA GLU D 53 -28.67 42.07 1.02
C GLU D 53 -28.53 43.56 0.71
N ASN D 54 -27.68 43.88 -0.26
CA ASN D 54 -27.50 45.26 -0.69
C ASN D 54 -26.98 45.21 -2.12
N PRO D 55 -27.88 45.40 -3.09
CA PRO D 55 -27.44 45.31 -4.48
C PRO D 55 -26.57 46.48 -4.90
N GLU D 56 -26.41 47.48 -4.04
CA GLU D 56 -25.65 48.70 -4.40
C GLU D 56 -24.20 48.69 -3.93
N LYS D 57 -23.96 48.16 -2.72
CA LYS D 57 -22.69 48.24 -2.05
C LYS D 57 -21.66 47.26 -2.61
N ASP D 58 -20.42 47.71 -2.73
CA ASP D 58 -19.36 46.89 -3.29
C ASP D 58 -19.16 45.58 -2.52
N ILE D 59 -18.59 44.59 -3.20
CA ILE D 59 -18.17 43.38 -2.55
C ILE D 59 -16.67 43.28 -2.64
N TYR D 60 -16.01 42.82 -1.57
CA TYR D 60 -14.54 42.66 -1.55
C TYR D 60 -14.17 41.19 -1.60
N LEU D 61 -13.50 40.79 -2.66
CA LEU D 61 -13.04 39.40 -2.81
C LEU D 61 -11.53 39.33 -2.66
N TYR D 62 -11.09 38.80 -1.53
CA TYR D 62 -9.66 38.60 -1.27
C TYR D 62 -9.27 37.33 -1.96
N ILE D 63 -8.16 37.35 -2.69
CA ILE D 63 -7.73 36.18 -3.47
C ILE D 63 -6.31 35.82 -3.10
N ASN D 64 -6.15 34.59 -2.61
CA ASN D 64 -4.85 33.96 -2.37
C ASN D 64 -4.95 32.54 -2.91
N SER D 65 -4.53 32.37 -4.16
CA SER D 65 -4.77 31.11 -4.87
C SER D 65 -3.65 30.75 -5.84
N PRO D 66 -3.22 29.46 -5.85
CA PRO D 66 -2.20 28.93 -6.75
C PRO D 66 -2.71 28.60 -8.16
N GLY D 67 -4.02 28.75 -8.38
CA GLY D 67 -4.68 28.42 -9.64
C GLY D 67 -5.89 27.51 -9.46
N GLY D 68 -6.22 26.73 -10.49
CA GLY D 68 -7.31 25.80 -10.44
C GLY D 68 -8.01 25.52 -11.74
N VAL D 69 -9.20 24.93 -11.63
CA VAL D 69 -9.95 24.41 -12.74
C VAL D 69 -10.69 25.52 -13.47
N ILE D 70 -10.54 25.57 -14.80
CA ILE D 70 -11.06 26.71 -15.58
C ILE D 70 -12.58 26.84 -15.43
N THR D 71 -13.32 25.75 -15.60
CA THR D 71 -14.77 25.87 -15.54
C THR D 71 -15.26 26.32 -14.17
N ALA D 72 -14.63 25.83 -13.10
CA ALA D 72 -14.91 26.24 -11.74
C ALA D 72 -14.65 27.76 -11.62
N GLY D 73 -13.49 28.19 -12.11
CA GLY D 73 -13.13 29.59 -12.17
C GLY D 73 -14.15 30.41 -12.94
N MET D 74 -14.61 29.88 -14.06
CA MET D 74 -15.56 30.62 -14.90
C MET D 74 -16.97 30.75 -14.29
N SER D 75 -17.35 29.87 -13.34
CA SER D 75 -18.60 30.00 -12.58
C SER D 75 -18.51 31.26 -11.70
N ILE D 76 -17.34 31.46 -11.08
CA ILE D 76 -17.02 32.68 -10.36
C ILE D 76 -16.96 33.93 -11.27
N TYR D 77 -16.21 33.84 -12.35
CA TYR D 77 -16.06 34.99 -13.28
C TYR D 77 -17.45 35.50 -13.70
N ASP D 78 -18.32 34.57 -14.15
CA ASP D 78 -19.63 34.98 -14.67
C ASP D 78 -20.56 35.56 -13.63
N THR D 79 -20.47 35.04 -12.42
CA THR D 79 -21.19 35.59 -11.29
C THR D 79 -20.67 36.99 -10.93
N MET D 80 -19.35 37.23 -10.94
CA MET D 80 -18.89 38.60 -10.61
C MET D 80 -19.47 39.56 -11.60
N GLN D 81 -19.48 39.18 -12.88
CA GLN D 81 -20.03 40.05 -13.95
C GLN D 81 -21.56 40.18 -13.93
N PHE D 82 -22.25 39.15 -13.45
CA PHE D 82 -23.72 39.10 -13.51
C PHE D 82 -24.39 39.90 -12.42
N ILE D 83 -23.89 39.80 -11.20
CA ILE D 83 -24.49 40.50 -10.07
C ILE D 83 -24.39 42.03 -10.18
N LYS D 84 -25.29 42.75 -9.53
CA LYS D 84 -25.30 44.21 -9.63
C LYS D 84 -24.15 44.90 -8.92
N PRO D 85 -23.79 44.47 -7.68
CA PRO D 85 -22.62 45.09 -7.03
C PRO D 85 -21.30 44.93 -7.79
N ASP D 86 -20.46 45.97 -7.67
CA ASP D 86 -19.04 45.87 -8.05
C ASP D 86 -18.39 44.86 -7.14
N VAL D 87 -17.53 44.06 -7.75
CA VAL D 87 -16.65 43.16 -6.99
C VAL D 87 -15.24 43.74 -7.01
N SER D 88 -14.77 44.19 -5.85
CA SER D 88 -13.44 44.76 -5.74
C SER D 88 -12.55 43.57 -5.39
N THR D 89 -11.44 43.42 -6.09
CA THR D 89 -10.60 42.24 -5.87
C THR D 89 -9.27 42.64 -5.22
N ILE D 90 -8.82 41.82 -4.25
CA ILE D 90 -7.63 42.17 -3.49
C ILE D 90 -6.77 40.92 -3.42
N CYS D 91 -5.63 40.97 -4.08
CA CYS D 91 -4.66 39.86 -4.01
C CYS D 91 -3.77 39.91 -2.76
N MET D 92 -3.75 38.84 -1.96
CA MET D 92 -2.77 38.68 -0.88
C MET D 92 -2.04 37.36 -1.05
N GLY D 93 -0.74 37.35 -0.79
CA GLY D 93 0.08 36.17 -0.96
C GLY D 93 0.34 35.96 -2.44
N GLN D 94 -0.58 35.32 -3.15
CA GLN D 94 -0.48 35.11 -4.60
C GLN D 94 -1.84 35.00 -5.36
N ALA D 95 -1.78 35.28 -6.65
CA ALA D 95 -2.92 35.04 -7.53
C ALA D 95 -2.30 34.46 -8.78
N ALA D 96 -2.34 33.14 -8.87
CA ALA D 96 -1.68 32.41 -9.97
C ALA D 96 -2.70 31.83 -10.90
N SER D 97 -2.48 32.06 -12.20
CA SER D 97 -3.31 31.44 -13.24
C SER D 97 -4.81 31.71 -13.05
N MET D 98 -5.63 30.72 -12.62
CA MET D 98 -7.07 31.01 -12.41
C MET D 98 -7.27 32.12 -11.39
N GLY D 99 -6.41 32.16 -10.39
CA GLY D 99 -6.37 33.24 -9.39
C GLY D 99 -6.13 34.62 -10.02
N ALA D 100 -5.14 34.71 -10.89
CA ALA D 100 -4.82 35.96 -11.62
C ALA D 100 -5.96 36.39 -12.53
N PHE D 101 -6.57 35.44 -13.24
CA PHE D 101 -7.71 35.74 -14.09
C PHE D 101 -8.86 36.41 -13.32
N LEU D 102 -9.26 35.80 -12.20
CA LEU D 102 -10.36 36.32 -11.35
C LEU D 102 -9.98 37.64 -10.67
N LEU D 103 -8.70 37.81 -10.35
CA LEU D 103 -8.21 39.10 -9.85
C LEU D 103 -8.39 40.21 -10.89
N THR D 104 -7.98 39.98 -12.13
CA THR D 104 -8.13 41.02 -13.15
C THR D 104 -9.60 41.27 -13.57
N ALA D 105 -10.47 40.32 -13.25
CA ALA D 105 -11.88 40.38 -13.53
C ALA D 105 -12.67 41.32 -12.60
N GLY D 106 -12.05 41.78 -11.52
CA GLY D 106 -12.72 42.69 -10.61
C GLY D 106 -13.11 43.99 -11.29
N ALA D 107 -14.03 44.73 -10.66
CA ALA D 107 -14.46 46.02 -11.23
C ALA D 107 -13.30 46.98 -11.51
N LYS D 108 -13.31 47.57 -12.70
CA LYS D 108 -12.20 48.40 -13.13
C LYS D 108 -11.98 49.57 -12.15
N GLY D 109 -10.71 49.78 -11.78
CA GLY D 109 -10.32 50.85 -10.83
C GLY D 109 -10.39 50.34 -9.40
N LYS D 110 -11.15 49.24 -9.18
CA LYS D 110 -11.39 48.69 -7.85
C LYS D 110 -10.60 47.33 -7.70
N ARG D 111 -9.52 47.12 -8.46
CA ARG D 111 -8.69 45.85 -8.35
C ARG D 111 -7.28 46.13 -7.81
N PHE D 112 -6.82 45.40 -6.77
CA PHE D 112 -5.64 45.77 -5.96
C PHE D 112 -4.66 44.60 -5.69
N CYS D 113 -3.35 44.90 -5.62
CA CYS D 113 -2.38 43.99 -5.00
C CYS D 113 -1.93 44.55 -3.67
N LEU D 114 -1.75 43.68 -2.69
CA LEU D 114 -0.97 44.05 -1.50
C LEU D 114 0.49 44.14 -1.97
N PRO D 115 1.34 44.96 -1.29
CA PRO D 115 2.68 45.25 -1.81
C PRO D 115 3.58 44.06 -2.17
N ASN D 116 3.48 42.97 -1.40
CA ASN D 116 4.41 41.85 -1.54
C ASN D 116 3.67 40.60 -2.07
N SER D 117 2.44 40.78 -2.52
CA SER D 117 1.75 39.71 -3.27
C SER D 117 2.43 39.53 -4.61
N ARG D 118 2.39 38.32 -5.16
CA ARG D 118 2.85 38.08 -6.52
C ARG D 118 1.76 37.47 -7.38
N VAL D 119 1.83 37.77 -8.68
CA VAL D 119 0.91 37.25 -9.72
C VAL D 119 1.64 36.30 -10.69
N MET D 120 0.93 35.31 -11.24
CA MET D 120 1.50 34.50 -12.30
C MET D 120 0.41 34.20 -13.34
N ILE D 121 0.79 34.27 -14.61
CA ILE D 121 -0.13 33.92 -15.69
C ILE D 121 0.47 32.82 -16.55
N HIS D 122 -0.41 31.97 -17.08
CA HIS D 122 -0.02 30.94 -18.02
C HIS D 122 -1.23 30.42 -18.82
N GLN D 123 -0.96 29.62 -19.84
CA GLN D 123 -2.02 29.00 -20.67
C GLN D 123 -2.58 27.74 -20.00
N PRO D 124 -3.71 27.23 -20.54
CA PRO D 124 -4.34 26.02 -19.98
C PRO D 124 -3.46 24.80 -20.08
N LEU D 125 -3.59 23.92 -19.09
CA LEU D 125 -2.94 22.59 -19.13
C LEU D 125 -4.06 21.59 -19.02
N GLY D 126 -3.84 20.41 -19.57
CA GLY D 126 -4.95 19.46 -19.67
C GLY D 126 -4.38 18.14 -20.06
N GLY D 127 -5.26 17.19 -20.31
CA GLY D 127 -4.80 15.84 -20.53
C GLY D 127 -5.98 14.98 -20.87
N TYR D 128 -5.82 14.19 -21.95
CA TYR D 128 -6.85 13.27 -22.39
C TYR D 128 -6.20 11.94 -22.80
N GLN D 129 -6.97 10.85 -22.73
CA GLN D 129 -6.56 9.54 -23.24
C GLN D 129 -7.73 9.00 -24.07
N GLY D 130 -7.44 8.40 -25.22
CA GLY D 130 -8.51 7.80 -26.01
C GLY D 130 -8.14 7.67 -27.45
N GLN D 131 -9.14 7.41 -28.28
CA GLN D 131 -8.94 7.24 -29.70
C GLN D 131 -8.46 8.55 -30.29
N ALA D 132 -7.65 8.46 -31.35
CA ALA D 132 -7.23 9.66 -32.09
C ALA D 132 -8.44 10.58 -32.44
N THR D 133 -9.57 10.01 -32.84
CA THR D 133 -10.75 10.87 -33.13
C THR D 133 -11.13 11.75 -31.94
N ASP D 134 -11.27 11.12 -30.78
CA ASP D 134 -11.54 11.82 -29.52
C ASP D 134 -10.44 12.76 -29.07
N ILE D 135 -9.20 12.37 -29.25
CA ILE D 135 -8.08 13.26 -28.91
C ILE D 135 -8.20 14.62 -29.67
N GLU D 136 -8.58 14.54 -30.94
CA GLU D 136 -8.73 15.74 -31.80
C GLU D 136 -9.91 16.62 -31.33
N ILE D 137 -11.01 15.98 -30.95
CA ILE D 137 -12.18 16.69 -30.38
C ILE D 137 -11.74 17.42 -29.11
N HIS D 138 -11.00 16.74 -28.26
CA HIS D 138 -10.55 17.34 -27.00
C HIS D 138 -9.45 18.38 -27.15
N ALA D 139 -8.53 18.16 -28.09
CA ALA D 139 -7.48 19.13 -28.38
C ALA D 139 -8.10 20.41 -28.95
N ARG D 140 -9.04 20.26 -29.88
CA ARG D 140 -9.73 21.42 -30.41
C ARG D 140 -10.47 22.24 -29.33
N GLU D 141 -11.09 21.54 -28.37
CA GLU D 141 -11.77 22.18 -27.23
C GLU D 141 -10.81 22.95 -26.31
N ILE D 142 -9.68 22.33 -25.91
CA ILE D 142 -8.75 23.09 -25.07
C ILE D 142 -8.18 24.31 -25.82
N LEU D 143 -8.01 24.20 -27.13
CA LEU D 143 -7.53 25.34 -27.90
C LEU D 143 -8.56 26.45 -27.98
N LYS D 144 -9.84 26.10 -27.97
CA LYS D 144 -10.91 27.14 -27.96
C LYS D 144 -10.98 27.84 -26.60
N VAL D 145 -10.80 27.05 -25.53
CA VAL D 145 -10.84 27.60 -24.17
C VAL D 145 -9.64 28.54 -23.98
N LYS D 146 -8.47 28.08 -24.42
CA LYS D 146 -7.27 28.90 -24.45
C LYS D 146 -7.48 30.27 -25.13
N GLY D 147 -8.05 30.24 -26.33
CA GLY D 147 -8.33 31.46 -27.06
C GLY D 147 -9.33 32.36 -26.33
N ARG D 148 -10.39 31.77 -25.79
CA ARG D 148 -11.46 32.55 -25.14
C ARG D 148 -10.89 33.18 -23.86
N MET D 149 -10.09 32.40 -23.14
CA MET D 149 -9.35 32.88 -21.97
C MET D 149 -8.37 34.04 -22.28
N ASN D 150 -7.76 34.03 -23.45
CA ASN D 150 -6.86 35.11 -23.86
C ASN D 150 -7.61 36.36 -24.31
N GLU D 151 -8.77 36.19 -24.97
CA GLU D 151 -9.62 37.35 -25.32
C GLU D 151 -10.07 38.07 -24.06
N LEU D 152 -10.46 37.28 -23.03
CA LEU D 152 -10.94 37.88 -21.78
C LEU D 152 -9.82 38.53 -20.91
N MET D 153 -8.66 37.89 -20.81
CA MET D 153 -7.45 38.57 -20.25
C MET D 153 -7.14 39.87 -20.97
N ALA D 154 -7.24 39.85 -22.29
CA ALA D 154 -6.95 41.06 -23.08
C ALA D 154 -7.91 42.19 -22.75
N LEU D 155 -9.20 41.85 -22.62
CA LEU D 155 -10.24 42.81 -22.30
C LEU D 155 -9.98 43.49 -20.96
N HIS D 156 -9.71 42.69 -19.93
CA HIS D 156 -9.51 43.23 -18.58
C HIS D 156 -8.20 43.96 -18.34
N THR D 157 -7.12 43.54 -19.03
CA THR D 157 -5.77 44.10 -18.81
C THR D 157 -5.50 45.28 -19.70
N GLY D 158 -6.25 45.38 -20.79
CA GLY D 158 -5.99 46.37 -21.82
C GLY D 158 -4.85 46.00 -22.73
N GLN D 159 -4.27 44.82 -22.55
CA GLN D 159 -3.23 44.35 -23.45
C GLN D 159 -3.88 43.89 -24.74
N SER D 160 -3.11 43.84 -25.82
CA SER D 160 -3.61 43.22 -27.06
C SER D 160 -3.75 41.73 -26.84
N LEU D 161 -4.59 41.09 -27.66
CA LEU D 161 -4.78 39.65 -27.59
C LEU D 161 -3.51 38.90 -27.92
N GLU D 162 -2.75 39.42 -28.88
CA GLU D 162 -1.52 38.82 -29.40
C GLU D 162 -0.43 38.83 -28.36
N GLN D 163 -0.39 39.92 -27.60
CA GLN D 163 0.56 40.06 -26.51
C GLN D 163 0.26 39.11 -25.36
N ILE D 164 -1.01 39.02 -24.99
CA ILE D 164 -1.45 38.05 -23.96
C ILE D 164 -1.08 36.62 -24.34
N GLU D 165 -1.38 36.23 -25.59
CA GLU D 165 -0.96 34.91 -26.12
C GLU D 165 0.51 34.68 -25.91
N ARG D 166 1.31 35.63 -26.38
CA ARG D 166 2.75 35.53 -26.34
C ARG D 166 3.22 35.42 -24.90
N ASP D 167 2.67 36.27 -24.02
CA ASP D 167 3.14 36.34 -22.63
C ASP D 167 2.71 35.18 -21.76
N THR D 168 1.78 34.37 -22.25
CA THR D 168 1.23 33.26 -21.47
C THR D 168 1.63 31.88 -21.99
N GLU D 169 2.48 31.82 -23.03
CA GLU D 169 2.91 30.50 -23.53
C GLU D 169 3.62 29.69 -22.44
N ARG D 170 4.40 30.40 -21.62
CA ARG D 170 5.05 29.83 -20.43
C ARG D 170 4.70 30.67 -19.20
N ASP D 171 4.82 30.07 -18.01
CA ASP D 171 4.56 30.78 -16.73
C ASP D 171 5.27 32.13 -16.71
N ARG D 172 4.57 33.18 -16.28
CA ARG D 172 5.09 34.53 -16.25
C ARG D 172 4.75 35.11 -14.89
N PHE D 173 5.76 35.52 -14.16
CA PHE D 173 5.60 36.01 -12.79
C PHE D 173 5.62 37.51 -12.78
N LEU D 174 4.73 38.13 -12.00
CA LEU D 174 4.68 39.60 -11.90
C LEU D 174 4.74 40.03 -10.42
N SER D 175 5.67 40.95 -10.05
CA SER D 175 5.61 41.64 -8.75
C SER D 175 4.29 42.47 -8.71
N ALA D 176 3.89 42.98 -7.54
CA ALA D 176 2.69 43.81 -7.47
C ALA D 176 2.81 45.06 -8.36
N PRO D 177 3.95 45.81 -8.27
CA PRO D 177 4.10 46.87 -9.29
C PRO D 177 4.10 46.41 -10.77
N GLU D 178 4.75 45.28 -11.12
CA GLU D 178 4.58 44.75 -12.50
C GLU D 178 3.14 44.48 -12.96
N ALA D 179 2.28 44.06 -12.02
CA ALA D 179 0.86 43.75 -12.35
C ALA D 179 0.08 45.06 -12.59
N VAL D 180 0.55 46.14 -11.93
CA VAL D 180 0.05 47.48 -12.20
C VAL D 180 0.49 48.02 -13.60
N GLU D 181 1.77 47.86 -13.96
CA GLU D 181 2.24 48.30 -15.33
C GLU D 181 1.48 47.50 -16.38
N TYR D 182 1.29 46.21 -16.09
CA TYR D 182 0.66 45.26 -17.00
C TYR D 182 -0.85 45.47 -17.24
N GLY D 183 -1.51 46.24 -16.34
CA GLY D 183 -2.97 46.43 -16.39
C GLY D 183 -3.82 45.31 -15.76
N LEU D 184 -3.14 44.35 -15.12
CA LEU D 184 -3.80 43.28 -14.35
C LEU D 184 -4.54 43.82 -13.12
N VAL D 185 -4.02 44.96 -12.57
CA VAL D 185 -4.41 45.58 -11.32
C VAL D 185 -4.34 47.13 -11.44
N ASP D 186 -5.21 47.84 -10.70
CA ASP D 186 -5.28 49.29 -10.80
C ASP D 186 -4.28 49.96 -9.90
N SER D 187 -4.08 49.43 -8.68
CA SER D 187 -3.09 49.96 -7.73
C SER D 187 -2.70 48.98 -6.64
N ILE D 188 -1.68 49.38 -5.87
CA ILE D 188 -1.21 48.63 -4.73
C ILE D 188 -1.84 49.20 -3.45
N LEU D 189 -2.42 48.34 -2.62
CA LEU D 189 -2.85 48.73 -1.27
C LEU D 189 -1.74 48.57 -0.24
N THR D 190 -1.29 49.67 0.38
CA THR D 190 -0.28 49.53 1.43
C THR D 190 -0.84 49.69 2.85
N HIS D 191 -1.51 50.81 3.10
CA HIS D 191 -2.07 51.07 4.41
C HIS D 191 -3.55 51.41 4.33
N ARG D 192 -4.30 51.01 5.36
CA ARG D 192 -5.73 51.24 5.43
C ARG D 192 -6.03 52.75 5.38
N ASN D 193 -7.11 53.12 4.67
CA ASN D 193 -7.64 54.50 4.51
C ASN D 193 -7.17 55.19 3.23
N LEU E 2 -15.63 25.10 5.11
CA LEU E 2 -16.64 25.60 6.10
C LEU E 2 -17.71 26.45 5.41
N VAL E 3 -18.96 26.18 5.75
CA VAL E 3 -20.07 26.86 5.13
C VAL E 3 -20.45 28.06 5.99
N PRO E 4 -20.34 29.27 5.43
CA PRO E 4 -20.63 30.52 6.13
C PRO E 4 -22.04 30.55 6.72
N MET E 5 -22.16 31.13 7.91
CA MET E 5 -23.44 31.34 8.58
C MET E 5 -24.01 32.71 8.25
N VAL E 6 -25.33 32.85 8.45
CA VAL E 6 -26.12 34.00 8.05
C VAL E 6 -27.30 34.11 9.05
N ILE E 7 -27.51 35.27 9.63
CA ILE E 7 -28.62 35.40 10.58
C ILE E 7 -29.76 36.34 10.10
N GLU E 8 -30.92 35.72 9.83
CA GLU E 8 -32.09 36.38 9.26
C GLU E 8 -33.00 36.91 10.38
N GLN E 9 -33.15 38.24 10.42
CA GLN E 9 -33.84 38.95 11.54
C GLN E 9 -35.35 38.70 11.68
N GLU E 14 -34.98 35.20 15.11
CA GLU E 14 -33.69 35.12 14.43
C GLU E 14 -33.19 33.67 14.31
N ARG E 15 -32.87 33.26 13.10
CA ARG E 15 -32.34 31.95 12.91
C ARG E 15 -31.11 31.99 12.02
N SER E 16 -30.20 31.06 12.31
CA SER E 16 -28.99 30.90 11.53
C SER E 16 -29.27 29.94 10.42
N PHE E 17 -28.93 30.40 9.22
CA PHE E 17 -28.96 29.60 8.02
C PHE E 17 -27.51 29.60 7.56
N ASP E 18 -27.04 28.48 7.03
CA ASP E 18 -25.79 28.48 6.27
C ASP E 18 -26.13 29.10 4.93
N ILE E 19 -25.11 29.55 4.22
CA ILE E 19 -25.29 30.15 2.90
C ILE E 19 -26.37 29.47 2.01
N TYR E 20 -26.34 28.15 1.90
CA TYR E 20 -27.24 27.44 1.01
C TYR E 20 -28.71 27.41 1.46
N SER E 21 -28.92 27.26 2.77
CA SER E 21 -30.24 27.28 3.44
C SER E 21 -30.88 28.61 3.17
N ARG E 22 -30.05 29.65 3.19
CA ARG E 22 -30.50 31.01 3.04
C ARG E 22 -30.96 31.30 1.60
N LEU E 23 -30.20 30.81 0.62
CA LEU E 23 -30.54 30.98 -0.78
C LEU E 23 -31.70 30.08 -1.21
N LEU E 24 -31.89 28.97 -0.50
CA LEU E 24 -33.14 28.17 -0.62
C LEU E 24 -34.42 28.99 -0.35
N LYS E 25 -34.32 30.03 0.50
CA LYS E 25 -35.45 30.90 0.77
C LYS E 25 -35.78 31.79 -0.42
N GLU E 26 -34.81 32.04 -1.28
CA GLU E 26 -35.12 32.68 -2.56
C GLU E 26 -35.40 31.63 -3.65
N ARG E 27 -35.57 30.37 -3.25
CA ARG E 27 -35.90 29.28 -4.21
C ARG E 27 -34.78 28.86 -5.20
N VAL E 28 -33.55 29.01 -4.73
CA VAL E 28 -32.35 28.70 -5.50
C VAL E 28 -31.79 27.37 -4.96
N ILE E 29 -31.52 26.43 -5.88
CA ILE E 29 -30.86 25.18 -5.56
C ILE E 29 -29.62 25.11 -6.45
N PHE E 30 -28.56 24.54 -5.89
CA PHE E 30 -27.36 24.31 -6.65
C PHE E 30 -27.14 22.83 -6.90
N LEU E 31 -26.89 22.52 -8.17
CA LEU E 31 -26.33 21.23 -8.61
C LEU E 31 -24.86 21.43 -9.08
N THR E 32 -23.94 20.94 -8.25
CA THR E 32 -22.48 21.13 -8.40
C THR E 32 -21.78 19.81 -8.33
N GLY E 33 -20.96 19.52 -9.35
CA GLY E 33 -20.07 18.34 -9.32
C GLY E 33 -20.73 17.13 -9.99
N GLN E 34 -20.15 15.98 -9.74
CA GLN E 34 -20.65 14.73 -10.31
C GLN E 34 -22.03 14.38 -9.82
N VAL E 35 -22.93 14.07 -10.74
CA VAL E 35 -24.29 13.66 -10.36
C VAL E 35 -24.21 12.18 -9.87
N GLU E 36 -24.67 11.96 -8.62
CA GLU E 36 -24.64 10.63 -8.02
C GLU E 36 -25.82 10.58 -7.06
N ASP E 37 -26.16 9.38 -6.58
CA ASP E 37 -27.44 9.22 -5.89
C ASP E 37 -27.68 10.17 -4.74
N HIS E 38 -26.66 10.38 -3.90
CA HIS E 38 -26.94 11.08 -2.66
C HIS E 38 -27.06 12.57 -2.86
N MET E 39 -26.11 13.17 -3.57
CA MET E 39 -26.26 14.57 -3.98
C MET E 39 -27.56 14.80 -4.76
N ALA E 40 -27.94 13.85 -5.62
CA ALA E 40 -29.17 13.99 -6.40
C ALA E 40 -30.41 13.91 -5.53
N ASN E 41 -30.38 13.08 -4.47
CA ASN E 41 -31.47 13.06 -3.46
C ASN E 41 -31.60 14.42 -2.71
N LEU E 42 -30.46 15.05 -2.40
CA LEU E 42 -30.51 16.36 -1.76
C LEU E 42 -31.20 17.35 -2.68
N ILE E 43 -30.91 17.29 -3.97
CA ILE E 43 -31.63 18.18 -4.94
C ILE E 43 -33.13 17.85 -5.00
N VAL E 44 -33.46 16.57 -5.06
CA VAL E 44 -34.89 16.17 -5.11
C VAL E 44 -35.63 16.69 -3.88
N ALA E 45 -35.04 16.52 -2.70
CA ALA E 45 -35.68 16.94 -1.49
C ALA E 45 -35.90 18.47 -1.40
N GLN E 46 -34.89 19.28 -1.80
CA GLN E 46 -35.05 20.73 -1.91
C GLN E 46 -36.15 21.15 -2.91
N MET E 47 -36.25 20.43 -4.03
CA MET E 47 -37.39 20.66 -4.98
C MET E 47 -38.73 20.35 -4.34
N LEU E 48 -38.82 19.23 -3.63
CA LEU E 48 -40.06 18.83 -3.02
C LEU E 48 -40.43 19.81 -1.90
N PHE E 49 -39.40 20.27 -1.18
CA PHE E 49 -39.58 21.29 -0.16
C PHE E 49 -40.15 22.59 -0.75
N LEU E 50 -39.55 23.09 -1.83
CA LEU E 50 -39.95 24.37 -2.40
C LEU E 50 -41.35 24.33 -3.05
N GLU E 51 -41.68 23.21 -3.69
CA GLU E 51 -43.06 22.98 -4.15
C GLU E 51 -44.09 23.02 -2.99
N ALA E 52 -43.77 22.31 -1.90
CA ALA E 52 -44.59 22.30 -0.68
C ALA E 52 -44.75 23.68 -0.05
N GLU E 53 -43.72 24.54 -0.19
CA GLU E 53 -43.77 25.95 0.25
C GLU E 53 -44.73 26.80 -0.60
N ASN E 54 -44.60 26.67 -1.92
CA ASN E 54 -45.38 27.45 -2.89
C ASN E 54 -45.32 26.74 -4.25
N PRO E 55 -46.44 26.10 -4.66
CA PRO E 55 -46.37 25.25 -5.85
C PRO E 55 -46.44 26.06 -7.14
N GLU E 56 -46.76 27.34 -7.02
CA GLU E 56 -46.92 28.23 -8.17
C GLU E 56 -45.58 28.86 -8.57
N LYS E 57 -44.73 29.13 -7.58
CA LYS E 57 -43.51 29.91 -7.81
C LYS E 57 -42.35 29.09 -8.36
N ASP E 58 -41.70 29.65 -9.38
CA ASP E 58 -40.54 29.04 -10.02
C ASP E 58 -39.44 28.70 -9.05
N ILE E 59 -38.67 27.69 -9.43
CA ILE E 59 -37.48 27.27 -8.72
C ILE E 59 -36.29 27.53 -9.65
N TYR E 60 -35.17 28.02 -9.12
CA TYR E 60 -33.97 28.21 -9.94
C TYR E 60 -32.96 27.13 -9.56
N LEU E 61 -32.50 26.43 -10.58
CA LEU E 61 -31.52 25.36 -10.42
C LEU E 61 -30.23 25.75 -11.16
N TYR E 62 -29.18 26.12 -10.42
CA TYR E 62 -27.87 26.42 -11.02
C TYR E 62 -27.10 25.14 -11.26
N ILE E 63 -26.55 24.96 -12.47
CA ILE E 63 -25.87 23.69 -12.81
C ILE E 63 -24.42 23.98 -13.21
N ASN E 64 -23.51 23.36 -12.47
CA ASN E 64 -22.07 23.38 -12.79
C ASN E 64 -21.63 21.95 -12.55
N SER E 65 -21.65 21.14 -13.60
CA SER E 65 -21.41 19.69 -13.40
C SER E 65 -20.72 19.08 -14.59
N PRO E 66 -19.76 18.18 -14.32
CA PRO E 66 -19.04 17.43 -15.36
C PRO E 66 -19.78 16.20 -15.91
N GLY E 67 -20.89 15.84 -15.30
CA GLY E 67 -21.75 14.74 -15.78
C GLY E 67 -22.01 13.80 -14.61
N GLY E 68 -22.28 12.55 -14.90
CA GLY E 68 -22.59 11.65 -13.83
C GLY E 68 -23.50 10.49 -14.14
N VAL E 69 -24.03 9.88 -13.08
CA VAL E 69 -24.75 8.59 -13.20
C VAL E 69 -26.16 8.82 -13.77
N ILE E 70 -26.50 8.06 -14.80
CA ILE E 70 -27.75 8.30 -15.50
C ILE E 70 -28.94 8.15 -14.54
N THR E 71 -28.98 7.06 -13.76
CA THR E 71 -30.19 6.87 -12.92
C THR E 71 -30.33 7.95 -11.88
N ALA E 72 -29.21 8.39 -11.30
CA ALA E 72 -29.22 9.51 -10.35
C ALA E 72 -29.73 10.81 -11.03
N GLY E 73 -29.22 11.09 -12.21
CA GLY E 73 -29.73 12.21 -13.04
C GLY E 73 -31.21 12.10 -13.33
N MET E 74 -31.68 10.89 -13.61
CA MET E 74 -33.12 10.75 -13.94
C MET E 74 -34.01 10.94 -12.73
N SER E 75 -33.47 10.69 -11.52
CA SER E 75 -34.26 11.02 -10.30
C SER E 75 -34.57 12.53 -10.28
N ILE E 76 -33.59 13.32 -10.65
CA ILE E 76 -33.75 14.77 -10.68
C ILE E 76 -34.66 15.15 -11.85
N TYR E 77 -34.37 14.59 -13.01
CA TYR E 77 -35.20 14.88 -14.22
C TYR E 77 -36.68 14.67 -13.96
N ASP E 78 -37.04 13.51 -13.44
CA ASP E 78 -38.48 13.24 -13.23
C ASP E 78 -39.10 14.13 -12.19
N THR E 79 -38.33 14.46 -11.16
CA THR E 79 -38.83 15.37 -10.13
C THR E 79 -39.09 16.76 -10.73
N MET E 80 -38.17 17.27 -11.54
CA MET E 80 -38.34 18.55 -12.29
C MET E 80 -39.63 18.60 -13.08
N GLN E 81 -39.94 17.50 -13.74
CA GLN E 81 -41.16 17.42 -14.53
C GLN E 81 -42.42 17.24 -13.68
N PHE E 82 -42.33 16.52 -12.57
CA PHE E 82 -43.50 16.08 -11.83
C PHE E 82 -44.04 17.19 -10.93
N ILE E 83 -43.15 17.98 -10.36
CA ILE E 83 -43.52 18.99 -9.33
C ILE E 83 -44.32 20.11 -10.00
N LYS E 84 -45.20 20.76 -9.25
CA LYS E 84 -45.93 21.89 -9.84
C LYS E 84 -45.12 23.08 -10.38
N PRO E 85 -44.16 23.66 -9.59
CA PRO E 85 -43.46 24.85 -10.10
C PRO E 85 -42.61 24.58 -11.35
N ASP E 86 -42.47 25.59 -12.19
CA ASP E 86 -41.46 25.57 -13.26
C ASP E 86 -40.06 25.54 -12.63
N VAL E 87 -39.17 24.70 -13.16
CA VAL E 87 -37.73 24.74 -12.74
C VAL E 87 -36.95 25.44 -13.84
N SER E 88 -36.46 26.63 -13.52
CA SER E 88 -35.63 27.39 -14.42
C SER E 88 -34.18 26.91 -14.27
N THR E 89 -33.47 26.65 -15.35
CA THR E 89 -32.08 26.12 -15.17
C THR E 89 -31.08 27.21 -15.58
N ILE E 90 -29.94 27.30 -14.91
CA ILE E 90 -28.91 28.29 -15.26
C ILE E 90 -27.60 27.57 -15.13
N CYS E 91 -26.90 27.43 -16.26
CA CYS E 91 -25.55 26.85 -16.29
C CYS E 91 -24.45 27.90 -15.99
N MET E 92 -23.64 27.64 -14.97
CA MET E 92 -22.41 28.39 -14.71
C MET E 92 -21.24 27.42 -14.76
N GLY E 93 -20.13 27.83 -15.37
CA GLY E 93 -18.94 26.94 -15.47
C GLY E 93 -19.17 25.96 -16.60
N GLN E 94 -19.76 24.80 -16.28
CA GLN E 94 -20.15 23.87 -17.34
C GLN E 94 -21.37 23.00 -17.02
N ALA E 95 -21.93 22.41 -18.07
CA ALA E 95 -22.94 21.36 -17.91
C ALA E 95 -22.61 20.37 -19.00
N ALA E 96 -21.97 19.28 -18.58
CA ALA E 96 -21.51 18.24 -19.49
C ALA E 96 -22.31 16.97 -19.26
N SER E 97 -22.71 16.32 -20.35
CA SER E 97 -23.41 15.03 -20.32
C SER E 97 -24.64 15.07 -19.37
N MET E 98 -24.64 14.38 -18.20
CA MET E 98 -25.84 14.45 -17.31
C MET E 98 -26.20 15.91 -16.92
N GLY E 99 -25.17 16.74 -16.74
CA GLY E 99 -25.38 18.18 -16.49
C GLY E 99 -26.09 18.86 -17.66
N ALA E 100 -25.68 18.56 -18.91
CA ALA E 100 -26.31 19.19 -20.13
C ALA E 100 -27.75 18.74 -20.29
N PHE E 101 -27.99 17.49 -19.93
CA PHE E 101 -29.34 16.93 -20.02
C PHE E 101 -30.32 17.60 -19.02
N LEU E 102 -29.93 17.69 -17.75
CA LEU E 102 -30.72 18.38 -16.72
C LEU E 102 -30.88 19.86 -17.01
N LEU E 103 -29.84 20.49 -17.57
CA LEU E 103 -29.95 21.88 -18.05
C LEU E 103 -31.03 22.05 -19.14
N THR E 104 -31.04 21.18 -20.15
CA THR E 104 -32.02 21.35 -21.20
C THR E 104 -33.43 20.88 -20.80
N ALA E 105 -33.51 20.18 -19.67
CA ALA E 105 -34.75 19.66 -19.08
C ALA E 105 -35.55 20.72 -18.33
N GLY E 106 -34.99 21.92 -18.18
CA GLY E 106 -35.69 23.01 -17.52
C GLY E 106 -36.95 23.46 -18.27
N ALA E 107 -37.75 24.30 -17.61
CA ALA E 107 -38.99 24.81 -18.20
C ALA E 107 -38.68 25.61 -19.46
N LYS E 108 -39.42 25.33 -20.54
CA LYS E 108 -39.20 26.01 -21.82
C LYS E 108 -39.24 27.53 -21.65
N GLY E 109 -38.26 28.19 -22.24
CA GLY E 109 -38.10 29.64 -22.09
C GLY E 109 -37.35 30.07 -20.82
N LYS E 110 -37.12 29.13 -19.92
CA LYS E 110 -36.50 29.45 -18.61
C LYS E 110 -35.15 28.72 -18.41
N ARG E 111 -34.50 28.40 -19.52
CA ARG E 111 -33.19 27.70 -19.49
C ARG E 111 -32.16 28.63 -20.05
N PHE E 112 -31.07 28.83 -19.30
CA PHE E 112 -30.03 29.84 -19.59
C PHE E 112 -28.61 29.31 -19.43
N CYS E 113 -27.69 29.89 -20.19
CA CYS E 113 -26.28 29.79 -19.95
C CYS E 113 -25.78 31.15 -19.51
N LEU E 114 -24.87 31.13 -18.55
CA LEU E 114 -24.03 32.30 -18.32
C LEU E 114 -23.07 32.38 -19.53
N PRO E 115 -22.58 33.58 -19.83
CA PRO E 115 -21.93 33.75 -21.12
C PRO E 115 -20.71 32.90 -21.40
N ASN E 116 -19.95 32.59 -20.36
CA ASN E 116 -18.71 31.86 -20.52
C ASN E 116 -18.88 30.42 -20.02
N SER E 117 -20.15 30.03 -19.85
CA SER E 117 -20.56 28.60 -19.70
C SER E 117 -20.12 27.80 -20.91
N ARG E 118 -19.82 26.53 -20.72
CA ARG E 118 -19.66 25.64 -21.84
C ARG E 118 -20.52 24.37 -21.58
N VAL E 119 -21.07 23.83 -22.66
CA VAL E 119 -21.92 22.63 -22.59
C VAL E 119 -21.25 21.51 -23.40
N MET E 120 -21.44 20.25 -22.98
CA MET E 120 -20.96 19.13 -23.77
C MET E 120 -22.02 18.04 -23.70
N ILE E 121 -22.18 17.32 -24.82
CA ILE E 121 -23.08 16.19 -24.89
C ILE E 121 -22.41 14.94 -25.43
N HIS E 122 -22.92 13.77 -25.01
CA HIS E 122 -22.39 12.49 -25.45
C HIS E 122 -23.31 11.35 -25.06
N GLN E 123 -23.03 10.16 -25.60
CA GLN E 123 -23.91 9.02 -25.37
C GLN E 123 -23.43 8.37 -24.07
N PRO E 124 -24.19 7.38 -23.53
CA PRO E 124 -23.77 6.68 -22.30
C PRO E 124 -22.46 5.91 -22.42
N LEU E 125 -21.75 5.83 -21.27
CA LEU E 125 -20.59 4.95 -21.08
C LEU E 125 -20.90 3.99 -19.95
N GLY E 126 -20.43 2.76 -20.07
CA GLY E 126 -20.75 1.78 -19.01
C GLY E 126 -19.76 0.68 -19.04
N GLY E 127 -20.03 -0.37 -18.30
CA GLY E 127 -19.09 -1.44 -18.33
C GLY E 127 -19.63 -2.55 -17.49
N TYR E 128 -19.27 -3.76 -17.88
CA TYR E 128 -19.76 -4.93 -17.21
C TYR E 128 -18.79 -6.07 -17.39
N GLN E 129 -18.90 -7.05 -16.52
CA GLN E 129 -18.09 -8.20 -16.57
C GLN E 129 -18.96 -9.39 -16.16
N GLY E 130 -18.86 -10.50 -16.87
CA GLY E 130 -19.73 -11.63 -16.56
C GLY E 130 -19.85 -12.61 -17.70
N GLN E 131 -20.70 -13.60 -17.53
CA GLN E 131 -20.99 -14.55 -18.58
C GLN E 131 -21.54 -13.85 -19.79
N ALA E 132 -21.27 -14.40 -20.98
CA ALA E 132 -21.85 -13.85 -22.23
C ALA E 132 -23.37 -13.59 -22.10
N THR E 133 -24.16 -14.49 -21.47
CA THR E 133 -25.62 -14.23 -21.37
C THR E 133 -25.92 -12.94 -20.65
N ASP E 134 -25.18 -12.72 -19.56
CA ASP E 134 -25.34 -11.47 -18.79
C ASP E 134 -24.79 -10.26 -19.49
N ILE E 135 -23.71 -10.44 -20.21
CA ILE E 135 -23.21 -9.38 -21.09
C ILE E 135 -24.29 -8.83 -22.06
N GLU E 136 -24.99 -9.75 -22.70
CA GLU E 136 -26.05 -9.35 -23.65
C GLU E 136 -27.18 -8.59 -22.94
N ILE E 137 -27.61 -9.08 -21.78
CA ILE E 137 -28.64 -8.39 -20.97
C ILE E 137 -28.22 -6.99 -20.69
N HIS E 138 -26.99 -6.82 -20.18
CA HIS E 138 -26.55 -5.52 -19.80
C HIS E 138 -26.27 -4.60 -20.99
N ALA E 139 -25.75 -5.14 -22.09
CA ALA E 139 -25.59 -4.34 -23.33
C ALA E 139 -26.94 -3.87 -23.85
N ARG E 140 -27.94 -4.77 -23.82
CA ARG E 140 -29.27 -4.38 -24.33
C ARG E 140 -29.85 -3.27 -23.49
N GLU E 141 -29.62 -3.31 -22.18
CA GLU E 141 -30.13 -2.25 -21.28
C GLU E 141 -29.45 -0.92 -21.53
N ILE E 142 -28.12 -0.93 -21.67
CA ILE E 142 -27.50 0.39 -21.94
C ILE E 142 -27.89 0.92 -23.34
N LEU E 143 -28.14 0.04 -24.31
CA LEU E 143 -28.63 0.52 -25.62
C LEU E 143 -30.04 1.12 -25.57
N LYS E 144 -30.89 0.51 -24.79
CA LYS E 144 -32.24 1.07 -24.49
C LYS E 144 -32.17 2.43 -23.77
N VAL E 145 -31.33 2.55 -22.77
CA VAL E 145 -31.16 3.80 -22.05
C VAL E 145 -30.64 4.89 -23.00
N LYS E 146 -29.66 4.53 -23.84
CA LYS E 146 -29.13 5.45 -24.84
C LYS E 146 -30.23 6.00 -25.71
N GLY E 147 -31.10 5.11 -26.23
CA GLY E 147 -32.23 5.59 -27.07
C GLY E 147 -33.19 6.49 -26.34
N ARG E 148 -33.53 6.13 -25.11
CA ARG E 148 -34.52 6.90 -24.38
C ARG E 148 -33.96 8.31 -24.06
N MET E 149 -32.67 8.39 -23.71
CA MET E 149 -32.03 9.66 -23.39
C MET E 149 -31.98 10.52 -24.64
N ASN E 150 -31.68 9.91 -25.79
CA ASN E 150 -31.72 10.66 -27.04
C ASN E 150 -33.15 11.22 -27.38
N GLU E 151 -34.19 10.38 -27.19
CA GLU E 151 -35.59 10.82 -27.41
C GLU E 151 -35.94 12.03 -26.55
N LEU E 152 -35.51 11.99 -25.29
CA LEU E 152 -35.74 13.09 -24.33
C LEU E 152 -34.95 14.35 -24.75
N MET E 153 -33.70 14.18 -25.16
CA MET E 153 -32.86 15.30 -25.62
C MET E 153 -33.49 15.97 -26.85
N ALA E 154 -34.00 15.14 -27.76
CA ALA E 154 -34.63 15.66 -28.96
C ALA E 154 -35.90 16.45 -28.56
N LEU E 155 -36.64 15.94 -27.59
CA LEU E 155 -37.85 16.59 -27.14
C LEU E 155 -37.53 18.00 -26.62
N HIS E 156 -36.57 18.08 -25.73
CA HIS E 156 -36.23 19.32 -25.06
C HIS E 156 -35.48 20.32 -25.97
N THR E 157 -34.65 19.83 -26.88
CA THR E 157 -33.87 20.72 -27.74
C THR E 157 -34.61 21.12 -28.98
N GLY E 158 -35.58 20.32 -29.40
CA GLY E 158 -36.28 20.60 -30.63
C GLY E 158 -35.55 20.09 -31.85
N GLN E 159 -34.42 19.39 -31.64
CA GLN E 159 -33.65 18.79 -32.73
C GLN E 159 -34.35 17.50 -33.09
N SER E 160 -34.16 17.00 -34.31
CA SER E 160 -34.69 15.67 -34.61
C SER E 160 -33.98 14.61 -33.82
N LEU E 161 -34.64 13.48 -33.63
CA LEU E 161 -33.96 12.37 -32.98
C LEU E 161 -32.72 11.96 -33.80
N GLU E 162 -32.82 11.97 -35.14
CA GLU E 162 -31.63 11.62 -35.98
C GLU E 162 -30.43 12.54 -35.73
N GLN E 163 -30.67 13.85 -35.64
CA GLN E 163 -29.63 14.85 -35.39
C GLN E 163 -28.97 14.56 -34.05
N ILE E 164 -29.79 14.36 -33.02
CA ILE E 164 -29.27 14.07 -31.65
C ILE E 164 -28.36 12.82 -31.61
N GLU E 165 -28.85 11.74 -32.21
CA GLU E 165 -28.13 10.47 -32.25
C GLU E 165 -26.76 10.72 -32.93
N ARG E 166 -26.78 11.41 -34.07
CA ARG E 166 -25.56 11.64 -34.81
C ARG E 166 -24.58 12.51 -34.06
N ASP E 167 -25.09 13.52 -33.35
CA ASP E 167 -24.23 14.50 -32.67
C ASP E 167 -23.67 14.01 -31.36
N THR E 168 -24.22 12.90 -30.85
CA THR E 168 -23.83 12.44 -29.51
C THR E 168 -22.99 11.16 -29.57
N GLU E 169 -22.65 10.71 -30.80
CA GLU E 169 -21.82 9.48 -30.93
C GLU E 169 -20.41 9.70 -30.30
N ARG E 170 -19.93 10.94 -30.41
CA ARG E 170 -18.70 11.32 -29.67
C ARG E 170 -18.96 12.61 -28.92
N ASP E 171 -18.09 12.94 -27.95
CA ASP E 171 -18.25 14.22 -27.21
C ASP E 171 -18.38 15.40 -28.18
N ARG E 172 -19.34 16.27 -27.90
CA ARG E 172 -19.59 17.46 -28.68
C ARG E 172 -19.67 18.63 -27.69
N PHE E 173 -18.79 19.61 -27.89
CA PHE E 173 -18.70 20.81 -27.06
C PHE E 173 -19.42 21.96 -27.72
N LEU E 174 -20.14 22.73 -26.90
CA LEU E 174 -20.88 23.92 -27.38
C LEU E 174 -20.59 25.13 -26.47
N SER E 175 -20.17 26.23 -27.07
CA SER E 175 -20.16 27.52 -26.39
C SER E 175 -21.59 27.85 -25.96
N ALA E 176 -21.78 28.84 -25.09
CA ALA E 176 -23.13 29.28 -24.71
C ALA E 176 -24.01 29.79 -25.92
N PRO E 177 -23.43 30.60 -26.85
CA PRO E 177 -24.12 30.98 -28.11
C PRO E 177 -24.54 29.77 -28.95
N GLU E 178 -23.62 28.80 -29.10
CA GLU E 178 -23.95 27.56 -29.80
C GLU E 178 -25.04 26.76 -29.11
N ALA E 179 -25.06 26.76 -27.77
CA ALA E 179 -26.07 26.05 -26.97
C ALA E 179 -27.47 26.67 -27.15
N VAL E 180 -27.51 28.00 -27.30
CA VAL E 180 -28.76 28.68 -27.63
C VAL E 180 -29.23 28.26 -29.04
N GLU E 181 -28.31 28.28 -29.99
CA GLU E 181 -28.62 27.96 -31.39
C GLU E 181 -29.08 26.49 -31.52
N TYR E 182 -28.47 25.62 -30.72
CA TYR E 182 -28.81 24.19 -30.72
C TYR E 182 -30.19 23.89 -30.16
N GLY E 183 -30.77 24.83 -29.40
CA GLY E 183 -32.02 24.52 -28.68
C GLY E 183 -31.80 23.95 -27.29
N LEU E 184 -30.54 23.90 -26.84
CA LEU E 184 -30.26 23.39 -25.53
C LEU E 184 -30.69 24.34 -24.38
N VAL E 185 -30.41 25.63 -24.54
CA VAL E 185 -30.96 26.62 -23.64
C VAL E 185 -31.72 27.60 -24.50
N ASP E 186 -32.51 28.43 -23.83
CA ASP E 186 -33.29 29.48 -24.46
C ASP E 186 -32.52 30.76 -24.73
N SER E 187 -31.71 31.19 -23.78
CA SER E 187 -30.99 32.48 -23.92
C SER E 187 -29.76 32.53 -23.04
N ILE E 188 -28.85 33.44 -23.37
CA ILE E 188 -27.72 33.75 -22.50
C ILE E 188 -28.11 34.77 -21.43
N LEU E 189 -27.78 34.46 -20.19
CA LEU E 189 -27.94 35.41 -19.08
C LEU E 189 -26.64 36.22 -18.85
N THR E 190 -26.66 37.55 -18.90
CA THR E 190 -25.38 38.29 -18.74
C THR E 190 -25.29 39.18 -17.47
N HIS E 191 -26.19 40.16 -17.38
CA HIS E 191 -26.30 41.05 -16.21
C HIS E 191 -27.65 40.87 -15.50
N ARG E 192 -27.71 41.28 -14.23
CA ARG E 192 -28.92 41.12 -13.41
C ARG E 192 -29.94 42.23 -13.67
N ASN E 193 -31.16 41.83 -14.06
CA ASN E 193 -32.22 42.76 -14.44
C ASN E 193 -33.48 42.64 -13.57
N LEU F 2 -23.36 20.42 4.42
CA LEU F 2 -23.90 19.58 3.29
C LEU F 2 -25.45 19.46 3.33
N VAL F 3 -26.01 19.25 4.51
CA VAL F 3 -27.45 19.09 4.62
C VAL F 3 -28.11 20.41 4.98
N PRO F 4 -28.89 21.00 4.04
CA PRO F 4 -29.48 22.31 4.34
C PRO F 4 -30.56 22.18 5.42
N MET F 5 -31.05 23.29 5.93
CA MET F 5 -31.97 23.23 7.07
C MET F 5 -33.04 24.34 7.07
N VAL F 6 -34.11 24.14 7.83
CA VAL F 6 -35.22 25.09 7.82
C VAL F 6 -35.62 25.43 9.26
N ILE F 7 -35.93 26.71 9.48
CA ILE F 7 -36.45 27.19 10.77
C ILE F 7 -37.52 28.27 10.57
N ARG F 15 -37.70 26.59 15.73
CA ARG F 15 -37.04 25.29 15.81
C ARG F 15 -36.54 24.82 14.45
N SER F 16 -35.26 24.40 14.42
CA SER F 16 -34.51 24.04 13.22
C SER F 16 -34.72 22.57 12.82
N PHE F 17 -34.74 22.30 11.51
CA PHE F 17 -34.86 20.95 10.94
C PHE F 17 -33.95 20.86 9.71
N ASP F 18 -33.14 19.79 9.52
CA ASP F 18 -32.41 19.60 8.23
C ASP F 18 -33.43 19.34 7.08
N ILE F 19 -33.07 19.42 5.79
CA ILE F 19 -34.02 19.20 4.65
C ILE F 19 -34.86 17.91 4.76
N TYR F 20 -34.21 16.82 5.19
CA TYR F 20 -34.89 15.55 5.28
C TYR F 20 -35.80 15.53 6.47
N SER F 21 -35.37 16.20 7.55
CA SER F 21 -36.19 16.34 8.74
C SER F 21 -37.45 17.14 8.39
N ARG F 22 -37.27 18.18 7.61
CA ARG F 22 -38.38 18.99 7.15
C ARG F 22 -39.42 18.16 6.38
N LEU F 23 -38.95 17.36 5.42
CA LEU F 23 -39.81 16.55 4.58
C LEU F 23 -40.46 15.44 5.37
N LEU F 24 -39.90 15.17 6.54
CA LEU F 24 -40.44 14.22 7.44
C LEU F 24 -41.78 14.70 8.01
N LYS F 25 -42.00 16.00 8.19
CA LYS F 25 -43.35 16.48 8.51
C LYS F 25 -44.34 16.33 7.38
N GLU F 26 -43.83 16.13 6.17
CA GLU F 26 -44.68 15.82 5.04
C GLU F 26 -45.02 14.35 5.00
N ARG F 27 -44.48 13.60 5.95
CA ARG F 27 -44.59 12.15 6.04
C ARG F 27 -43.90 11.46 4.88
N VAL F 28 -42.79 12.07 4.46
CA VAL F 28 -41.96 11.58 3.31
C VAL F 28 -40.60 11.05 3.84
N ILE F 29 -40.22 9.86 3.40
CA ILE F 29 -38.99 9.20 3.84
C ILE F 29 -38.22 8.81 2.57
N PHE F 30 -36.89 8.93 2.58
CA PHE F 30 -36.09 8.61 1.37
C PHE F 30 -35.27 7.36 1.65
N LEU F 31 -35.30 6.41 0.73
CA LEU F 31 -34.37 5.28 0.73
C LEU F 31 -33.49 5.49 -0.48
N THR F 32 -32.22 5.81 -0.25
CA THR F 32 -31.28 6.15 -1.33
C THR F 32 -30.00 5.33 -1.15
N GLY F 33 -29.53 4.72 -2.25
CA GLY F 33 -28.28 3.95 -2.19
C GLY F 33 -28.42 2.51 -1.76
N GLN F 34 -27.28 1.90 -1.49
CA GLN F 34 -27.18 0.47 -1.18
C GLN F 34 -27.91 0.22 0.14
N VAL F 35 -28.76 -0.79 0.14
CA VAL F 35 -29.45 -1.21 1.34
C VAL F 35 -28.48 -1.97 2.30
N GLU F 36 -28.39 -1.46 3.52
CA GLU F 36 -27.49 -2.05 4.53
C GLU F 36 -28.10 -1.78 5.92
N ASP F 37 -27.62 -2.47 6.96
CA ASP F 37 -28.27 -2.39 8.25
C ASP F 37 -28.52 -1.00 8.82
N HIS F 38 -27.52 -0.11 8.77
CA HIS F 38 -27.69 1.13 9.51
C HIS F 38 -28.59 2.12 8.77
N MET F 39 -28.39 2.28 7.47
CA MET F 39 -29.31 3.10 6.70
C MET F 39 -30.76 2.54 6.76
N ALA F 40 -30.90 1.21 6.82
CA ALA F 40 -32.23 0.56 6.94
C ALA F 40 -32.85 0.83 8.30
N ASN F 41 -32.01 0.84 9.34
CA ASN F 41 -32.46 1.21 10.70
C ASN F 41 -33.01 2.64 10.77
N LEU F 42 -32.34 3.55 10.06
CA LEU F 42 -32.81 4.92 10.03
C LEU F 42 -34.19 4.98 9.36
N ILE F 43 -34.38 4.19 8.31
CA ILE F 43 -35.71 4.16 7.65
C ILE F 43 -36.79 3.56 8.58
N VAL F 44 -36.43 2.48 9.26
CA VAL F 44 -37.32 1.86 10.27
C VAL F 44 -37.76 2.86 11.34
N ALA F 45 -36.78 3.62 11.86
CA ALA F 45 -37.00 4.56 12.96
C ALA F 45 -37.93 5.66 12.48
N GLN F 46 -37.68 6.21 11.29
CA GLN F 46 -38.59 7.15 10.65
C GLN F 46 -40.01 6.59 10.47
N MET F 47 -40.12 5.32 10.04
CA MET F 47 -41.47 4.72 9.92
C MET F 47 -42.19 4.64 11.26
N LEU F 48 -41.47 4.21 12.30
CA LEU F 48 -42.03 4.06 13.62
C LEU F 48 -42.40 5.42 14.19
N PHE F 49 -41.50 6.38 14.00
CA PHE F 49 -41.81 7.78 14.32
C PHE F 49 -43.11 8.30 13.68
N LEU F 50 -43.24 8.15 12.38
CA LEU F 50 -44.42 8.62 11.69
C LEU F 50 -45.71 7.92 12.11
N GLU F 51 -45.68 6.60 12.28
CA GLU F 51 -46.81 5.88 12.88
C GLU F 51 -47.28 6.49 14.21
N ALA F 52 -46.33 6.74 15.13
CA ALA F 52 -46.64 7.33 16.43
C ALA F 52 -47.24 8.71 16.28
N GLU F 53 -46.75 9.48 15.33
CA GLU F 53 -47.29 10.83 15.12
C GLU F 53 -48.74 10.79 14.67
N ASN F 54 -49.02 9.88 13.74
CA ASN F 54 -50.37 9.68 13.24
C ASN F 54 -50.48 8.33 12.56
N PRO F 55 -51.20 7.34 13.18
CA PRO F 55 -51.26 5.98 12.67
C PRO F 55 -52.24 5.78 11.51
N GLU F 56 -53.01 6.82 11.23
CA GLU F 56 -53.95 6.79 10.12
C GLU F 56 -53.35 7.16 8.78
N LYS F 57 -52.44 8.14 8.79
CA LYS F 57 -52.06 8.88 7.58
C LYS F 57 -50.96 8.14 6.84
N ASP F 58 -51.06 8.19 5.52
CA ASP F 58 -50.10 7.46 4.66
C ASP F 58 -48.69 7.98 4.85
N ILE F 59 -47.72 7.11 4.61
CA ILE F 59 -46.31 7.48 4.63
C ILE F 59 -45.84 7.29 3.20
N TYR F 60 -44.93 8.16 2.75
CA TYR F 60 -44.43 8.10 1.37
C TYR F 60 -42.92 7.74 1.46
N LEU F 61 -42.58 6.64 0.85
CA LEU F 61 -41.21 6.16 0.78
C LEU F 61 -40.68 6.32 -0.68
N TYR F 62 -39.80 7.27 -0.89
CA TYR F 62 -39.13 7.41 -2.22
C TYR F 62 -37.94 6.48 -2.21
N ILE F 63 -37.80 5.72 -3.29
CA ILE F 63 -36.77 4.71 -3.39
C ILE F 63 -35.92 5.01 -4.64
N ASN F 64 -34.63 5.19 -4.42
CA ASN F 64 -33.63 5.18 -5.50
C ASN F 64 -32.43 4.34 -5.03
N SER F 65 -32.37 3.08 -5.45
CA SER F 65 -31.38 2.16 -4.88
C SER F 65 -30.96 1.10 -5.87
N PRO F 66 -29.65 0.78 -5.91
CA PRO F 66 -29.09 -0.32 -6.69
C PRO F 66 -29.27 -1.69 -6.08
N GLY F 67 -29.79 -1.75 -4.85
CA GLY F 67 -30.08 -3.03 -4.17
C GLY F 67 -29.35 -3.04 -2.84
N GLY F 68 -29.01 -4.21 -2.36
CA GLY F 68 -28.51 -4.32 -1.03
C GLY F 68 -28.65 -5.67 -0.36
N VAL F 69 -28.38 -5.64 0.93
CA VAL F 69 -28.33 -6.81 1.79
C VAL F 69 -29.75 -7.26 2.11
N ILE F 70 -30.01 -8.55 1.90
CA ILE F 70 -31.35 -9.05 2.11
C ILE F 70 -31.93 -8.86 3.52
N THR F 71 -31.17 -9.25 4.53
CA THR F 71 -31.69 -9.12 5.87
C THR F 71 -31.95 -7.64 6.22
N ALA F 72 -31.05 -6.73 5.81
CA ALA F 72 -31.26 -5.30 6.06
C ALA F 72 -32.59 -4.84 5.41
N GLY F 73 -32.79 -5.23 4.18
CA GLY F 73 -34.02 -4.98 3.41
C GLY F 73 -35.24 -5.53 4.10
N MET F 74 -35.10 -6.70 4.73
CA MET F 74 -36.29 -7.38 5.35
C MET F 74 -36.67 -6.67 6.63
N SER F 75 -35.71 -6.04 7.34
CA SER F 75 -36.09 -5.13 8.46
C SER F 75 -37.08 -4.01 8.02
N ILE F 76 -36.78 -3.34 6.92
CA ILE F 76 -37.74 -2.40 6.30
C ILE F 76 -39.07 -3.06 5.87
N TYR F 77 -38.95 -4.14 5.10
CA TYR F 77 -40.13 -4.86 4.60
C TYR F 77 -41.09 -5.17 5.75
N ASP F 78 -40.59 -5.74 6.85
CA ASP F 78 -41.48 -6.12 7.88
C ASP F 78 -42.04 -4.93 8.62
N THR F 79 -41.23 -3.87 8.71
CA THR F 79 -41.73 -2.67 9.41
C THR F 79 -42.88 -2.05 8.61
N MET F 80 -42.71 -2.03 7.28
CA MET F 80 -43.71 -1.51 6.33
C MET F 80 -45.03 -2.22 6.53
N GLN F 81 -44.97 -3.54 6.70
CA GLN F 81 -46.22 -4.32 6.88
C GLN F 81 -46.79 -4.18 8.29
N PHE F 82 -45.90 -4.11 9.31
CA PHE F 82 -46.29 -4.11 10.70
C PHE F 82 -46.97 -2.82 11.13
N ILE F 83 -46.49 -1.67 10.67
CA ILE F 83 -47.04 -0.37 11.13
C ILE F 83 -48.46 -0.12 10.70
N LYS F 84 -49.21 0.69 11.44
CA LYS F 84 -50.58 0.96 10.97
C LYS F 84 -50.73 1.72 9.67
N PRO F 85 -50.00 2.85 9.46
CA PRO F 85 -50.17 3.57 8.14
C PRO F 85 -49.82 2.72 6.90
N ASP F 86 -50.55 2.95 5.81
CA ASP F 86 -50.12 2.46 4.49
C ASP F 86 -48.80 3.11 4.13
N VAL F 87 -47.89 2.31 3.57
CA VAL F 87 -46.69 2.92 3.01
C VAL F 87 -46.77 2.92 1.51
N SER F 88 -46.82 4.14 0.97
CA SER F 88 -46.88 4.34 -0.50
C SER F 88 -45.42 4.46 -1.02
N THR F 89 -45.08 3.74 -2.08
CA THR F 89 -43.67 3.68 -2.52
C THR F 89 -43.63 4.41 -3.89
N ILE F 90 -42.51 5.09 -4.16
CA ILE F 90 -42.38 5.88 -5.37
C ILE F 90 -40.96 5.65 -5.83
N CYS F 91 -40.77 5.02 -6.99
CA CYS F 91 -39.45 4.84 -7.51
C CYS F 91 -38.99 6.07 -8.32
N MET F 92 -37.82 6.63 -7.98
CA MET F 92 -37.13 7.66 -8.78
C MET F 92 -35.74 7.18 -9.10
N GLY F 93 -35.33 7.33 -10.35
CA GLY F 93 -34.01 6.89 -10.74
C GLY F 93 -34.06 5.40 -11.01
N GLN F 94 -33.83 4.56 -10.01
CA GLN F 94 -33.97 3.10 -10.20
C GLN F 94 -34.37 2.45 -8.88
N ALA F 95 -34.95 1.26 -8.99
CA ALA F 95 -35.15 0.40 -7.84
C ALA F 95 -34.69 -1.00 -8.31
N ALA F 96 -33.50 -1.43 -7.89
CA ALA F 96 -32.86 -2.68 -8.39
C ALA F 96 -32.77 -3.67 -7.24
N SER F 97 -33.20 -4.90 -7.51
CA SER F 97 -33.10 -5.97 -6.52
C SER F 97 -33.77 -5.64 -5.18
N MET F 98 -33.01 -5.45 -4.08
CA MET F 98 -33.69 -5.16 -2.81
C MET F 98 -34.53 -3.87 -2.92
N GLY F 99 -34.06 -2.91 -3.73
CA GLY F 99 -34.85 -1.68 -3.99
C GLY F 99 -36.21 -1.98 -4.68
N ALA F 100 -36.18 -2.85 -5.68
CA ALA F 100 -37.45 -3.29 -6.40
C ALA F 100 -38.39 -4.05 -5.48
N PHE F 101 -37.80 -4.91 -4.61
CA PHE F 101 -38.57 -5.67 -3.68
C PHE F 101 -39.33 -4.74 -2.69
N LEU F 102 -38.65 -3.73 -2.16
CA LEU F 102 -39.31 -2.82 -1.23
C LEU F 102 -40.31 -1.92 -1.94
N LEU F 103 -40.01 -1.62 -3.22
CA LEU F 103 -40.96 -0.87 -4.06
C LEU F 103 -42.30 -1.64 -4.19
N THR F 104 -42.20 -2.92 -4.53
CA THR F 104 -43.44 -3.71 -4.79
C THR F 104 -44.17 -4.07 -3.48
N ALA F 105 -43.47 -3.92 -2.35
CA ALA F 105 -43.99 -4.21 -1.00
C ALA F 105 -44.87 -3.06 -0.42
N GLY F 106 -44.93 -1.94 -1.17
CA GLY F 106 -45.83 -0.82 -0.79
C GLY F 106 -47.33 -1.20 -0.75
N ALA F 107 -48.18 -0.34 -0.21
CA ALA F 107 -49.57 -0.66 -0.06
C ALA F 107 -50.20 -0.78 -1.49
N LYS F 108 -51.14 -1.71 -1.64
CA LYS F 108 -51.76 -2.02 -2.96
C LYS F 108 -52.47 -0.74 -3.41
N GLY F 109 -52.22 -0.34 -4.65
CA GLY F 109 -52.83 0.85 -5.25
C GLY F 109 -52.02 2.09 -4.98
N LYS F 110 -50.99 1.94 -4.15
CA LYS F 110 -50.14 3.08 -3.76
C LYS F 110 -48.65 2.94 -4.13
N ARG F 111 -48.37 2.09 -5.11
CA ARG F 111 -46.99 1.91 -5.53
C ARG F 111 -46.77 2.56 -6.89
N PHE F 112 -45.73 3.37 -7.04
CA PHE F 112 -45.56 4.20 -8.26
C PHE F 112 -44.12 4.18 -8.79
N CYS F 113 -43.98 4.20 -10.11
CA CYS F 113 -42.75 4.58 -10.77
C CYS F 113 -42.94 6.01 -11.31
N LEU F 114 -41.88 6.80 -11.27
CA LEU F 114 -41.83 8.01 -12.12
C LEU F 114 -41.48 7.61 -13.53
N PRO F 115 -41.83 8.45 -14.52
CA PRO F 115 -41.91 7.95 -15.88
C PRO F 115 -40.64 7.35 -16.45
N ASN F 116 -39.49 7.90 -16.03
CA ASN F 116 -38.20 7.44 -16.55
C ASN F 116 -37.38 6.61 -15.54
N SER F 117 -38.00 6.14 -14.47
CA SER F 117 -37.28 5.25 -13.60
C SER F 117 -37.21 3.88 -14.25
N ARG F 118 -36.26 3.09 -13.79
CA ARG F 118 -36.19 1.71 -14.24
C ARG F 118 -36.13 0.82 -13.03
N VAL F 119 -36.65 -0.38 -13.19
CA VAL F 119 -36.70 -1.34 -12.08
C VAL F 119 -35.85 -2.56 -12.56
N MET F 120 -35.15 -3.22 -11.65
CA MET F 120 -34.43 -4.42 -12.05
C MET F 120 -34.64 -5.45 -10.96
N ILE F 121 -34.83 -6.72 -11.36
CA ILE F 121 -35.00 -7.78 -10.41
C ILE F 121 -34.02 -8.93 -10.70
N HIS F 122 -33.68 -9.68 -9.65
CA HIS F 122 -32.70 -10.77 -9.76
C HIS F 122 -32.70 -11.63 -8.51
N GLN F 123 -32.08 -12.80 -8.63
CA GLN F 123 -32.07 -13.74 -7.47
C GLN F 123 -30.96 -13.35 -6.54
N PRO F 124 -30.91 -13.96 -5.34
CA PRO F 124 -29.81 -13.65 -4.42
C PRO F 124 -28.42 -14.05 -4.92
N LEU F 125 -27.43 -13.28 -4.44
CA LEU F 125 -26.00 -13.51 -4.66
C LEU F 125 -25.36 -13.59 -3.28
N GLY F 126 -24.36 -14.46 -3.19
CA GLY F 126 -23.72 -14.67 -1.88
C GLY F 126 -22.39 -15.38 -2.07
N GLY F 127 -21.80 -15.82 -0.97
CA GLY F 127 -20.48 -16.39 -1.11
C GLY F 127 -20.07 -16.86 0.24
N TYR F 128 -19.44 -18.03 0.25
CA TYR F 128 -19.01 -18.65 1.51
C TYR F 128 -17.69 -19.34 1.28
N GLN F 129 -16.93 -19.58 2.35
CA GLN F 129 -15.66 -20.22 2.29
C GLN F 129 -15.65 -21.10 3.52
N GLY F 130 -15.28 -22.38 3.37
CA GLY F 130 -15.25 -23.24 4.55
C GLY F 130 -15.24 -24.70 4.19
N GLN F 131 -15.47 -25.53 5.19
CA GLN F 131 -15.52 -26.96 4.97
C GLN F 131 -16.74 -27.28 4.13
N ALA F 132 -16.68 -28.36 3.34
CA ALA F 132 -17.85 -28.79 2.55
C ALA F 132 -19.16 -28.96 3.41
N THR F 133 -19.05 -29.43 4.64
CA THR F 133 -20.24 -29.52 5.56
C THR F 133 -20.90 -28.14 5.73
N ASP F 134 -20.07 -27.12 5.97
CA ASP F 134 -20.53 -25.72 6.12
C ASP F 134 -21.02 -25.08 4.85
N ILE F 135 -20.34 -25.38 3.74
CA ILE F 135 -20.79 -24.93 2.39
C ILE F 135 -22.27 -25.37 2.14
N GLU F 136 -22.53 -26.63 2.45
CA GLU F 136 -23.86 -27.20 2.23
C GLU F 136 -24.90 -26.47 3.12
N ILE F 137 -24.60 -26.28 4.38
CA ILE F 137 -25.45 -25.51 5.29
C ILE F 137 -25.78 -24.16 4.72
N HIS F 138 -24.75 -23.44 4.24
CA HIS F 138 -24.95 -22.11 3.74
C HIS F 138 -25.65 -22.07 2.39
N ALA F 139 -25.33 -23.04 1.53
CA ALA F 139 -25.98 -23.10 0.25
C ALA F 139 -27.50 -23.38 0.52
N ARG F 140 -27.81 -24.27 1.47
CA ARG F 140 -29.23 -24.60 1.80
C ARG F 140 -29.94 -23.31 2.24
N GLU F 141 -29.22 -22.50 3.00
CA GLU F 141 -29.81 -21.29 3.52
C GLU F 141 -30.06 -20.25 2.44
N ILE F 142 -29.08 -20.08 1.53
CA ILE F 142 -29.35 -19.09 0.48
C ILE F 142 -30.51 -19.54 -0.43
N LEU F 143 -30.66 -20.84 -0.59
CA LEU F 143 -31.76 -21.30 -1.44
C LEU F 143 -33.09 -21.11 -0.74
N LYS F 144 -33.12 -21.33 0.56
CA LYS F 144 -34.35 -21.04 1.37
C LYS F 144 -34.74 -19.57 1.28
N VAL F 145 -33.73 -18.71 1.40
CA VAL F 145 -33.94 -17.28 1.23
C VAL F 145 -34.44 -16.91 -0.17
N LYS F 146 -33.87 -17.51 -1.21
CA LYS F 146 -34.25 -17.25 -2.58
C LYS F 146 -35.76 -17.61 -2.69
N GLY F 147 -36.15 -18.73 -2.11
CA GLY F 147 -37.54 -19.19 -2.25
C GLY F 147 -38.50 -18.28 -1.53
N ARG F 148 -38.16 -17.90 -0.32
CA ARG F 148 -39.02 -17.04 0.48
C ARG F 148 -39.18 -15.67 -0.22
N MET F 149 -38.09 -15.12 -0.78
CA MET F 149 -38.19 -13.84 -1.49
C MET F 149 -39.02 -14.00 -2.75
N ASN F 150 -38.85 -15.09 -3.50
CA ASN F 150 -39.81 -15.32 -4.61
C ASN F 150 -41.32 -15.45 -4.18
N GLU F 151 -41.56 -16.13 -3.07
CA GLU F 151 -42.96 -16.22 -2.53
C GLU F 151 -43.53 -14.82 -2.22
N LEU F 152 -42.70 -13.95 -1.64
CA LEU F 152 -43.15 -12.56 -1.30
C LEU F 152 -43.33 -11.71 -2.55
N MET F 153 -42.41 -11.88 -3.52
CA MET F 153 -42.56 -11.19 -4.82
C MET F 153 -43.83 -11.64 -5.52
N ALA F 154 -44.11 -12.93 -5.48
CA ALA F 154 -45.34 -13.45 -6.08
C ALA F 154 -46.59 -12.82 -5.40
N LEU F 155 -46.57 -12.77 -4.07
CA LEU F 155 -47.67 -12.22 -3.30
C LEU F 155 -47.94 -10.75 -3.74
N HIS F 156 -46.90 -9.94 -3.91
CA HIS F 156 -47.07 -8.50 -4.12
C HIS F 156 -47.36 -8.16 -5.57
N THR F 157 -46.86 -8.98 -6.52
CA THR F 157 -47.02 -8.70 -7.97
C THR F 157 -48.20 -9.44 -8.55
N GLY F 158 -48.60 -10.50 -7.90
CA GLY F 158 -49.66 -11.33 -8.41
C GLY F 158 -49.22 -12.34 -9.46
N GLN F 159 -47.92 -12.44 -9.73
CA GLN F 159 -47.36 -13.46 -10.66
C GLN F 159 -47.28 -14.74 -9.91
N SER F 160 -47.22 -15.89 -10.62
CA SER F 160 -46.99 -17.14 -9.90
C SER F 160 -45.59 -17.31 -9.33
N LEU F 161 -45.46 -18.22 -8.38
CA LEU F 161 -44.16 -18.45 -7.75
C LEU F 161 -43.11 -18.90 -8.78
N GLU F 162 -43.48 -19.88 -9.60
CA GLU F 162 -42.57 -20.52 -10.57
C GLU F 162 -42.15 -19.47 -11.62
N GLN F 163 -43.10 -18.61 -12.00
CA GLN F 163 -42.81 -17.53 -12.97
C GLN F 163 -41.80 -16.49 -12.47
N ILE F 164 -41.98 -15.99 -11.24
CA ILE F 164 -41.04 -15.02 -10.68
C ILE F 164 -39.66 -15.64 -10.62
N GLU F 165 -39.59 -16.91 -10.24
CA GLU F 165 -38.29 -17.57 -10.10
C GLU F 165 -37.63 -17.69 -11.48
N ARG F 166 -38.40 -18.08 -12.49
CA ARG F 166 -37.89 -18.14 -13.84
C ARG F 166 -37.35 -16.79 -14.33
N ASP F 167 -38.08 -15.71 -14.04
CA ASP F 167 -37.77 -14.39 -14.60
C ASP F 167 -36.63 -13.70 -13.82
N THR F 168 -36.25 -14.27 -12.71
CA THR F 168 -35.20 -13.67 -11.88
C THR F 168 -33.93 -14.49 -11.86
N GLU F 169 -33.82 -15.54 -12.69
CA GLU F 169 -32.56 -16.32 -12.72
C GLU F 169 -31.36 -15.45 -13.17
N ARG F 170 -31.66 -14.53 -14.08
CA ARG F 170 -30.70 -13.53 -14.47
C ARG F 170 -31.33 -12.15 -14.26
N ASP F 171 -30.49 -11.13 -14.14
CA ASP F 171 -30.96 -9.72 -14.13
C ASP F 171 -32.05 -9.47 -15.20
N ARG F 172 -33.12 -8.77 -14.80
CA ARG F 172 -34.16 -8.46 -15.72
C ARG F 172 -34.48 -7.00 -15.51
N PHE F 173 -34.32 -6.18 -16.53
CA PHE F 173 -34.68 -4.73 -16.45
C PHE F 173 -36.09 -4.45 -16.93
N LEU F 174 -36.78 -3.52 -16.24
CA LEU F 174 -38.13 -3.09 -16.65
C LEU F 174 -38.25 -1.59 -16.70
N SER F 175 -38.80 -1.08 -17.79
CA SER F 175 -39.24 0.33 -17.83
C SER F 175 -40.38 0.53 -16.85
N ALA F 176 -40.76 1.81 -16.60
CA ALA F 176 -41.92 2.03 -15.71
C ALA F 176 -43.21 1.35 -16.29
N PRO F 177 -43.54 1.51 -17.58
CA PRO F 177 -44.77 0.79 -18.05
C PRO F 177 -44.64 -0.72 -17.95
N GLU F 178 -43.45 -1.25 -18.20
CA GLU F 178 -43.26 -2.70 -17.98
C GLU F 178 -43.40 -3.12 -16.50
N ALA F 179 -42.97 -2.25 -15.58
CA ALA F 179 -43.03 -2.57 -14.16
C ALA F 179 -44.52 -2.59 -13.75
N VAL F 180 -45.31 -1.69 -14.34
CA VAL F 180 -46.77 -1.71 -14.10
C VAL F 180 -47.37 -3.06 -14.65
N GLU F 181 -47.07 -3.41 -15.90
CA GLU F 181 -47.57 -4.67 -16.49
C GLU F 181 -47.19 -5.93 -15.68
N TYR F 182 -45.98 -5.95 -15.15
CA TYR F 182 -45.47 -7.06 -14.30
C TYR F 182 -46.21 -7.16 -12.95
N GLY F 183 -46.82 -6.07 -12.51
CA GLY F 183 -47.43 -6.05 -11.15
C GLY F 183 -46.52 -5.53 -10.04
N LEU F 184 -45.36 -4.98 -10.41
CA LEU F 184 -44.42 -4.46 -9.43
C LEU F 184 -44.92 -3.14 -8.82
N VAL F 185 -45.47 -2.27 -9.69
CA VAL F 185 -46.15 -1.05 -9.22
C VAL F 185 -47.54 -0.97 -9.81
N ASP F 186 -48.33 -0.05 -9.26
CA ASP F 186 -49.71 0.11 -9.68
C ASP F 186 -49.87 1.12 -10.78
N SER F 187 -48.99 2.12 -10.80
CA SER F 187 -49.15 3.24 -11.69
C SER F 187 -47.85 4.03 -11.94
N ILE F 188 -47.94 4.99 -12.85
CA ILE F 188 -46.82 5.84 -13.14
C ILE F 188 -47.26 7.23 -12.70
N LEU F 189 -46.46 7.91 -11.87
CA LEU F 189 -46.71 9.33 -11.56
C LEU F 189 -46.11 10.22 -12.64
N THR F 190 -46.87 11.14 -13.24
CA THR F 190 -46.24 12.04 -14.23
C THR F 190 -46.18 13.52 -13.85
N HIS F 191 -47.33 14.10 -13.47
CA HIS F 191 -47.43 15.51 -13.13
C HIS F 191 -48.31 15.55 -11.91
N ARG F 192 -47.87 16.28 -10.90
CA ARG F 192 -48.59 16.40 -9.67
C ARG F 192 -50.03 16.88 -9.96
N ASN F 193 -51.01 16.20 -9.36
CA ASN F 193 -52.42 16.59 -9.48
C ASN F 193 -52.70 17.91 -8.77
N LEU G 2 -26.91 10.22 7.44
CA LEU G 2 -26.89 10.69 8.86
C LEU G 2 -28.32 11.05 9.30
N VAL G 3 -28.54 11.15 10.61
CA VAL G 3 -29.88 11.09 11.19
C VAL G 3 -30.70 12.37 11.09
N PRO G 4 -32.03 12.25 10.83
CA PRO G 4 -33.08 13.30 10.93
C PRO G 4 -33.16 14.12 12.22
N MET G 5 -33.20 15.44 12.10
CA MET G 5 -32.76 16.37 13.18
C MET G 5 -33.67 17.53 13.57
N VAL G 6 -34.24 17.49 14.78
CA VAL G 6 -34.90 18.67 15.39
C VAL G 6 -33.90 19.66 16.06
N SER G 16 -28.39 17.62 16.28
CA SER G 16 -28.21 16.95 17.59
C SER G 16 -29.36 15.96 17.98
N PHE G 17 -30.61 16.43 18.04
CA PHE G 17 -31.77 15.54 18.38
C PHE G 17 -32.28 14.66 17.20
N ASP G 18 -31.68 13.49 17.07
CA ASP G 18 -31.98 12.63 15.92
C ASP G 18 -33.18 11.71 16.14
N ILE G 19 -33.48 10.92 15.12
CA ILE G 19 -34.66 10.04 15.12
C ILE G 19 -34.55 9.01 16.25
N TYR G 20 -33.33 8.58 16.56
CA TYR G 20 -33.13 7.62 17.63
C TYR G 20 -33.47 8.15 19.01
N SER G 21 -33.19 9.44 19.25
CA SER G 21 -33.47 10.07 20.54
C SER G 21 -34.96 10.26 20.75
N ARG G 22 -35.67 10.59 19.68
CA ARG G 22 -37.13 10.69 19.83
C ARG G 22 -37.76 9.32 20.15
N LEU G 23 -37.24 8.26 19.54
CA LEU G 23 -37.76 6.95 19.80
C LEU G 23 -37.38 6.46 21.21
N LEU G 24 -36.27 6.99 21.74
CA LEU G 24 -35.80 6.65 23.11
C LEU G 24 -36.83 7.14 24.11
N LYS G 25 -37.43 8.30 23.79
CA LYS G 25 -38.48 8.92 24.60
C LYS G 25 -39.65 7.96 24.80
N GLU G 26 -39.88 7.07 23.84
CA GLU G 26 -40.88 6.02 23.93
C GLU G 26 -40.33 4.61 24.32
N ARG G 27 -39.13 4.59 24.91
CA ARG G 27 -38.54 3.40 25.52
C ARG G 27 -38.15 2.37 24.46
N VAL G 28 -37.72 2.84 23.30
CA VAL G 28 -37.32 1.95 22.20
C VAL G 28 -35.81 2.12 21.99
N ILE G 29 -35.11 1.02 22.04
CA ILE G 29 -33.65 1.03 21.82
C ILE G 29 -33.38 0.10 20.64
N PHE G 30 -32.44 0.50 19.78
CA PHE G 30 -32.03 -0.36 18.66
C PHE G 30 -30.63 -0.94 18.89
N LEU G 31 -30.51 -2.23 18.67
CA LEU G 31 -29.23 -2.90 18.60
C LEU G 31 -29.06 -3.32 17.11
N THR G 32 -28.14 -2.66 16.42
CA THR G 32 -27.96 -2.85 14.97
C THR G 32 -26.50 -3.12 14.66
N GLY G 33 -26.25 -4.21 13.92
CA GLY G 33 -24.92 -4.51 13.44
C GLY G 33 -24.12 -5.31 14.43
N GLN G 34 -22.81 -5.40 14.18
CA GLN G 34 -21.92 -6.27 15.00
C GLN G 34 -21.82 -5.77 16.41
N VAL G 35 -21.89 -6.71 17.35
CA VAL G 35 -21.87 -6.44 18.79
C VAL G 35 -20.39 -6.26 19.22
N GLU G 36 -20.08 -5.12 19.84
CA GLU G 36 -18.71 -4.71 20.05
C GLU G 36 -18.83 -3.80 21.28
N ASP G 37 -17.74 -3.61 22.03
CA ASP G 37 -17.83 -2.93 23.30
C ASP G 37 -18.50 -1.58 23.30
N HIS G 38 -18.23 -0.77 22.29
CA HIS G 38 -18.63 0.63 22.40
C HIS G 38 -20.12 0.78 22.07
N MET G 39 -20.52 0.16 20.96
CA MET G 39 -21.94 0.11 20.63
C MET G 39 -22.71 -0.60 21.75
N ALA G 40 -22.12 -1.60 22.41
CA ALA G 40 -22.76 -2.28 23.54
C ALA G 40 -22.88 -1.38 24.75
N ASN G 41 -21.86 -0.58 25.01
CA ASN G 41 -21.92 0.42 26.11
C ASN G 41 -23.05 1.41 25.84
N LEU G 42 -23.26 1.82 24.58
CA LEU G 42 -24.37 2.73 24.27
C LEU G 42 -25.71 2.12 24.64
N ILE G 43 -25.90 0.86 24.32
CA ILE G 43 -27.16 0.13 24.64
C ILE G 43 -27.34 0.01 26.16
N VAL G 44 -26.27 -0.41 26.85
CA VAL G 44 -26.27 -0.38 28.31
C VAL G 44 -26.65 1.01 28.87
N ALA G 45 -26.01 2.07 28.38
CA ALA G 45 -26.31 3.40 28.90
C ALA G 45 -27.81 3.77 28.67
N GLN G 46 -28.36 3.47 27.48
CA GLN G 46 -29.80 3.68 27.20
C GLN G 46 -30.70 2.87 28.14
N MET G 47 -30.34 1.61 28.39
CA MET G 47 -31.10 0.78 29.40
C MET G 47 -31.15 1.39 30.82
N LEU G 48 -29.98 1.76 31.32
CA LEU G 48 -29.89 2.37 32.64
C LEU G 48 -30.61 3.69 32.66
N PHE G 49 -30.52 4.47 31.58
CA PHE G 49 -31.24 5.72 31.50
C PHE G 49 -32.75 5.50 31.63
N LEU G 50 -33.26 4.49 30.93
CA LEU G 50 -34.72 4.27 30.81
C LEU G 50 -35.23 3.73 32.13
N GLU G 51 -34.38 2.93 32.79
CA GLU G 51 -34.69 2.38 34.11
C GLU G 51 -34.78 3.51 35.11
N ALA G 52 -33.86 4.48 35.00
CA ALA G 52 -33.90 5.62 35.91
C ALA G 52 -35.14 6.53 35.66
N GLU G 53 -35.51 6.68 34.38
CA GLU G 53 -36.68 7.45 34.00
C GLU G 53 -37.98 6.85 34.57
N ASN G 54 -38.14 5.53 34.43
CA ASN G 54 -39.31 4.79 34.96
C ASN G 54 -38.93 3.30 35.12
N PRO G 55 -38.75 2.83 36.36
CA PRO G 55 -38.30 1.44 36.56
C PRO G 55 -39.37 0.40 36.31
N GLU G 56 -40.62 0.84 36.16
CA GLU G 56 -41.73 -0.08 36.04
C GLU G 56 -42.10 -0.41 34.61
N LYS G 57 -41.89 0.53 33.68
CA LYS G 57 -42.36 0.39 32.29
C LYS G 57 -41.39 -0.43 31.46
N ASP G 58 -41.92 -1.28 30.60
CA ASP G 58 -41.13 -2.12 29.70
C ASP G 58 -40.28 -1.30 28.78
N ILE G 59 -39.15 -1.89 28.43
CA ILE G 59 -38.21 -1.36 27.44
C ILE G 59 -38.29 -2.27 26.22
N TYR G 60 -38.25 -1.67 25.02
CA TYR G 60 -38.31 -2.45 23.75
C TYR G 60 -36.95 -2.38 23.06
N LEU G 61 -36.37 -3.55 22.82
CA LEU G 61 -35.05 -3.66 22.18
C LEU G 61 -35.18 -4.36 20.84
N TYR G 62 -35.11 -3.58 19.74
CA TYR G 62 -35.04 -4.13 18.40
C TYR G 62 -33.64 -4.62 18.10
N ILE G 63 -33.57 -5.80 17.50
CA ILE G 63 -32.30 -6.44 17.27
C ILE G 63 -32.20 -6.78 15.77
N ASN G 64 -31.19 -6.21 15.12
CA ASN G 64 -30.83 -6.59 13.76
C ASN G 64 -29.29 -6.69 13.71
N SER G 65 -28.78 -7.92 13.82
CA SER G 65 -27.35 -8.11 14.11
C SER G 65 -26.89 -9.43 13.57
N PRO G 66 -25.70 -9.44 12.95
CA PRO G 66 -25.03 -10.63 12.48
C PRO G 66 -24.26 -11.37 13.57
N GLY G 67 -24.10 -10.75 14.75
CA GLY G 67 -23.43 -11.39 15.93
C GLY G 67 -22.40 -10.45 16.50
N GLY G 68 -21.38 -10.97 17.16
CA GLY G 68 -20.29 -10.17 17.58
C GLY G 68 -19.55 -10.78 18.75
N VAL G 69 -18.91 -9.90 19.53
CA VAL G 69 -17.95 -10.24 20.59
C VAL G 69 -18.73 -10.73 21.80
N ILE G 70 -18.36 -11.88 22.35
CA ILE G 70 -19.13 -12.45 23.49
C ILE G 70 -19.14 -11.55 24.74
N THR G 71 -17.97 -11.09 25.20
CA THR G 71 -17.95 -10.23 26.40
C THR G 71 -18.77 -8.94 26.19
N ALA G 72 -18.72 -8.31 24.98
CA ALA G 72 -19.53 -7.12 24.71
C ALA G 72 -21.04 -7.48 24.88
N GLY G 73 -21.41 -8.59 24.25
CA GLY G 73 -22.76 -9.15 24.33
C GLY G 73 -23.17 -9.40 25.77
N MET G 74 -22.28 -9.96 26.57
CA MET G 74 -22.64 -10.23 27.97
C MET G 74 -22.84 -8.95 28.78
N SER G 75 -22.21 -7.84 28.37
CA SER G 75 -22.46 -6.62 29.14
C SER G 75 -23.95 -6.25 29.01
N ILE G 76 -24.44 -6.38 27.77
CA ILE G 76 -25.85 -6.12 27.47
C ILE G 76 -26.74 -7.14 28.20
N TYR G 77 -26.41 -8.43 28.07
CA TYR G 77 -27.20 -9.49 28.71
C TYR G 77 -27.37 -9.24 30.21
N ASP G 78 -26.25 -8.98 30.89
CA ASP G 78 -26.33 -8.87 32.31
C ASP G 78 -27.06 -7.62 32.70
N THR G 79 -26.98 -6.57 31.87
CA THR G 79 -27.71 -5.30 32.20
C THR G 79 -29.21 -5.59 32.02
N MET G 80 -29.56 -6.36 30.97
CA MET G 80 -30.96 -6.73 30.67
C MET G 80 -31.53 -7.45 31.85
N GLN G 81 -30.74 -8.31 32.50
CA GLN G 81 -31.24 -9.05 33.68
C GLN G 81 -31.26 -8.27 34.99
N PHE G 82 -30.29 -7.36 35.16
CA PHE G 82 -30.09 -6.60 36.34
C PHE G 82 -31.13 -5.49 36.53
N ILE G 83 -31.49 -4.77 35.48
CA ILE G 83 -32.37 -3.59 35.61
C ILE G 83 -33.81 -3.99 36.01
N LYS G 84 -34.51 -3.07 36.66
CA LYS G 84 -35.90 -3.36 37.09
C LYS G 84 -36.91 -3.63 35.92
N PRO G 85 -36.93 -2.79 34.88
CA PRO G 85 -37.93 -3.04 33.82
C PRO G 85 -37.67 -4.34 33.04
N ASP G 86 -38.77 -4.94 32.58
CA ASP G 86 -38.73 -5.99 31.57
C ASP G 86 -38.17 -5.43 30.26
N VAL G 87 -37.31 -6.22 29.60
CA VAL G 87 -36.84 -5.86 28.26
C VAL G 87 -37.51 -6.81 27.28
N SER G 88 -38.34 -6.22 26.43
CA SER G 88 -39.03 -6.97 25.39
C SER G 88 -38.11 -6.92 24.17
N THR G 89 -37.83 -8.05 23.52
CA THR G 89 -36.96 -8.05 22.33
C THR G 89 -37.77 -8.32 21.04
N ILE G 90 -37.36 -7.68 19.95
CA ILE G 90 -38.03 -7.83 18.65
C ILE G 90 -36.96 -7.91 17.62
N CYS G 91 -36.94 -9.03 16.91
CA CYS G 91 -35.96 -9.25 15.88
C CYS G 91 -36.50 -8.72 14.55
N MET G 92 -35.71 -7.86 13.93
CA MET G 92 -35.97 -7.41 12.55
C MET G 92 -34.77 -7.66 11.69
N GLY G 93 -35.01 -8.18 10.48
CA GLY G 93 -33.94 -8.54 9.56
C GLY G 93 -33.32 -9.88 10.00
N GLN G 94 -32.31 -9.84 10.89
CA GLN G 94 -31.75 -11.09 11.44
C GLN G 94 -31.26 -10.93 12.91
N ALA G 95 -31.16 -12.06 13.63
CA ALA G 95 -30.42 -12.11 14.88
C ALA G 95 -29.55 -13.34 14.80
N ALA G 96 -28.26 -13.14 14.58
CA ALA G 96 -27.36 -14.27 14.41
C ALA G 96 -26.40 -14.26 15.58
N SER G 97 -26.22 -15.46 16.13
CA SER G 97 -25.19 -15.76 17.14
C SER G 97 -25.39 -14.84 18.34
N MET G 98 -24.45 -13.91 18.61
CA MET G 98 -24.68 -12.98 19.79
C MET G 98 -26.04 -12.26 19.67
N GLY G 99 -26.46 -11.90 18.45
CA GLY G 99 -27.79 -11.30 18.27
C GLY G 99 -28.94 -12.23 18.71
N ALA G 100 -28.87 -13.54 18.32
CA ALA G 100 -29.91 -14.55 18.67
C ALA G 100 -29.89 -14.76 20.19
N PHE G 101 -28.68 -14.75 20.77
CA PHE G 101 -28.54 -14.88 22.20
C PHE G 101 -29.29 -13.74 22.97
N LEU G 102 -29.05 -12.50 22.55
CA LEU G 102 -29.72 -11.34 23.22
C LEU G 102 -31.21 -11.31 22.95
N LEU G 103 -31.62 -11.80 21.77
CA LEU G 103 -33.05 -11.91 21.43
C LEU G 103 -33.77 -12.85 22.39
N THR G 104 -33.25 -14.06 22.54
CA THR G 104 -33.88 -15.01 23.49
C THR G 104 -33.77 -14.55 24.97
N ALA G 105 -32.88 -13.63 25.28
CA ALA G 105 -32.63 -13.21 26.66
C ALA G 105 -33.69 -12.20 27.12
N GLY G 106 -34.53 -11.72 26.20
CA GLY G 106 -35.66 -10.85 26.61
C GLY G 106 -36.60 -11.48 27.62
N ALA G 107 -37.44 -10.67 28.27
CA ALA G 107 -38.38 -11.22 29.23
C ALA G 107 -39.26 -12.30 28.57
N LYS G 108 -39.39 -13.47 29.22
CA LYS G 108 -40.20 -14.53 28.64
C LYS G 108 -41.63 -14.03 28.40
N GLY G 109 -42.19 -14.38 27.25
CA GLY G 109 -43.52 -13.87 26.88
C GLY G 109 -43.45 -12.57 26.09
N LYS G 110 -42.31 -11.88 26.14
CA LYS G 110 -42.16 -10.61 25.41
C LYS G 110 -41.01 -10.61 24.40
N ARG G 111 -40.66 -11.80 23.88
CA ARG G 111 -39.67 -11.92 22.77
C ARG G 111 -40.33 -12.23 21.44
N PHE G 112 -40.00 -11.45 20.40
CA PHE G 112 -40.77 -11.53 19.13
C PHE G 112 -39.84 -11.56 17.95
N CYS G 113 -40.24 -12.29 16.91
CA CYS G 113 -39.71 -12.11 15.54
C CYS G 113 -40.74 -11.42 14.69
N LEU G 114 -40.31 -10.44 13.94
CA LEU G 114 -41.14 -10.01 12.78
C LEU G 114 -41.18 -11.20 11.77
N PRO G 115 -42.21 -11.29 10.91
CA PRO G 115 -42.50 -12.55 10.15
C PRO G 115 -41.37 -13.06 9.24
N ASN G 116 -40.60 -12.15 8.67
CA ASN G 116 -39.58 -12.51 7.70
C ASN G 116 -38.17 -12.28 8.21
N SER G 117 -38.02 -12.16 9.52
CA SER G 117 -36.70 -12.09 10.08
C SER G 117 -36.16 -13.56 10.19
N ARG G 118 -34.84 -13.71 10.29
CA ARG G 118 -34.18 -15.05 10.34
C ARG G 118 -33.22 -15.04 11.51
N VAL G 119 -33.13 -16.19 12.16
CA VAL G 119 -32.25 -16.33 13.32
C VAL G 119 -31.13 -17.36 12.98
N MET G 120 -29.98 -17.22 13.59
CA MET G 120 -28.91 -18.19 13.35
C MET G 120 -28.16 -18.39 14.66
N ILE G 121 -27.78 -19.64 14.94
CA ILE G 121 -27.09 -19.95 16.20
C ILE G 121 -25.85 -20.78 15.88
N HIS G 122 -24.81 -20.61 16.71
CA HIS G 122 -23.50 -21.29 16.53
C HIS G 122 -22.66 -21.20 17.79
N GLN G 123 -21.63 -22.04 17.85
CA GLN G 123 -20.68 -22.00 18.97
C GLN G 123 -19.67 -20.84 18.77
N PRO G 124 -18.88 -20.54 19.82
CA PRO G 124 -17.86 -19.49 19.72
C PRO G 124 -16.77 -19.76 18.69
N LEU G 125 -16.21 -18.67 18.14
CA LEU G 125 -15.05 -18.74 17.25
C LEU G 125 -14.00 -17.84 17.93
N GLY G 126 -12.75 -18.23 17.79
CA GLY G 126 -11.73 -17.55 18.57
C GLY G 126 -10.41 -17.78 17.88
N GLY G 127 -9.33 -17.36 18.50
CA GLY G 127 -8.06 -17.49 17.82
C GLY G 127 -6.99 -16.92 18.71
N TYR G 128 -5.96 -17.72 18.96
CA TYR G 128 -4.85 -17.29 19.80
C TYR G 128 -3.54 -17.77 19.19
N GLN G 129 -2.44 -17.14 19.62
CA GLN G 129 -1.11 -17.45 19.14
C GLN G 129 -0.17 -17.33 20.32
N GLY G 130 0.72 -18.30 20.53
CA GLY G 130 1.63 -18.20 21.65
C GLY G 130 2.23 -19.54 22.02
N GLN G 131 2.88 -19.62 23.17
CA GLN G 131 3.45 -20.91 23.59
C GLN G 131 2.32 -21.92 23.81
N ALA G 132 2.60 -23.21 23.60
CA ALA G 132 1.63 -24.27 23.92
C ALA G 132 1.02 -24.17 25.33
N THR G 133 1.80 -23.79 26.35
CA THR G 133 1.24 -23.58 27.70
C THR G 133 0.10 -22.52 27.63
N ASP G 134 0.36 -21.42 26.94
CA ASP G 134 -0.67 -20.37 26.77
C ASP G 134 -1.83 -20.79 25.90
N ILE G 135 -1.53 -21.60 24.88
CA ILE G 135 -2.57 -22.11 24.01
C ILE G 135 -3.59 -22.91 24.85
N GLU G 136 -3.06 -23.78 25.70
CA GLU G 136 -3.86 -24.62 26.58
C GLU G 136 -4.77 -23.76 27.50
N ILE G 137 -4.21 -22.70 28.06
CA ILE G 137 -4.97 -21.77 28.91
C ILE G 137 -6.13 -21.14 28.11
N HIS G 138 -5.82 -20.62 26.91
CA HIS G 138 -6.85 -19.93 26.13
C HIS G 138 -7.91 -20.86 25.48
N ALA G 139 -7.47 -22.07 25.13
CA ALA G 139 -8.41 -23.06 24.64
C ALA G 139 -9.33 -23.47 25.82
N ARG G 140 -8.78 -23.69 27.01
CA ARG G 140 -9.61 -24.08 28.13
C ARG G 140 -10.68 -23.02 28.39
N GLU G 141 -10.30 -21.74 28.29
CA GLU G 141 -11.23 -20.64 28.56
C GLU G 141 -12.34 -20.56 27.47
N ILE G 142 -11.97 -20.74 26.19
CA ILE G 142 -13.00 -20.60 25.16
C ILE G 142 -13.99 -21.77 25.31
N LEU G 143 -13.52 -22.90 25.83
CA LEU G 143 -14.41 -24.05 25.93
C LEU G 143 -15.36 -23.81 27.13
N LYS G 144 -14.85 -23.17 28.17
CA LYS G 144 -15.66 -22.81 29.36
C LYS G 144 -16.76 -21.86 28.92
N VAL G 145 -16.39 -20.88 28.08
CA VAL G 145 -17.33 -19.87 27.57
C VAL G 145 -18.40 -20.58 26.69
N LYS G 146 -17.98 -21.53 25.85
CA LYS G 146 -18.90 -22.24 25.02
C LYS G 146 -19.95 -22.94 25.91
N GLY G 147 -19.49 -23.61 26.95
CA GLY G 147 -20.42 -24.32 27.85
C GLY G 147 -21.39 -23.40 28.59
N ARG G 148 -20.88 -22.27 29.11
CA ARG G 148 -21.73 -21.30 29.85
C ARG G 148 -22.77 -20.72 28.94
N MET G 149 -22.37 -20.39 27.71
CA MET G 149 -23.32 -19.83 26.73
C MET G 149 -24.35 -20.87 26.34
N ASN G 150 -23.91 -22.11 26.09
CA ASN G 150 -24.92 -23.20 25.88
C ASN G 150 -25.93 -23.34 27.04
N GLU G 151 -25.46 -23.22 28.29
CA GLU G 151 -26.36 -23.39 29.44
C GLU G 151 -27.40 -22.28 29.48
N LEU G 152 -26.95 -21.06 29.17
CA LEU G 152 -27.86 -19.89 29.20
C LEU G 152 -28.88 -19.96 28.06
N MET G 153 -28.42 -20.42 26.89
CA MET G 153 -29.30 -20.64 25.70
C MET G 153 -30.34 -21.69 26.02
N ALA G 154 -29.93 -22.76 26.70
CA ALA G 154 -30.86 -23.79 27.11
C ALA G 154 -31.94 -23.22 28.08
N LEU G 155 -31.52 -22.43 29.05
CA LEU G 155 -32.43 -21.81 30.02
C LEU G 155 -33.51 -20.97 29.32
N HIS G 156 -33.06 -20.10 28.42
CA HIS G 156 -33.92 -19.13 27.74
C HIS G 156 -34.85 -19.81 26.71
N THR G 157 -34.36 -20.81 25.97
CA THR G 157 -35.14 -21.45 24.90
C THR G 157 -36.06 -22.53 25.41
N GLY G 158 -35.70 -23.13 26.56
CA GLY G 158 -36.37 -24.32 27.12
C GLY G 158 -35.90 -25.61 26.49
N GLN G 159 -34.93 -25.53 25.57
CA GLN G 159 -34.28 -26.75 25.06
C GLN G 159 -33.33 -27.35 26.11
N SER G 160 -33.09 -28.67 26.10
CA SER G 160 -32.02 -29.29 26.91
C SER G 160 -30.65 -28.80 26.49
N LEU G 161 -29.68 -28.91 27.39
CA LEU G 161 -28.26 -28.59 27.11
C LEU G 161 -27.74 -29.43 25.94
N GLU G 162 -28.02 -30.73 25.97
CA GLU G 162 -27.70 -31.65 24.85
C GLU G 162 -28.22 -31.14 23.48
N GLN G 163 -29.47 -30.70 23.43
CA GLN G 163 -30.03 -30.23 22.15
C GLN G 163 -29.33 -28.96 21.67
N ILE G 164 -29.15 -28.00 22.59
CA ILE G 164 -28.40 -26.78 22.22
C ILE G 164 -26.99 -27.08 21.70
N GLU G 165 -26.29 -28.00 22.35
CA GLU G 165 -24.93 -28.43 21.94
C GLU G 165 -24.90 -29.00 20.54
N ARG G 166 -25.81 -29.94 20.30
CA ARG G 166 -25.91 -30.63 19.03
C ARG G 166 -26.27 -29.62 17.91
N ASP G 167 -27.17 -28.67 18.21
CA ASP G 167 -27.64 -27.70 17.21
C ASP G 167 -26.69 -26.54 16.91
N THR G 168 -25.66 -26.34 17.77
CA THR G 168 -24.77 -25.20 17.64
C THR G 168 -23.37 -25.59 17.23
N GLU G 169 -23.12 -26.88 17.00
CA GLU G 169 -21.75 -27.26 16.64
C GLU G 169 -21.37 -26.64 15.30
N ARG G 170 -22.37 -26.55 14.45
CA ARG G 170 -22.27 -25.76 13.22
C ARG G 170 -23.40 -24.76 13.12
N ASP G 171 -23.23 -23.74 12.28
CA ASP G 171 -24.32 -22.77 11.97
C ASP G 171 -25.65 -23.44 11.73
N ARG G 172 -26.68 -22.95 12.42
CA ARG G 172 -28.02 -23.47 12.29
C ARG G 172 -28.97 -22.29 12.07
N PHE G 173 -29.68 -22.28 10.95
CA PHE G 173 -30.59 -21.17 10.64
C PHE G 173 -32.01 -21.50 10.96
N LEU G 174 -32.80 -20.47 11.33
CA LEU G 174 -34.21 -20.65 11.73
C LEU G 174 -35.02 -19.55 11.13
N SER G 175 -36.10 -19.93 10.46
CA SER G 175 -37.17 -18.98 10.14
C SER G 175 -37.86 -18.47 11.42
N ALA G 176 -38.66 -17.41 11.29
CA ALA G 176 -39.35 -16.86 12.46
C ALA G 176 -40.29 -17.96 13.07
N PRO G 177 -41.05 -18.68 12.22
CA PRO G 177 -41.90 -19.72 12.84
C PRO G 177 -41.07 -20.84 13.51
N GLU G 178 -39.95 -21.22 12.89
CA GLU G 178 -39.01 -22.18 13.50
C GLU G 178 -38.43 -21.66 14.81
N ALA G 179 -38.15 -20.35 14.90
CA ALA G 179 -37.63 -19.77 16.13
C ALA G 179 -38.73 -19.79 17.24
N VAL G 180 -40.00 -19.60 16.86
CA VAL G 180 -41.10 -19.71 17.85
C VAL G 180 -41.16 -21.18 18.33
N GLU G 181 -41.15 -22.11 17.38
CA GLU G 181 -41.19 -23.54 17.75
C GLU G 181 -39.99 -23.96 18.63
N TYR G 182 -38.82 -23.40 18.37
CA TYR G 182 -37.60 -23.78 19.12
C TYR G 182 -37.60 -23.19 20.52
N GLY G 183 -38.46 -22.19 20.75
CA GLY G 183 -38.50 -21.49 22.05
C GLY G 183 -37.59 -20.28 22.18
N LEU G 184 -37.02 -19.84 21.06
CA LEU G 184 -36.06 -18.75 21.09
C LEU G 184 -36.81 -17.41 21.23
N VAL G 185 -37.96 -17.32 20.58
CA VAL G 185 -38.88 -16.23 20.88
C VAL G 185 -40.24 -16.83 21.24
N ASP G 186 -41.12 -15.98 21.70
CA ASP G 186 -42.46 -16.40 22.10
C ASP G 186 -43.49 -16.40 21.00
N SER G 187 -43.41 -15.42 20.09
CA SER G 187 -44.45 -15.28 19.04
C SER G 187 -43.93 -14.45 17.90
N ILE G 188 -44.63 -14.54 16.77
CA ILE G 188 -44.39 -13.63 15.66
C ILE G 188 -45.22 -12.35 15.85
N LEU G 189 -44.58 -11.17 15.70
CA LEU G 189 -45.32 -9.90 15.53
C LEU G 189 -45.61 -9.61 14.03
N THR G 190 -46.87 -9.57 13.57
CA THR G 190 -47.13 -9.24 12.14
C THR G 190 -47.73 -7.84 11.87
N HIS G 191 -48.82 -7.50 12.57
CA HIS G 191 -49.47 -6.19 12.41
C HIS G 191 -49.71 -5.56 13.76
N ARG G 192 -49.44 -4.27 13.87
CA ARG G 192 -49.64 -3.51 15.11
C ARG G 192 -51.13 -3.50 15.42
N ASN G 193 -51.53 -3.79 16.64
CA ASN G 193 -52.95 -3.67 16.90
C ASN G 193 -53.28 -2.47 17.78
N LEU H 2 25.24 -9.27 -12.46
CA LEU H 2 26.32 -8.60 -13.25
C LEU H 2 27.70 -8.85 -12.57
N VAL H 3 28.17 -10.10 -12.65
CA VAL H 3 29.45 -10.58 -12.09
C VAL H 3 30.27 -11.21 -13.22
N PRO H 4 31.54 -10.74 -13.45
CA PRO H 4 32.30 -11.18 -14.63
C PRO H 4 33.00 -12.52 -14.45
N MET H 5 33.46 -13.10 -15.54
CA MET H 5 34.02 -14.43 -15.48
C MET H 5 35.43 -14.56 -16.09
N VAL H 6 36.19 -15.53 -15.57
CA VAL H 6 37.53 -15.85 -16.05
C VAL H 6 37.61 -17.35 -16.36
N SER H 16 36.74 -20.28 -16.73
CA SER H 16 35.33 -20.56 -16.45
C SER H 16 34.88 -19.97 -15.09
N PHE H 17 35.84 -19.81 -14.16
CA PHE H 17 35.63 -19.24 -12.82
C PHE H 17 35.01 -17.84 -12.90
N ASP H 18 34.02 -17.50 -12.07
CA ASP H 18 33.57 -16.10 -11.96
C ASP H 18 34.71 -15.28 -11.31
N ILE H 19 34.65 -13.95 -11.30
CA ILE H 19 35.78 -13.15 -10.71
C ILE H 19 36.13 -13.56 -9.30
N TYR H 20 35.13 -13.93 -8.48
CA TYR H 20 35.41 -14.38 -7.10
C TYR H 20 35.93 -15.82 -6.97
N SER H 21 35.44 -16.72 -7.81
CA SER H 21 36.03 -18.06 -7.90
C SER H 21 37.53 -17.99 -8.26
N ARG H 22 37.86 -17.14 -9.23
CA ARG H 22 39.24 -16.88 -9.61
C ARG H 22 40.10 -16.46 -8.42
N LEU H 23 39.57 -15.55 -7.60
CA LEU H 23 40.32 -15.01 -6.48
C LEU H 23 40.43 -16.05 -5.39
N LEU H 24 39.39 -16.86 -5.25
CA LEU H 24 39.41 -18.01 -4.33
C LEU H 24 40.60 -18.95 -4.64
N LYS H 25 41.03 -18.97 -5.91
CA LYS H 25 42.23 -19.68 -6.28
C LYS H 25 43.52 -19.08 -5.70
N GLU H 26 43.58 -17.75 -5.52
CA GLU H 26 44.72 -17.13 -4.81
C GLU H 26 44.49 -17.05 -3.28
N ARG H 27 43.52 -17.82 -2.81
CA ARG H 27 43.15 -17.95 -1.38
C ARG H 27 42.61 -16.66 -0.76
N VAL H 28 41.90 -15.90 -1.56
CA VAL H 28 41.30 -14.62 -1.13
C VAL H 28 39.77 -14.86 -0.99
N ILE H 29 39.21 -14.45 0.15
CA ILE H 29 37.76 -14.54 0.40
C ILE H 29 37.32 -13.13 0.66
N PHE H 30 36.15 -12.77 0.16
CA PHE H 30 35.58 -11.45 0.43
C PHE H 30 34.40 -11.51 1.42
N LEU H 31 34.52 -10.69 2.45
CA LEU H 31 33.38 -10.43 3.34
C LEU H 31 32.92 -8.98 3.15
N THR H 32 31.76 -8.82 2.50
CA THR H 32 31.32 -7.54 2.04
C THR H 32 29.88 -7.31 2.47
N GLY H 33 29.63 -6.16 3.12
CA GLY H 33 28.26 -5.81 3.50
C GLY H 33 27.84 -6.35 4.87
N GLN H 34 26.54 -6.22 5.16
CA GLN H 34 26.00 -6.66 6.45
C GLN H 34 26.23 -8.15 6.72
N VAL H 35 26.70 -8.45 7.93
CA VAL H 35 26.86 -9.85 8.26
C VAL H 35 25.53 -10.50 8.71
N GLU H 36 25.23 -11.63 8.08
CA GLU H 36 23.98 -12.38 8.35
C GLU H 36 24.22 -13.83 8.04
N ASP H 37 23.35 -14.73 8.48
CA ASP H 37 23.59 -16.16 8.42
C ASP H 37 24.04 -16.73 7.09
N HIS H 38 23.39 -16.32 5.99
CA HIS H 38 23.63 -16.97 4.72
C HIS H 38 24.94 -16.50 4.07
N MET H 39 25.18 -15.18 4.13
CA MET H 39 26.49 -14.68 3.61
C MET H 39 27.66 -15.21 4.49
N ALA H 40 27.37 -15.36 5.79
CA ALA H 40 28.37 -15.88 6.72
C ALA H 40 28.64 -17.34 6.39
N ASN H 41 27.59 -18.09 6.08
CA ASN H 41 27.73 -19.51 5.70
C ASN H 41 28.64 -19.67 4.47
N LEU H 42 28.47 -18.78 3.50
CA LEU H 42 29.30 -18.74 2.31
C LEU H 42 30.76 -18.48 2.67
N ILE H 43 31.01 -17.66 3.67
CA ILE H 43 32.42 -17.38 4.04
C ILE H 43 33.02 -18.63 4.74
N VAL H 44 32.26 -19.23 5.66
CA VAL H 44 32.65 -20.46 6.34
C VAL H 44 32.95 -21.59 5.32
N ALA H 45 32.08 -21.80 4.32
CA ALA H 45 32.34 -22.83 3.29
C ALA H 45 33.62 -22.52 2.50
N GLN H 46 33.81 -21.28 2.11
CA GLN H 46 35.08 -20.92 1.47
C GLN H 46 36.32 -21.24 2.33
N MET H 47 36.23 -20.95 3.63
CA MET H 47 37.30 -21.27 4.58
C MET H 47 37.58 -22.75 4.72
N LEU H 48 36.51 -23.55 4.89
CA LEU H 48 36.69 -25.00 4.99
C LEU H 48 37.28 -25.54 3.69
N PHE H 49 36.89 -24.96 2.53
CA PHE H 49 37.38 -25.39 1.22
C PHE H 49 38.85 -25.10 1.06
N LEU H 50 39.26 -23.90 1.43
CA LEU H 50 40.64 -23.47 1.28
C LEU H 50 41.57 -24.33 2.15
N GLU H 51 41.10 -24.59 3.36
CA GLU H 51 41.80 -25.45 4.28
C GLU H 51 41.92 -26.87 3.70
N ALA H 52 40.82 -27.44 3.22
CA ALA H 52 40.85 -28.70 2.44
C ALA H 52 41.91 -28.70 1.30
N GLU H 53 41.95 -27.63 0.51
CA GLU H 53 42.94 -27.46 -0.57
C GLU H 53 44.43 -27.44 -0.14
N ASN H 54 44.73 -26.72 0.94
CA ASN H 54 46.07 -26.64 1.45
C ASN H 54 45.94 -26.17 2.91
N PRO H 55 46.07 -27.10 3.88
CA PRO H 55 45.82 -26.83 5.30
C PRO H 55 46.88 -25.94 5.93
N GLU H 56 48.01 -25.78 5.26
CA GLU H 56 49.08 -24.97 5.83
C GLU H 56 49.16 -23.53 5.38
N LYS H 57 48.69 -23.23 4.18
CA LYS H 57 48.90 -21.92 3.53
C LYS H 57 47.85 -20.88 3.98
N ASP H 58 48.29 -19.62 4.17
CA ASP H 58 47.43 -18.54 4.65
C ASP H 58 46.26 -18.30 3.73
N ILE H 59 45.19 -17.80 4.36
CA ILE H 59 43.94 -17.42 3.74
C ILE H 59 43.83 -15.90 3.97
N TYR H 60 43.41 -15.17 2.94
CA TYR H 60 43.24 -13.73 3.04
C TYR H 60 41.78 -13.40 3.05
N LEU H 61 41.37 -12.80 4.13
CA LEU H 61 39.98 -12.35 4.24
C LEU H 61 39.87 -10.83 4.17
N TYR H 62 39.27 -10.31 3.11
CA TYR H 62 39.08 -8.85 2.98
C TYR H 62 37.76 -8.55 3.65
N ILE H 63 37.72 -7.46 4.41
CA ILE H 63 36.52 -7.10 5.14
C ILE H 63 36.18 -5.65 4.80
N ASN H 64 34.99 -5.51 4.23
CA ASN H 64 34.29 -4.22 4.03
C ASN H 64 32.87 -4.37 4.49
N SER H 65 32.62 -4.00 5.74
CA SER H 65 31.31 -4.34 6.37
C SER H 65 30.83 -3.30 7.34
N PRO H 66 29.52 -2.95 7.30
CA PRO H 66 28.97 -2.01 8.28
C PRO H 66 28.56 -2.67 9.60
N GLY H 67 28.64 -3.98 9.68
CA GLY H 67 28.39 -4.70 10.93
C GLY H 67 27.42 -5.82 10.60
N GLY H 68 26.72 -6.32 11.62
CA GLY H 68 25.60 -7.22 11.44
C GLY H 68 25.33 -8.06 12.67
N VAL H 69 24.74 -9.23 12.43
CA VAL H 69 24.21 -10.12 13.44
C VAL H 69 25.29 -10.87 14.20
N ILE H 70 25.21 -10.87 15.53
CA ILE H 70 26.31 -11.46 16.33
C ILE H 70 26.51 -12.96 16.11
N THR H 71 25.42 -13.74 16.15
CA THR H 71 25.60 -15.19 16.04
C THR H 71 26.11 -15.50 14.66
N ALA H 72 25.66 -14.78 13.63
CA ALA H 72 26.19 -15.02 12.27
C ALA H 72 27.73 -14.74 12.22
N GLY H 73 28.12 -13.60 12.74
CA GLY H 73 29.57 -13.23 12.91
C GLY H 73 30.38 -14.23 13.76
N MET H 74 29.78 -14.77 14.82
CA MET H 74 30.47 -15.82 15.61
C MET H 74 30.64 -17.14 14.87
N SER H 75 29.79 -17.45 13.88
CA SER H 75 30.07 -18.61 13.01
C SER H 75 31.38 -18.43 12.26
N ILE H 76 31.61 -17.22 11.72
CA ILE H 76 32.84 -16.92 10.97
C ILE H 76 34.01 -16.87 11.95
N TYR H 77 33.79 -16.24 13.10
CA TYR H 77 34.87 -16.14 14.10
C TYR H 77 35.41 -17.50 14.56
N ASP H 78 34.51 -18.42 14.93
CA ASP H 78 34.97 -19.76 15.38
C ASP H 78 35.58 -20.60 14.27
N THR H 79 35.08 -20.43 13.04
CA THR H 79 35.73 -21.07 11.89
C THR H 79 37.17 -20.55 11.72
N MET H 80 37.35 -19.25 11.84
CA MET H 80 38.65 -18.63 11.69
C MET H 80 39.65 -19.22 12.68
N GLN H 81 39.21 -19.48 13.92
CA GLN H 81 40.08 -20.03 14.94
C GLN H 81 40.26 -21.53 14.79
N PHE H 82 39.22 -22.23 14.33
CA PHE H 82 39.22 -23.66 14.23
C PHE H 82 40.13 -24.23 13.12
N ILE H 83 40.10 -23.61 11.95
CA ILE H 83 40.78 -24.22 10.80
C ILE H 83 42.30 -24.15 10.98
N LYS H 84 43.03 -25.03 10.29
CA LYS H 84 44.49 -25.05 10.36
C LYS H 84 45.19 -23.76 9.84
N PRO H 85 44.85 -23.29 8.62
CA PRO H 85 45.51 -22.07 8.10
C PRO H 85 45.25 -20.79 8.92
N ASP H 86 46.25 -19.90 8.94
CA ASP H 86 46.12 -18.58 9.52
C ASP H 86 45.21 -17.82 8.58
N VAL H 87 44.28 -17.07 9.14
CA VAL H 87 43.43 -16.20 8.34
C VAL H 87 43.94 -14.78 8.58
N SER H 88 44.43 -14.17 7.51
CA SER H 88 44.99 -12.83 7.50
C SER H 88 43.84 -11.91 7.08
N THR H 89 43.55 -10.89 7.86
CA THR H 89 42.36 -10.03 7.61
C THR H 89 42.83 -8.69 7.07
N ILE H 90 42.10 -8.16 6.10
CA ILE H 90 42.46 -6.88 5.49
C ILE H 90 41.22 -6.04 5.37
N CYS H 91 41.16 -4.94 6.12
CA CYS H 91 40.04 -4.04 6.03
C CYS H 91 40.17 -3.13 4.81
N MET H 92 39.17 -3.14 3.94
CA MET H 92 39.07 -2.11 2.89
C MET H 92 37.76 -1.41 3.05
N GLY H 93 37.77 -0.10 2.93
CA GLY H 93 36.51 0.63 3.06
C GLY H 93 36.20 0.91 4.54
N GLN H 94 35.45 0.01 5.18
CA GLN H 94 35.23 0.09 6.62
C GLN H 94 35.13 -1.30 7.22
N ALA H 95 35.35 -1.38 8.53
CA ALA H 95 34.98 -2.58 9.29
C ALA H 95 34.34 -2.06 10.56
N ALA H 96 33.02 -2.15 10.61
CA ALA H 96 32.25 -1.60 11.74
C ALA H 96 31.57 -2.69 12.57
N SER H 97 31.70 -2.58 13.90
CA SER H 97 31.06 -3.46 14.88
C SER H 97 31.44 -4.93 14.60
N MET H 98 30.47 -5.75 14.16
CA MET H 98 30.79 -7.14 13.77
C MET H 98 31.95 -7.20 12.76
N GLY H 99 32.04 -6.20 11.88
CA GLY H 99 33.15 -6.14 10.92
C GLY H 99 34.50 -5.83 11.56
N ALA H 100 34.50 -4.92 12.54
CA ALA H 100 35.72 -4.62 13.32
C ALA H 100 36.11 -5.84 14.15
N PHE H 101 35.11 -6.53 14.71
CA PHE H 101 35.37 -7.70 15.53
C PHE H 101 36.04 -8.81 14.72
N LEU H 102 35.57 -9.10 13.51
CA LEU H 102 36.22 -10.18 12.69
C LEU H 102 37.62 -9.76 12.14
N LEU H 103 37.77 -8.47 11.91
CA LEU H 103 39.06 -7.90 11.53
C LEU H 103 40.18 -8.15 12.56
N THR H 104 39.89 -7.81 13.81
CA THR H 104 40.80 -8.05 14.93
C THR H 104 41.04 -9.51 15.32
N ALA H 105 40.15 -10.38 14.89
CA ALA H 105 40.19 -11.84 15.13
C ALA H 105 41.10 -12.58 14.17
N GLY H 106 41.72 -11.87 13.23
CA GLY H 106 42.69 -12.50 12.31
C GLY H 106 43.96 -12.94 13.01
N ALA H 107 44.82 -13.68 12.31
CA ALA H 107 46.01 -14.22 12.93
C ALA H 107 46.90 -13.06 13.36
N LYS H 108 47.40 -13.14 14.59
CA LYS H 108 48.33 -12.16 15.15
C LYS H 108 49.48 -11.84 14.17
N GLY H 109 49.74 -10.55 13.96
CA GLY H 109 50.78 -10.13 13.02
C GLY H 109 50.28 -10.02 11.59
N LYS H 110 49.07 -10.55 11.31
CA LYS H 110 48.54 -10.67 9.93
C LYS H 110 47.21 -9.96 9.70
N ARG H 111 46.96 -8.97 10.54
CA ARG H 111 45.76 -8.15 10.45
C ARG H 111 46.09 -6.78 9.91
N PHE H 112 45.41 -6.37 8.84
CA PHE H 112 45.79 -5.11 8.19
C PHE H 112 44.64 -4.20 7.90
N CYS H 113 44.89 -2.89 7.99
CA CYS H 113 44.00 -1.89 7.40
C CYS H 113 44.67 -1.30 6.16
N LEU H 114 43.89 -1.11 5.09
CA LEU H 114 44.34 -0.29 3.97
C LEU H 114 44.27 1.16 4.46
N PRO H 115 45.10 2.09 3.90
CA PRO H 115 45.36 3.41 4.57
C PRO H 115 44.16 4.28 4.91
N ASN H 116 43.10 4.20 4.11
CA ASN H 116 41.97 5.10 4.24
C ASN H 116 40.71 4.34 4.64
N SER H 117 40.89 3.12 5.09
CA SER H 117 39.79 2.34 5.64
C SER H 117 39.57 2.91 7.04
N ARG H 118 38.38 2.69 7.57
CA ARG H 118 37.96 3.24 8.86
C ARG H 118 37.27 2.11 9.66
N VAL H 119 37.45 2.13 10.97
CA VAL H 119 37.00 1.08 11.85
C VAL H 119 36.00 1.69 12.87
N MET H 120 34.97 0.94 13.24
CA MET H 120 34.13 1.39 14.30
C MET H 120 33.77 0.24 15.23
N ILE H 121 33.67 0.57 16.52
CA ILE H 121 33.35 -0.42 17.51
C ILE H 121 32.20 0.09 18.37
N HIS H 122 31.36 -0.85 18.83
CA HIS H 122 30.27 -0.56 19.76
C HIS H 122 29.69 -1.82 20.44
N GLN H 123 28.91 -1.62 21.51
CA GLN H 123 28.24 -2.75 22.20
C GLN H 123 27.05 -3.30 21.41
N PRO H 124 26.52 -4.50 21.82
CA PRO H 124 25.35 -5.09 21.16
C PRO H 124 24.11 -4.21 21.21
N LEU H 125 23.31 -4.29 20.13
CA LEU H 125 21.98 -3.74 20.12
C LEU H 125 21.00 -4.88 19.90
N GLY H 126 19.86 -4.80 20.58
CA GLY H 126 18.85 -5.87 20.38
C GLY H 126 17.47 -5.36 20.67
N GLY H 127 16.50 -6.27 20.66
CA GLY H 127 15.14 -5.84 20.82
C GLY H 127 14.30 -7.05 21.14
N TYR H 128 13.43 -6.88 22.14
CA TYR H 128 12.52 -7.95 22.54
C TYR H 128 11.17 -7.39 22.92
N GLN H 129 10.16 -8.26 22.88
CA GLN H 129 8.79 -7.90 23.17
C GLN H 129 8.20 -9.14 23.81
N GLY H 130 7.45 -8.96 24.89
CA GLY H 130 6.73 -10.03 25.53
C GLY H 130 6.60 -9.82 27.02
N GLN H 131 6.35 -10.91 27.72
CA GLN H 131 6.06 -10.90 29.16
C GLN H 131 7.26 -10.40 29.90
N ALA H 132 7.05 -9.71 31.02
CA ALA H 132 8.19 -9.32 31.85
C ALA H 132 9.14 -10.46 32.22
N THR H 133 8.63 -11.66 32.55
CA THR H 133 9.54 -12.83 32.80
C THR H 133 10.47 -13.10 31.62
N ASP H 134 9.92 -13.08 30.41
CA ASP H 134 10.67 -13.25 29.20
C ASP H 134 11.59 -12.11 28.92
N ILE H 135 11.17 -10.87 29.19
CA ILE H 135 12.07 -9.72 28.98
C ILE H 135 13.38 -9.89 29.82
N GLU H 136 13.21 -10.36 31.03
CA GLU H 136 14.31 -10.61 31.98
C GLU H 136 15.33 -11.64 31.41
N ILE H 137 14.80 -12.72 30.85
CA ILE H 137 15.58 -13.82 30.26
C ILE H 137 16.38 -13.26 29.07
N HIS H 138 15.72 -12.51 28.21
CA HIS H 138 16.40 -11.98 27.03
C HIS H 138 17.39 -10.87 27.32
N ALA H 139 17.09 -9.99 28.28
CA ALA H 139 18.02 -8.94 28.70
C ALA H 139 19.28 -9.53 29.35
N ARG H 140 19.11 -10.55 30.21
CA ARG H 140 20.27 -11.24 30.76
C ARG H 140 21.15 -11.88 29.66
N GLU H 141 20.51 -12.40 28.62
CA GLU H 141 21.24 -13.04 27.52
C GLU H 141 22.07 -11.99 26.76
N ILE H 142 21.47 -10.84 26.41
CA ILE H 142 22.25 -9.88 25.65
C ILE H 142 23.36 -9.28 26.50
N LEU H 143 23.18 -9.25 27.83
CA LEU H 143 24.24 -8.79 28.71
C LEU H 143 25.37 -9.80 28.79
N LYS H 144 25.00 -11.08 28.80
CA LYS H 144 26.01 -12.16 28.78
C LYS H 144 26.83 -12.04 27.48
N VAL H 145 26.12 -11.86 26.38
CA VAL H 145 26.74 -11.74 25.05
C VAL H 145 27.65 -10.51 24.95
N LYS H 146 27.22 -9.38 25.49
CA LYS H 146 28.05 -8.17 25.51
C LYS H 146 29.38 -8.42 26.25
N GLY H 147 29.30 -9.10 27.41
CA GLY H 147 30.50 -9.43 28.19
C GLY H 147 31.48 -10.33 27.47
N ARG H 148 30.98 -11.38 26.79
CA ARG H 148 31.84 -12.33 26.08
C ARG H 148 32.53 -11.64 24.92
N MET H 149 31.77 -10.85 24.16
CA MET H 149 32.31 -10.03 23.08
C MET H 149 33.43 -9.11 23.58
N ASN H 150 33.23 -8.43 24.71
CA ASN H 150 34.25 -7.54 25.26
C ASN H 150 35.48 -8.30 25.65
N GLU H 151 35.29 -9.49 26.24
CA GLU H 151 36.40 -10.36 26.65
C GLU H 151 37.24 -10.74 25.44
N LEU H 152 36.54 -11.08 24.38
CA LEU H 152 37.23 -11.49 23.17
C LEU H 152 37.93 -10.33 22.50
N MET H 153 37.29 -9.16 22.51
CA MET H 153 37.87 -7.98 21.94
C MET H 153 39.12 -7.58 22.74
N ALA H 154 39.04 -7.67 24.05
CA ALA H 154 40.21 -7.38 24.88
C ALA H 154 41.35 -8.35 24.50
N LEU H 155 41.02 -9.64 24.43
CA LEU H 155 41.98 -10.68 24.04
C LEU H 155 42.73 -10.30 22.76
N HIS H 156 42.00 -9.95 21.69
CA HIS H 156 42.63 -9.70 20.38
C HIS H 156 43.35 -8.36 20.22
N THR H 157 42.84 -7.32 20.87
CA THR H 157 43.45 -5.97 20.86
C THR H 157 44.61 -5.77 21.82
N GLY H 158 44.64 -6.52 22.92
CA GLY H 158 45.60 -6.27 23.99
C GLY H 158 45.15 -5.23 25.01
N GLN H 159 44.00 -4.60 24.77
CA GLN H 159 43.42 -3.65 25.74
C GLN H 159 42.89 -4.42 26.95
N SER H 160 42.81 -3.77 28.10
CA SER H 160 42.13 -4.38 29.25
C SER H 160 40.61 -4.51 29.00
N LEU H 161 39.97 -5.44 29.70
CA LEU H 161 38.51 -5.60 29.61
C LEU H 161 37.76 -4.31 29.98
N GLU H 162 38.24 -3.62 31.01
CA GLU H 162 37.64 -2.37 31.48
C GLU H 162 37.72 -1.29 30.41
N GLN H 163 38.88 -1.17 29.76
CA GLN H 163 39.09 -0.24 28.64
C GLN H 163 38.15 -0.48 27.47
N ILE H 164 38.03 -1.74 27.06
CA ILE H 164 37.11 -2.13 25.96
C ILE H 164 35.63 -1.79 26.28
N GLU H 165 35.20 -2.11 27.50
CA GLU H 165 33.88 -1.75 28.01
C GLU H 165 33.60 -0.24 27.97
N ARG H 166 34.51 0.56 28.50
CA ARG H 166 34.35 2.01 28.42
C ARG H 166 34.28 2.51 26.98
N ASP H 167 35.11 1.97 26.10
CA ASP H 167 35.28 2.49 24.76
C ASP H 167 34.14 2.08 23.86
N THR H 168 33.34 1.09 24.27
CA THR H 168 32.29 0.58 23.39
C THR H 168 30.89 0.92 23.89
N GLU H 169 30.80 1.66 24.99
CA GLU H 169 29.49 2.06 25.47
C GLU H 169 28.70 2.81 24.36
N ARG H 170 29.39 3.73 23.66
CA ARG H 170 28.85 4.35 22.44
C ARG H 170 29.74 4.10 21.26
N ASP H 171 29.24 4.32 20.05
CA ASP H 171 30.03 4.19 18.81
C ASP H 171 31.37 4.92 18.91
N ARG H 172 32.45 4.20 18.59
CA ARG H 172 33.79 4.79 18.56
C ARG H 172 34.41 4.58 17.16
N PHE H 173 34.77 5.67 16.46
CA PHE H 173 35.41 5.54 15.14
C PHE H 173 36.94 5.72 15.20
N LEU H 174 37.66 4.96 14.38
CA LEU H 174 39.11 4.92 14.41
C LEU H 174 39.59 4.93 12.99
N SER H 175 40.54 5.82 12.69
CA SER H 175 41.25 5.82 11.41
C SER H 175 42.14 4.58 11.37
N ALA H 176 42.72 4.26 10.20
CA ALA H 176 43.65 3.12 10.12
C ALA H 176 44.82 3.28 11.10
N PRO H 177 45.52 4.44 11.14
CA PRO H 177 46.57 4.52 12.21
C PRO H 177 46.06 4.35 13.64
N GLU H 178 44.85 4.83 13.93
CA GLU H 178 44.27 4.67 15.27
C GLU H 178 43.96 3.22 15.59
N ALA H 179 43.49 2.46 14.59
CA ALA H 179 43.23 1.03 14.71
C ALA H 179 44.55 0.25 15.00
N VAL H 180 45.66 0.64 14.36
CA VAL H 180 46.98 0.04 14.67
C VAL H 180 47.35 0.33 16.12
N GLU H 181 47.31 1.60 16.48
CA GLU H 181 47.66 2.01 17.83
C GLU H 181 46.79 1.31 18.90
N TYR H 182 45.53 1.04 18.57
CA TYR H 182 44.56 0.49 19.52
C TYR H 182 44.80 -1.01 19.72
N GLY H 183 45.54 -1.60 18.77
CA GLY H 183 45.80 -3.04 18.76
C GLY H 183 44.82 -3.86 17.95
N LEU H 184 43.93 -3.16 17.24
CA LEU H 184 42.83 -3.74 16.47
C LEU H 184 43.36 -4.48 15.23
N VAL H 185 44.35 -3.86 14.57
CA VAL H 185 45.13 -4.44 13.47
C VAL H 185 46.62 -4.31 13.80
N ASP H 186 47.45 -5.00 13.03
CA ASP H 186 48.87 -4.94 13.25
C ASP H 186 49.59 -3.85 12.47
N SER H 187 49.10 -3.52 11.30
CA SER H 187 49.79 -2.56 10.45
C SER H 187 48.89 -2.09 9.33
N ILE H 188 49.31 -0.99 8.70
CA ILE H 188 48.67 -0.50 7.49
C ILE H 188 49.29 -1.20 6.30
N LEU H 189 48.50 -1.67 5.36
CA LEU H 189 49.03 -2.16 4.09
C LEU H 189 48.95 -0.98 3.16
N THR H 190 50.06 -0.56 2.57
CA THR H 190 49.97 0.58 1.65
C THR H 190 50.14 0.16 0.20
N HIS H 191 51.24 -0.54 -0.08
CA HIS H 191 51.62 -0.99 -1.43
C HIS H 191 52.12 -2.42 -1.42
N ARG H 192 51.71 -3.15 -2.47
CA ARG H 192 52.19 -4.51 -2.70
C ARG H 192 53.74 -4.50 -2.76
N ASN H 193 54.35 -5.27 -1.86
CA ASN H 193 55.81 -5.45 -1.85
C ASN H 193 56.31 -6.19 -3.10
N LEU I 2 20.34 -8.71 -20.69
CA LEU I 2 21.26 -9.39 -21.66
C LEU I 2 22.70 -8.91 -21.49
N VAL I 3 23.66 -9.83 -21.49
CA VAL I 3 25.05 -9.46 -21.69
C VAL I 3 25.55 -10.34 -22.82
N PRO I 4 25.96 -9.72 -23.94
CA PRO I 4 26.38 -10.48 -25.11
C PRO I 4 27.57 -11.41 -24.84
N MET I 5 27.67 -12.47 -25.62
CA MET I 5 28.76 -13.43 -25.50
C MET I 5 29.77 -13.32 -26.67
N VAL I 6 30.99 -13.71 -26.36
CA VAL I 6 32.11 -13.73 -27.31
C VAL I 6 32.73 -15.10 -27.15
N SER I 16 35.16 -18.58 -24.72
CA SER I 16 33.79 -18.21 -24.31
C SER I 16 33.73 -17.21 -23.12
N PHE I 17 33.56 -15.93 -23.44
CA PHE I 17 33.42 -14.86 -22.45
C PHE I 17 32.06 -14.16 -22.65
N ASP I 18 31.54 -13.51 -21.61
CA ASP I 18 30.57 -12.40 -21.79
C ASP I 18 31.32 -11.10 -22.18
N ILE I 19 30.63 -10.05 -22.62
CA ILE I 19 31.29 -8.87 -23.22
C ILE I 19 32.30 -8.22 -22.26
N TYR I 20 31.91 -8.17 -20.99
CA TYR I 20 32.73 -7.57 -19.94
C TYR I 20 33.96 -8.41 -19.59
N SER I 21 33.78 -9.74 -19.57
CA SER I 21 34.90 -10.69 -19.36
C SER I 21 35.90 -10.63 -20.51
N ARG I 22 35.37 -10.45 -21.72
CA ARG I 22 36.16 -10.27 -22.93
C ARG I 22 37.04 -9.02 -22.88
N LEU I 23 36.48 -7.91 -22.39
CA LEU I 23 37.23 -6.67 -22.27
C LEU I 23 38.14 -6.74 -21.07
N LEU I 24 37.76 -7.50 -20.04
CA LEU I 24 38.66 -7.66 -18.90
C LEU I 24 39.97 -8.28 -19.37
N LYS I 25 39.86 -9.06 -20.44
CA LYS I 25 41.03 -9.62 -21.11
C LYS I 25 41.93 -8.53 -21.71
N GLU I 26 41.37 -7.39 -22.08
CA GLU I 26 42.16 -6.22 -22.51
C GLU I 26 42.56 -5.31 -21.33
N ARG I 27 42.46 -5.83 -20.10
CA ARG I 27 42.71 -5.07 -18.86
C ARG I 27 41.75 -3.88 -18.67
N VAL I 28 40.51 -4.00 -19.17
CA VAL I 28 39.53 -2.91 -19.10
C VAL I 28 38.46 -3.27 -18.06
N ILE I 29 38.20 -2.34 -17.15
CA ILE I 29 37.20 -2.52 -16.11
C ILE I 29 36.23 -1.35 -16.21
N PHE I 30 34.95 -1.61 -15.96
CA PHE I 30 33.95 -0.54 -15.92
C PHE I 30 33.39 -0.30 -14.52
N LEU I 31 33.46 0.95 -14.10
CA LEU I 31 32.72 1.44 -12.95
C LEU I 31 31.54 2.26 -13.47
N THR I 32 30.32 1.73 -13.32
CA THR I 32 29.11 2.35 -13.85
C THR I 32 28.05 2.42 -12.75
N GLY I 33 27.42 3.58 -12.61
CA GLY I 33 26.39 3.73 -11.59
C GLY I 33 26.80 4.18 -10.20
N GLN I 34 25.84 4.11 -9.26
CA GLN I 34 26.08 4.47 -7.86
C GLN I 34 27.18 3.62 -7.26
N VAL I 35 28.13 4.25 -6.58
CA VAL I 35 29.16 3.48 -5.85
C VAL I 35 28.56 2.95 -4.53
N GLU I 36 28.61 1.64 -4.38
CA GLU I 36 28.10 0.93 -3.21
C GLU I 36 28.94 -0.32 -3.03
N ASP I 37 28.90 -0.91 -1.84
CA ASP I 37 29.83 -1.98 -1.45
C ASP I 37 30.02 -3.13 -2.41
N HIS I 38 28.93 -3.61 -3.03
CA HIS I 38 29.07 -4.82 -3.80
C HIS I 38 29.61 -4.55 -5.18
N MET I 39 29.10 -3.52 -5.86
CA MET I 39 29.65 -3.18 -7.15
C MET I 39 31.13 -2.78 -6.95
N ALA I 40 31.43 -2.16 -5.80
CA ALA I 40 32.81 -1.70 -5.50
C ALA I 40 33.72 -2.93 -5.34
N ASN I 41 33.19 -3.98 -4.73
CA ASN I 41 33.95 -5.20 -4.47
C ASN I 41 34.21 -5.91 -5.82
N LEU I 42 33.23 -5.90 -6.72
CA LEU I 42 33.46 -6.41 -8.08
C LEU I 42 34.65 -5.74 -8.75
N ILE I 43 34.76 -4.42 -8.62
CA ILE I 43 35.88 -3.66 -9.22
C ILE I 43 37.22 -3.99 -8.56
N VAL I 44 37.23 -4.11 -7.24
CA VAL I 44 38.43 -4.51 -6.48
C VAL I 44 38.90 -5.90 -6.91
N ALA I 45 37.97 -6.86 -7.01
CA ALA I 45 38.28 -8.20 -7.50
C ALA I 45 38.86 -8.14 -8.90
N GLN I 46 38.29 -7.32 -9.78
CA GLN I 46 38.85 -7.22 -11.14
C GLN I 46 40.27 -6.62 -11.18
N MET I 47 40.50 -5.54 -10.45
CA MET I 47 41.89 -5.04 -10.22
C MET I 47 42.87 -6.09 -9.65
N LEU I 48 42.47 -6.81 -8.59
CA LEU I 48 43.36 -7.80 -8.00
C LEU I 48 43.62 -8.93 -8.97
N PHE I 49 42.56 -9.37 -9.67
CA PHE I 49 42.74 -10.35 -10.74
C PHE I 49 43.75 -9.87 -11.78
N LEU I 50 43.61 -8.63 -12.23
CA LEU I 50 44.45 -8.16 -13.32
C LEU I 50 45.90 -7.99 -12.87
N GLU I 51 46.09 -7.39 -11.69
CA GLU I 51 47.40 -7.34 -11.08
C GLU I 51 48.07 -8.71 -11.07
N ALA I 52 47.36 -9.78 -10.74
CA ALA I 52 47.94 -11.13 -10.76
C ALA I 52 48.34 -11.61 -12.17
N GLU I 53 47.53 -11.25 -13.17
CA GLU I 53 47.77 -11.63 -14.56
C GLU I 53 49.06 -11.00 -15.14
N ASN I 54 49.27 -9.73 -14.79
CA ASN I 54 50.47 -8.98 -15.17
C ASN I 54 50.57 -7.75 -14.27
N PRO I 55 51.40 -7.85 -13.22
CA PRO I 55 51.83 -6.77 -12.32
C PRO I 55 52.38 -5.47 -12.96
N GLU I 56 52.82 -5.50 -14.20
CA GLU I 56 53.47 -4.31 -14.80
C GLU I 56 52.66 -3.58 -15.86
N LYS I 57 51.60 -4.25 -16.35
CA LYS I 57 50.77 -3.68 -17.41
C LYS I 57 49.67 -2.81 -16.80
N ASP I 58 49.40 -1.67 -17.44
CA ASP I 58 48.39 -0.72 -16.99
C ASP I 58 47.02 -1.36 -17.08
N ILE I 59 46.16 -0.92 -16.18
CA ILE I 59 44.77 -1.30 -16.16
C ILE I 59 43.98 -0.06 -16.57
N TYR I 60 42.86 -0.25 -17.29
CA TYR I 60 42.01 0.87 -17.67
C TYR I 60 40.66 0.82 -16.97
N LEU I 61 40.36 1.91 -16.26
CA LEU I 61 39.10 2.00 -15.53
C LEU I 61 38.21 3.08 -16.10
N TYR I 62 37.17 2.66 -16.80
CA TYR I 62 36.16 3.58 -17.28
C TYR I 62 35.17 3.90 -16.18
N ILE I 63 34.87 5.19 -16.03
CA ILE I 63 34.04 5.68 -14.95
C ILE I 63 32.86 6.46 -15.52
N ASN I 64 31.66 5.99 -15.16
CA ASN I 64 30.42 6.70 -15.45
C ASN I 64 29.51 6.59 -14.23
N SER I 65 29.54 7.59 -13.37
CA SER I 65 28.90 7.46 -12.05
C SER I 65 28.37 8.77 -11.50
N PRO I 66 27.15 8.75 -10.91
CA PRO I 66 26.48 9.90 -10.27
C PRO I 66 26.98 10.13 -8.85
N GLY I 67 27.81 9.20 -8.37
CA GLY I 67 28.39 9.33 -7.06
C GLY I 67 28.22 8.04 -6.30
N GLY I 68 28.21 8.14 -4.96
CA GLY I 68 28.04 6.96 -4.12
C GLY I 68 28.61 7.04 -2.72
N VAL I 69 28.68 5.87 -2.09
CA VAL I 69 28.99 5.76 -0.68
C VAL I 69 30.49 5.89 -0.47
N ILE I 70 30.89 6.74 0.47
CA ILE I 70 32.33 7.05 0.67
C ILE I 70 33.19 5.82 1.01
N THR I 71 32.77 5.01 1.97
CA THR I 71 33.60 3.88 2.36
C THR I 71 33.69 2.88 1.20
N ALA I 72 32.60 2.70 0.45
CA ALA I 72 32.65 1.88 -0.77
C ALA I 72 33.68 2.40 -1.78
N GLY I 73 33.62 3.70 -2.05
CA GLY I 73 34.60 4.38 -2.91
C GLY I 73 36.02 4.21 -2.45
N MET I 74 36.24 4.29 -1.14
CA MET I 74 37.59 4.17 -0.56
C MET I 74 38.14 2.76 -0.65
N SER I 75 37.26 1.74 -0.66
CA SER I 75 37.73 0.37 -1.02
C SER I 75 38.38 0.34 -2.41
N ILE I 76 37.77 1.01 -3.39
CA ILE I 76 38.34 1.13 -4.74
C ILE I 76 39.64 1.94 -4.72
N TYR I 77 39.58 3.16 -4.18
CA TYR I 77 40.77 4.04 -4.07
C TYR I 77 42.00 3.32 -3.54
N ASP I 78 41.87 2.70 -2.36
CA ASP I 78 43.00 2.04 -1.70
C ASP I 78 43.56 0.87 -2.52
N THR I 79 42.67 0.16 -3.23
CA THR I 79 43.11 -0.96 -4.10
C THR I 79 43.90 -0.35 -5.29
N MET I 80 43.40 0.76 -5.84
CA MET I 80 44.06 1.47 -6.94
C MET I 80 45.48 1.82 -6.57
N GLN I 81 45.65 2.35 -5.35
CA GLN I 81 46.96 2.79 -4.90
C GLN I 81 47.81 1.61 -4.45
N PHE I 82 47.19 0.53 -3.99
CA PHE I 82 47.90 -0.64 -3.41
C PHE I 82 48.51 -1.53 -4.49
N ILE I 83 47.75 -1.78 -5.55
CA ILE I 83 48.22 -2.68 -6.62
C ILE I 83 49.46 -2.15 -7.37
N LYS I 84 50.25 -3.09 -7.92
CA LYS I 84 51.46 -2.77 -8.70
C LYS I 84 51.15 -2.00 -10.01
N PRO I 85 50.21 -2.53 -10.85
CA PRO I 85 49.92 -1.81 -12.11
C PRO I 85 49.39 -0.39 -11.87
N ASP I 86 49.80 0.55 -12.73
CA ASP I 86 49.14 1.87 -12.83
C ASP I 86 47.68 1.69 -13.24
N VAL I 87 46.78 2.44 -12.61
CA VAL I 87 45.37 2.48 -13.03
C VAL I 87 45.09 3.79 -13.79
N SER I 88 44.85 3.65 -15.09
CA SER I 88 44.44 4.76 -15.93
C SER I 88 42.92 4.93 -15.86
N THR I 89 42.48 6.16 -15.60
CA THR I 89 41.04 6.45 -15.43
C THR I 89 40.51 7.21 -16.63
N ILE I 90 39.33 6.81 -17.08
CA ILE I 90 38.70 7.44 -18.22
C ILE I 90 37.24 7.69 -17.91
N CYS I 91 36.86 8.98 -17.89
CA CYS I 91 35.48 9.35 -17.57
C CYS I 91 34.66 9.38 -18.84
N MET I 92 33.54 8.64 -18.85
CA MET I 92 32.59 8.73 -19.95
C MET I 92 31.24 9.03 -19.33
N GLY I 93 30.49 9.94 -19.93
CA GLY I 93 29.18 10.36 -19.40
C GLY I 93 29.36 11.41 -18.29
N GLN I 94 29.56 10.93 -17.07
CA GLN I 94 29.80 11.78 -15.91
C GLN I 94 30.64 11.03 -14.86
N ALA I 95 31.34 11.80 -14.04
CA ALA I 95 31.97 11.30 -12.83
C ALA I 95 31.58 12.35 -11.78
N ALA I 96 30.63 12.02 -10.91
CA ALA I 96 30.22 13.00 -9.93
C ALA I 96 30.54 12.49 -8.53
N SER I 97 30.98 13.43 -7.71
CA SER I 97 31.34 13.20 -6.32
C SER I 97 32.27 11.98 -6.18
N MET I 98 31.78 10.83 -5.64
CA MET I 98 32.68 9.66 -5.50
C MET I 98 33.28 9.22 -6.86
N GLY I 99 32.47 9.29 -7.91
CA GLY I 99 33.00 9.06 -9.26
C GLY I 99 34.16 10.02 -9.59
N ALA I 100 33.96 11.33 -9.36
CA ALA I 100 35.03 12.30 -9.64
C ALA I 100 36.28 12.07 -8.82
N PHE I 101 36.09 11.63 -7.58
CA PHE I 101 37.21 11.35 -6.66
C PHE I 101 38.05 10.19 -7.16
N LEU I 102 37.40 9.11 -7.57
CA LEU I 102 38.13 7.97 -8.16
C LEU I 102 38.75 8.26 -9.54
N LEU I 103 38.09 9.09 -10.34
CA LEU I 103 38.67 9.59 -11.61
C LEU I 103 40.03 10.33 -11.36
N THR I 104 40.04 11.26 -10.40
CA THR I 104 41.26 12.02 -10.11
C THR I 104 42.35 11.16 -9.45
N ALA I 105 41.94 10.03 -8.89
CA ALA I 105 42.82 9.10 -8.16
C ALA I 105 43.62 8.21 -9.07
N GLY I 106 43.38 8.27 -10.38
CA GLY I 106 44.18 7.48 -11.34
C GLY I 106 45.66 7.87 -11.42
N ALA I 107 46.48 6.99 -12.02
CA ALA I 107 47.91 7.26 -12.20
C ALA I 107 48.16 8.63 -12.84
N LYS I 108 49.06 9.40 -12.23
CA LYS I 108 49.37 10.73 -12.72
C LYS I 108 49.77 10.62 -14.21
N GLY I 109 49.17 11.45 -15.06
CA GLY I 109 49.44 11.41 -16.49
C GLY I 109 48.50 10.52 -17.28
N LYS I 110 47.73 9.69 -16.57
CA LYS I 110 46.85 8.69 -17.20
C LYS I 110 45.39 8.81 -16.80
N ARG I 111 44.98 10.01 -16.45
CA ARG I 111 43.59 10.32 -16.10
C ARG I 111 43.00 11.09 -17.28
N PHE I 112 41.89 10.60 -17.80
CA PHE I 112 41.27 11.20 -19.00
C PHE I 112 39.80 11.50 -18.81
N CYS I 113 39.34 12.58 -19.44
CA CYS I 113 37.91 12.76 -19.77
C CYS I 113 37.72 12.57 -21.28
N LEU I 114 36.61 11.93 -21.65
CA LEU I 114 36.05 11.97 -23.01
C LEU I 114 35.47 13.37 -23.21
N PRO I 115 35.42 13.91 -24.46
CA PRO I 115 35.19 15.33 -24.70
C PRO I 115 33.92 15.99 -24.16
N ASN I 116 32.82 15.22 -24.07
CA ASN I 116 31.55 15.76 -23.61
C ASN I 116 31.11 15.16 -22.27
N SER I 117 32.06 14.51 -21.59
CA SER I 117 31.80 14.06 -20.23
C SER I 117 31.79 15.27 -19.31
N ARG I 118 31.06 15.15 -18.20
CA ARG I 118 30.98 16.23 -17.25
C ARG I 118 31.34 15.72 -15.84
N VAL I 119 31.85 16.62 -15.03
CA VAL I 119 32.40 16.28 -13.72
C VAL I 119 31.72 17.15 -12.65
N MET I 120 31.50 16.58 -11.47
CA MET I 120 30.92 17.32 -10.36
C MET I 120 31.59 16.92 -9.06
N ILE I 121 31.85 17.91 -8.22
CA ILE I 121 32.48 17.70 -6.95
C ILE I 121 31.60 18.33 -5.87
N HIS I 122 31.58 17.71 -4.70
CA HIS I 122 30.91 18.25 -3.53
C HIS I 122 31.36 17.57 -2.21
N GLN I 123 30.96 18.16 -1.09
CA GLN I 123 31.28 17.68 0.24
C GLN I 123 30.34 16.49 0.62
N PRO I 124 30.70 15.73 1.69
CA PRO I 124 29.81 14.60 2.12
C PRO I 124 28.40 15.04 2.54
N LEU I 125 27.46 14.10 2.37
CA LEU I 125 26.10 14.23 2.86
C LEU I 125 25.86 13.02 3.70
N GLY I 126 25.13 13.21 4.77
CA GLY I 126 24.86 12.07 5.63
C GLY I 126 23.61 12.34 6.45
N GLY I 127 23.37 11.47 7.41
CA GLY I 127 22.21 11.67 8.27
C GLY I 127 22.24 10.65 9.37
N TYR I 128 21.91 11.13 10.56
CA TYR I 128 21.87 10.30 11.75
C TYR I 128 20.66 10.73 12.59
N GLN I 129 20.08 9.81 13.38
CA GLN I 129 19.01 10.09 14.32
C GLN I 129 19.42 9.40 15.63
N GLY I 130 19.16 10.05 16.76
CA GLY I 130 19.51 9.49 18.04
C GLY I 130 19.76 10.54 19.15
N GLN I 131 20.29 10.06 20.27
CA GLN I 131 20.60 10.90 21.42
C GLN I 131 21.61 11.96 21.05
N ALA I 132 21.52 13.17 21.63
CA ALA I 132 22.52 14.20 21.39
C ALA I 132 23.96 13.75 21.47
N THR I 133 24.31 12.96 22.48
CA THR I 133 25.66 12.44 22.60
C THR I 133 26.10 11.70 21.33
N ASP I 134 25.22 10.86 20.79
CA ASP I 134 25.47 10.10 19.56
C ASP I 134 25.50 10.96 18.29
N ILE I 135 24.61 11.95 18.24
CA ILE I 135 24.57 12.91 17.14
C ILE I 135 25.93 13.63 17.09
N GLU I 136 26.50 13.95 18.24
CA GLU I 136 27.77 14.64 18.24
C GLU I 136 28.94 13.74 17.74
N ILE I 137 28.92 12.49 18.17
CA ILE I 137 29.90 11.47 17.73
C ILE I 137 29.85 11.29 16.20
N HIS I 138 28.64 11.13 15.65
CA HIS I 138 28.50 10.98 14.19
C HIS I 138 28.80 12.22 13.40
N ALA I 139 28.54 13.40 13.96
CA ALA I 139 28.86 14.64 13.26
C ALA I 139 30.36 14.79 13.17
N ARG I 140 31.04 14.52 14.28
CA ARG I 140 32.51 14.54 14.31
C ARG I 140 33.06 13.66 13.21
N GLU I 141 32.46 12.48 13.06
CA GLU I 141 33.00 11.50 12.11
C GLU I 141 32.78 11.96 10.68
N ILE I 142 31.58 12.43 10.33
CA ILE I 142 31.41 12.99 8.99
C ILE I 142 32.30 14.23 8.66
N LEU I 143 32.55 15.10 9.66
CA LEU I 143 33.44 16.25 9.48
C LEU I 143 34.91 15.85 9.30
N LYS I 144 35.30 14.79 9.98
CA LYS I 144 36.64 14.19 9.82
C LYS I 144 36.84 13.60 8.45
N VAL I 145 35.83 12.86 7.98
CA VAL I 145 35.84 12.27 6.65
C VAL I 145 35.87 13.37 5.59
N LYS I 146 35.08 14.45 5.81
CA LYS I 146 35.07 15.57 4.88
C LYS I 146 36.50 16.12 4.75
N GLY I 147 37.18 16.32 5.87
CA GLY I 147 38.53 16.87 5.90
C GLY I 147 39.50 15.98 5.17
N ARG I 148 39.43 14.68 5.43
CA ARG I 148 40.36 13.72 4.80
C ARG I 148 40.16 13.66 3.25
N MET I 149 38.93 13.56 2.81
CA MET I 149 38.58 13.57 1.42
C MET I 149 39.08 14.83 0.73
N ASN I 150 38.94 16.00 1.36
CA ASN I 150 39.54 17.23 0.82
C ASN I 150 41.05 17.16 0.67
N GLU I 151 41.71 16.60 1.69
CA GLU I 151 43.17 16.47 1.65
C GLU I 151 43.59 15.62 0.45
N LEU I 152 42.87 14.51 0.24
CA LEU I 152 43.13 13.64 -0.91
C LEU I 152 42.76 14.27 -2.26
N MET I 153 41.66 15.02 -2.33
CA MET I 153 41.35 15.76 -3.55
C MET I 153 42.47 16.79 -3.91
N ALA I 154 42.97 17.49 -2.91
CA ALA I 154 44.05 18.44 -3.10
C ALA I 154 45.35 17.72 -3.58
N LEU I 155 45.68 16.62 -2.92
CA LEU I 155 46.83 15.80 -3.29
C LEU I 155 46.78 15.45 -4.79
N HIS I 156 45.62 15.01 -5.28
CA HIS I 156 45.47 14.56 -6.69
C HIS I 156 45.30 15.62 -7.79
N THR I 157 44.59 16.71 -7.48
CA THR I 157 44.33 17.77 -8.42
C THR I 157 45.49 18.79 -8.45
N GLY I 158 46.22 18.92 -7.33
CA GLY I 158 47.26 19.94 -7.19
C GLY I 158 46.75 21.29 -6.72
N GLN I 159 45.45 21.38 -6.45
CA GLN I 159 44.84 22.58 -5.86
C GLN I 159 45.20 22.68 -4.40
N SER I 160 45.24 23.88 -3.81
CA SER I 160 45.45 23.95 -2.35
C SER I 160 44.29 23.32 -1.57
N LEU I 161 44.55 22.81 -0.36
CA LEU I 161 43.46 22.35 0.47
C LEU I 161 42.33 23.38 0.49
N GLU I 162 42.69 24.64 0.74
CA GLU I 162 41.71 25.71 0.90
C GLU I 162 40.83 25.94 -0.33
N GLN I 163 41.44 25.87 -1.51
CA GLN I 163 40.70 25.96 -2.76
C GLN I 163 39.68 24.85 -2.87
N ILE I 164 40.12 23.61 -2.66
CA ILE I 164 39.20 22.46 -2.64
C ILE I 164 37.99 22.67 -1.67
N GLU I 165 38.27 23.13 -0.45
CA GLU I 165 37.21 23.35 0.58
C GLU I 165 36.18 24.34 0.05
N ARG I 166 36.70 25.46 -0.45
CA ARG I 166 35.90 26.50 -1.06
C ARG I 166 34.98 25.96 -2.15
N ASP I 167 35.56 25.18 -3.05
CA ASP I 167 34.91 24.75 -4.28
C ASP I 167 33.97 23.56 -4.11
N THR I 168 34.04 22.91 -2.95
CA THR I 168 33.19 21.75 -2.61
C THR I 168 32.07 22.03 -1.60
N GLU I 169 32.00 23.22 -1.02
CA GLU I 169 30.91 23.49 -0.07
C GLU I 169 29.54 23.25 -0.71
N ARG I 170 29.39 23.65 -1.97
CA ARG I 170 28.23 23.20 -2.73
C ARG I 170 28.68 22.55 -4.02
N ASP I 171 27.75 21.83 -4.63
CA ASP I 171 27.96 21.18 -5.93
C ASP I 171 28.63 22.11 -6.91
N ARG I 172 29.71 21.63 -7.51
CA ARG I 172 30.39 22.40 -8.54
C ARG I 172 30.54 21.54 -9.79
N PHE I 173 30.07 22.06 -10.91
CA PHE I 173 30.10 21.29 -12.16
C PHE I 173 31.28 21.80 -13.03
N LEU I 174 31.97 20.86 -13.68
CA LEU I 174 33.10 21.14 -14.59
C LEU I 174 32.91 20.43 -15.91
N SER I 175 33.15 21.09 -17.02
CA SER I 175 33.19 20.39 -18.32
C SER I 175 34.52 19.61 -18.41
N ALA I 176 34.70 18.79 -19.45
CA ALA I 176 36.01 18.13 -19.67
C ALA I 176 37.22 19.09 -19.72
N PRO I 177 37.12 20.17 -20.54
CA PRO I 177 38.22 21.15 -20.53
C PRO I 177 38.48 21.84 -19.18
N GLU I 178 37.41 22.12 -18.44
CA GLU I 178 37.55 22.73 -17.12
C GLU I 178 38.17 21.75 -16.14
N ALA I 179 37.77 20.48 -16.22
CA ALA I 179 38.39 19.44 -15.43
C ALA I 179 39.93 19.33 -15.66
N VAL I 180 40.39 19.45 -16.90
CA VAL I 180 41.83 19.38 -17.22
C VAL I 180 42.55 20.55 -16.50
N GLU I 181 41.93 21.72 -16.61
CA GLU I 181 42.40 22.96 -16.04
C GLU I 181 42.50 22.90 -14.53
N TYR I 182 41.53 22.23 -13.90
CA TYR I 182 41.41 22.16 -12.45
C TYR I 182 42.46 21.18 -11.91
N GLY I 183 42.99 20.33 -12.78
CA GLY I 183 43.92 19.30 -12.33
C GLY I 183 43.23 17.98 -12.03
N LEU I 184 41.92 17.89 -12.28
CA LEU I 184 41.14 16.70 -11.94
C LEU I 184 41.52 15.54 -12.86
N VAL I 185 41.77 15.87 -14.11
CA VAL I 185 42.23 14.95 -15.11
C VAL I 185 43.48 15.56 -15.81
N ASP I 186 44.25 14.72 -16.49
CA ASP I 186 45.43 15.16 -17.25
C ASP I 186 45.15 15.65 -18.66
N SER I 187 44.18 15.04 -19.35
CA SER I 187 43.88 15.43 -20.73
C SER I 187 42.55 14.84 -21.18
N ILE I 188 42.18 15.18 -22.40
CA ILE I 188 40.96 14.74 -23.08
C ILE I 188 41.29 13.70 -24.16
N LEU I 189 40.55 12.59 -24.17
CA LEU I 189 40.67 11.65 -25.28
C LEU I 189 39.56 12.00 -26.26
N THR I 190 39.90 12.37 -27.49
CA THR I 190 38.87 12.65 -28.50
C THR I 190 38.78 11.49 -29.48
N HIS I 191 39.93 11.18 -30.10
CA HIS I 191 40.10 10.07 -31.07
C HIS I 191 41.27 9.14 -30.71
N ARG I 192 41.00 7.84 -30.83
CA ARG I 192 41.95 6.77 -30.53
C ARG I 192 43.20 6.80 -31.44
N ASN I 193 44.28 6.19 -30.97
CA ASN I 193 45.46 5.90 -31.79
C ASN I 193 45.90 4.45 -31.57
N LEU J 2 14.30 -16.53 -22.85
CA LEU J 2 13.76 -15.44 -23.72
C LEU J 2 14.63 -15.19 -24.97
N VAL J 3 15.95 -15.09 -24.83
CA VAL J 3 16.79 -14.83 -26.00
C VAL J 3 17.18 -16.16 -26.71
N PRO J 4 16.80 -16.32 -28.01
CA PRO J 4 17.10 -17.57 -28.70
C PRO J 4 18.61 -17.82 -28.91
N MET J 5 18.96 -19.09 -29.05
CA MET J 5 20.35 -19.54 -29.29
C MET J 5 20.56 -19.97 -30.73
N VAL J 6 21.76 -19.71 -31.25
CA VAL J 6 22.18 -20.21 -32.55
C VAL J 6 23.61 -20.77 -32.40
N ILE J 7 24.17 -21.35 -33.48
CA ILE J 7 25.63 -21.63 -33.62
C ILE J 7 26.09 -21.44 -35.08
N GLU J 8 27.33 -20.98 -35.27
CA GLU J 8 27.97 -21.00 -36.60
C GLU J 8 29.33 -21.65 -36.61
N SER J 16 27.92 -21.99 -29.79
CA SER J 16 26.61 -21.69 -29.19
C SER J 16 26.47 -20.23 -28.66
N PHE J 17 26.09 -19.31 -29.56
CA PHE J 17 25.88 -17.87 -29.28
C PHE J 17 24.38 -17.52 -29.16
N ASP J 18 24.01 -16.55 -28.31
CA ASP J 18 22.62 -16.00 -28.34
C ASP J 18 22.43 -15.09 -29.58
N ILE J 19 21.17 -14.72 -29.87
CA ILE J 19 20.85 -13.99 -31.13
C ILE J 19 21.57 -12.66 -31.24
N TYR J 20 21.64 -11.93 -30.14
CA TYR J 20 22.41 -10.69 -30.11
C TYR J 20 23.92 -10.91 -30.30
N SER J 21 24.46 -11.93 -29.63
CA SER J 21 25.85 -12.29 -29.76
C SER J 21 26.17 -12.71 -31.20
N ARG J 22 25.17 -13.28 -31.85
CA ARG J 22 25.35 -13.72 -33.23
C ARG J 22 25.42 -12.52 -34.17
N LEU J 23 24.54 -11.55 -33.95
CA LEU J 23 24.57 -10.38 -34.80
C LEU J 23 25.76 -9.47 -34.52
N LEU J 24 26.25 -9.50 -33.29
CA LEU J 24 27.44 -8.75 -32.88
C LEU J 24 28.67 -9.15 -33.71
N LYS J 25 28.72 -10.40 -34.18
CA LYS J 25 29.80 -10.78 -35.08
C LYS J 25 29.54 -10.36 -36.52
N GLU J 26 28.35 -9.86 -36.82
CA GLU J 26 28.14 -9.11 -38.05
C GLU J 26 28.40 -7.63 -37.80
N ARG J 27 28.98 -7.31 -36.64
CA ARG J 27 29.23 -5.94 -36.21
C ARG J 27 27.91 -5.13 -36.10
N VAL J 28 26.83 -5.83 -35.74
CA VAL J 28 25.54 -5.19 -35.47
C VAL J 28 25.29 -5.05 -33.96
N ILE J 29 24.93 -3.84 -33.54
CA ILE J 29 24.60 -3.52 -32.14
C ILE J 29 23.22 -2.85 -32.12
N PHE J 30 22.45 -3.21 -31.10
CA PHE J 30 21.13 -2.67 -30.94
C PHE J 30 21.07 -1.76 -29.73
N LEU J 31 20.54 -0.56 -29.94
CA LEU J 31 20.13 0.35 -28.90
C LEU J 31 18.62 0.45 -28.88
N THR J 32 18.03 -0.13 -27.84
CA THR J 32 16.57 -0.26 -27.73
C THR J 32 16.03 0.22 -26.39
N GLY J 33 14.96 1.02 -26.43
CA GLY J 33 14.34 1.44 -25.18
C GLY J 33 15.05 2.64 -24.58
N GLN J 34 14.79 2.93 -23.32
CA GLN J 34 15.27 4.15 -22.65
C GLN J 34 16.76 4.12 -22.45
N VAL J 35 17.42 5.25 -22.74
CA VAL J 35 18.85 5.35 -22.57
C VAL J 35 19.10 5.55 -21.08
N GLU J 36 19.93 4.68 -20.52
CA GLU J 36 20.24 4.70 -19.11
C GLU J 36 21.68 4.15 -18.98
N ASP J 37 22.35 4.43 -17.87
CA ASP J 37 23.79 4.11 -17.67
C ASP J 37 24.18 2.70 -18.02
N HIS J 38 23.42 1.72 -17.55
CA HIS J 38 23.82 0.32 -17.67
C HIS J 38 23.62 -0.25 -19.08
N MET J 39 22.47 0.01 -19.72
CA MET J 39 22.31 -0.37 -21.12
C MET J 39 23.29 0.40 -22.02
N ALA J 40 23.60 1.64 -21.66
CA ALA J 40 24.57 2.44 -22.42
C ALA J 40 25.97 1.87 -22.30
N ASN J 41 26.35 1.42 -21.11
CA ASN J 41 27.65 0.78 -20.89
C ASN J 41 27.73 -0.51 -21.73
N LEU J 42 26.60 -1.21 -21.88
CA LEU J 42 26.58 -2.41 -22.67
C LEU J 42 26.91 -2.09 -24.12
N ILE J 43 26.34 -1.01 -24.66
CA ILE J 43 26.61 -0.57 -26.04
C ILE J 43 28.07 -0.12 -26.20
N VAL J 44 28.55 0.70 -25.25
CA VAL J 44 29.94 1.13 -25.20
C VAL J 44 30.86 -0.10 -25.25
N ALA J 45 30.61 -1.12 -24.41
CA ALA J 45 31.41 -2.36 -24.39
C ALA J 45 31.45 -3.09 -25.73
N GLN J 46 30.27 -3.24 -26.35
CA GLN J 46 30.16 -3.80 -27.70
C GLN J 46 30.90 -2.98 -28.75
N MET J 47 30.80 -1.65 -28.69
CA MET J 47 31.60 -0.83 -29.61
C MET J 47 33.11 -1.05 -29.49
N LEU J 48 33.59 -1.06 -28.24
CA LEU J 48 35.01 -1.26 -27.95
C LEU J 48 35.50 -2.65 -28.37
N PHE J 49 34.68 -3.66 -28.12
CA PHE J 49 34.98 -5.03 -28.58
C PHE J 49 35.16 -5.09 -30.10
N LEU J 50 34.25 -4.46 -30.81
CA LEU J 50 34.24 -4.50 -32.27
C LEU J 50 35.40 -3.72 -32.85
N GLU J 51 35.74 -2.59 -32.22
CA GLU J 51 37.00 -1.90 -32.54
C GLU J 51 38.26 -2.78 -32.35
N ALA J 52 38.28 -3.58 -31.29
CA ALA J 52 39.37 -4.53 -31.09
C ALA J 52 39.40 -5.59 -32.19
N GLU J 53 38.28 -6.27 -32.42
CA GLU J 53 38.13 -7.23 -33.53
C GLU J 53 38.65 -6.76 -34.90
N ASN J 54 38.28 -5.53 -35.27
CA ASN J 54 38.71 -4.94 -36.53
C ASN J 54 38.55 -3.42 -36.48
N PRO J 55 39.66 -2.67 -36.30
CA PRO J 55 39.61 -1.20 -36.30
C PRO J 55 39.09 -0.55 -37.58
N GLU J 56 39.03 -1.33 -38.66
CA GLU J 56 38.81 -0.78 -39.98
C GLU J 56 37.38 -0.95 -40.48
N LYS J 57 36.65 -1.92 -39.93
CA LYS J 57 35.34 -2.25 -40.46
C LYS J 57 34.25 -1.44 -39.75
N ASP J 58 33.28 -0.97 -40.51
CA ASP J 58 32.17 -0.18 -39.98
C ASP J 58 31.41 -0.93 -38.89
N ILE J 59 30.81 -0.17 -37.96
CA ILE J 59 29.87 -0.74 -37.00
C ILE J 59 28.48 -0.22 -37.37
N TYR J 60 27.47 -1.10 -37.25
CA TYR J 60 26.07 -0.69 -37.41
C TYR J 60 25.32 -0.58 -36.08
N LEU J 61 24.72 0.58 -35.84
CA LEU J 61 23.97 0.72 -34.61
C LEU J 61 22.48 0.95 -34.91
N TYR J 62 21.65 -0.05 -34.62
CA TYR J 62 20.21 0.11 -34.82
C TYR J 62 19.65 0.84 -33.60
N ILE J 63 18.81 1.83 -33.86
CA ILE J 63 18.30 2.69 -32.79
C ILE J 63 16.79 2.69 -32.80
N ASN J 64 16.20 2.24 -31.69
CA ASN J 64 14.74 2.34 -31.48
C ASN J 64 14.54 2.72 -30.03
N SER J 65 14.47 4.03 -29.80
CA SER J 65 14.52 4.55 -28.43
C SER J 65 13.58 5.75 -28.27
N PRO J 66 12.90 5.87 -27.11
CA PRO J 66 12.06 7.01 -26.82
C PRO J 66 12.86 8.16 -26.21
N GLY J 67 14.15 7.95 -25.96
CA GLY J 67 15.02 8.98 -25.35
C GLY J 67 15.70 8.42 -24.11
N GLY J 68 16.17 9.30 -23.25
CA GLY J 68 16.85 8.87 -22.03
C GLY J 68 17.74 9.89 -21.33
N VAL J 69 18.61 9.38 -20.47
CA VAL J 69 19.43 10.21 -19.60
C VAL J 69 20.56 10.78 -20.42
N ILE J 70 20.77 12.09 -20.32
CA ILE J 70 21.80 12.77 -21.16
C ILE J 70 23.21 12.22 -20.95
N THR J 71 23.67 12.14 -19.70
CA THR J 71 25.03 11.65 -19.51
C THR J 71 25.20 10.20 -19.99
N ALA J 72 24.21 9.31 -19.75
CA ALA J 72 24.28 7.94 -20.33
C ALA J 72 24.45 7.99 -21.86
N GLY J 73 23.62 8.80 -22.51
CA GLY J 73 23.75 9.01 -23.96
C GLY J 73 25.09 9.56 -24.38
N MET J 74 25.69 10.43 -23.56
CA MET J 74 26.97 11.03 -23.95
C MET J 74 28.12 10.04 -23.78
N SER J 75 27.97 9.02 -22.92
CA SER J 75 28.95 7.92 -22.87
C SER J 75 29.01 7.23 -24.22
N ILE J 76 27.83 7.08 -24.83
CA ILE J 76 27.73 6.37 -26.12
C ILE J 76 28.25 7.30 -27.19
N TYR J 77 27.79 8.56 -27.15
CA TYR J 77 28.24 9.53 -28.14
C TYR J 77 29.74 9.62 -28.24
N ASP J 78 30.41 9.83 -27.10
CA ASP J 78 31.86 10.01 -27.13
C ASP J 78 32.57 8.75 -27.56
N THR J 79 31.98 7.60 -27.26
CA THR J 79 32.60 6.31 -27.70
C THR J 79 32.54 6.18 -29.24
N MET J 80 31.37 6.50 -29.80
CA MET J 80 31.14 6.51 -31.23
C MET J 80 32.20 7.36 -31.93
N GLN J 81 32.53 8.52 -31.35
CA GLN J 81 33.54 9.41 -31.98
C GLN J 81 34.97 8.93 -31.71
N PHE J 82 35.21 8.38 -30.53
CA PHE J 82 36.55 7.99 -30.13
C PHE J 82 37.12 6.81 -30.93
N ILE J 83 36.36 5.73 -31.06
CA ILE J 83 36.85 4.53 -31.75
C ILE J 83 37.19 4.82 -33.19
N LYS J 84 38.08 3.99 -33.76
CA LYS J 84 38.53 4.08 -35.15
C LYS J 84 37.44 3.75 -36.20
N PRO J 85 36.67 2.65 -36.02
CA PRO J 85 35.58 2.35 -36.99
C PRO J 85 34.52 3.45 -37.17
N ASP J 86 34.00 3.60 -38.39
CA ASP J 86 32.80 4.40 -38.60
C ASP J 86 31.60 3.69 -37.94
N VAL J 87 30.75 4.46 -37.25
CA VAL J 87 29.49 3.92 -36.73
C VAL J 87 28.34 4.45 -37.61
N SER J 88 27.76 3.54 -38.35
CA SER J 88 26.58 3.76 -39.16
C SER J 88 25.36 3.56 -38.26
N THR J 89 24.44 4.52 -38.24
CA THR J 89 23.24 4.42 -37.41
C THR J 89 22.00 4.19 -38.28
N ILE J 90 21.09 3.32 -37.79
CA ILE J 90 19.86 3.04 -38.52
C ILE J 90 18.69 3.16 -37.55
N CYS J 91 17.80 4.11 -37.84
CA CYS J 91 16.60 4.28 -37.05
C CYS J 91 15.48 3.31 -37.49
N MET J 92 14.93 2.58 -36.53
CA MET J 92 13.76 1.72 -36.79
C MET J 92 12.78 1.94 -35.65
N GLY J 93 11.49 2.06 -35.96
CA GLY J 93 10.49 2.40 -34.95
C GLY J 93 10.62 3.90 -34.70
N GLN J 94 11.43 4.31 -33.73
CA GLN J 94 11.57 5.71 -33.49
C GLN J 94 12.94 6.05 -32.93
N ALA J 95 13.34 7.30 -33.09
CA ALA J 95 14.51 7.81 -32.37
C ALA J 95 14.07 9.16 -31.81
N ALA J 96 13.78 9.20 -30.52
CA ALA J 96 13.31 10.41 -29.88
C ALA J 96 14.35 10.95 -28.91
N SER J 97 14.55 12.26 -28.99
CA SER J 97 15.40 12.99 -28.05
C SER J 97 16.81 12.37 -28.02
N MET J 98 17.23 11.77 -26.90
CA MET J 98 18.57 11.13 -26.88
C MET J 98 18.75 10.10 -28.02
N GLY J 99 17.69 9.38 -28.39
CA GLY J 99 17.73 8.50 -29.54
C GLY J 99 18.00 9.22 -30.85
N ALA J 100 17.29 10.33 -31.09
CA ALA J 100 17.53 11.19 -32.27
C ALA J 100 18.95 11.81 -32.28
N PHE J 101 19.45 12.12 -31.09
CA PHE J 101 20.79 12.68 -30.98
C PHE J 101 21.86 11.65 -31.39
N LEU J 102 21.74 10.41 -30.88
CA LEU J 102 22.69 9.37 -31.22
C LEU J 102 22.57 8.94 -32.69
N LEU J 103 21.35 8.99 -33.21
CA LEU J 103 21.10 8.82 -34.65
C LEU J 103 21.90 9.82 -35.51
N THR J 104 21.86 11.13 -35.17
CA THR J 104 22.50 12.15 -36.05
C THR J 104 24.02 12.16 -35.82
N ALA J 105 24.42 11.53 -34.74
CA ALA J 105 25.82 11.40 -34.35
C ALA J 105 26.62 10.37 -35.17
N GLY J 106 25.91 9.55 -35.97
CA GLY J 106 26.53 8.51 -36.82
C GLY J 106 27.46 9.10 -37.85
N ALA J 107 28.35 8.29 -38.41
CA ALA J 107 29.23 8.74 -39.51
C ALA J 107 28.45 9.43 -40.66
N LYS J 108 28.89 10.64 -41.05
CA LYS J 108 28.21 11.38 -42.12
C LYS J 108 28.23 10.54 -43.40
N GLY J 109 27.07 10.41 -44.03
CA GLY J 109 26.89 9.54 -45.18
C GLY J 109 26.32 8.20 -44.78
N LYS J 110 26.45 7.84 -43.50
CA LYS J 110 26.07 6.52 -43.03
C LYS J 110 24.96 6.54 -41.98
N ARG J 111 24.20 7.63 -41.95
CA ARG J 111 23.05 7.73 -41.04
C ARG J 111 21.78 7.48 -41.85
N PHE J 112 20.95 6.56 -41.35
CA PHE J 112 19.70 6.09 -42.02
C PHE J 112 18.43 6.05 -41.16
N CYS J 113 17.32 6.38 -41.82
CA CYS J 113 15.99 6.04 -41.26
C CYS J 113 15.35 4.99 -42.17
N LEU J 114 14.73 3.98 -41.57
CA LEU J 114 13.80 3.12 -42.27
C LEU J 114 12.54 3.94 -42.65
N PRO J 115 11.80 3.53 -43.70
CA PRO J 115 10.77 4.39 -44.30
C PRO J 115 9.67 4.90 -43.37
N ASN J 116 9.27 4.10 -42.37
CA ASN J 116 8.16 4.43 -41.46
C ASN J 116 8.61 4.72 -40.03
N SER J 117 9.93 4.96 -39.88
CA SER J 117 10.57 5.52 -38.70
C SER J 117 10.06 6.91 -38.43
N ARG J 118 9.99 7.28 -37.16
CA ARG J 118 9.77 8.67 -36.86
C ARG J 118 10.84 9.17 -35.91
N VAL J 119 11.13 10.46 -36.01
CA VAL J 119 12.18 11.05 -35.17
C VAL J 119 11.54 12.18 -34.36
N MET J 120 11.94 12.35 -33.11
CA MET J 120 11.45 13.48 -32.36
C MET J 120 12.61 14.18 -31.67
N ILE J 121 12.59 15.51 -31.63
CA ILE J 121 13.65 16.25 -30.95
C ILE J 121 13.06 17.17 -29.89
N HIS J 122 13.78 17.36 -28.80
CA HIS J 122 13.32 18.30 -27.78
C HIS J 122 14.48 18.71 -26.85
N GLN J 123 14.29 19.80 -26.11
CA GLN J 123 15.27 20.26 -25.12
C GLN J 123 15.28 19.35 -23.85
N PRO J 124 16.31 19.49 -22.99
CA PRO J 124 16.37 18.71 -21.75
C PRO J 124 15.22 18.97 -20.76
N LEU J 125 14.88 17.93 -19.99
CA LEU J 125 13.93 17.99 -18.89
C LEU J 125 14.65 17.63 -17.63
N GLY J 126 14.32 18.29 -16.53
CA GLY J 126 14.99 17.96 -15.32
C GLY J 126 14.24 18.42 -14.13
N GLY J 127 14.94 18.46 -13.01
CA GLY J 127 14.23 18.77 -11.79
C GLY J 127 15.08 18.68 -10.58
N TYR J 128 14.93 19.71 -9.74
CA TYR J 128 15.73 19.83 -8.54
C TYR J 128 14.89 20.35 -7.37
N GLN J 129 15.36 20.07 -6.15
CA GLN J 129 14.77 20.53 -4.91
C GLN J 129 15.86 20.93 -3.94
N GLY J 130 15.76 22.10 -3.36
CA GLY J 130 16.78 22.47 -2.40
C GLY J 130 16.78 23.96 -2.18
N GLN J 131 17.84 24.43 -1.53
CA GLN J 131 17.94 25.84 -1.17
C GLN J 131 18.04 26.63 -2.46
N ALA J 132 17.58 27.88 -2.48
CA ALA J 132 17.71 28.74 -3.68
C ALA J 132 19.12 28.79 -4.34
N THR J 133 20.17 28.92 -3.52
CA THR J 133 21.56 28.90 -4.01
C THR J 133 21.83 27.65 -4.85
N ASP J 134 21.39 26.47 -4.35
CA ASP J 134 21.60 25.19 -5.04
C ASP J 134 20.76 25.07 -6.31
N ILE J 135 19.54 25.60 -6.25
CA ILE J 135 18.65 25.64 -7.41
C ILE J 135 19.32 26.42 -8.57
N GLU J 136 19.93 27.57 -8.23
CA GLU J 136 20.65 28.36 -9.23
C GLU J 136 21.81 27.55 -9.85
N ILE J 137 22.58 26.86 -9.02
CA ILE J 137 23.69 26.01 -9.48
C ILE J 137 23.18 24.97 -10.47
N HIS J 138 22.10 24.27 -10.09
CA HIS J 138 21.53 23.20 -10.92
C HIS J 138 20.84 23.66 -12.19
N ALA J 139 20.16 24.82 -12.11
CA ALA J 139 19.51 25.44 -13.25
C ALA J 139 20.60 25.88 -14.23
N ARG J 140 21.65 26.50 -13.72
CA ARG J 140 22.79 26.91 -14.55
C ARG J 140 23.35 25.72 -15.34
N GLU J 141 23.53 24.60 -14.65
CA GLU J 141 24.05 23.36 -15.25
C GLU J 141 23.16 22.81 -16.37
N ILE J 142 21.86 22.74 -16.14
CA ILE J 142 20.95 22.18 -17.18
C ILE J 142 20.91 23.13 -18.37
N LEU J 143 21.03 24.43 -18.12
CA LEU J 143 21.15 25.39 -19.21
C LEU J 143 22.44 25.22 -20.05
N LYS J 144 23.56 24.94 -19.40
CA LYS J 144 24.83 24.65 -20.09
C LYS J 144 24.73 23.42 -20.97
N VAL J 145 24.20 22.34 -20.39
CA VAL J 145 23.95 21.09 -21.10
C VAL J 145 23.00 21.29 -22.28
N LYS J 146 21.90 22.03 -22.08
CA LYS J 146 20.96 22.38 -23.16
C LYS J 146 21.73 23.05 -24.31
N GLY J 147 22.54 24.06 -23.99
CA GLY J 147 23.38 24.74 -25.00
C GLY J 147 24.34 23.81 -25.72
N ARG J 148 25.04 22.97 -24.95
CA ARG J 148 26.03 22.10 -25.55
C ARG J 148 25.38 21.04 -26.48
N MET J 149 24.24 20.48 -26.07
CA MET J 149 23.54 19.52 -26.89
C MET J 149 23.03 20.21 -28.16
N ASN J 150 22.58 21.47 -28.05
CA ASN J 150 22.15 22.23 -29.23
C ASN J 150 23.31 22.44 -30.21
N GLU J 151 24.49 22.80 -29.68
CA GLU J 151 25.64 23.04 -30.58
C GLU J 151 26.03 21.73 -31.25
N LEU J 152 25.99 20.62 -30.51
CA LEU J 152 26.28 19.30 -31.11
C LEU J 152 25.23 18.90 -32.17
N MET J 153 23.96 19.14 -31.89
CA MET J 153 22.91 18.94 -32.90
C MET J 153 23.10 19.81 -34.16
N ALA J 154 23.49 21.07 -33.97
CA ALA J 154 23.71 22.00 -35.08
C ALA J 154 24.88 21.50 -35.94
N LEU J 155 25.95 21.03 -35.28
CA LEU J 155 27.10 20.46 -35.97
C LEU J 155 26.75 19.27 -36.86
N HIS J 156 26.07 18.26 -36.31
CA HIS J 156 25.71 17.03 -37.04
C HIS J 156 24.59 17.20 -38.10
N THR J 157 23.62 18.09 -37.85
CA THR J 157 22.50 18.30 -38.78
C THR J 157 22.79 19.33 -39.89
N GLY J 158 23.78 20.21 -39.70
CA GLY J 158 23.96 21.37 -40.57
C GLY J 158 22.99 22.54 -40.43
N GLN J 159 22.04 22.43 -39.50
CA GLN J 159 21.18 23.56 -39.13
C GLN J 159 21.92 24.59 -38.29
N SER J 160 21.54 25.87 -38.41
CA SER J 160 22.05 26.90 -37.49
C SER J 160 21.68 26.57 -36.03
N LEU J 161 22.59 26.89 -35.11
CA LEU J 161 22.31 26.75 -33.68
C LEU J 161 20.95 27.39 -33.33
N GLU J 162 20.64 28.53 -33.94
CA GLU J 162 19.36 29.20 -33.69
C GLU J 162 18.15 28.40 -34.15
N GLN J 163 18.32 27.68 -35.26
CA GLN J 163 17.24 26.84 -35.76
C GLN J 163 16.98 25.66 -34.83
N ILE J 164 18.06 25.01 -34.42
CA ILE J 164 17.95 23.92 -33.46
C ILE J 164 17.29 24.40 -32.20
N GLU J 165 17.68 25.57 -31.70
CA GLU J 165 17.04 26.18 -30.53
C GLU J 165 15.54 26.30 -30.69
N ARG J 166 15.09 27.01 -31.73
CA ARG J 166 13.65 27.14 -31.88
C ARG J 166 12.92 25.82 -32.03
N ASP J 167 13.55 24.84 -32.67
CA ASP J 167 12.90 23.59 -33.08
C ASP J 167 12.83 22.59 -31.93
N THR J 168 13.61 22.86 -30.88
CA THR J 168 13.66 22.01 -29.68
C THR J 168 13.03 22.61 -28.40
N GLU J 169 12.54 23.84 -28.47
CA GLU J 169 11.90 24.46 -27.33
C GLU J 169 10.72 23.59 -26.89
N ARG J 170 10.02 23.03 -27.87
CA ARG J 170 8.94 22.04 -27.59
C ARG J 170 9.18 20.84 -28.49
N ASP J 171 8.54 19.71 -28.19
CA ASP J 171 8.71 18.48 -28.98
C ASP J 171 8.45 18.74 -30.45
N ARG J 172 9.31 18.22 -31.30
CA ARG J 172 9.11 18.35 -32.72
C ARG J 172 9.30 16.99 -33.36
N PHE J 173 8.31 16.57 -34.13
CA PHE J 173 8.29 15.29 -34.79
C PHE J 173 8.62 15.43 -36.27
N LEU J 174 9.35 14.43 -36.79
CA LEU J 174 9.80 14.42 -38.18
C LEU J 174 9.56 13.01 -38.68
N SER J 175 8.95 12.92 -39.86
CA SER J 175 8.88 11.68 -40.64
C SER J 175 10.29 11.34 -41.18
N ALA J 176 10.45 10.14 -41.76
CA ALA J 176 11.75 9.76 -42.33
C ALA J 176 12.18 10.73 -43.46
N PRO J 177 11.26 11.08 -44.37
CA PRO J 177 11.64 12.08 -45.36
C PRO J 177 12.02 13.46 -44.79
N GLU J 178 11.30 13.91 -43.75
CA GLU J 178 11.62 15.19 -43.09
C GLU J 178 12.98 15.16 -42.38
N ALA J 179 13.32 14.01 -41.78
CA ALA J 179 14.62 13.83 -41.12
C ALA J 179 15.78 13.97 -42.13
N VAL J 180 15.60 13.44 -43.33
CA VAL J 180 16.61 13.63 -44.38
C VAL J 180 16.73 15.10 -44.73
N GLU J 181 15.57 15.75 -44.91
CA GLU J 181 15.53 17.15 -45.34
C GLU J 181 16.18 18.01 -44.28
N TYR J 182 16.00 17.56 -43.04
CA TYR J 182 16.54 18.30 -41.91
C TYR J 182 18.06 18.20 -41.74
N GLY J 183 18.67 17.19 -42.34
CA GLY J 183 20.08 16.88 -42.11
C GLY J 183 20.34 15.94 -40.95
N LEU J 184 19.26 15.40 -40.36
CA LEU J 184 19.29 14.49 -39.19
C LEU J 184 19.90 13.15 -39.56
N VAL J 185 19.47 12.64 -40.73
CA VAL J 185 20.04 11.46 -41.36
C VAL J 185 20.36 11.79 -42.79
N ASP J 186 21.12 10.91 -43.43
CA ASP J 186 21.53 11.13 -44.79
C ASP J 186 20.54 10.57 -45.80
N SER J 187 19.98 9.38 -45.54
CA SER J 187 18.99 8.81 -46.49
C SER J 187 18.04 7.81 -45.84
N ILE J 188 17.00 7.44 -46.60
CA ILE J 188 15.99 6.43 -46.20
C ILE J 188 16.50 5.13 -46.77
N LEU J 189 16.48 4.09 -45.96
CA LEU J 189 16.77 2.74 -46.45
C LEU J 189 15.43 2.06 -46.61
N THR J 190 15.19 1.47 -47.79
CA THR J 190 13.90 0.77 -48.02
C THR J 190 14.02 -0.74 -48.18
N HIS J 191 14.90 -1.15 -49.09
CA HIS J 191 15.14 -2.56 -49.38
C HIS J 191 16.63 -2.79 -49.39
N ARG J 192 17.05 -3.92 -48.83
CA ARG J 192 18.46 -4.25 -48.73
C ARG J 192 19.01 -4.29 -50.16
N ASN J 193 20.00 -3.44 -50.40
CA ASN J 193 20.87 -3.46 -51.59
C ASN J 193 21.05 -4.89 -52.09
N LEU K 2 9.96 -22.33 -17.06
CA LEU K 2 10.48 -23.49 -17.86
C LEU K 2 10.13 -23.37 -19.36
N VAL K 3 11.12 -23.72 -20.21
CA VAL K 3 11.01 -23.72 -21.69
C VAL K 3 11.87 -24.89 -22.22
N PRO K 4 11.25 -25.88 -22.92
CA PRO K 4 11.89 -27.19 -23.18
C PRO K 4 13.17 -27.19 -24.02
N MET K 5 14.02 -28.18 -23.77
CA MET K 5 15.32 -28.33 -24.45
C MET K 5 15.36 -29.48 -25.45
N VAL K 6 16.01 -29.26 -26.58
CA VAL K 6 16.34 -30.37 -27.47
C VAL K 6 17.86 -30.65 -27.44
N ILE K 7 18.22 -31.93 -27.44
CA ILE K 7 19.58 -32.41 -27.15
C ILE K 7 20.28 -32.97 -28.41
N GLU K 8 21.55 -33.42 -28.27
CA GLU K 8 22.35 -33.89 -29.41
C GLU K 8 23.39 -34.96 -29.04
N ARG K 15 25.35 -30.89 -27.07
CA ARG K 15 24.73 -29.59 -27.39
C ARG K 15 23.28 -29.52 -26.91
N SER K 16 22.78 -28.31 -26.65
CA SER K 16 21.40 -28.11 -26.17
C SER K 16 20.72 -26.87 -26.80
N PHE K 17 19.50 -27.02 -27.34
CA PHE K 17 18.73 -25.91 -27.94
C PHE K 17 17.35 -25.74 -27.29
N ASP K 18 16.93 -24.52 -26.99
CA ASP K 18 15.58 -24.30 -26.46
C ASP K 18 14.51 -24.39 -27.58
N ILE K 19 13.28 -24.77 -27.24
CA ILE K 19 12.25 -25.00 -28.26
C ILE K 19 12.25 -23.94 -29.36
N TYR K 20 12.28 -22.66 -28.99
CA TYR K 20 12.22 -21.61 -30.00
C TYR K 20 13.46 -21.54 -30.92
N SER K 21 14.63 -21.92 -30.40
CA SER K 21 15.90 -21.93 -31.16
C SER K 21 15.89 -22.94 -32.27
N ARG K 22 15.51 -24.16 -31.90
CA ARG K 22 15.28 -25.27 -32.83
C ARG K 22 14.34 -24.87 -33.98
N LEU K 23 13.23 -24.21 -33.67
CA LEU K 23 12.27 -23.88 -34.68
C LEU K 23 12.81 -22.74 -35.53
N LEU K 24 13.67 -21.92 -34.93
CA LEU K 24 14.40 -20.91 -35.67
C LEU K 24 15.20 -21.52 -36.84
N LYS K 25 15.82 -22.69 -36.61
CA LYS K 25 16.46 -23.48 -37.70
C LYS K 25 15.51 -23.79 -38.84
N GLU K 26 14.21 -23.92 -38.54
CA GLU K 26 13.14 -24.05 -39.54
C GLU K 26 12.69 -22.72 -40.13
N ARG K 27 13.39 -21.63 -39.82
CA ARG K 27 12.98 -20.26 -40.24
C ARG K 27 11.59 -19.85 -39.73
N VAL K 28 11.28 -20.29 -38.52
CA VAL K 28 10.01 -19.94 -37.84
C VAL K 28 10.25 -19.00 -36.66
N ILE K 29 9.50 -17.89 -36.64
CA ILE K 29 9.61 -16.87 -35.60
C ILE K 29 8.23 -16.66 -35.00
N PHE K 30 8.16 -16.47 -33.69
CA PHE K 30 6.88 -16.26 -33.07
C PHE K 30 6.75 -14.83 -32.58
N LEU K 31 5.64 -14.22 -32.92
CA LEU K 31 5.25 -12.94 -32.36
C LEU K 31 4.01 -13.21 -31.49
N THR K 32 4.21 -13.11 -30.18
CA THR K 32 3.19 -13.47 -29.19
C THR K 32 3.04 -12.36 -28.14
N GLY K 33 1.80 -11.92 -27.94
CA GLY K 33 1.49 -11.01 -26.87
C GLY K 33 1.61 -9.56 -27.32
N GLN K 34 1.54 -8.62 -26.36
CA GLN K 34 1.57 -7.18 -26.71
C GLN K 34 2.87 -6.83 -27.43
N VAL K 35 2.75 -6.07 -28.52
CA VAL K 35 3.92 -5.54 -29.21
C VAL K 35 4.55 -4.37 -28.45
N GLU K 36 5.81 -4.53 -28.09
CA GLU K 36 6.55 -3.60 -27.25
C GLU K 36 8.00 -3.61 -27.76
N ASP K 37 8.76 -2.56 -27.44
CA ASP K 37 10.10 -2.40 -28.04
C ASP K 37 11.02 -3.62 -27.92
N HIS K 38 11.05 -4.26 -26.75
CA HIS K 38 12.08 -5.29 -26.48
C HIS K 38 11.71 -6.60 -27.18
N MET K 39 10.46 -6.98 -27.05
CA MET K 39 10.00 -8.17 -27.80
C MET K 39 10.10 -7.94 -29.33
N ALA K 40 9.88 -6.69 -29.75
CA ALA K 40 9.95 -6.36 -31.17
C ALA K 40 11.37 -6.45 -31.66
N ASN K 41 12.32 -6.00 -30.85
CA ASN K 41 13.75 -6.02 -31.22
C ASN K 41 14.16 -7.49 -31.39
N LEU K 42 13.63 -8.39 -30.54
CA LEU K 42 14.00 -9.80 -30.57
C LEU K 42 13.55 -10.42 -31.90
N ILE K 43 12.37 -10.03 -32.34
CA ILE K 43 11.83 -10.38 -33.69
C ILE K 43 12.67 -9.82 -34.83
N VAL K 44 12.98 -8.52 -34.77
CA VAL K 44 13.90 -7.90 -35.74
C VAL K 44 15.18 -8.68 -35.79
N ALA K 45 15.78 -8.96 -34.63
CA ALA K 45 17.02 -9.74 -34.56
C ALA K 45 16.95 -11.12 -35.26
N GLN K 46 15.96 -11.94 -34.91
CA GLN K 46 15.70 -13.20 -35.61
C GLN K 46 15.48 -13.03 -37.14
N MET K 47 14.76 -11.98 -37.59
CA MET K 47 14.65 -11.72 -39.04
C MET K 47 16.01 -11.41 -39.71
N LEU K 48 16.80 -10.56 -39.05
CA LEU K 48 18.11 -10.23 -39.60
C LEU K 48 19.00 -11.45 -39.62
N PHE K 49 18.94 -12.27 -38.56
CA PHE K 49 19.67 -13.53 -38.52
C PHE K 49 19.28 -14.47 -39.64
N LEU K 50 17.98 -14.68 -39.81
CA LEU K 50 17.50 -15.59 -40.87
C LEU K 50 17.86 -15.08 -42.28
N GLU K 51 17.84 -13.77 -42.50
CA GLU K 51 18.35 -13.18 -43.76
C GLU K 51 19.83 -13.48 -43.97
N ALA K 52 20.63 -13.35 -42.92
CA ALA K 52 22.08 -13.62 -43.06
C ALA K 52 22.36 -15.10 -43.35
N GLU K 53 21.59 -16.01 -42.73
CA GLU K 53 21.73 -17.44 -42.99
C GLU K 53 21.34 -17.79 -44.41
N ASN K 54 20.23 -17.23 -44.87
CA ASN K 54 19.78 -17.45 -46.24
C ASN K 54 18.90 -16.32 -46.76
N PRO K 55 19.45 -15.48 -47.64
CA PRO K 55 18.69 -14.31 -48.06
C PRO K 55 17.49 -14.64 -48.97
N GLU K 56 17.43 -15.86 -49.50
CA GLU K 56 16.42 -16.25 -50.49
C GLU K 56 15.15 -16.88 -49.93
N LYS K 57 15.29 -17.61 -48.82
CA LYS K 57 14.24 -18.50 -48.33
C LYS K 57 13.21 -17.78 -47.45
N ASP K 58 11.95 -18.16 -47.54
CA ASP K 58 10.88 -17.54 -46.76
C ASP K 58 11.11 -17.68 -45.25
N ILE K 59 10.71 -16.65 -44.53
CA ILE K 59 10.64 -16.69 -43.08
C ILE K 59 9.19 -16.80 -42.75
N TYR K 60 8.85 -17.63 -41.76
CA TYR K 60 7.45 -17.75 -41.30
C TYR K 60 7.25 -17.05 -40.00
N LEU K 61 6.36 -16.06 -39.98
CA LEU K 61 6.09 -15.32 -38.74
C LEU K 61 4.66 -15.65 -38.23
N TYR K 62 4.58 -16.43 -37.15
CA TYR K 62 3.31 -16.80 -36.53
C TYR K 62 2.95 -15.63 -35.62
N ILE K 63 1.69 -15.21 -35.67
CA ILE K 63 1.23 -14.03 -34.92
C ILE K 63 0.04 -14.35 -34.05
N ASN K 64 0.18 -14.07 -32.76
CA ASN K 64 -0.90 -14.17 -31.82
C ASN K 64 -0.77 -12.99 -30.85
N SER K 65 -1.48 -11.91 -31.15
CA SER K 65 -1.18 -10.67 -30.43
C SER K 65 -2.43 -9.86 -30.26
N PRO K 66 -2.60 -9.22 -29.09
CA PRO K 66 -3.73 -8.31 -28.84
C PRO K 66 -3.56 -6.86 -29.34
N GLY K 67 -2.35 -6.49 -29.76
CA GLY K 67 -2.03 -5.19 -30.36
C GLY K 67 -0.71 -4.73 -29.76
N GLY K 68 -0.54 -3.42 -29.62
CA GLY K 68 0.64 -2.90 -28.97
C GLY K 68 1.05 -1.55 -29.51
N VAL K 69 2.31 -1.19 -29.22
CA VAL K 69 2.83 0.16 -29.45
C VAL K 69 3.17 0.33 -30.93
N ILE K 70 2.68 1.39 -31.56
CA ILE K 70 2.87 1.63 -32.98
C ILE K 70 4.34 1.69 -33.42
N THR K 71 5.14 2.49 -32.72
CA THR K 71 6.54 2.58 -33.16
C THR K 71 7.25 1.26 -33.01
N ALA K 72 6.94 0.46 -31.96
CA ALA K 72 7.55 -0.88 -31.83
C ALA K 72 7.14 -1.75 -33.02
N GLY K 73 5.84 -1.76 -33.32
CA GLY K 73 5.30 -2.46 -34.50
C GLY K 73 5.98 -2.03 -35.78
N MET K 74 6.35 -0.75 -35.89
CA MET K 74 6.90 -0.25 -37.15
C MET K 74 8.35 -0.64 -37.38
N SER K 75 9.05 -1.01 -36.29
CA SER K 75 10.40 -1.59 -36.39
C SER K 75 10.33 -2.96 -37.07
N ILE K 76 9.33 -3.75 -36.69
CA ILE K 76 9.06 -5.03 -37.29
C ILE K 76 8.60 -4.83 -38.73
N TYR K 77 7.63 -3.95 -38.96
CA TYR K 77 7.08 -3.72 -40.32
C TYR K 77 8.19 -3.39 -41.32
N ASP K 78 9.03 -2.45 -40.93
CA ASP K 78 10.05 -1.96 -41.86
C ASP K 78 11.12 -3.02 -42.10
N THR K 79 11.41 -3.82 -41.06
CA THR K 79 12.36 -4.93 -41.20
C THR K 79 11.78 -5.94 -42.18
N MET K 80 10.48 -6.25 -42.02
CA MET K 80 9.83 -7.21 -42.94
C MET K 80 9.95 -6.71 -44.38
N GLN K 81 9.83 -5.39 -44.61
CA GLN K 81 9.98 -4.85 -46.01
C GLN K 81 11.45 -4.73 -46.47
N PHE K 82 12.33 -4.27 -45.56
CA PHE K 82 13.77 -4.11 -45.86
C PHE K 82 14.51 -5.42 -46.26
N ILE K 83 14.35 -6.48 -45.46
CA ILE K 83 15.15 -7.73 -45.66
C ILE K 83 14.82 -8.40 -47.00
N LYS K 84 15.75 -9.23 -47.48
CA LYS K 84 15.62 -9.92 -48.79
C LYS K 84 14.54 -11.03 -48.84
N PRO K 85 14.51 -11.95 -47.86
CA PRO K 85 13.45 -13.00 -47.81
C PRO K 85 12.03 -12.44 -47.69
N ASP K 86 11.07 -13.07 -48.40
CA ASP K 86 9.62 -12.88 -48.07
C ASP K 86 9.35 -13.29 -46.61
N VAL K 87 8.63 -12.45 -45.87
CA VAL K 87 8.07 -12.88 -44.57
C VAL K 87 6.62 -13.31 -44.81
N SER K 88 6.38 -14.61 -44.65
CA SER K 88 5.05 -15.16 -44.67
C SER K 88 4.44 -15.06 -43.28
N THR K 89 3.22 -14.56 -43.20
CA THR K 89 2.61 -14.41 -41.88
C THR K 89 1.47 -15.42 -41.64
N ILE K 90 1.34 -15.87 -40.40
CA ILE K 90 0.30 -16.82 -40.05
C ILE K 90 -0.37 -16.42 -38.72
N CYS K 91 -1.63 -16.09 -38.77
CA CYS K 91 -2.39 -15.72 -37.57
C CYS K 91 -2.90 -16.97 -36.86
N MET K 92 -2.56 -17.11 -35.56
CA MET K 92 -3.18 -18.15 -34.74
C MET K 92 -3.67 -17.49 -33.45
N GLY K 93 -4.88 -17.83 -33.03
CA GLY K 93 -5.48 -17.19 -31.84
C GLY K 93 -6.06 -15.87 -32.30
N GLN K 94 -5.27 -14.81 -32.27
CA GLN K 94 -5.77 -13.50 -32.74
C GLN K 94 -4.67 -12.64 -33.31
N ALA K 95 -5.07 -11.65 -34.12
CA ALA K 95 -4.19 -10.60 -34.53
C ALA K 95 -5.03 -9.36 -34.53
N ALA K 96 -4.83 -8.57 -33.48
CA ALA K 96 -5.63 -7.36 -33.22
C ALA K 96 -4.76 -6.10 -33.33
N SER K 97 -5.30 -5.06 -33.99
CA SER K 97 -4.66 -3.79 -34.12
C SER K 97 -3.22 -3.95 -34.58
N MET K 98 -2.18 -3.68 -33.75
CA MET K 98 -0.81 -3.80 -34.32
C MET K 98 -0.55 -5.23 -34.85
N GLY K 99 -1.13 -6.23 -34.20
CA GLY K 99 -1.01 -7.59 -34.68
C GLY K 99 -1.60 -7.79 -36.06
N ALA K 100 -2.77 -7.19 -36.31
CA ALA K 100 -3.45 -7.33 -37.62
C ALA K 100 -2.68 -6.59 -38.68
N PHE K 101 -2.05 -5.50 -38.30
CA PHE K 101 -1.32 -4.67 -39.30
C PHE K 101 -0.07 -5.45 -39.74
N LEU K 102 0.62 -6.07 -38.77
CA LEU K 102 1.76 -6.96 -39.06
C LEU K 102 1.40 -8.19 -39.87
N LEU K 103 0.26 -8.80 -39.55
CA LEU K 103 -0.31 -9.90 -40.34
C LEU K 103 -0.48 -9.55 -41.81
N THR K 104 -1.08 -8.39 -42.06
CA THR K 104 -1.42 -8.04 -43.44
C THR K 104 -0.16 -7.51 -44.17
N ALA K 105 0.91 -7.22 -43.42
CA ALA K 105 2.16 -6.65 -43.97
C ALA K 105 3.06 -7.73 -44.57
N GLY K 106 2.71 -9.01 -44.34
CA GLY K 106 3.50 -10.11 -44.94
C GLY K 106 3.48 -10.16 -46.45
N ALA K 107 4.34 -11.00 -47.02
CA ALA K 107 4.49 -11.14 -48.45
C ALA K 107 3.17 -11.45 -49.15
N LYS K 108 2.85 -10.69 -50.19
CA LYS K 108 1.53 -10.87 -50.84
C LYS K 108 1.43 -12.31 -51.33
N GLY K 109 0.27 -12.96 -51.12
CA GLY K 109 0.08 -14.39 -51.44
C GLY K 109 0.40 -15.35 -50.30
N LYS K 110 1.20 -14.87 -49.34
CA LYS K 110 1.81 -15.67 -48.25
C LYS K 110 1.33 -15.28 -46.84
N ARG K 111 0.09 -14.75 -46.77
CA ARG K 111 -0.48 -14.23 -45.52
C ARG K 111 -1.67 -15.10 -45.20
N PHE K 112 -1.66 -15.72 -44.01
CA PHE K 112 -2.67 -16.73 -43.66
C PHE K 112 -3.32 -16.54 -42.33
N CYS K 113 -4.58 -16.97 -42.23
CA CYS K 113 -5.25 -17.18 -40.97
C CYS K 113 -5.47 -18.67 -40.78
N LEU K 114 -5.24 -19.16 -39.55
CA LEU K 114 -5.75 -20.49 -39.21
C LEU K 114 -7.29 -20.38 -39.05
N PRO K 115 -8.04 -21.49 -39.20
CA PRO K 115 -9.53 -21.40 -39.37
C PRO K 115 -10.29 -20.60 -38.31
N ASN K 116 -9.87 -20.75 -37.04
CA ASN K 116 -10.58 -20.19 -35.91
C ASN K 116 -9.87 -19.05 -35.26
N SER K 117 -8.82 -18.57 -35.91
CA SER K 117 -8.25 -17.28 -35.50
C SER K 117 -9.23 -16.11 -35.78
N ARG K 118 -9.09 -15.01 -35.04
CA ARG K 118 -9.90 -13.79 -35.32
C ARG K 118 -9.01 -12.57 -35.45
N VAL K 119 -9.44 -11.60 -36.22
CA VAL K 119 -8.64 -10.40 -36.49
C VAL K 119 -9.48 -9.18 -36.04
N MET K 120 -8.81 -8.15 -35.52
CA MET K 120 -9.49 -6.92 -35.17
C MET K 120 -8.63 -5.77 -35.68
N ILE K 121 -9.29 -4.74 -36.22
CA ILE K 121 -8.63 -3.51 -36.66
C ILE K 121 -9.26 -2.28 -35.98
N HIS K 122 -8.46 -1.25 -35.72
CA HIS K 122 -8.93 0.00 -35.11
C HIS K 122 -7.91 1.13 -35.29
N GLN K 123 -8.35 2.36 -35.03
CA GLN K 123 -7.50 3.53 -35.20
C GLN K 123 -6.59 3.61 -33.95
N PRO K 124 -5.54 4.44 -34.02
CA PRO K 124 -4.69 4.66 -32.85
C PRO K 124 -5.39 5.19 -31.58
N LEU K 125 -4.86 4.79 -30.41
CA LEU K 125 -5.22 5.36 -29.09
C LEU K 125 -3.98 5.94 -28.46
N GLY K 126 -4.15 7.02 -27.72
CA GLY K 126 -3.03 7.65 -27.05
C GLY K 126 -3.49 8.47 -25.90
N GLY K 127 -2.56 9.17 -25.27
CA GLY K 127 -2.92 9.99 -24.15
C GLY K 127 -1.77 10.94 -23.96
N TYR K 128 -2.10 12.16 -23.53
CA TYR K 128 -1.08 13.15 -23.22
C TYR K 128 -1.61 14.10 -22.14
N GLN K 129 -0.69 14.70 -21.38
CA GLN K 129 -0.92 15.67 -20.33
C GLN K 129 0.07 16.80 -20.59
N GLY K 130 -0.37 18.05 -20.49
CA GLY K 130 0.63 19.11 -20.59
C GLY K 130 -0.07 20.41 -20.95
N GLN K 131 0.70 21.38 -21.35
CA GLN K 131 0.12 22.65 -21.81
C GLN K 131 -0.66 22.50 -23.13
N ALA K 132 -1.64 23.38 -23.38
CA ALA K 132 -2.37 23.38 -24.67
C ALA K 132 -1.44 23.37 -25.92
N THR K 133 -0.40 24.19 -25.96
CA THR K 133 0.53 24.19 -27.11
C THR K 133 1.09 22.79 -27.42
N ASP K 134 1.49 22.09 -26.36
CA ASP K 134 2.00 20.71 -26.39
C ASP K 134 0.94 19.70 -26.75
N ILE K 135 -0.27 19.91 -26.25
CA ILE K 135 -1.39 19.06 -26.59
C ILE K 135 -1.63 19.07 -28.13
N GLU K 136 -1.59 20.26 -28.72
CA GLU K 136 -1.74 20.41 -30.17
C GLU K 136 -0.65 19.67 -30.92
N ILE K 137 0.59 19.86 -30.51
CA ILE K 137 1.72 19.15 -31.12
C ILE K 137 1.44 17.64 -31.11
N HIS K 138 1.09 17.09 -29.94
CA HIS K 138 0.90 15.66 -29.81
C HIS K 138 -0.35 15.15 -30.52
N ALA K 139 -1.44 15.91 -30.49
CA ALA K 139 -2.65 15.58 -31.26
C ALA K 139 -2.37 15.57 -32.78
N ARG K 140 -1.62 16.56 -33.27
CA ARG K 140 -1.19 16.58 -34.68
C ARG K 140 -0.42 15.33 -35.07
N GLU K 141 0.50 14.92 -34.22
CA GLU K 141 1.32 13.74 -34.49
C GLU K 141 0.47 12.47 -34.54
N ILE K 142 -0.46 12.27 -33.59
CA ILE K 142 -1.28 11.06 -33.65
C ILE K 142 -2.18 11.01 -34.90
N LEU K 143 -2.72 12.16 -35.29
CA LEU K 143 -3.51 12.25 -36.50
C LEU K 143 -2.69 11.90 -37.76
N LYS K 144 -1.42 12.32 -37.79
CA LYS K 144 -0.45 11.95 -38.86
C LYS K 144 -0.20 10.46 -38.90
N VAL K 145 0.05 9.88 -37.74
CA VAL K 145 0.29 8.45 -37.59
C VAL K 145 -0.97 7.68 -38.01
N LYS K 146 -2.13 8.16 -37.53
CA LYS K 146 -3.40 7.56 -37.97
C LYS K 146 -3.50 7.51 -39.50
N GLY K 147 -3.27 8.63 -40.18
CA GLY K 147 -3.29 8.68 -41.66
C GLY K 147 -2.27 7.76 -42.31
N ARG K 148 -1.03 7.76 -41.83
CA ARG K 148 0.03 6.91 -42.38
C ARG K 148 -0.34 5.42 -42.24
N MET K 149 -0.82 5.01 -41.05
CA MET K 149 -1.25 3.64 -40.85
C MET K 149 -2.44 3.29 -41.76
N ASN K 150 -3.38 4.21 -41.92
CA ASN K 150 -4.48 3.95 -42.86
C ASN K 150 -4.01 3.73 -44.31
N GLU K 151 -3.03 4.53 -44.75
CA GLU K 151 -2.49 4.40 -46.12
C GLU K 151 -1.87 3.02 -46.33
N LEU K 152 -1.15 2.56 -45.31
CA LEU K 152 -0.43 1.30 -45.37
C LEU K 152 -1.36 0.09 -45.28
N MET K 153 -2.40 0.21 -44.46
CA MET K 153 -3.51 -0.76 -44.44
C MET K 153 -4.22 -0.89 -45.81
N ALA K 154 -4.47 0.24 -46.45
CA ALA K 154 -5.14 0.22 -47.76
C ALA K 154 -4.17 -0.41 -48.78
N LEU K 155 -2.91 0.02 -48.74
CA LEU K 155 -1.86 -0.59 -49.59
C LEU K 155 -1.95 -2.12 -49.51
N HIS K 156 -1.80 -2.69 -48.32
CA HIS K 156 -1.71 -4.17 -48.16
C HIS K 156 -3.04 -4.94 -48.38
N THR K 157 -4.18 -4.34 -48.02
CA THR K 157 -5.48 -5.01 -48.17
C THR K 157 -6.13 -4.90 -49.56
N GLY K 158 -5.83 -3.82 -50.29
CA GLY K 158 -6.52 -3.52 -51.54
C GLY K 158 -7.78 -2.71 -51.31
N GLN K 159 -8.08 -2.32 -50.07
CA GLN K 159 -9.27 -1.49 -49.79
C GLN K 159 -8.89 -0.06 -50.12
N SER K 160 -9.88 0.79 -50.40
CA SER K 160 -9.60 2.18 -50.66
C SER K 160 -9.18 2.84 -49.36
N LEU K 161 -8.42 3.94 -49.44
CA LEU K 161 -8.02 4.65 -48.22
C LEU K 161 -9.28 5.01 -47.43
N GLU K 162 -10.29 5.45 -48.17
CA GLU K 162 -11.57 5.88 -47.58
C GLU K 162 -12.32 4.78 -46.84
N GLN K 163 -12.30 3.58 -47.42
CA GLN K 163 -12.96 2.44 -46.81
C GLN K 163 -12.25 2.09 -45.48
N ILE K 164 -10.91 2.03 -45.52
CA ILE K 164 -10.09 1.75 -44.33
C ILE K 164 -10.44 2.72 -43.20
N GLU K 165 -10.47 4.01 -43.56
CA GLU K 165 -10.79 5.10 -42.61
C GLU K 165 -12.16 4.88 -41.95
N ARG K 166 -13.18 4.54 -42.74
CA ARG K 166 -14.54 4.32 -42.24
C ARG K 166 -14.54 3.15 -41.29
N ASP K 167 -13.82 2.09 -41.66
CA ASP K 167 -13.94 0.79 -41.04
C ASP K 167 -13.13 0.66 -39.74
N THR K 168 -12.24 1.63 -39.47
CA THR K 168 -11.35 1.61 -38.30
C THR K 168 -11.63 2.70 -37.27
N GLU K 169 -12.67 3.53 -37.51
CA GLU K 169 -13.07 4.53 -36.54
C GLU K 169 -13.41 3.87 -35.20
N ARG K 170 -14.10 2.74 -35.25
CA ARG K 170 -14.31 1.91 -34.02
C ARG K 170 -13.78 0.49 -34.28
N ASP K 171 -13.51 -0.27 -33.20
CA ASP K 171 -13.15 -1.71 -33.31
C ASP K 171 -13.99 -2.51 -34.28
N ARG K 172 -13.33 -3.30 -35.11
CA ARG K 172 -14.00 -4.11 -36.06
C ARG K 172 -13.34 -5.49 -36.08
N PHE K 173 -14.17 -6.51 -35.77
CA PHE K 173 -13.75 -7.89 -35.68
C PHE K 173 -14.07 -8.64 -36.97
N LEU K 174 -13.15 -9.48 -37.38
CA LEU K 174 -13.34 -10.33 -38.56
C LEU K 174 -12.95 -11.75 -38.23
N SER K 175 -13.78 -12.71 -38.67
CA SER K 175 -13.47 -14.13 -38.67
C SER K 175 -12.39 -14.37 -39.72
N ALA K 176 -11.79 -15.57 -39.76
CA ALA K 176 -10.76 -15.86 -40.78
C ALA K 176 -11.35 -15.67 -42.19
N PRO K 177 -12.54 -16.25 -42.47
CA PRO K 177 -13.13 -16.02 -43.83
C PRO K 177 -13.38 -14.55 -44.16
N GLU K 178 -13.83 -13.78 -43.19
CA GLU K 178 -14.04 -12.34 -43.39
C GLU K 178 -12.76 -11.57 -43.67
N ALA K 179 -11.66 -12.01 -43.03
CA ALA K 179 -10.29 -11.43 -43.21
C ALA K 179 -9.73 -11.70 -44.62
N VAL K 180 -10.01 -12.88 -45.15
CA VAL K 180 -9.73 -13.19 -46.57
C VAL K 180 -10.55 -12.24 -47.48
N GLU K 181 -11.84 -12.09 -47.18
CA GLU K 181 -12.73 -11.26 -48.00
C GLU K 181 -12.36 -9.77 -47.94
N TYR K 182 -11.82 -9.34 -46.79
CA TYR K 182 -11.38 -7.97 -46.64
C TYR K 182 -10.03 -7.70 -47.30
N GLY K 183 -9.25 -8.76 -47.58
CA GLY K 183 -7.90 -8.59 -48.12
C GLY K 183 -6.82 -8.58 -47.06
N LEU K 184 -7.20 -8.77 -45.78
CA LEU K 184 -6.22 -8.72 -44.70
C LEU K 184 -5.23 -9.91 -44.80
N VAL K 185 -5.74 -11.06 -45.20
CA VAL K 185 -4.93 -12.24 -45.47
C VAL K 185 -5.31 -12.77 -46.84
N ASP K 186 -4.49 -13.68 -47.35
CA ASP K 186 -4.71 -14.31 -48.65
C ASP K 186 -5.58 -15.56 -48.62
N SER K 187 -5.37 -16.43 -47.63
CA SER K 187 -6.19 -17.64 -47.53
C SER K 187 -6.13 -18.19 -46.12
N ILE K 188 -6.93 -19.23 -45.89
CA ILE K 188 -7.01 -19.92 -44.60
C ILE K 188 -6.14 -21.16 -44.72
N LEU K 189 -5.31 -21.44 -43.71
CA LEU K 189 -4.60 -22.74 -43.65
C LEU K 189 -5.42 -23.62 -42.75
N THR K 190 -5.78 -24.82 -43.20
CA THR K 190 -6.57 -25.70 -42.32
C THR K 190 -5.80 -26.95 -41.94
N HIS K 191 -5.26 -27.65 -42.96
CA HIS K 191 -4.49 -28.88 -42.73
C HIS K 191 -3.19 -28.87 -43.51
N ARG K 192 -2.07 -29.19 -42.84
CA ARG K 192 -0.75 -29.19 -43.48
C ARG K 192 -0.85 -30.02 -44.75
N ASN K 193 -0.77 -29.34 -45.89
CA ASN K 193 -0.72 -30.03 -47.19
C ASN K 193 0.59 -30.77 -47.30
N LEU L 2 11.79 -26.20 -9.12
CA LEU L 2 13.03 -26.48 -9.91
C LEU L 2 12.86 -27.73 -10.76
N VAL L 3 13.44 -27.69 -11.96
CA VAL L 3 13.32 -28.77 -12.93
C VAL L 3 14.48 -29.78 -12.79
N PRO L 4 14.17 -31.09 -12.64
CA PRO L 4 15.22 -32.12 -12.48
C PRO L 4 15.99 -32.41 -13.78
N MET L 5 17.32 -32.50 -13.70
CA MET L 5 18.13 -32.91 -14.85
C MET L 5 18.15 -34.44 -15.09
N VAL L 6 17.86 -34.85 -16.33
CA VAL L 6 18.12 -36.24 -16.76
C VAL L 6 19.32 -36.32 -17.74
N SER L 16 16.99 -33.41 -23.13
CA SER L 16 16.86 -34.06 -21.83
C SER L 16 17.36 -33.27 -20.60
N PHE L 17 17.80 -32.04 -20.80
CA PHE L 17 18.24 -31.18 -19.66
C PHE L 17 17.34 -31.39 -18.42
N ASP L 18 16.05 -31.17 -18.59
CA ASP L 18 15.10 -31.33 -17.51
C ASP L 18 14.11 -32.46 -17.88
N ILE L 19 13.25 -32.78 -16.89
CA ILE L 19 12.30 -33.89 -16.97
C ILE L 19 11.31 -33.72 -18.14
N TYR L 20 10.88 -32.47 -18.39
CA TYR L 20 9.96 -32.20 -19.50
C TYR L 20 10.60 -32.36 -20.90
N SER L 21 11.82 -31.84 -21.05
CA SER L 21 12.65 -32.07 -22.25
C SER L 21 12.83 -33.58 -22.52
N ARG L 22 13.09 -34.34 -21.45
CA ARG L 22 13.16 -35.79 -21.54
C ARG L 22 11.87 -36.47 -22.06
N LEU L 23 10.72 -35.98 -21.59
CA LEU L 23 9.46 -36.60 -21.92
C LEU L 23 9.06 -36.20 -23.32
N LEU L 24 9.59 -35.06 -23.74
CA LEU L 24 9.30 -34.52 -25.03
C LEU L 24 9.93 -35.41 -26.09
N LYS L 25 11.07 -36.01 -25.80
CA LYS L 25 11.60 -36.93 -26.81
C LYS L 25 10.73 -38.21 -26.99
N GLU L 26 9.85 -38.51 -26.03
CA GLU L 26 8.80 -39.54 -26.21
C GLU L 26 7.45 -38.98 -26.74
N ARG L 27 7.46 -37.74 -27.23
CA ARG L 27 6.29 -37.10 -27.85
C ARG L 27 5.15 -36.77 -26.87
N VAL L 28 5.54 -36.49 -25.64
CA VAL L 28 4.61 -36.13 -24.59
C VAL L 28 4.79 -34.66 -24.26
N ILE L 29 3.67 -33.94 -24.26
CA ILE L 29 3.59 -32.52 -24.00
C ILE L 29 2.62 -32.36 -22.83
N PHE L 30 2.95 -31.45 -21.91
CA PHE L 30 2.06 -31.12 -20.81
C PHE L 30 1.44 -29.74 -20.96
N LEU L 31 0.12 -29.70 -20.96
CA LEU L 31 -0.64 -28.44 -20.81
C LEU L 31 -1.17 -28.39 -19.38
N THR L 32 -0.62 -27.46 -18.59
CA THR L 32 -0.87 -27.40 -17.15
C THR L 32 -1.16 -25.97 -16.74
N GLY L 33 -2.26 -25.77 -16.02
CA GLY L 33 -2.60 -24.42 -15.47
C GLY L 33 -3.44 -23.60 -16.46
N GLN L 34 -3.64 -22.31 -16.14
CA GLN L 34 -4.49 -21.45 -16.97
C GLN L 34 -3.87 -21.32 -18.33
N VAL L 35 -4.72 -21.38 -19.33
CA VAL L 35 -4.34 -21.21 -20.72
C VAL L 35 -4.20 -19.68 -20.96
N GLU L 36 -3.01 -19.24 -21.41
CA GLU L 36 -2.74 -17.84 -21.76
C GLU L 36 -1.71 -17.85 -22.89
N ASP L 37 -1.55 -16.72 -23.57
CA ASP L 37 -0.78 -16.69 -24.84
C ASP L 37 0.60 -17.39 -24.78
N HIS L 38 1.38 -17.09 -23.73
CA HIS L 38 2.77 -17.49 -23.68
C HIS L 38 2.92 -18.97 -23.39
N MET L 39 2.23 -19.48 -22.36
CA MET L 39 2.24 -20.95 -22.15
C MET L 39 1.62 -21.67 -23.40
N ALA L 40 0.60 -21.09 -24.01
CA ALA L 40 0.00 -21.67 -25.26
C ALA L 40 0.98 -21.74 -26.41
N ASN L 41 1.76 -20.64 -26.59
CA ASN L 41 2.84 -20.56 -27.61
C ASN L 41 3.87 -21.69 -27.36
N LEU L 42 4.24 -21.91 -26.09
CA LEU L 42 5.10 -23.03 -25.77
C LEU L 42 4.54 -24.37 -26.25
N ILE L 43 3.25 -24.61 -26.01
CA ILE L 43 2.62 -25.88 -26.50
C ILE L 43 2.64 -25.99 -28.04
N VAL L 44 2.24 -24.90 -28.70
CA VAL L 44 2.27 -24.83 -30.19
C VAL L 44 3.68 -25.18 -30.70
N ALA L 45 4.71 -24.59 -30.07
CA ALA L 45 6.11 -24.81 -30.48
C ALA L 45 6.50 -26.29 -30.36
N GLN L 46 6.18 -26.88 -29.21
CA GLN L 46 6.35 -28.30 -28.95
C GLN L 46 5.63 -29.18 -29.96
N MET L 47 4.40 -28.83 -30.31
CA MET L 47 3.70 -29.57 -31.41
C MET L 47 4.35 -29.48 -32.80
N LEU L 48 4.66 -28.24 -33.20
CA LEU L 48 5.42 -28.01 -34.43
C LEU L 48 6.77 -28.75 -34.43
N PHE L 49 7.49 -28.68 -33.32
CA PHE L 49 8.73 -29.41 -33.21
C PHE L 49 8.54 -30.92 -33.43
N LEU L 50 7.55 -31.51 -32.74
CA LEU L 50 7.29 -32.93 -32.85
C LEU L 50 6.84 -33.34 -34.26
N GLU L 51 6.04 -32.49 -34.89
CA GLU L 51 5.64 -32.77 -36.28
C GLU L 51 6.86 -32.79 -37.20
N ALA L 52 7.77 -31.84 -37.01
CA ALA L 52 8.97 -31.78 -37.84
C ALA L 52 9.88 -32.98 -37.59
N GLU L 53 9.94 -33.43 -36.35
CA GLU L 53 10.73 -34.59 -35.96
C GLU L 53 10.17 -35.83 -36.65
N ASN L 54 8.86 -36.04 -36.54
CA ASN L 54 8.24 -37.17 -37.20
C ASN L 54 6.77 -36.86 -37.49
N PRO L 55 6.42 -36.63 -38.77
CA PRO L 55 5.04 -36.26 -39.07
C PRO L 55 4.01 -37.37 -38.95
N GLU L 56 4.43 -38.61 -38.71
CA GLU L 56 3.50 -39.73 -38.74
C GLU L 56 3.11 -40.27 -37.33
N LYS L 57 3.98 -40.03 -36.35
CA LYS L 57 3.84 -40.60 -35.01
C LYS L 57 2.91 -39.69 -34.15
N ASP L 58 2.00 -40.31 -33.42
CA ASP L 58 1.08 -39.59 -32.54
C ASP L 58 1.84 -38.72 -31.56
N ILE L 59 1.19 -37.62 -31.13
CA ILE L 59 1.67 -36.78 -30.01
C ILE L 59 0.68 -36.92 -28.86
N TYR L 60 1.21 -36.92 -27.63
CA TYR L 60 0.37 -37.14 -26.41
C TYR L 60 0.34 -35.83 -25.66
N LEU L 61 -0.86 -35.32 -25.46
CA LEU L 61 -1.03 -34.01 -24.79
C LEU L 61 -1.78 -34.26 -23.47
N TYR L 62 -1.06 -34.19 -22.33
CA TYR L 62 -1.67 -34.28 -21.04
C TYR L 62 -2.25 -32.90 -20.67
N ILE L 63 -3.47 -32.89 -20.11
CA ILE L 63 -4.18 -31.64 -19.84
C ILE L 63 -4.63 -31.66 -18.39
N ASN L 64 -4.14 -30.67 -17.65
CA ASN L 64 -4.58 -30.45 -16.31
C ASN L 64 -4.72 -28.92 -16.21
N SER L 65 -5.95 -28.47 -16.40
CA SER L 65 -6.16 -27.04 -16.56
C SER L 65 -7.50 -26.57 -16.06
N PRO L 66 -7.53 -25.42 -15.34
CA PRO L 66 -8.81 -24.79 -14.88
C PRO L 66 -9.53 -23.96 -15.92
N GLY L 67 -8.91 -23.77 -17.07
CA GLY L 67 -9.53 -22.97 -18.18
C GLY L 67 -8.54 -21.92 -18.65
N GLY L 68 -9.05 -20.86 -19.25
CA GLY L 68 -8.27 -19.72 -19.62
C GLY L 68 -8.79 -18.97 -20.82
N VAL L 69 -7.91 -18.20 -21.45
CA VAL L 69 -8.27 -17.24 -22.48
C VAL L 69 -8.60 -17.93 -23.77
N ILE L 70 -9.72 -17.54 -24.40
CA ILE L 70 -10.19 -18.23 -25.57
C ILE L 70 -9.23 -18.16 -26.78
N THR L 71 -8.76 -16.96 -27.12
CA THR L 71 -7.82 -16.85 -28.23
C THR L 71 -6.53 -17.64 -28.02
N ALA L 72 -6.02 -17.68 -26.77
CA ALA L 72 -4.80 -18.44 -26.52
C ALA L 72 -5.15 -19.91 -26.78
N GLY L 73 -6.27 -20.36 -26.23
CA GLY L 73 -6.71 -21.76 -26.50
C GLY L 73 -6.92 -22.12 -27.94
N MET L 74 -7.41 -21.17 -28.72
CA MET L 74 -7.69 -21.42 -30.14
C MET L 74 -6.37 -21.51 -30.93
N SER L 75 -5.31 -20.84 -30.46
CA SER L 75 -4.00 -21.05 -31.10
C SER L 75 -3.58 -22.52 -30.96
N ILE L 76 -3.83 -23.12 -29.80
CA ILE L 76 -3.57 -24.55 -29.62
C ILE L 76 -4.51 -25.45 -30.45
N TYR L 77 -5.81 -25.12 -30.37
CA TYR L 77 -6.81 -25.88 -31.13
C TYR L 77 -6.49 -25.97 -32.60
N ASP L 78 -6.21 -24.82 -33.23
CA ASP L 78 -5.95 -24.84 -34.66
C ASP L 78 -4.66 -25.55 -35.00
N THR L 79 -3.65 -25.43 -34.15
CA THR L 79 -2.37 -26.12 -34.36
C THR L 79 -2.62 -27.64 -34.32
N MET L 80 -3.41 -28.08 -33.34
CA MET L 80 -3.80 -29.47 -33.20
C MET L 80 -4.43 -30.05 -34.45
N GLN L 81 -5.31 -29.29 -35.09
CA GLN L 81 -5.95 -29.79 -36.32
C GLN L 81 -5.02 -29.66 -37.52
N PHE L 82 -4.12 -28.69 -37.51
CA PHE L 82 -3.33 -28.35 -38.72
C PHE L 82 -2.14 -29.31 -38.88
N ILE L 83 -1.44 -29.62 -37.80
CA ILE L 83 -0.27 -30.48 -37.95
C ILE L 83 -0.61 -31.89 -38.48
N LYS L 84 0.36 -32.58 -39.06
CA LYS L 84 0.06 -33.93 -39.61
C LYS L 84 -0.24 -35.05 -38.57
N PRO L 85 0.53 -35.13 -37.45
CA PRO L 85 0.23 -36.17 -36.41
C PRO L 85 -1.12 -36.00 -35.69
N ASP L 86 -1.75 -37.14 -35.39
CA ASP L 86 -2.81 -37.16 -34.37
C ASP L 86 -2.25 -36.70 -33.02
N VAL L 87 -3.04 -35.87 -32.38
CA VAL L 87 -2.75 -35.45 -31.04
C VAL L 87 -3.75 -36.18 -30.14
N SER L 88 -3.25 -37.10 -29.33
CA SER L 88 -4.06 -37.84 -28.39
C SER L 88 -4.07 -37.03 -27.10
N THR L 89 -5.24 -36.84 -26.53
CA THR L 89 -5.38 -36.01 -25.29
C THR L 89 -5.70 -36.88 -24.08
N ILE L 90 -5.07 -36.53 -22.95
CA ILE L 90 -5.26 -37.28 -21.69
C ILE L 90 -5.44 -36.27 -20.58
N CYS L 91 -6.62 -36.32 -19.97
CA CYS L 91 -6.92 -35.44 -18.82
C CYS L 91 -6.46 -36.10 -17.52
N MET L 92 -5.62 -35.38 -16.78
CA MET L 92 -5.27 -35.75 -15.37
C MET L 92 -5.62 -34.56 -14.47
N GLY L 93 -6.24 -34.81 -13.32
CA GLY L 93 -6.56 -33.70 -12.41
C GLY L 93 -7.90 -33.16 -12.87
N GLN L 94 -7.88 -32.21 -13.82
CA GLN L 94 -9.13 -31.63 -14.34
C GLN L 94 -8.90 -30.99 -15.70
N ALA L 95 -9.97 -30.85 -16.47
CA ALA L 95 -9.94 -30.08 -17.71
C ALA L 95 -11.21 -29.27 -17.66
N ALA L 96 -11.09 -28.00 -17.28
CA ALA L 96 -12.25 -27.12 -17.22
C ALA L 96 -12.25 -26.06 -18.32
N SER L 97 -13.45 -25.86 -18.90
CA SER L 97 -13.74 -24.78 -19.87
C SER L 97 -12.70 -24.86 -20.98
N MET L 98 -11.74 -23.91 -21.10
CA MET L 98 -10.78 -24.06 -22.24
C MET L 98 -10.00 -25.43 -22.18
N GLY L 99 -9.69 -25.91 -20.98
CA GLY L 99 -9.13 -27.23 -20.83
C GLY L 99 -9.99 -28.35 -21.42
N ALA L 100 -11.29 -28.36 -21.11
CA ALA L 100 -12.21 -29.39 -21.58
C ALA L 100 -12.37 -29.32 -23.11
N PHE L 101 -12.39 -28.09 -23.62
CA PHE L 101 -12.48 -27.88 -25.07
C PHE L 101 -11.24 -28.47 -25.76
N LEU L 102 -10.04 -28.12 -25.31
CA LEU L 102 -8.86 -28.75 -25.91
C LEU L 102 -8.76 -30.25 -25.73
N LEU L 103 -9.25 -30.77 -24.59
CA LEU L 103 -9.33 -32.24 -24.42
C LEU L 103 -10.20 -32.91 -25.49
N THR L 104 -11.40 -32.38 -25.73
CA THR L 104 -12.35 -33.02 -26.65
C THR L 104 -11.89 -32.83 -28.10
N ALA L 105 -10.96 -31.88 -28.31
CA ALA L 105 -10.45 -31.54 -29.64
C ALA L 105 -9.37 -32.54 -30.12
N GLY L 106 -8.98 -33.48 -29.26
CA GLY L 106 -7.94 -34.48 -29.62
C GLY L 106 -8.46 -35.43 -30.71
N ALA L 107 -7.60 -36.24 -31.31
CA ALA L 107 -7.98 -37.13 -32.42
C ALA L 107 -9.10 -38.11 -31.99
N LYS L 108 -10.07 -38.31 -32.86
CA LYS L 108 -11.15 -39.25 -32.59
C LYS L 108 -10.63 -40.59 -32.16
N GLY L 109 -11.14 -41.09 -31.03
CA GLY L 109 -10.72 -42.39 -30.50
C GLY L 109 -9.49 -42.34 -29.61
N LYS L 110 -8.84 -41.18 -29.55
CA LYS L 110 -7.57 -41.01 -28.87
C LYS L 110 -7.66 -39.97 -27.74
N ARG L 111 -8.86 -39.77 -27.20
CA ARG L 111 -9.09 -38.77 -26.11
C ARG L 111 -9.47 -39.52 -24.87
N PHE L 112 -8.72 -39.27 -23.78
CA PHE L 112 -8.87 -40.08 -22.57
C PHE L 112 -9.03 -39.23 -21.32
N CYS L 113 -9.74 -39.79 -20.36
CA CYS L 113 -9.74 -39.27 -18.98
C CYS L 113 -9.09 -40.36 -18.12
N LEU L 114 -8.17 -39.96 -17.27
CA LEU L 114 -7.83 -40.78 -16.09
C LEU L 114 -9.05 -40.91 -15.15
N PRO L 115 -9.08 -41.98 -14.34
CA PRO L 115 -10.33 -42.35 -13.70
C PRO L 115 -10.95 -41.31 -12.79
N ASN L 116 -10.13 -40.55 -12.11
CA ASN L 116 -10.59 -39.64 -11.09
C ASN L 116 -10.44 -38.19 -11.49
N SER L 117 -10.09 -37.97 -12.74
CA SER L 117 -10.09 -36.63 -13.33
C SER L 117 -11.57 -36.13 -13.44
N ARG L 118 -11.75 -34.81 -13.38
CA ARG L 118 -13.08 -34.24 -13.60
C ARG L 118 -13.02 -33.20 -14.71
N VAL L 119 -14.16 -33.00 -15.38
CA VAL L 119 -14.22 -32.11 -16.53
C VAL L 119 -15.34 -31.04 -16.21
N MET L 120 -15.19 -29.80 -16.68
CA MET L 120 -16.25 -28.80 -16.44
C MET L 120 -16.38 -28.00 -17.75
N ILE L 121 -17.61 -27.66 -18.13
CA ILE L 121 -17.85 -26.89 -19.30
C ILE L 121 -18.75 -25.71 -18.92
N HIS L 122 -18.52 -24.59 -19.59
CA HIS L 122 -19.27 -23.34 -19.43
C HIS L 122 -19.15 -22.39 -20.65
N GLN L 123 -20.04 -21.39 -20.73
CA GLN L 123 -20.02 -20.43 -21.81
C GLN L 123 -18.91 -19.39 -21.53
N PRO L 124 -18.61 -18.52 -22.53
CA PRO L 124 -17.61 -17.48 -22.30
C PRO L 124 -17.94 -16.47 -21.20
N LEU L 125 -16.87 -15.96 -20.55
CA LEU L 125 -16.96 -14.82 -19.60
C LEU L 125 -16.07 -13.70 -20.13
N GLY L 126 -16.51 -12.46 -19.99
CA GLY L 126 -15.68 -11.37 -20.48
C GLY L 126 -16.09 -10.09 -19.81
N GLY L 127 -15.62 -8.98 -20.35
CA GLY L 127 -15.93 -7.73 -19.71
C GLY L 127 -15.36 -6.58 -20.48
N TYR L 128 -16.16 -5.54 -20.62
CA TYR L 128 -15.77 -4.37 -21.41
C TYR L 128 -16.28 -3.13 -20.73
N GLN L 129 -15.62 -2.01 -21.03
CA GLN L 129 -15.98 -0.71 -20.53
C GLN L 129 -15.80 0.27 -21.66
N GLY L 130 -16.74 1.20 -21.81
CA GLY L 130 -16.64 2.20 -22.84
C GLY L 130 -18.01 2.77 -23.24
N GLN L 131 -18.01 3.50 -24.33
CA GLN L 131 -19.21 4.06 -24.88
C GLN L 131 -20.24 2.96 -25.23
N ALA L 132 -21.53 3.24 -25.10
CA ALA L 132 -22.54 2.23 -25.56
C ALA L 132 -22.27 1.70 -27.01
N THR L 133 -21.86 2.53 -27.96
CA THR L 133 -21.60 2.01 -29.34
C THR L 133 -20.54 0.91 -29.31
N ASP L 134 -19.47 1.14 -28.54
CA ASP L 134 -18.40 0.14 -28.37
C ASP L 134 -18.83 -1.08 -27.59
N ILE L 135 -19.66 -0.85 -26.58
CA ILE L 135 -20.21 -1.98 -25.81
C ILE L 135 -20.96 -2.98 -26.76
N GLU L 136 -21.68 -2.45 -27.71
CA GLU L 136 -22.48 -3.28 -28.62
C GLU L 136 -21.53 -4.09 -29.50
N ILE L 137 -20.47 -3.44 -29.97
CA ILE L 137 -19.48 -4.08 -30.83
C ILE L 137 -18.89 -5.24 -30.05
N HIS L 138 -18.51 -4.97 -28.79
CA HIS L 138 -17.85 -5.99 -28.00
C HIS L 138 -18.77 -7.10 -27.54
N ALA L 139 -20.01 -6.72 -27.22
CA ALA L 139 -21.04 -7.72 -26.85
C ALA L 139 -21.34 -8.60 -28.08
N ARG L 140 -21.46 -8.00 -29.27
CA ARG L 140 -21.71 -8.82 -30.48
C ARG L 140 -20.60 -9.83 -30.73
N GLU L 141 -19.37 -9.42 -30.44
CA GLU L 141 -18.20 -10.26 -30.69
C GLU L 141 -18.20 -11.42 -29.70
N ILE L 142 -18.51 -11.13 -28.44
CA ILE L 142 -18.50 -12.23 -27.48
C ILE L 142 -19.63 -13.26 -27.78
N LEU L 143 -20.74 -12.80 -28.30
CA LEU L 143 -21.84 -13.71 -28.68
C LEU L 143 -21.46 -14.55 -29.90
N LYS L 144 -20.69 -13.98 -30.82
CA LYS L 144 -20.20 -14.71 -32.00
C LYS L 144 -19.22 -15.81 -31.60
N VAL L 145 -18.23 -15.44 -30.78
CA VAL L 145 -17.34 -16.39 -30.14
C VAL L 145 -18.09 -17.50 -29.36
N LYS L 146 -19.07 -17.11 -28.55
CA LYS L 146 -19.91 -18.13 -27.90
C LYS L 146 -20.49 -19.18 -28.85
N GLY L 147 -21.14 -18.72 -29.92
CA GLY L 147 -21.76 -19.65 -30.84
C GLY L 147 -20.72 -20.47 -31.59
N ARG L 148 -19.62 -19.87 -31.99
CA ARG L 148 -18.55 -20.68 -32.62
C ARG L 148 -17.99 -21.78 -31.72
N MET L 149 -17.77 -21.47 -30.44
CA MET L 149 -17.23 -22.45 -29.51
C MET L 149 -18.29 -23.55 -29.30
N ASN L 150 -19.57 -23.17 -29.23
CA ASN L 150 -20.62 -24.18 -29.14
C ASN L 150 -20.64 -25.10 -30.36
N GLU L 151 -20.49 -24.53 -31.55
CA GLU L 151 -20.46 -25.34 -32.79
C GLU L 151 -19.31 -26.36 -32.79
N LEU L 152 -18.15 -25.92 -32.33
CA LEU L 152 -16.99 -26.81 -32.27
C LEU L 152 -17.13 -27.87 -31.19
N MET L 153 -17.69 -27.47 -30.04
CA MET L 153 -17.93 -28.45 -29.01
C MET L 153 -18.93 -29.49 -29.51
N ALA L 154 -19.93 -29.04 -30.28
CA ALA L 154 -20.96 -29.96 -30.75
C ALA L 154 -20.26 -30.90 -31.73
N LEU L 155 -19.37 -30.37 -32.55
CA LEU L 155 -18.70 -31.20 -33.58
C LEU L 155 -17.85 -32.36 -32.94
N HIS L 156 -17.03 -32.00 -31.96
CA HIS L 156 -16.16 -32.98 -31.27
C HIS L 156 -16.86 -33.98 -30.31
N THR L 157 -17.90 -33.51 -29.61
CA THR L 157 -18.66 -34.37 -28.70
C THR L 157 -19.73 -35.22 -29.38
N GLY L 158 -20.26 -34.76 -30.53
CA GLY L 158 -21.48 -35.40 -31.10
C GLY L 158 -22.79 -34.98 -30.48
N GLN L 159 -22.77 -34.08 -29.48
CA GLN L 159 -24.02 -33.51 -28.94
C GLN L 159 -24.55 -32.49 -29.97
N SER L 160 -25.85 -32.15 -29.98
CA SER L 160 -26.34 -31.06 -30.87
C SER L 160 -25.84 -29.72 -30.34
N LEU L 161 -25.77 -28.76 -31.24
CA LEU L 161 -25.49 -27.37 -30.87
C LEU L 161 -26.41 -26.86 -29.76
N GLU L 162 -27.70 -27.19 -29.86
CA GLU L 162 -28.69 -26.75 -28.87
C GLU L 162 -28.44 -27.39 -27.47
N GLN L 163 -28.13 -28.68 -27.43
CA GLN L 163 -27.77 -29.34 -26.16
C GLN L 163 -26.51 -28.73 -25.50
N ILE L 164 -25.47 -28.48 -26.28
CA ILE L 164 -24.22 -27.88 -25.76
C ILE L 164 -24.57 -26.48 -25.16
N GLU L 165 -25.38 -25.71 -25.87
CA GLU L 165 -25.71 -24.31 -25.45
C GLU L 165 -26.45 -24.43 -24.14
N ARG L 166 -27.46 -25.26 -24.08
CA ARG L 166 -28.22 -25.38 -22.85
C ARG L 166 -27.35 -25.88 -21.68
N ASP L 167 -26.46 -26.84 -21.94
CA ASP L 167 -25.64 -27.48 -20.88
C ASP L 167 -24.50 -26.56 -20.39
N THR L 168 -24.22 -25.48 -21.11
CA THR L 168 -23.05 -24.62 -20.82
C THR L 168 -23.48 -23.24 -20.34
N GLU L 169 -24.80 -23.05 -20.23
CA GLU L 169 -25.31 -21.73 -19.79
C GLU L 169 -24.77 -21.44 -18.39
N ARG L 170 -24.63 -22.49 -17.57
CA ARG L 170 -23.97 -22.38 -16.25
C ARG L 170 -22.93 -23.47 -16.17
N ASP L 171 -21.97 -23.33 -15.25
CA ASP L 171 -21.00 -24.39 -15.03
C ASP L 171 -21.63 -25.78 -14.92
N ARG L 172 -21.04 -26.78 -15.60
CA ARG L 172 -21.53 -28.12 -15.61
C ARG L 172 -20.34 -29.06 -15.42
N PHE L 173 -20.30 -29.81 -14.32
CA PHE L 173 -19.21 -30.74 -13.99
C PHE L 173 -19.56 -32.15 -14.42
N LEU L 174 -18.54 -32.89 -14.86
CA LEU L 174 -18.66 -34.30 -15.33
C LEU L 174 -17.54 -35.07 -14.68
N SER L 175 -17.91 -36.22 -14.13
CA SER L 175 -16.95 -37.24 -13.76
C SER L 175 -16.36 -37.83 -15.06
N ALA L 176 -15.29 -38.63 -14.94
CA ALA L 176 -14.74 -39.22 -16.15
C ALA L 176 -15.73 -40.19 -16.87
N PRO L 177 -16.46 -41.09 -16.14
CA PRO L 177 -17.50 -41.91 -16.86
C PRO L 177 -18.53 -41.01 -17.48
N GLU L 178 -18.85 -39.90 -16.81
CA GLU L 178 -19.84 -38.98 -17.40
C GLU L 178 -19.32 -38.28 -18.67
N ALA L 179 -18.01 -37.98 -18.71
CA ALA L 179 -17.34 -37.33 -19.84
C ALA L 179 -17.30 -38.30 -21.04
N VAL L 180 -17.10 -39.59 -20.75
CA VAL L 180 -17.24 -40.62 -21.83
C VAL L 180 -18.69 -40.63 -22.37
N GLU L 181 -19.67 -40.67 -21.48
CA GLU L 181 -21.07 -40.79 -21.91
C GLU L 181 -21.51 -39.54 -22.71
N TYR L 182 -20.95 -38.38 -22.36
CA TYR L 182 -21.23 -37.13 -23.03
C TYR L 182 -20.59 -37.04 -24.42
N GLY L 183 -19.59 -37.89 -24.69
CA GLY L 183 -18.79 -37.81 -25.91
C GLY L 183 -17.59 -36.85 -25.86
N LEU L 184 -17.28 -36.31 -24.67
CA LEU L 184 -16.18 -35.38 -24.51
C LEU L 184 -14.82 -36.13 -24.67
N VAL L 185 -14.76 -37.36 -24.16
CA VAL L 185 -13.64 -38.25 -24.39
C VAL L 185 -14.16 -39.59 -24.87
N ASP L 186 -13.23 -40.43 -25.29
CA ASP L 186 -13.54 -41.74 -25.91
C ASP L 186 -13.52 -42.87 -24.88
N SER L 187 -12.64 -42.77 -23.90
CA SER L 187 -12.61 -43.75 -22.84
C SER L 187 -11.79 -43.29 -21.61
N ILE L 188 -11.78 -44.17 -20.60
CA ILE L 188 -11.04 -43.99 -19.37
C ILE L 188 -9.78 -44.83 -19.50
N LEU L 189 -8.65 -44.19 -19.29
CA LEU L 189 -7.36 -44.86 -19.17
C LEU L 189 -7.20 -45.21 -17.68
N THR L 190 -6.94 -46.46 -17.38
CA THR L 190 -6.83 -46.82 -15.96
C THR L 190 -5.42 -47.31 -15.61
N HIS L 191 -4.93 -48.25 -16.42
CA HIS L 191 -3.61 -48.82 -16.24
C HIS L 191 -2.88 -48.85 -17.58
N ARG L 192 -1.55 -48.75 -17.53
CA ARG L 192 -0.73 -48.75 -18.74
C ARG L 192 -0.84 -50.13 -19.38
N ASN L 193 -1.00 -50.17 -20.68
CA ASN L 193 -1.06 -51.44 -21.38
C ASN L 193 0.28 -52.18 -21.28
N ALA M 1 16.44 -20.45 -3.57
CA ALA M 1 17.18 -21.31 -4.55
C ALA M 1 18.63 -21.65 -4.11
N LEU M 2 18.93 -22.95 -4.13
CA LEU M 2 20.30 -23.48 -4.04
C LEU M 2 20.13 -25.00 -4.12
N VAL M 3 20.64 -25.61 -5.18
CA VAL M 3 20.56 -27.05 -5.25
C VAL M 3 21.93 -27.58 -5.61
N PRO M 4 22.54 -28.39 -4.72
CA PRO M 4 23.90 -28.85 -4.89
C PRO M 4 24.07 -29.72 -6.13
N MET M 5 25.25 -29.63 -6.73
CA MET M 5 25.56 -30.40 -7.93
C MET M 5 26.39 -31.65 -7.59
N VAL M 6 26.09 -32.73 -8.30
CA VAL M 6 26.87 -33.98 -8.24
C VAL M 6 27.43 -34.25 -9.65
N ILE M 7 28.41 -35.14 -9.75
CA ILE M 7 28.99 -35.55 -11.05
C ILE M 7 28.63 -37.00 -11.41
N ARG M 15 29.21 -36.06 -16.87
CA ARG M 15 28.33 -34.89 -16.99
C ARG M 15 27.43 -34.70 -15.75
N SER M 16 27.27 -33.45 -15.30
CA SER M 16 26.63 -33.05 -14.01
C SER M 16 25.15 -33.42 -13.72
N PHE M 17 24.78 -33.50 -12.43
CA PHE M 17 23.40 -33.76 -11.92
C PHE M 17 23.12 -32.88 -10.70
N ASP M 18 21.94 -32.24 -10.60
CA ASP M 18 21.52 -31.64 -9.29
C ASP M 18 21.22 -32.75 -8.28
N ILE M 19 21.12 -32.43 -6.99
CA ILE M 19 20.90 -33.46 -5.95
C ILE M 19 19.65 -34.30 -6.23
N TYR M 20 18.58 -33.64 -6.67
CA TYR M 20 17.33 -34.34 -6.96
C TYR M 20 17.45 -35.27 -8.15
N SER M 21 18.14 -34.79 -9.18
CA SER M 21 18.44 -35.60 -10.35
C SER M 21 19.24 -36.85 -9.96
N ARG M 22 20.24 -36.71 -9.10
CA ARG M 22 21.00 -37.90 -8.64
C ARG M 22 20.11 -38.92 -7.95
N LEU M 23 19.23 -38.45 -7.07
CA LEU M 23 18.33 -39.32 -6.36
C LEU M 23 17.27 -39.96 -7.25
N LEU M 24 16.94 -39.26 -8.32
CA LEU M 24 16.06 -39.83 -9.31
C LEU M 24 16.66 -41.07 -9.94
N LYS M 25 17.98 -41.09 -10.10
CA LYS M 25 18.68 -42.31 -10.53
C LYS M 25 18.43 -43.48 -9.60
N GLU M 26 18.18 -43.21 -8.33
CA GLU M 26 17.84 -44.24 -7.35
C GLU M 26 16.33 -44.51 -7.32
N ARG M 27 15.57 -43.87 -8.22
CA ARG M 27 14.09 -44.05 -8.33
C ARG M 27 13.35 -43.39 -7.15
N VAL M 28 13.97 -42.36 -6.62
CA VAL M 28 13.42 -41.62 -5.48
C VAL M 28 12.89 -40.28 -5.95
N ILE M 29 11.64 -39.97 -5.57
CA ILE M 29 10.97 -38.73 -5.90
C ILE M 29 10.48 -38.07 -4.59
N PHE M 30 10.57 -36.74 -4.52
CA PHE M 30 10.10 -36.03 -3.34
C PHE M 30 8.87 -35.22 -3.65
N LEU M 31 7.89 -35.33 -2.78
CA LEU M 31 6.73 -34.49 -2.84
C LEU M 31 6.80 -33.66 -1.53
N THR M 32 7.04 -32.34 -1.68
CA THR M 32 7.35 -31.47 -0.52
C THR M 32 6.48 -30.21 -0.60
N GLY M 33 5.79 -29.89 0.50
CA GLY M 33 4.97 -28.68 0.55
C GLY M 33 3.56 -28.89 -0.02
N GLN M 34 2.89 -27.76 -0.22
CA GLN M 34 1.53 -27.72 -0.78
C GLN M 34 1.42 -28.32 -2.17
N VAL M 35 0.44 -29.18 -2.32
CA VAL M 35 0.13 -29.79 -3.61
C VAL M 35 -0.58 -28.78 -4.51
N GLU M 36 0.02 -28.48 -5.66
CA GLU M 36 -0.56 -27.57 -6.63
C GLU M 36 -0.18 -28.06 -8.00
N ASP M 37 -0.84 -27.54 -9.04
CA ASP M 37 -0.71 -28.14 -10.39
C ASP M 37 0.72 -28.32 -10.88
N HIS M 38 1.55 -27.30 -10.71
CA HIS M 38 2.88 -27.35 -11.33
C HIS M 38 3.85 -28.30 -10.61
N MET M 39 3.89 -28.23 -9.28
CA MET M 39 4.72 -29.19 -8.54
C MET M 39 4.19 -30.62 -8.71
N ALA M 40 2.86 -30.76 -8.86
CA ALA M 40 2.23 -32.07 -9.12
C ALA M 40 2.62 -32.59 -10.47
N ASN M 41 2.62 -31.69 -11.45
CA ASN M 41 3.07 -32.02 -12.82
C ASN M 41 4.54 -32.52 -12.83
N LEU M 42 5.40 -31.90 -12.02
CA LEU M 42 6.81 -32.34 -11.99
C LEU M 42 6.88 -33.77 -11.44
N ILE M 43 6.07 -34.05 -10.43
CA ILE M 43 6.04 -35.41 -9.82
C ILE M 43 5.52 -36.46 -10.83
N VAL M 44 4.45 -36.10 -11.52
CA VAL M 44 3.85 -36.94 -12.60
C VAL M 44 4.94 -37.22 -13.66
N ALA M 45 5.64 -36.17 -14.13
CA ALA M 45 6.67 -36.38 -15.14
C ALA M 45 7.81 -37.31 -14.67
N GLN M 46 8.23 -37.11 -13.43
CA GLN M 46 9.22 -38.00 -12.82
C GLN M 46 8.73 -39.44 -12.74
N MET M 47 7.46 -39.66 -12.39
CA MET M 47 6.92 -41.06 -12.42
C MET M 47 6.92 -41.71 -13.80
N LEU M 48 6.45 -40.95 -14.79
CA LEU M 48 6.40 -41.37 -16.17
C LEU M 48 7.82 -41.70 -16.71
N PHE M 49 8.79 -40.84 -16.41
CA PHE M 49 10.20 -41.10 -16.69
C PHE M 49 10.70 -42.40 -16.07
N LEU M 50 10.46 -42.60 -14.76
CA LEU M 50 10.93 -43.82 -14.07
C LEU M 50 10.30 -45.11 -14.61
N GLU M 51 8.99 -45.08 -14.85
CA GLU M 51 8.33 -46.14 -15.62
C GLU M 51 9.02 -46.50 -16.97
N ALA M 52 9.32 -45.48 -17.77
CA ALA M 52 10.02 -45.66 -19.03
C ALA M 52 11.40 -46.28 -18.85
N GLU M 53 12.12 -45.90 -17.80
CA GLU M 53 13.47 -46.40 -17.50
C GLU M 53 13.43 -47.86 -17.15
N ASN M 54 12.47 -48.20 -16.32
CA ASN M 54 12.27 -49.56 -15.90
C ASN M 54 10.86 -49.74 -15.35
N PRO M 55 9.95 -50.36 -16.15
CA PRO M 55 8.55 -50.54 -15.74
C PRO M 55 8.37 -51.57 -14.63
N GLU M 56 9.43 -52.33 -14.38
CA GLU M 56 9.43 -53.40 -13.40
C GLU M 56 9.91 -52.99 -11.99
N LYS M 57 10.75 -51.96 -11.88
CA LYS M 57 11.33 -51.59 -10.56
C LYS M 57 10.47 -50.58 -9.78
N ASP M 58 10.38 -50.77 -8.46
CA ASP M 58 9.61 -49.86 -7.57
C ASP M 58 10.16 -48.44 -7.63
N ILE M 59 9.28 -47.50 -7.28
CA ILE M 59 9.56 -46.07 -7.23
C ILE M 59 9.27 -45.69 -5.77
N TYR M 60 10.09 -44.79 -5.22
CA TYR M 60 9.93 -44.31 -3.82
C TYR M 60 9.54 -42.88 -3.84
N LEU M 61 8.34 -42.63 -3.32
CA LEU M 61 7.83 -41.27 -3.17
C LEU M 61 7.87 -40.85 -1.70
N TYR M 62 8.75 -39.91 -1.34
CA TYR M 62 8.78 -39.31 0.01
C TYR M 62 7.82 -38.14 0.02
N ILE M 63 7.00 -38.10 1.06
CA ILE M 63 5.93 -37.12 1.20
C ILE M 63 6.13 -36.38 2.51
N ASN M 64 6.30 -35.06 2.37
CA ASN M 64 6.26 -34.10 3.44
C ASN M 64 5.38 -32.94 3.01
N SER M 65 4.10 -33.01 3.38
CA SER M 65 3.14 -32.00 2.84
C SER M 65 2.05 -31.65 3.80
N PRO M 66 1.70 -30.36 3.87
CA PRO M 66 0.52 -29.94 4.64
C PRO M 66 -0.82 -30.11 3.92
N GLY M 67 -0.81 -30.47 2.64
CA GLY M 67 -2.08 -30.70 1.95
C GLY M 67 -2.03 -29.96 0.65
N GLY M 68 -3.19 -29.60 0.09
CA GLY M 68 -3.22 -28.88 -1.17
C GLY M 68 -4.47 -29.12 -1.99
N VAL M 69 -4.36 -28.81 -3.29
CA VAL M 69 -5.49 -28.75 -4.19
C VAL M 69 -5.87 -30.14 -4.65
N ILE M 70 -7.16 -30.46 -4.59
CA ILE M 70 -7.60 -31.80 -4.87
C ILE M 70 -7.34 -32.26 -6.28
N THR M 71 -7.71 -31.46 -7.27
CA THR M 71 -7.46 -31.91 -8.62
C THR M 71 -5.96 -32.07 -8.91
N ALA M 72 -5.13 -31.18 -8.38
CA ALA M 72 -3.69 -31.37 -8.54
C ALA M 72 -3.27 -32.67 -7.87
N GLY M 73 -3.68 -32.90 -6.62
CA GLY M 73 -3.48 -34.25 -6.04
C GLY M 73 -3.93 -35.48 -6.84
N MET M 74 -5.09 -35.38 -7.49
CA MET M 74 -5.60 -36.51 -8.27
C MET M 74 -4.78 -36.75 -9.54
N SER M 75 -4.11 -35.70 -10.03
CA SER M 75 -3.21 -35.91 -11.18
C SER M 75 -2.08 -36.90 -10.75
N ILE M 76 -1.52 -36.70 -9.55
CA ILE M 76 -0.54 -37.68 -8.98
C ILE M 76 -1.19 -39.01 -8.65
N TYR M 77 -2.32 -38.96 -7.92
CA TYR M 77 -3.01 -40.23 -7.59
C TYR M 77 -3.23 -41.14 -8.80
N ASP M 78 -3.87 -40.61 -9.85
CA ASP M 78 -4.12 -41.48 -11.01
C ASP M 78 -2.86 -41.90 -11.75
N THR M 79 -1.83 -41.06 -11.72
CA THR M 79 -0.52 -41.46 -12.26
C THR M 79 0.04 -42.65 -11.52
N MET M 80 -0.03 -42.60 -10.20
CA MET M 80 0.47 -43.64 -9.34
C MET M 80 -0.17 -44.99 -9.65
N GLN M 81 -1.48 -44.99 -9.86
CA GLN M 81 -2.23 -46.21 -10.23
C GLN M 81 -2.02 -46.62 -11.70
N PHE M 82 -1.80 -45.64 -12.59
CA PHE M 82 -1.70 -45.90 -14.03
C PHE M 82 -0.40 -46.61 -14.39
N ILE M 83 0.70 -46.15 -13.81
CA ILE M 83 2.03 -46.62 -14.19
C ILE M 83 2.25 -48.07 -13.79
N LYS M 84 3.11 -48.78 -14.51
CA LYS M 84 3.44 -50.16 -14.15
C LYS M 84 4.17 -50.38 -12.79
N PRO M 85 5.24 -49.60 -12.50
CA PRO M 85 5.91 -49.82 -11.19
C PRO M 85 5.00 -49.59 -9.98
N ASP M 86 5.18 -50.37 -8.91
CA ASP M 86 4.63 -50.08 -7.60
C ASP M 86 5.22 -48.78 -7.14
N VAL M 87 4.42 -47.93 -6.55
CA VAL M 87 4.96 -46.71 -5.96
C VAL M 87 4.87 -46.89 -4.45
N SER M 88 6.04 -46.98 -3.85
CA SER M 88 6.19 -47.05 -2.38
C SER M 88 6.19 -45.61 -1.83
N THR M 89 5.39 -45.37 -0.79
CA THR M 89 5.26 -44.04 -0.19
C THR M 89 5.89 -44.03 1.20
N ILE M 90 6.52 -42.92 1.56
CA ILE M 90 7.24 -42.83 2.81
C ILE M 90 6.94 -41.46 3.34
N CYS M 91 6.28 -41.41 4.47
CA CYS M 91 6.02 -40.09 5.12
C CYS M 91 7.17 -39.64 6.02
N MET M 92 7.71 -38.45 5.77
CA MET M 92 8.67 -37.81 6.72
C MET M 92 8.12 -36.43 7.08
N GLY M 93 8.22 -36.03 8.34
CA GLY M 93 7.66 -34.68 8.70
C GLY M 93 6.15 -34.83 8.92
N GLN M 94 5.36 -34.64 7.86
CA GLN M 94 3.88 -34.78 7.98
C GLN M 94 3.30 -35.13 6.62
N ALA M 95 2.11 -35.73 6.63
CA ALA M 95 1.32 -35.86 5.45
C ALA M 95 -0.09 -35.47 5.89
N ALA M 96 -0.53 -34.28 5.49
CA ALA M 96 -1.80 -33.83 5.90
C ALA M 96 -2.72 -33.71 4.71
N SER M 97 -3.99 -34.14 4.91
CA SER M 97 -5.05 -34.00 3.94
C SER M 97 -4.61 -34.55 2.59
N MET M 98 -4.40 -33.70 1.58
CA MET M 98 -4.00 -34.27 0.27
C MET M 98 -2.69 -35.09 0.42
N GLY M 99 -1.78 -34.66 1.30
CA GLY M 99 -0.55 -35.44 1.56
C GLY M 99 -0.84 -36.82 2.12
N ALA M 100 -1.76 -36.87 3.09
CA ALA M 100 -2.18 -38.17 3.71
C ALA M 100 -2.86 -39.07 2.69
N PHE M 101 -3.66 -38.45 1.82
CA PHE M 101 -4.36 -39.20 0.76
C PHE M 101 -3.39 -39.91 -0.20
N LEU M 102 -2.37 -39.17 -0.68
CA LEU M 102 -1.32 -39.74 -1.57
C LEU M 102 -0.43 -40.75 -0.86
N LEU M 103 -0.18 -40.53 0.41
CA LEU M 103 0.55 -41.51 1.25
C LEU M 103 -0.16 -42.88 1.28
N THR M 104 -1.44 -42.87 1.58
CA THR M 104 -2.21 -44.10 1.71
C THR M 104 -2.49 -44.72 0.34
N ALA M 105 -2.30 -43.93 -0.74
CA ALA M 105 -2.53 -44.41 -2.14
C ALA M 105 -1.38 -45.25 -2.65
N GLY M 106 -0.30 -45.38 -1.84
CA GLY M 106 0.85 -46.16 -2.29
C GLY M 106 0.54 -47.64 -2.42
N ALA M 107 1.46 -48.38 -3.03
CA ALA M 107 1.27 -49.85 -3.22
C ALA M 107 1.12 -50.62 -1.88
N LYS M 108 0.17 -51.56 -1.83
CA LYS M 108 -0.22 -52.24 -0.60
C LYS M 108 1.02 -52.93 -0.05
N GLY M 109 1.27 -52.78 1.24
CA GLY M 109 2.46 -53.33 1.88
C GLY M 109 3.70 -52.45 1.78
N LYS M 110 3.65 -51.43 0.93
CA LYS M 110 4.84 -50.58 0.70
C LYS M 110 4.54 -49.12 1.09
N ARG M 111 3.63 -48.92 2.04
CA ARG M 111 3.39 -47.54 2.54
C ARG M 111 3.96 -47.40 3.92
N PHE M 112 4.81 -46.40 4.14
CA PHE M 112 5.54 -46.27 5.41
C PHE M 112 5.41 -44.88 6.06
N CYS M 113 5.47 -44.85 7.39
CA CYS M 113 5.75 -43.63 8.12
C CYS M 113 7.12 -43.74 8.77
N LEU M 114 7.86 -42.64 8.78
CA LEU M 114 9.03 -42.54 9.65
C LEU M 114 8.50 -42.36 11.09
N PRO M 115 9.31 -42.68 12.13
CA PRO M 115 8.72 -42.84 13.45
C PRO M 115 8.09 -41.58 14.05
N ASN M 116 8.57 -40.42 13.67
CA ASN M 116 8.10 -39.17 14.31
C ASN M 116 7.26 -38.31 13.36
N SER M 117 6.90 -38.91 12.23
CA SER M 117 6.03 -38.23 11.29
C SER M 117 4.60 -38.25 11.87
N ARG M 118 3.82 -37.28 11.44
CA ARG M 118 2.39 -37.18 11.79
C ARG M 118 1.51 -37.06 10.55
N VAL M 119 0.33 -37.65 10.66
CA VAL M 119 -0.65 -37.69 9.59
C VAL M 119 -1.90 -36.92 10.02
N MET M 120 -2.59 -36.28 9.10
CA MET M 120 -3.82 -35.61 9.49
C MET M 120 -4.75 -35.78 8.30
N ILE M 121 -6.03 -35.98 8.58
CA ILE M 121 -7.03 -36.13 7.51
C ILE M 121 -8.20 -35.21 7.79
N HIS M 122 -8.88 -34.74 6.73
CA HIS M 122 -10.02 -33.85 6.85
C HIS M 122 -10.83 -33.82 5.55
N GLN M 123 -12.06 -33.34 5.63
CA GLN M 123 -12.88 -33.20 4.44
C GLN M 123 -12.46 -31.98 3.57
N PRO M 124 -12.98 -31.88 2.34
CA PRO M 124 -12.59 -30.70 1.53
C PRO M 124 -13.06 -29.33 2.08
N LEU M 125 -12.31 -28.26 1.72
CA LEU M 125 -12.63 -26.84 2.01
C LEU M 125 -12.66 -26.15 0.67
N GLY M 126 -13.55 -25.18 0.51
CA GLY M 126 -13.57 -24.50 -0.78
C GLY M 126 -14.30 -23.22 -0.53
N GLY M 127 -14.60 -22.49 -1.59
CA GLY M 127 -15.26 -21.21 -1.41
C GLY M 127 -15.72 -20.75 -2.78
N TYR M 128 -16.89 -20.12 -2.81
CA TYR M 128 -17.52 -19.71 -4.05
C TYR M 128 -18.30 -18.45 -3.80
N GLN M 129 -18.47 -17.65 -4.85
CA GLN M 129 -19.19 -16.45 -4.72
C GLN M 129 -19.98 -16.33 -6.02
N GLY M 130 -21.26 -15.96 -5.92
CA GLY M 130 -22.09 -15.76 -7.12
C GLY M 130 -23.58 -15.91 -6.82
N GLN M 131 -24.35 -16.07 -7.89
CA GLN M 131 -25.78 -16.21 -7.78
C GLN M 131 -26.13 -17.48 -7.06
N ALA M 132 -27.28 -17.50 -6.39
CA ALA M 132 -27.72 -18.74 -5.70
C ALA M 132 -27.73 -19.99 -6.62
N THR M 133 -28.18 -19.86 -7.87
CA THR M 133 -28.17 -21.01 -8.80
C THR M 133 -26.76 -21.60 -8.92
N ASP M 134 -25.77 -20.72 -9.06
CA ASP M 134 -24.39 -21.14 -9.16
C ASP M 134 -23.84 -21.66 -7.88
N ILE M 135 -24.27 -21.07 -6.75
CA ILE M 135 -23.82 -21.58 -5.44
C ILE M 135 -24.26 -23.02 -5.29
N GLU M 136 -25.47 -23.31 -5.74
CA GLU M 136 -25.98 -24.69 -5.59
C GLU M 136 -25.19 -25.65 -6.50
N ILE M 137 -24.87 -25.25 -7.73
CA ILE M 137 -24.04 -26.07 -8.62
C ILE M 137 -22.70 -26.38 -7.93
N HIS M 138 -22.05 -25.34 -7.39
CA HIS M 138 -20.70 -25.53 -6.83
C HIS M 138 -20.75 -26.30 -5.52
N ALA M 139 -21.81 -26.09 -4.74
CA ALA M 139 -21.96 -26.86 -3.51
C ALA M 139 -22.18 -28.35 -3.86
N ARG M 140 -23.02 -28.62 -4.85
CA ARG M 140 -23.23 -30.02 -5.28
C ARG M 140 -21.89 -30.66 -5.70
N GLU M 141 -21.02 -29.93 -6.43
CA GLU M 141 -19.72 -30.45 -6.89
C GLU M 141 -18.77 -30.77 -5.75
N ILE M 142 -18.70 -29.90 -4.74
CA ILE M 142 -17.72 -30.16 -3.68
C ILE M 142 -18.20 -31.33 -2.80
N LEU M 143 -19.52 -31.52 -2.74
CA LEU M 143 -20.07 -32.67 -2.02
C LEU M 143 -19.80 -33.94 -2.75
N LYS M 144 -19.92 -33.91 -4.08
CA LYS M 144 -19.54 -35.09 -4.90
C LYS M 144 -18.05 -35.47 -4.74
N VAL M 145 -17.19 -34.46 -4.84
CA VAL M 145 -15.74 -34.61 -4.55
C VAL M 145 -15.50 -35.20 -3.17
N LYS M 146 -16.16 -34.62 -2.13
CA LYS M 146 -16.01 -35.10 -0.78
C LYS M 146 -16.35 -36.62 -0.74
N GLY M 147 -17.43 -37.02 -1.39
CA GLY M 147 -17.83 -38.46 -1.28
C GLY M 147 -16.82 -39.32 -2.06
N ARG M 148 -16.35 -38.86 -3.23
CA ARG M 148 -15.39 -39.67 -3.99
C ARG M 148 -14.08 -39.86 -3.23
N MET M 149 -13.59 -38.77 -2.60
CA MET M 149 -12.38 -38.84 -1.82
C MET M 149 -12.57 -39.78 -0.61
N ASN M 150 -13.75 -39.80 -0.02
CA ASN M 150 -13.98 -40.71 1.11
C ASN M 150 -14.03 -42.16 0.63
N GLU M 151 -14.65 -42.40 -0.52
CA GLU M 151 -14.65 -43.75 -1.10
C GLU M 151 -13.24 -44.28 -1.32
N LEU M 152 -12.40 -43.43 -1.90
CA LEU M 152 -11.03 -43.85 -2.21
C LEU M 152 -10.17 -44.00 -0.93
N MET M 153 -10.36 -43.11 0.06
CA MET M 153 -9.68 -43.31 1.38
C MET M 153 -10.12 -44.64 2.07
N ALA M 154 -11.40 -44.98 1.93
CA ALA M 154 -11.93 -46.22 2.58
C ALA M 154 -11.27 -47.41 1.84
N LEU M 155 -11.26 -47.36 0.51
CA LEU M 155 -10.59 -48.40 -0.31
C LEU M 155 -9.13 -48.65 0.17
N HIS M 156 -8.32 -47.61 0.26
CA HIS M 156 -6.90 -47.80 0.59
C HIS M 156 -6.60 -48.13 2.06
N THR M 157 -7.39 -47.59 2.98
CA THR M 157 -7.22 -47.87 4.42
C THR M 157 -7.87 -49.19 4.84
N GLY M 158 -8.91 -49.60 4.14
CA GLY M 158 -9.59 -50.79 4.61
C GLY M 158 -10.70 -50.47 5.61
N GLN M 159 -10.91 -49.17 5.91
CA GLN M 159 -11.98 -48.75 6.84
C GLN M 159 -13.26 -48.66 6.03
N SER M 160 -14.42 -48.67 6.70
CA SER M 160 -15.67 -48.50 5.96
C SER M 160 -15.81 -47.08 5.55
N LEU M 161 -16.63 -46.89 4.54
CA LEU M 161 -16.88 -45.58 4.08
C LEU M 161 -17.51 -44.72 5.16
N GLU M 162 -18.37 -45.28 6.00
CA GLU M 162 -19.04 -44.46 7.05
C GLU M 162 -18.04 -44.04 8.12
N GLN M 163 -17.10 -44.94 8.42
CA GLN M 163 -15.98 -44.61 9.29
C GLN M 163 -15.16 -43.44 8.73
N ILE M 164 -14.81 -43.52 7.44
CA ILE M 164 -13.99 -42.40 6.85
C ILE M 164 -14.77 -41.09 6.93
N GLU M 165 -16.04 -41.13 6.57
CA GLU M 165 -16.93 -39.93 6.61
C GLU M 165 -16.94 -39.31 8.02
N ARG M 166 -17.19 -40.15 9.04
CA ARG M 166 -17.27 -39.61 10.40
C ARG M 166 -15.96 -39.01 10.81
N ASP M 167 -14.86 -39.68 10.46
CA ASP M 167 -13.59 -39.31 11.07
C ASP M 167 -12.99 -38.06 10.39
N THR M 168 -13.49 -37.70 9.22
CA THR M 168 -12.92 -36.59 8.46
C THR M 168 -13.76 -35.32 8.55
N GLU M 169 -14.82 -35.37 9.33
CA GLU M 169 -15.69 -34.20 9.41
C GLU M 169 -14.94 -32.99 9.97
N ARG M 170 -14.08 -33.27 10.94
CA ARG M 170 -13.11 -32.28 11.43
C ARG M 170 -11.71 -32.84 11.33
N ASP M 171 -10.70 -31.95 11.26
CA ASP M 171 -9.25 -32.35 11.38
C ASP M 171 -9.06 -33.43 12.42
N ARG M 172 -8.38 -34.49 12.00
CA ARG M 172 -8.07 -35.66 12.77
C ARG M 172 -6.58 -35.96 12.65
N PHE M 173 -5.87 -35.81 13.74
CA PHE M 173 -4.43 -36.07 13.75
C PHE M 173 -4.09 -37.49 14.23
N LEU M 174 -3.11 -38.10 13.59
CA LEU M 174 -2.67 -39.47 13.92
C LEU M 174 -1.13 -39.47 14.01
N SER M 175 -0.59 -40.11 15.05
CA SER M 175 0.85 -40.40 15.17
C SER M 175 1.16 -41.52 14.17
N ALA M 176 2.43 -41.80 13.91
CA ALA M 176 2.79 -42.89 13.01
C ALA M 176 2.19 -44.30 13.43
N PRO M 177 2.30 -44.73 14.72
CA PRO M 177 1.63 -45.97 15.20
C PRO M 177 0.10 -45.94 15.00
N GLU M 178 -0.48 -44.78 15.26
CA GLU M 178 -1.89 -44.60 14.97
C GLU M 178 -2.20 -44.73 13.49
N ALA M 179 -1.32 -44.25 12.62
CA ALA M 179 -1.58 -44.29 11.17
C ALA M 179 -1.46 -45.76 10.68
N VAL M 180 -0.60 -46.54 11.31
CA VAL M 180 -0.52 -48.00 11.00
C VAL M 180 -1.83 -48.71 11.47
N GLU M 181 -2.25 -48.46 12.70
CA GLU M 181 -3.54 -49.04 13.23
C GLU M 181 -4.74 -48.68 12.35
N TYR M 182 -4.74 -47.48 11.79
CA TYR M 182 -5.85 -47.00 10.96
C TYR M 182 -5.87 -47.62 9.57
N GLY M 183 -4.74 -48.16 9.12
CA GLY M 183 -4.61 -48.71 7.76
C GLY M 183 -4.12 -47.67 6.76
N LEU M 184 -3.71 -46.49 7.22
CA LEU M 184 -3.23 -45.44 6.31
C LEU M 184 -1.84 -45.75 5.78
N VAL M 185 -0.99 -46.37 6.61
CA VAL M 185 0.28 -46.94 6.13
C VAL M 185 0.36 -48.38 6.65
N ASP M 186 1.35 -49.13 6.18
CA ASP M 186 1.52 -50.52 6.50
C ASP M 186 2.44 -50.76 7.66
N SER M 187 3.54 -50.02 7.75
CA SER M 187 4.44 -50.09 8.93
C SER M 187 5.19 -48.78 9.16
N ILE M 188 5.99 -48.78 10.22
CA ILE M 188 6.95 -47.72 10.54
C ILE M 188 8.33 -48.17 10.01
N LEU M 189 8.97 -47.32 9.20
CA LEU M 189 10.40 -47.47 8.84
C LEU M 189 11.27 -46.83 9.92
N THR M 190 12.15 -47.57 10.59
CA THR M 190 13.01 -46.87 11.60
C THR M 190 14.49 -46.72 11.20
N HIS M 191 15.17 -47.86 10.94
CA HIS M 191 16.57 -47.89 10.49
C HIS M 191 16.61 -48.64 9.16
N ARG M 192 17.45 -48.19 8.25
CA ARG M 192 17.59 -48.78 6.93
C ARG M 192 18.07 -50.23 7.07
N ASN M 193 17.45 -51.12 6.32
CA ASN M 193 17.82 -52.57 6.30
C ASN M 193 19.18 -52.84 5.66
N LEU N 2 27.83 -14.84 -5.84
CA LEU N 2 26.73 -15.33 -4.97
C LEU N 2 27.01 -16.75 -4.51
N VAL N 3 27.57 -17.56 -5.40
CA VAL N 3 28.06 -18.88 -5.02
C VAL N 3 29.31 -19.20 -5.84
N PRO N 4 30.47 -19.26 -5.15
CA PRO N 4 31.78 -19.44 -5.79
C PRO N 4 31.88 -20.77 -6.55
N MET N 5 32.45 -20.71 -7.76
CA MET N 5 32.37 -21.80 -8.74
C MET N 5 33.68 -22.58 -8.95
N VAL N 6 34.06 -23.37 -7.94
CA VAL N 6 35.11 -24.40 -8.06
C VAL N 6 34.85 -25.36 -9.25
N SER N 16 32.22 -25.26 -12.62
CA SER N 16 32.07 -26.72 -12.54
C SER N 16 31.26 -27.18 -11.33
N PHE N 17 31.76 -26.91 -10.10
CA PHE N 17 31.09 -27.18 -8.80
C PHE N 17 30.86 -25.84 -8.07
N ASP N 18 29.72 -25.66 -7.39
CA ASP N 18 29.63 -24.53 -6.45
C ASP N 18 30.28 -24.91 -5.10
N ILE N 19 30.43 -23.94 -4.20
CA ILE N 19 31.16 -24.19 -2.95
C ILE N 19 30.50 -25.28 -2.10
N TYR N 20 29.17 -25.32 -2.10
CA TYR N 20 28.50 -26.31 -1.30
C TYR N 20 28.62 -27.73 -1.83
N SER N 21 28.52 -27.90 -3.15
CA SER N 21 28.71 -29.20 -3.83
C SER N 21 30.12 -29.71 -3.57
N ARG N 22 31.08 -28.79 -3.60
CA ARG N 22 32.45 -29.07 -3.26
C ARG N 22 32.60 -29.65 -1.85
N LEU N 23 32.01 -29.01 -0.84
CA LEU N 23 32.05 -29.56 0.51
C LEU N 23 31.22 -30.81 0.70
N LEU N 24 30.17 -30.96 -0.13
CA LEU N 24 29.41 -32.19 -0.11
C LEU N 24 30.34 -33.37 -0.38
N LYS N 25 31.31 -33.14 -1.26
CA LYS N 25 32.36 -34.12 -1.51
C LYS N 25 33.11 -34.52 -0.26
N GLU N 26 33.13 -33.64 0.74
CA GLU N 26 33.81 -33.89 2.02
C GLU N 26 32.82 -34.44 3.06
N ARG N 27 31.60 -34.76 2.61
CA ARG N 27 30.54 -35.24 3.49
C ARG N 27 30.08 -34.16 4.48
N VAL N 28 30.16 -32.92 4.03
CA VAL N 28 29.70 -31.78 4.84
C VAL N 28 28.39 -31.19 4.30
N ILE N 29 27.41 -30.99 5.21
CA ILE N 29 26.09 -30.42 4.88
C ILE N 29 25.86 -29.27 5.85
N PHE N 30 25.33 -28.17 5.35
CA PHE N 30 25.03 -27.00 6.16
C PHE N 30 23.52 -26.90 6.34
N LEU N 31 23.09 -26.80 7.60
CA LEU N 31 21.76 -26.33 7.95
C LEU N 31 21.86 -24.91 8.50
N THR N 32 21.30 -23.95 7.74
CA THR N 32 21.51 -22.53 8.03
C THR N 32 20.16 -21.84 7.97
N GLY N 33 19.83 -21.11 9.04
CA GLY N 33 18.61 -20.30 9.00
C GLY N 33 17.42 -21.09 9.49
N GLN N 34 16.23 -20.51 9.26
CA GLN N 34 14.95 -21.08 9.69
C GLN N 34 14.72 -22.44 9.05
N VAL N 35 14.33 -23.37 9.89
CA VAL N 35 13.92 -24.70 9.43
C VAL N 35 12.48 -24.69 8.85
N GLU N 36 12.35 -25.16 7.62
CA GLU N 36 11.12 -25.02 6.81
C GLU N 36 11.18 -26.17 5.83
N ASP N 37 10.06 -26.57 5.20
CA ASP N 37 10.01 -27.82 4.46
C ASP N 37 11.05 -27.94 3.32
N HIS N 38 11.20 -26.88 2.51
CA HIS N 38 12.04 -27.00 1.30
C HIS N 38 13.52 -27.03 1.65
N MET N 39 13.95 -26.15 2.54
CA MET N 39 15.37 -26.24 2.96
C MET N 39 15.65 -27.58 3.65
N ALA N 40 14.64 -28.11 4.38
CA ALA N 40 14.80 -29.37 5.09
C ALA N 40 14.86 -30.51 4.11
N ASN N 41 14.05 -30.42 3.03
CA ASN N 41 14.08 -31.46 2.01
C ASN N 41 15.46 -31.48 1.35
N LEU N 42 16.07 -30.30 1.14
CA LEU N 42 17.42 -30.25 0.60
C LEU N 42 18.45 -30.99 1.48
N ILE N 43 18.31 -30.83 2.79
CA ILE N 43 19.20 -31.51 3.76
C ILE N 43 18.96 -33.01 3.75
N VAL N 44 17.67 -33.38 3.72
CA VAL N 44 17.32 -34.81 3.58
C VAL N 44 17.97 -35.44 2.34
N ALA N 45 17.81 -34.78 1.19
CA ALA N 45 18.35 -35.28 -0.05
C ALA N 45 19.91 -35.47 0.02
N GLN N 46 20.61 -34.48 0.57
CA GLN N 46 22.05 -34.58 0.78
C GLN N 46 22.44 -35.73 1.67
N MET N 47 21.68 -35.98 2.75
CA MET N 47 21.97 -37.11 3.61
C MET N 47 21.83 -38.45 2.92
N LEU N 48 20.71 -38.57 2.19
CA LEU N 48 20.41 -39.75 1.40
C LEU N 48 21.52 -39.99 0.39
N PHE N 49 21.94 -38.92 -0.29
CA PHE N 49 23.02 -38.99 -1.27
C PHE N 49 24.35 -39.41 -0.63
N LEU N 50 24.69 -38.80 0.49
CA LEU N 50 25.95 -39.17 1.16
C LEU N 50 25.93 -40.62 1.63
N GLU N 51 24.80 -41.09 2.16
CA GLU N 51 24.62 -42.54 2.48
C GLU N 51 24.84 -43.43 1.26
N ALA N 52 24.23 -43.08 0.14
CA ALA N 52 24.43 -43.84 -1.10
C ALA N 52 25.88 -43.82 -1.61
N GLU N 53 26.61 -42.75 -1.30
CA GLU N 53 28.02 -42.61 -1.65
C GLU N 53 28.92 -43.49 -0.76
N ASN N 54 28.76 -43.38 0.56
CA ASN N 54 29.37 -44.34 1.46
C ASN N 54 28.50 -44.57 2.68
N PRO N 55 27.98 -45.82 2.86
CA PRO N 55 27.06 -45.99 4.00
C PRO N 55 27.72 -46.07 5.40
N GLU N 56 29.05 -46.20 5.48
CA GLU N 56 29.71 -46.31 6.80
C GLU N 56 30.50 -45.09 7.29
N LYS N 57 30.71 -44.10 6.43
CA LYS N 57 31.52 -42.93 6.79
C LYS N 57 30.62 -41.83 7.39
N ASP N 58 31.08 -41.14 8.43
CA ASP N 58 30.29 -40.07 9.02
C ASP N 58 29.92 -38.99 8.04
N ILE N 59 28.86 -38.27 8.39
CA ILE N 59 28.39 -37.10 7.67
C ILE N 59 28.57 -36.03 8.73
N TYR N 60 29.00 -34.84 8.33
CA TYR N 60 29.05 -33.67 9.27
C TYR N 60 27.97 -32.70 8.90
N LEU N 61 27.15 -32.36 9.88
CA LEU N 61 26.01 -31.41 9.70
C LEU N 61 26.31 -30.19 10.52
N TYR N 62 26.69 -29.10 9.85
CA TYR N 62 26.93 -27.83 10.49
C TYR N 62 25.57 -27.15 10.68
N ILE N 63 25.35 -26.65 11.89
CA ILE N 63 24.03 -26.07 12.26
C ILE N 63 24.23 -24.66 12.73
N ASN N 64 23.60 -23.74 12.01
CA ASN N 64 23.47 -22.35 12.47
C ASN N 64 22.05 -21.89 12.19
N SER N 65 21.16 -22.02 13.18
CA SER N 65 19.71 -21.88 12.95
C SER N 65 19.00 -21.26 14.16
N PRO N 66 18.06 -20.31 13.92
CA PRO N 66 17.26 -19.72 15.01
C PRO N 66 16.04 -20.53 15.40
N GLY N 67 15.82 -21.64 14.70
CA GLY N 67 14.69 -22.58 14.95
C GLY N 67 13.91 -22.81 13.67
N GLY N 68 12.68 -23.30 13.81
CA GLY N 68 11.83 -23.49 12.68
C GLY N 68 10.62 -24.36 12.96
N VAL N 69 10.04 -24.81 11.86
CA VAL N 69 8.82 -25.56 11.87
C VAL N 69 9.11 -26.99 12.33
N ILE N 70 8.28 -27.46 13.27
CA ILE N 70 8.55 -28.75 13.89
C ILE N 70 8.54 -29.92 12.92
N THR N 71 7.49 -30.01 12.11
CA THR N 71 7.35 -31.14 11.21
C THR N 71 8.53 -31.13 10.22
N ALA N 72 8.93 -29.94 9.73
CA ALA N 72 10.11 -29.87 8.84
C ALA N 72 11.37 -30.39 9.55
N GLY N 73 11.58 -29.96 10.77
CA GLY N 73 12.66 -30.40 11.65
C GLY N 73 12.62 -31.92 11.81
N MET N 74 11.43 -32.48 11.91
CA MET N 74 11.32 -33.91 12.16
C MET N 74 11.58 -34.73 10.94
N SER N 75 11.41 -34.14 9.74
CA SER N 75 11.82 -34.91 8.53
C SER N 75 13.36 -35.13 8.54
N ILE N 76 14.09 -34.11 9.01
CA ILE N 76 15.55 -34.16 9.16
C ILE N 76 15.89 -35.16 10.30
N TYR N 77 15.26 -34.97 11.46
CA TYR N 77 15.51 -35.83 12.61
C TYR N 77 15.39 -37.31 12.21
N ASP N 78 14.24 -37.69 11.64
CA ASP N 78 14.03 -39.10 11.33
C ASP N 78 14.97 -39.59 10.25
N THR N 79 15.37 -38.68 9.35
CA THR N 79 16.36 -39.10 8.33
C THR N 79 17.72 -39.35 9.01
N MET N 80 18.05 -38.53 9.97
CA MET N 80 19.33 -38.63 10.67
C MET N 80 19.46 -39.99 11.33
N GLN N 81 18.36 -40.42 11.94
CA GLN N 81 18.25 -41.70 12.61
C GLN N 81 18.16 -42.87 11.64
N PHE N 82 17.44 -42.68 10.53
CA PHE N 82 17.16 -43.77 9.59
C PHE N 82 18.38 -44.25 8.82
N ILE N 83 19.15 -43.30 8.31
CA ILE N 83 20.29 -43.64 7.44
C ILE N 83 21.41 -44.40 8.15
N LYS N 84 22.23 -45.11 7.38
CA LYS N 84 23.26 -45.95 7.97
C LYS N 84 24.46 -45.13 8.59
N PRO N 85 24.94 -44.06 7.90
CA PRO N 85 26.05 -43.29 8.53
C PRO N 85 25.66 -42.56 9.79
N ASP N 86 26.64 -42.35 10.68
CA ASP N 86 26.44 -41.47 11.82
C ASP N 86 26.40 -40.03 11.29
N VAL N 87 25.57 -39.22 11.91
CA VAL N 87 25.55 -37.80 11.58
C VAL N 87 26.10 -37.08 12.80
N SER N 88 27.28 -36.51 12.60
CA SER N 88 27.97 -35.72 13.57
C SER N 88 27.48 -34.29 13.34
N THR N 89 27.10 -33.65 14.42
CA THR N 89 26.51 -32.32 14.34
C THR N 89 27.48 -31.33 14.96
N ILE N 90 27.57 -30.13 14.35
CA ILE N 90 28.51 -29.11 14.82
C ILE N 90 27.77 -27.78 14.79
N CYS N 91 27.59 -27.21 15.98
CA CYS N 91 26.91 -25.92 16.11
C CYS N 91 27.91 -24.78 15.85
N MET N 92 27.54 -23.87 14.94
CA MET N 92 28.31 -22.65 14.75
C MET N 92 27.34 -21.52 14.80
N GLY N 93 27.70 -20.45 15.51
CA GLY N 93 26.81 -19.32 15.72
C GLY N 93 25.76 -19.63 16.77
N GLN N 94 24.63 -20.20 16.35
CA GLN N 94 23.61 -20.62 17.32
C GLN N 94 22.86 -21.86 16.87
N ALA N 95 22.27 -22.55 17.83
CA ALA N 95 21.30 -23.60 17.54
C ALA N 95 20.17 -23.38 18.51
N ALA N 96 19.07 -22.85 18.00
CA ALA N 96 17.97 -22.50 18.84
C ALA N 96 16.75 -23.30 18.52
N SER N 97 16.14 -23.86 19.57
CA SER N 97 14.84 -24.52 19.47
C SER N 97 14.97 -25.64 18.46
N MET N 98 14.36 -25.55 17.26
CA MET N 98 14.52 -26.68 16.32
C MET N 98 16.00 -26.98 15.94
N GLY N 99 16.82 -25.92 15.81
CA GLY N 99 18.25 -26.03 15.65
C GLY N 99 18.91 -26.79 16.80
N ALA N 100 18.56 -26.45 18.04
CA ALA N 100 19.14 -27.15 19.23
C ALA N 100 18.72 -28.63 19.25
N PHE N 101 17.47 -28.88 18.85
CA PHE N 101 16.91 -30.24 18.85
C PHE N 101 17.68 -31.11 17.85
N LEU N 102 17.90 -30.60 16.64
CA LEU N 102 18.68 -31.33 15.62
C LEU N 102 20.17 -31.52 16.00
N LEU N 103 20.73 -30.53 16.68
CA LEU N 103 22.06 -30.60 17.25
C LEU N 103 22.19 -31.75 18.21
N THR N 104 21.29 -31.80 19.18
CA THR N 104 21.30 -32.86 20.18
C THR N 104 20.98 -34.27 19.64
N ALA N 105 20.31 -34.34 18.48
CA ALA N 105 19.93 -35.63 17.85
C ALA N 105 21.06 -36.23 17.00
N GLY N 106 22.20 -35.57 16.94
CA GLY N 106 23.40 -36.15 16.28
C GLY N 106 23.88 -37.41 17.01
N ALA N 107 24.77 -38.18 16.37
CA ALA N 107 25.21 -39.46 16.95
C ALA N 107 25.93 -39.25 18.28
N LYS N 108 25.64 -40.10 19.26
CA LYS N 108 26.24 -39.94 20.58
C LYS N 108 27.77 -39.98 20.49
N GLY N 109 28.41 -39.00 21.15
CA GLY N 109 29.88 -38.89 21.17
C GLY N 109 30.32 -37.90 20.10
N LYS N 110 29.40 -37.56 19.19
CA LYS N 110 29.76 -36.82 17.96
C LYS N 110 28.99 -35.52 17.77
N ARG N 111 28.51 -34.94 18.86
CA ARG N 111 27.76 -33.69 18.84
C ARG N 111 28.63 -32.61 19.42
N PHE N 112 28.80 -31.52 18.70
CA PHE N 112 29.81 -30.53 19.07
C PHE N 112 29.26 -29.14 19.03
N CYS N 113 29.79 -28.28 19.91
CA CYS N 113 29.64 -26.84 19.83
C CYS N 113 31.00 -26.23 19.54
N LEU N 114 31.07 -25.31 18.60
CA LEU N 114 32.26 -24.44 18.54
C LEU N 114 32.23 -23.50 19.79
N PRO N 115 33.40 -22.94 20.24
CA PRO N 115 33.46 -22.36 21.59
C PRO N 115 32.53 -21.21 21.89
N ASN N 116 32.20 -20.41 20.88
CA ASN N 116 31.39 -19.19 21.08
C ASN N 116 30.02 -19.31 20.48
N SER N 117 29.68 -20.54 20.09
CA SER N 117 28.30 -20.90 19.70
C SER N 117 27.38 -20.84 20.92
N ARG N 118 26.11 -20.59 20.67
CA ARG N 118 25.13 -20.40 21.71
C ARG N 118 23.94 -21.28 21.37
N VAL N 119 23.35 -21.89 22.37
CA VAL N 119 22.20 -22.81 22.21
C VAL N 119 21.00 -22.28 22.99
N MET N 120 19.81 -22.49 22.46
CA MET N 120 18.63 -22.07 23.19
C MET N 120 17.54 -23.12 23.00
N ILE N 121 16.81 -23.42 24.09
CA ILE N 121 15.72 -24.40 24.07
C ILE N 121 14.41 -23.77 24.53
N HIS N 122 13.29 -24.24 23.98
CA HIS N 122 11.98 -23.74 24.41
C HIS N 122 10.85 -24.69 23.97
N GLN N 123 9.66 -24.56 24.55
CA GLN N 123 8.51 -25.39 24.12
C GLN N 123 7.94 -24.89 22.76
N PRO N 124 6.99 -25.67 22.11
CA PRO N 124 6.36 -25.22 20.83
C PRO N 124 5.56 -23.92 20.99
N LEU N 125 5.48 -23.18 19.88
CA LEU N 125 4.63 -22.02 19.70
C LEU N 125 3.76 -22.31 18.50
N GLY N 126 2.52 -21.86 18.55
CA GLY N 126 1.62 -22.18 17.45
C GLY N 126 0.51 -21.21 17.49
N GLY N 127 -0.44 -21.32 16.57
CA GLY N 127 -1.57 -20.44 16.69
C GLY N 127 -2.64 -21.02 15.83
N TYR N 128 -3.89 -20.70 16.20
CA TYR N 128 -5.02 -21.21 15.42
C TYR N 128 -6.20 -20.30 15.59
N GLN N 129 -7.08 -20.34 14.60
CA GLN N 129 -8.26 -19.55 14.56
C GLN N 129 -9.39 -20.40 14.05
N GLY N 130 -10.53 -20.34 14.72
CA GLY N 130 -11.69 -21.02 14.21
C GLY N 130 -12.69 -21.32 15.31
N GLN N 131 -13.61 -22.25 15.03
CA GLN N 131 -14.61 -22.63 16.00
C GLN N 131 -13.95 -23.26 17.23
N ALA N 132 -14.59 -23.09 18.40
CA ALA N 132 -14.05 -23.71 19.65
C ALA N 132 -13.74 -25.24 19.47
N THR N 133 -14.63 -25.98 18.77
CA THR N 133 -14.38 -27.44 18.54
C THR N 133 -13.02 -27.65 17.88
N ASP N 134 -12.73 -26.83 16.88
CA ASP N 134 -11.47 -26.88 16.17
C ASP N 134 -10.30 -26.37 16.96
N ILE N 135 -10.52 -25.30 17.74
CA ILE N 135 -9.46 -24.83 18.63
C ILE N 135 -9.07 -26.01 19.57
N GLU N 136 -10.05 -26.77 20.04
CA GLU N 136 -9.80 -27.85 21.01
C GLU N 136 -8.93 -28.98 20.36
N ILE N 137 -9.25 -29.28 19.11
CA ILE N 137 -8.51 -30.28 18.32
C ILE N 137 -7.04 -29.87 18.12
N HIS N 138 -6.83 -28.62 17.73
CA HIS N 138 -5.49 -28.14 17.44
C HIS N 138 -4.67 -27.94 18.71
N ALA N 139 -5.32 -27.54 19.80
CA ALA N 139 -4.63 -27.41 21.06
C ALA N 139 -4.14 -28.78 21.56
N ARG N 140 -5.01 -29.78 21.49
CA ARG N 140 -4.64 -31.14 21.87
C ARG N 140 -3.42 -31.63 21.07
N GLU N 141 -3.42 -31.34 19.77
CA GLU N 141 -2.30 -31.69 18.89
C GLU N 141 -0.99 -30.97 19.30
N ILE N 142 -1.02 -29.67 19.63
CA ILE N 142 0.24 -29.03 20.00
C ILE N 142 0.74 -29.54 21.35
N LEU N 143 -0.18 -29.90 22.23
CA LEU N 143 0.23 -30.48 23.51
C LEU N 143 0.88 -31.85 23.35
N LYS N 144 0.32 -32.65 22.46
CA LYS N 144 0.90 -33.96 22.13
C LYS N 144 2.32 -33.82 21.58
N VAL N 145 2.47 -32.87 20.65
CA VAL N 145 3.77 -32.57 20.05
C VAL N 145 4.79 -32.05 21.05
N LYS N 146 4.38 -31.13 21.94
CA LYS N 146 5.21 -30.69 23.00
C LYS N 146 5.73 -31.90 23.84
N GLY N 147 4.86 -32.85 24.17
CA GLY N 147 5.30 -33.94 25.09
C GLY N 147 6.24 -34.87 24.36
N ARG N 148 5.96 -35.06 23.10
CA ARG N 148 6.79 -35.94 22.29
C ARG N 148 8.21 -35.38 22.13
N MET N 149 8.27 -34.07 21.90
CA MET N 149 9.56 -33.35 21.76
C MET N 149 10.34 -33.39 23.04
N ASN N 150 9.68 -33.20 24.19
CA ASN N 150 10.35 -33.36 25.48
C ASN N 150 10.88 -34.77 25.70
N GLU N 151 10.10 -35.77 25.34
CA GLU N 151 10.57 -37.16 25.47
C GLU N 151 11.86 -37.42 24.68
N LEU N 152 11.90 -36.89 23.47
CA LEU N 152 13.09 -37.05 22.63
C LEU N 152 14.30 -36.22 23.11
N MET N 153 14.05 -35.01 23.60
CA MET N 153 15.14 -34.23 24.18
C MET N 153 15.71 -34.92 25.43
N ALA N 154 14.82 -35.46 26.26
CA ALA N 154 15.22 -36.19 27.47
C ALA N 154 16.13 -37.34 27.05
N LEU N 155 15.70 -38.06 26.03
CA LEU N 155 16.47 -39.22 25.54
C LEU N 155 17.85 -38.81 25.09
N HIS N 156 17.96 -37.77 24.24
CA HIS N 156 19.27 -37.38 23.69
C HIS N 156 20.20 -36.69 24.71
N THR N 157 19.65 -35.93 25.66
CA THR N 157 20.48 -35.25 26.67
C THR N 157 20.83 -36.08 27.91
N GLY N 158 20.05 -37.12 28.23
CA GLY N 158 20.24 -37.83 29.51
C GLY N 158 19.56 -37.15 30.70
N GLN N 159 18.92 -36.01 30.46
CA GLN N 159 18.12 -35.34 31.47
C GLN N 159 16.80 -36.09 31.62
N SER N 160 16.17 -36.00 32.80
CA SER N 160 14.86 -36.62 32.98
C SER N 160 13.79 -35.86 32.19
N LEU N 161 12.65 -36.52 31.91
CA LEU N 161 11.57 -35.84 31.22
C LEU N 161 11.07 -34.66 32.05
N GLU N 162 11.03 -34.82 33.36
CA GLU N 162 10.50 -33.72 34.18
C GLU N 162 11.43 -32.49 34.16
N GLN N 163 12.75 -32.73 34.20
CA GLN N 163 13.77 -31.67 34.10
C GLN N 163 13.60 -30.92 32.78
N ILE N 164 13.51 -31.65 31.66
CA ILE N 164 13.31 -31.05 30.32
C ILE N 164 12.03 -30.19 30.28
N GLU N 165 10.93 -30.72 30.81
CA GLU N 165 9.64 -30.01 30.82
C GLU N 165 9.83 -28.70 31.59
N ARG N 166 10.41 -28.77 32.77
CA ARG N 166 10.62 -27.59 33.58
C ARG N 166 11.51 -26.55 32.89
N ASP N 167 12.57 -27.02 32.23
CA ASP N 167 13.61 -26.13 31.70
C ASP N 167 13.22 -25.51 30.36
N THR N 168 12.15 -26.02 29.74
CA THR N 168 11.71 -25.47 28.45
C THR N 168 10.38 -24.72 28.49
N GLU N 169 9.81 -24.47 29.66
CA GLU N 169 8.58 -23.68 29.72
C GLU N 169 8.81 -22.27 29.19
N ARG N 170 9.98 -21.71 29.45
CA ARG N 170 10.36 -20.43 28.85
C ARG N 170 11.72 -20.60 28.18
N ASP N 171 12.07 -19.70 27.27
CA ASP N 171 13.40 -19.70 26.61
C ASP N 171 14.53 -19.90 27.61
N ARG N 172 15.40 -20.86 27.34
CA ARG N 172 16.58 -21.11 28.13
C ARG N 172 17.82 -21.02 27.23
N PHE N 173 18.71 -20.08 27.53
CA PHE N 173 19.96 -19.96 26.80
C PHE N 173 21.12 -20.71 27.48
N LEU N 174 22.00 -21.34 26.68
CA LEU N 174 23.17 -22.10 27.14
C LEU N 174 24.40 -21.69 26.35
N SER N 175 25.50 -21.38 27.05
CA SER N 175 26.82 -21.28 26.43
C SER N 175 27.27 -22.68 26.00
N ALA N 176 28.34 -22.71 25.19
CA ALA N 176 28.87 -23.96 24.67
C ALA N 176 29.27 -24.89 25.85
N PRO N 177 29.98 -24.37 26.88
CA PRO N 177 30.25 -25.27 28.06
C PRO N 177 28.98 -25.68 28.83
N GLU N 178 28.04 -24.74 28.94
CA GLU N 178 26.76 -25.10 29.51
C GLU N 178 26.04 -26.18 28.67
N ALA N 179 26.09 -26.10 27.33
CA ALA N 179 25.42 -27.11 26.50
C ALA N 179 26.08 -28.49 26.70
N VAL N 180 27.39 -28.52 26.91
CA VAL N 180 28.10 -29.78 27.28
C VAL N 180 27.64 -30.33 28.65
N GLU N 181 27.65 -29.48 29.67
CA GLU N 181 27.11 -29.84 30.99
C GLU N 181 25.66 -30.37 30.91
N TYR N 182 24.86 -29.81 30.03
CA TYR N 182 23.43 -30.12 29.96
C TYR N 182 23.21 -31.46 29.27
N GLY N 183 24.19 -31.90 28.48
CA GLY N 183 24.06 -33.12 27.68
C GLY N 183 23.53 -32.90 26.25
N LEU N 184 23.36 -31.64 25.85
CA LEU N 184 22.87 -31.27 24.50
C LEU N 184 23.94 -31.63 23.45
N VAL N 185 25.22 -31.38 23.79
CA VAL N 185 26.36 -31.79 22.97
C VAL N 185 27.35 -32.57 23.82
N ASP N 186 28.36 -33.16 23.18
CA ASP N 186 29.31 -34.04 23.86
C ASP N 186 30.59 -33.32 24.25
N SER N 187 31.04 -32.40 23.39
CA SER N 187 32.24 -31.59 23.69
C SER N 187 32.27 -30.30 22.89
N ILE N 188 33.24 -29.47 23.21
CA ILE N 188 33.48 -28.25 22.47
C ILE N 188 34.61 -28.54 21.45
N LEU N 189 34.46 -28.12 20.21
CA LEU N 189 35.58 -28.14 19.25
C LEU N 189 36.26 -26.77 19.27
N THR N 190 37.59 -26.72 19.33
CA THR N 190 38.30 -25.42 19.31
C THR N 190 39.27 -25.25 18.11
N HIS N 191 40.22 -26.18 17.93
CA HIS N 191 41.18 -26.14 16.82
C HIS N 191 41.20 -27.49 16.13
N ARG N 192 41.33 -27.47 14.81
CA ARG N 192 41.38 -28.68 14.03
C ARG N 192 42.59 -29.52 14.48
N ASN N 193 42.29 -30.73 14.94
CA ASN N 193 43.30 -31.74 15.28
C ASN N 193 44.40 -31.83 14.21
O2 CMQ O . 1.80 -0.79 29.96
C1 CMQ O . 2.42 -1.78 29.58
O1 CMQ O . 3.87 -1.70 29.60
C2 CMQ O . 4.33 -1.49 30.93
C3 CMQ O . 5.77 -1.12 31.01
C4 CMQ O . 6.26 -0.77 32.27
C5 CMQ O . 7.60 -0.41 32.41
C6 CMQ O . 8.44 -0.44 31.29
C7 CMQ O . 7.93 -0.81 30.03
C8 CMQ O . 6.58 -1.15 29.87
N1 CMQ O . 1.94 -2.94 29.19
C9 CMQ O . 0.54 -3.31 29.13
C11 CMQ O . 0.30 -4.10 27.80
C12 CMQ O . 0.54 -3.35 26.48
C13 CMQ O . 0.43 -4.25 25.23
C14 CMQ O . -0.45 -2.19 26.32
C10 CMQ O . 0.30 -4.32 30.24
O3 CMQ O . 1.17 -5.13 30.62
N2 CMQ O . -0.94 -4.33 30.75
C15 CMQ O . -1.37 -5.24 31.82
C16 CMQ O . -2.61 -5.89 31.17
O4 CMQ O . -3.53 -4.97 30.52
C24 CMQ O . -2.09 -6.83 30.05
C17 CMQ O . -1.66 -4.33 33.04
C18 CMQ O . -1.24 -4.99 34.36
C19 CMQ O . -2.16 -5.06 35.40
C21 CMQ O . -1.81 -5.62 36.63
C23 CMQ O . -0.53 -6.12 36.84
O5 CMQ O . -0.22 -6.67 38.06
C22 CMQ O . 0.43 -6.03 35.83
C20 CMQ O . 0.06 -5.46 34.58
C1 PGE P . -27.13 3.91 40.65
O1 PGE P . -27.51 4.62 39.44
C2 PGE P . -25.86 3.09 40.43
O2 PGE P . -26.15 1.71 40.64
C3 PGE P . -25.17 0.85 40.05
C4 PGE P . -25.11 -0.51 40.70
O4 PGE P . -25.38 -1.63 44.94
C6 PGE P . -24.45 -0.73 44.33
C5 PGE P . -24.26 -1.06 42.85
O3 PGE P . -25.27 -0.39 42.11
C1 GOL Q . -13.88 -17.40 33.23
O1 GOL Q . -13.67 -18.71 32.78
C2 GOL Q . -15.28 -16.98 32.85
O2 GOL Q . -16.24 -17.94 33.30
C3 GOL Q . -15.36 -16.76 31.35
O3 GOL Q . -16.29 -15.73 31.02
O2 CMQ R . 12.50 17.95 20.80
C1 CMQ R . 13.34 17.16 20.38
O1 CMQ R . 14.31 17.67 19.44
C2 CMQ R . 14.81 19.00 19.71
C3 CMQ R . 15.95 19.48 18.82
C4 CMQ R . 16.65 20.64 19.19
C5 CMQ R . 17.69 21.14 18.39
C6 CMQ R . 18.04 20.48 17.21
C7 CMQ R . 17.35 19.31 16.84
C8 CMQ R . 16.30 18.81 17.64
N1 CMQ R . 13.39 15.87 20.73
C9 CMQ R . 12.47 15.25 21.69
C11 CMQ R . 12.06 13.87 21.19
C12 CMQ R . 11.42 13.89 19.81
C13 CMQ R . 11.27 12.47 19.27
C14 CMQ R . 10.05 14.58 19.83
C10 CMQ R . 13.17 15.13 23.03
O3 CMQ R . 14.39 15.03 23.12
N2 CMQ R . 12.41 15.23 24.11
C15 CMQ R . 12.95 15.10 25.45
C16 CMQ R . 12.14 13.93 25.99
O4 CMQ R . 10.75 14.06 25.67
C24 CMQ R . 12.64 12.65 25.34
C17 CMQ R . 12.66 16.41 26.19
C18 CMQ R . 13.79 16.81 27.12
C19 CMQ R . 13.52 17.22 28.42
C21 CMQ R . 14.54 17.60 29.30
C23 CMQ R . 15.87 17.57 28.84
O5 CMQ R . 16.91 17.91 29.66
C22 CMQ R . 16.14 17.15 27.53
C20 CMQ R . 15.11 16.77 26.66
C1 PGE S . -9.88 22.06 43.32
O1 PGE S . -10.97 21.74 42.43
C2 PGE S . -8.53 21.79 42.67
O2 PGE S . -7.85 20.72 43.36
C3 PGE S . -6.42 20.82 43.23
C4 PGE S . -5.80 19.43 43.40
O4 PGE S . -2.85 20.21 47.09
C6 PGE S . -3.18 20.47 45.72
C5 PGE S . -4.41 19.66 45.32
O3 PGE S . -4.48 19.56 43.90
C1 GOL T . 7.25 5.21 33.31
O1 GOL T . 7.69 4.93 34.62
C2 GOL T . 6.87 3.88 32.70
O2 GOL T . 7.64 2.84 33.29
C3 GOL T . 7.03 3.94 31.20
O3 GOL T . 6.75 2.68 30.63
C1 GOL U . 16.83 17.21 47.55
O1 GOL U . 15.69 18.04 47.68
C2 GOL U . 17.97 17.96 46.86
O2 GOL U . 17.50 18.72 45.78
C3 GOL U . 19.00 16.97 46.35
O3 GOL U . 20.29 17.49 46.60
O2 CMQ V . 7.57 28.77 0.10
C1 CMQ V . 8.62 28.27 -0.29
O1 CMQ V . 8.89 28.33 -1.73
C2 CMQ V . 9.09 29.65 -2.28
C3 CMQ V . 9.21 29.71 -3.77
C4 CMQ V . 9.33 30.97 -4.38
C5 CMQ V . 9.43 31.06 -5.77
C6 CMQ V . 9.43 29.92 -6.57
C7 CMQ V . 9.32 28.67 -5.96
C8 CMQ V . 9.23 28.57 -4.56
N1 CMQ V . 9.53 27.67 0.48
C9 CMQ V . 9.45 27.55 1.93
C11 CMQ V . 9.66 26.08 2.38
C12 CMQ V . 8.71 25.01 1.87
C13 CMQ V . 9.19 23.66 2.39
C14 CMQ V . 7.24 25.22 2.21
C10 CMQ V . 10.58 28.38 2.52
O3 CMQ V . 11.63 28.55 1.92
N2 CMQ V . 10.32 28.95 3.69
C15 CMQ V . 11.28 29.79 4.40
C16 CMQ V . 11.46 29.10 5.76
O4 CMQ V . 10.19 28.72 6.33
C24 CMQ V . 12.15 27.74 5.49
C17 CMQ V . 10.58 31.17 4.49
C18 CMQ V . 11.56 32.32 4.42
C19 CMQ V . 11.47 33.40 5.27
C21 CMQ V . 12.38 34.49 5.20
C23 CMQ V . 13.39 34.45 4.22
O5 CMQ V . 14.29 35.45 4.10
C22 CMQ V . 13.49 33.37 3.35
C20 CMQ V . 12.56 32.32 3.45
C1 PGE W . -1.99 41.14 26.78
O1 PGE W . -2.97 40.10 26.87
C2 PGE W . -0.86 40.67 25.88
O2 PGE W . 0.14 40.00 26.67
C3 PGE W . 1.40 39.98 26.02
C4 PGE W . 2.40 40.88 26.76
O4 PGE W . 4.40 44.12 27.96
C6 PGE W . 3.20 43.36 27.74
C5 PGE W . 2.96 43.18 26.23
O3 PGE W . 3.02 41.80 25.85
C1 GOL X . 15.54 24.94 18.48
O1 GOL X . 16.43 23.92 18.12
C2 GOL X . 14.56 25.18 17.35
O2 GOL X . 14.72 24.23 16.30
C3 GOL X . 14.66 26.63 16.89
O3 GOL X . 14.41 26.73 15.51
C1 GOL Y . 6.27 32.83 -5.45
O1 GOL Y . 7.07 32.60 -6.56
C2 GOL Y . 4.82 32.71 -5.90
O2 GOL Y . 4.53 31.35 -6.17
C3 GOL Y . 4.65 33.55 -7.15
O3 GOL Y . 4.20 34.84 -6.81
O2 CMQ Z . -8.90 23.58 -16.00
C1 CMQ Z . -8.05 23.12 -16.73
O1 CMQ Z . -8.52 22.33 -17.87
C2 CMQ Z . -8.78 23.00 -19.11
C3 CMQ Z . -9.36 22.11 -20.19
C4 CMQ Z . -10.23 22.70 -21.13
C5 CMQ Z . -10.77 21.92 -22.15
C6 CMQ Z . -10.44 20.57 -22.27
C7 CMQ Z . -9.56 20.01 -21.33
C8 CMQ Z . -9.02 20.77 -20.30
N1 CMQ Z . -6.73 23.28 -16.53
C9 CMQ Z . -6.18 24.05 -15.42
C11 CMQ Z . -5.04 23.24 -14.81
C12 CMQ Z . -5.26 22.37 -13.54
C13 CMQ Z . -6.66 22.01 -13.05
C14 CMQ Z . -4.44 21.09 -13.64
C10 CMQ Z . -5.55 25.31 -15.96
O3 CMQ Z . -5.04 25.32 -17.06
N2 CMQ Z . -5.60 26.35 -15.12
C15 CMQ Z . -5.05 27.68 -15.41
C16 CMQ Z . -4.17 28.04 -14.21
O4 CMQ Z . -4.78 27.84 -12.94
C24 CMQ Z . -3.00 27.10 -14.22
C17 CMQ Z . -6.24 28.61 -15.48
C18 CMQ Z . -6.10 29.61 -16.62
C19 CMQ Z . -6.28 30.96 -16.34
C21 CMQ Z . -6.21 31.90 -17.36
C23 CMQ Z . -5.94 31.51 -18.68
O5 CMQ Z . -5.82 32.46 -19.68
C22 CMQ Z . -5.74 30.16 -18.95
C20 CMQ Z . -5.81 29.20 -17.93
C1 PGE AA . -12.93 46.82 3.63
O1 PGE AA . -13.57 45.86 4.50
C2 PGE AA . -12.25 46.10 2.48
O2 PGE AA . -10.86 46.39 2.51
C3 PGE AA . -10.30 46.54 1.20
C4 PGE AA . -10.19 48.01 0.85
O4 PGE AA . -11.49 50.93 -0.08
C6 PGE AA . -10.39 50.50 -0.90
C5 PGE AA . -10.64 49.05 -1.27
O3 PGE AA . -9.80 48.15 -0.52
O2 CMQ BA . -24.65 6.14 -15.76
C1 CMQ BA . -23.85 5.64 -16.55
O1 CMQ BA . -24.02 4.23 -16.83
C2 CMQ BA . -24.94 4.03 -17.90
C3 CMQ BA . -25.63 2.68 -17.91
C4 CMQ BA . -26.97 2.62 -18.32
C5 CMQ BA . -27.62 1.39 -18.37
C6 CMQ BA . -26.91 0.23 -18.07
C7 CMQ BA . -25.55 0.28 -17.69
C8 CMQ BA . -24.90 1.53 -17.62
N1 CMQ BA . -22.85 6.28 -17.21
C9 CMQ BA . -22.55 7.69 -17.05
C11 CMQ BA . -21.04 7.74 -17.04
C12 CMQ BA . -20.31 7.68 -15.66
C13 CMQ BA . -21.13 7.18 -14.50
C14 CMQ BA . -18.96 6.99 -15.76
C10 CMQ BA . -22.94 8.41 -18.31
O3 CMQ BA . -22.91 7.83 -19.37
N2 CMQ BA . -23.27 9.70 -18.19
C15 CMQ BA . -23.67 10.54 -19.35
C16 CMQ BA . -22.65 11.69 -19.22
O4 CMQ BA . -22.48 12.15 -17.87
C24 CMQ BA . -21.26 11.20 -19.56
C17 CMQ BA . -25.08 11.03 -19.06
C18 CMQ BA . -25.88 11.08 -20.36
C19 CMQ BA . -26.72 12.16 -20.61
C21 CMQ BA . -27.48 12.25 -21.81
C23 CMQ BA . -27.39 11.19 -22.73
O5 CMQ BA . -28.15 11.21 -23.89
C22 CMQ BA . -26.57 10.08 -22.46
C20 CMQ BA . -25.79 10.01 -21.28
C1 PGE CA . -32.58 33.68 -9.49
O1 PGE CA . -32.96 34.36 -8.30
C2 PGE CA . -32.59 34.66 -10.63
O2 PGE CA . -31.53 34.35 -11.53
C3 PGE CA . -32.00 33.96 -12.83
C4 PGE CA . -32.50 35.14 -13.65
O4 PGE CA . -36.62 36.27 -14.31
C6 PGE CA . -35.50 36.09 -13.43
C5 PGE CA . -34.87 34.71 -13.64
O3 PGE CA . -33.65 34.78 -14.42
O2 CMQ DA . -27.95 -10.33 0.91
C1 CMQ DA . -27.45 -11.06 0.06
O1 CMQ DA . -27.11 -12.40 0.43
C2 CMQ DA . -27.84 -12.91 1.56
C3 CMQ DA . -27.57 -14.34 1.92
C4 CMQ DA . -28.65 -15.12 2.35
C5 CMQ DA . -28.43 -16.44 2.73
C6 CMQ DA . -27.16 -16.97 2.66
C7 CMQ DA . -26.07 -16.21 2.21
C8 CMQ DA . -26.28 -14.87 1.83
N1 CMQ DA . -27.19 -10.72 -1.17
C9 CMQ DA . -27.51 -9.44 -1.74
C11 CMQ DA . -26.33 -8.92 -2.55
C12 CMQ DA . -25.07 -8.75 -1.67
C13 CMQ DA . -23.82 -8.61 -2.53
C14 CMQ DA . -25.21 -7.48 -0.82
C10 CMQ DA . -28.63 -9.74 -2.73
O3 CMQ DA . -28.71 -10.84 -3.25
N2 CMQ DA . -29.46 -8.74 -2.99
C15 CMQ DA . -30.58 -8.90 -3.93
C16 CMQ DA . -30.36 -7.83 -5.01
O4 CMQ DA . -30.10 -6.59 -4.35
C24 CMQ DA . -29.23 -8.19 -6.03
C17 CMQ DA . -31.85 -8.72 -3.06
C18 CMQ DA . -33.02 -9.59 -3.52
C19 CMQ DA . -34.31 -9.04 -3.74
C21 CMQ DA . -35.38 -9.83 -4.19
C23 CMQ DA . -35.13 -11.20 -4.47
O5 CMQ DA . -36.15 -12.02 -4.86
C22 CMQ DA . -33.87 -11.75 -4.23
C20 CMQ DA . -32.81 -10.94 -3.79
C1 PGE EA . -47.01 13.49 -1.62
O1 PGE EA . -45.97 14.30 -1.13
C2 PGE EA . -46.39 12.19 -2.10
O2 PGE EA . -46.27 12.27 -3.52
C3 PGE EA . -46.76 11.14 -4.23
C4 PGE EA . -48.25 11.32 -4.46
O4 PGE EA . -51.57 11.33 -3.26
C6 PGE EA . -51.18 10.79 -4.52
C5 PGE EA . -50.05 9.79 -4.26
O3 PGE EA . -48.85 10.11 -4.93
C1 GOL FA . -35.53 -0.69 -18.69
O1 GOL FA . -34.88 -0.88 -19.89
C2 GOL FA . -35.62 0.81 -18.56
O2 GOL FA . -36.29 1.34 -19.65
C3 GOL FA . -34.23 1.39 -18.38
O3 GOL FA . -34.29 2.48 -17.46
O2 CMQ GA . -16.24 -13.32 21.14
C1 CMQ GA . -15.77 -14.29 20.51
O1 CMQ GA . -14.63 -15.00 21.09
C2 CMQ GA . -14.51 -14.86 22.52
C3 CMQ GA . -13.46 -15.71 23.16
C4 CMQ GA . -13.71 -16.15 24.47
C5 CMQ GA . -12.74 -16.91 25.13
C6 CMQ GA . -11.55 -17.24 24.47
C7 CMQ GA . -11.30 -16.80 23.15
C8 CMQ GA . -12.27 -16.03 22.49
N1 CMQ GA . -16.19 -14.75 19.36
C9 CMQ GA . -17.31 -14.24 18.60
C11 CMQ GA . -16.89 -14.07 17.14
C12 CMQ GA . -15.81 -13.00 16.87
C13 CMQ GA . -15.40 -13.06 15.41
C14 CMQ GA . -16.25 -11.55 17.16
C10 CMQ GA . -18.39 -15.30 18.66
O3 CMQ GA . -18.08 -16.49 18.75
N2 CMQ GA . -19.65 -14.86 18.60
C15 CMQ GA . -20.79 -15.78 18.65
C16 CMQ GA . -21.53 -15.56 17.32
O4 CMQ GA . -21.73 -14.15 17.11
C24 CMQ GA . -20.89 -16.22 16.04
C17 CMQ GA . -21.57 -15.42 19.94
C18 CMQ GA . -22.23 -16.64 20.62
C19 CMQ GA . -23.55 -16.66 21.04
C21 CMQ GA . -24.10 -17.80 21.67
C23 CMQ GA . -23.31 -18.91 21.90
O5 CMQ GA . -23.79 -20.05 22.49
C22 CMQ GA . -21.99 -18.90 21.49
C20 CMQ GA . -21.48 -17.77 20.83
C1 PGE HA . -44.05 0.64 21.12
O1 PGE HA . -43.05 1.69 21.05
C2 PGE HA . -43.40 -0.74 21.18
O2 PGE HA . -43.69 -1.45 19.98
C3 PGE HA . -43.20 -2.79 19.87
C4 PGE HA . -44.39 -3.74 19.91
O4 PGE HA . -46.71 -4.98 23.09
C6 PGE HA . -46.33 -4.60 21.76
C5 PGE HA . -45.28 -5.57 21.23
O3 PGE HA . -44.14 -4.85 20.76
C1 GOL IA . -30.05 -15.20 8.40
O1 GOL IA . -29.20 -14.94 9.52
C2 GOL IA . -29.45 -14.76 7.06
O2 GOL IA . -29.90 -15.63 6.05
C3 GOL IA . -27.92 -14.79 7.07
O3 GOL IA . -27.44 -14.82 5.75
O2 CMQ JA . 23.03 -9.43 16.68
C1 CMQ JA . 22.63 -8.50 17.40
O1 CMQ JA . 21.80 -8.83 18.55
C2 CMQ JA . 22.44 -9.68 19.50
C3 CMQ JA . 21.56 -10.24 20.60
C4 CMQ JA . 22.13 -11.14 21.51
C5 CMQ JA . 21.34 -11.67 22.53
C6 CMQ JA . 19.99 -11.30 22.64
C7 CMQ JA . 19.41 -10.39 21.74
C8 CMQ JA . 20.21 -9.86 20.71
N1 CMQ JA . 22.86 -7.21 17.21
C9 CMQ JA . 23.65 -6.65 16.14
C11 CMQ JA . 22.79 -5.46 15.68
C12 CMQ JA . 21.94 -5.52 14.38
C13 CMQ JA . 21.57 -6.90 13.87
C14 CMQ JA . 20.75 -4.57 14.48
C10 CMQ JA . 24.88 -6.05 16.86
O3 CMQ JA . 24.80 -5.61 18.01
N2 CMQ JA . 26.02 -6.00 16.20
C15 CMQ JA . 27.26 -5.42 16.75
C16 CMQ JA . 27.59 -4.34 15.71
O4 CMQ JA . 27.39 -4.74 14.34
C24 CMQ JA . 26.61 -3.16 15.85
C17 CMQ JA . 28.27 -6.57 16.74
C18 CMQ JA . 29.20 -6.48 17.96
C19 CMQ JA . 30.57 -6.62 17.80
C21 CMQ JA . 31.44 -6.56 18.89
C23 CMQ JA . 30.92 -6.35 20.17
O5 CMQ JA . 31.74 -6.25 21.27
C22 CMQ JA . 29.54 -6.21 20.33
C20 CMQ JA . 28.67 -6.28 19.22
C1 PGE KA . 50.40 -9.58 3.48
O1 PGE KA . 51.57 -10.31 3.05
C2 PGE KA . 49.85 -8.81 2.28
O2 PGE KA . 48.52 -9.22 2.00
C3 PGE KA . 48.02 -8.53 0.88
C4 PGE KA . 46.96 -9.40 0.23
O4 PGE KA . 45.68 -10.32 -2.61
C6 PGE KA . 46.50 -11.48 -2.39
C5 PGE KA . 47.00 -11.48 -0.96
O3 PGE KA . 47.63 -10.22 -0.74
C1 GOL LA . 30.76 5.01 8.80
O1 GOL LA . 29.95 5.66 7.85
C2 GOL LA . 32.23 5.25 8.45
O2 GOL LA . 33.14 4.51 9.24
C3 GOL LA . 32.49 6.72 8.65
O3 GOL LA . 33.72 6.95 8.03
O2 CMQ MA . 29.00 8.14 2.04
C1 CMQ MA . 28.36 9.14 2.39
O1 CMQ MA . 28.33 9.32 3.82
C2 CMQ MA . 29.62 9.22 4.41
C3 CMQ MA . 29.60 9.37 5.90
C4 CMQ MA . 30.82 9.57 6.55
C5 CMQ MA . 30.81 9.69 7.94
C6 CMQ MA . 29.62 9.62 8.68
C7 CMQ MA . 28.40 9.43 8.03
C8 CMQ MA . 28.38 9.30 6.62
N1 CMQ MA . 27.71 10.03 1.63
C9 CMQ MA . 27.61 10.06 0.18
C11 CMQ MA . 26.16 10.42 -0.17
C12 CMQ MA . 25.16 9.30 0.23
C13 CMQ MA . 23.73 9.74 -0.15
C14 CMQ MA . 25.46 7.94 -0.44
C10 CMQ MA . 28.53 11.16 -0.28
O3 CMQ MA . 28.69 12.09 0.44
N2 CMQ MA . 29.12 11.02 -1.47
C15 CMQ MA . 30.06 12.00 -2.07
C16 CMQ MA . 29.41 12.21 -3.45
O4 CMQ MA . 29.06 10.97 -4.07
C24 CMQ MA . 28.10 12.92 -3.16
C17 CMQ MA . 31.46 11.39 -2.09
C18 CMQ MA . 32.54 12.45 -1.86
C19 CMQ MA . 33.68 12.54 -2.68
C21 CMQ MA . 34.66 13.52 -2.44
C23 CMQ MA . 34.50 14.40 -1.36
O5 CMQ MA . 35.44 15.40 -1.06
C22 CMQ MA . 33.39 14.28 -0.56
C20 CMQ MA . 32.40 13.32 -0.80
C1 PGE NA . 46.31 5.90 -23.92
O1 PGE NA . 46.44 4.46 -23.89
C2 PGE NA . 44.94 6.30 -23.37
O2 PGE NA . 43.91 5.51 -23.96
C3 PGE NA . 43.06 4.96 -22.96
C4 PGE NA . 41.90 4.22 -23.62
O4 PGE NA . 42.08 -0.37 -24.45
C6 PGE NA . 42.69 0.67 -23.68
C5 PGE NA . 41.72 1.84 -23.56
O3 PGE NA . 42.38 2.97 -24.10
O2 CMQ OA . 19.04 13.72 -18.65
C1 CMQ OA . 18.14 14.56 -18.52
O1 CMQ OA . 18.34 15.76 -17.73
C2 CMQ OA . 18.99 15.67 -16.46
C3 CMQ OA . 19.96 16.80 -16.34
C4 CMQ OA . 21.02 16.92 -17.23
C5 CMQ OA . 21.92 17.96 -17.10
C6 CMQ OA . 21.79 18.88 -16.06
C7 CMQ OA . 20.74 18.77 -15.15
C8 CMQ OA . 19.82 17.72 -15.29
N1 CMQ OA . 16.94 14.51 -19.07
C9 CMQ OA . 16.39 13.57 -19.98
C11 CMQ OA . 14.94 13.39 -19.50
C12 CMQ OA . 14.57 12.06 -18.87
C13 CMQ OA . 15.71 11.29 -18.25
C14 CMQ OA . 13.40 12.28 -17.90
C10 CMQ OA . 16.29 14.38 -21.25
O3 CMQ OA . 16.02 15.57 -21.19
N2 CMQ OA . 16.50 13.72 -22.37
C15 CMQ OA . 16.44 14.30 -23.73
C16 CMQ OA . 15.40 13.38 -24.43
O4 CMQ OA . 15.61 12.01 -24.13
C24 CMQ OA . 14.01 13.60 -23.86
C17 CMQ OA . 17.87 14.15 -24.28
C18 CMQ OA . 18.29 15.31 -25.19
C19 CMQ OA . 18.78 15.09 -26.46
C21 CMQ OA . 19.18 16.16 -27.28
C23 CMQ OA . 19.07 17.48 -26.82
O5 CMQ OA . 19.43 18.55 -27.59
C22 CMQ OA . 18.61 17.71 -25.54
C20 CMQ OA . 18.20 16.63 -24.74
C1 PGE PA . 23.94 0.93 -45.45
O1 PGE PA . 24.76 -0.04 -46.09
C2 PGE PA . 22.74 0.25 -44.81
O2 PGE PA . 23.16 -0.81 -43.93
C3 PGE PA . 22.08 -1.72 -43.75
C4 PGE PA . 22.38 -2.60 -42.54
O4 PGE PA . 21.84 -5.52 -40.97
C6 PGE PA . 23.21 -5.59 -41.47
C5 PGE PA . 23.92 -4.23 -41.72
O3 PGE PA . 23.40 -3.54 -42.87
O2 CMQ QA . 1.18 3.27 -30.02
C1 CMQ QA . 0.15 3.90 -29.80
O1 CMQ QA . 0.22 5.33 -29.81
C2 CMQ QA . 1.16 5.92 -30.72
C3 CMQ QA . 1.15 7.42 -30.71
C4 CMQ QA . 1.68 8.09 -31.82
C5 CMQ QA . 1.70 9.48 -31.84
C6 CMQ QA . 1.18 10.21 -30.76
C7 CMQ QA . 0.63 9.54 -29.65
C8 CMQ QA . 0.62 8.13 -29.63
N1 CMQ QA . -1.05 3.37 -29.54
C9 CMQ QA . -1.35 1.94 -29.52
C11 CMQ QA . -2.16 1.62 -28.27
C12 CMQ QA . -1.46 1.81 -26.90
C13 CMQ QA . -2.29 1.21 -25.79
C14 CMQ QA . -0.08 1.16 -26.77
C10 CMQ QA . -2.25 1.70 -30.70
O3 CMQ QA . -2.97 2.62 -31.12
N2 CMQ QA . -2.22 0.48 -31.21
C15 CMQ QA . -3.05 0.07 -32.36
C16 CMQ QA . -3.74 -1.23 -31.88
O4 CMQ QA . -2.86 -2.12 -31.17
C24 CMQ QA . -4.78 -0.87 -30.81
C17 CMQ QA . -2.10 -0.14 -33.55
C18 CMQ QA . -2.67 0.35 -34.87
C19 CMQ QA . -2.54 -0.41 -36.04
C21 CMQ QA . -3.05 0.05 -37.27
C23 CMQ QA . -3.70 1.30 -37.33
O5 CMQ QA . -4.23 1.79 -38.49
C22 CMQ QA . -3.80 2.07 -36.17
C20 CMQ QA . -3.30 1.60 -34.93
C1 PGE RA . 2.67 -23.13 -46.59
O1 PGE RA . 4.01 -23.67 -46.66
C2 PGE RA . 2.67 -21.98 -45.58
O2 PGE RA . 2.08 -22.38 -44.34
C3 PGE RA . 2.76 -23.37 -43.56
C4 PGE RA . 3.77 -22.72 -42.62
O4 PGE RA . 5.39 -24.52 -39.37
C6 PGE RA . 6.17 -24.41 -40.59
C5 PGE RA . 5.75 -23.18 -41.39
O3 PGE RA . 4.89 -23.58 -42.46
C1 PGE SA . -10.29 -10.54 -52.50
O1 PGE SA . -11.50 -11.28 -52.55
C2 PGE SA . -10.73 -9.13 -52.16
O2 PGE SA . -9.67 -8.47 -51.52
C3 PGE SA . -9.45 -7.16 -51.98
C4 PGE SA . -10.08 -6.26 -50.95
O4 PGE SA . -13.92 -4.81 -52.90
C6 PGE SA . -12.97 -4.40 -51.93
C5 PGE SA . -12.23 -5.65 -51.54
O3 PGE SA . -10.87 -5.31 -51.63
C1 GOL TA . -11.79 -12.19 -30.75
O1 GOL TA . -12.73 -12.04 -29.73
C2 GOL TA . -10.56 -11.47 -30.30
O2 GOL TA . -10.80 -10.76 -29.07
C3 GOL TA . -10.09 -10.58 -31.44
O3 GOL TA . -9.22 -9.60 -30.90
O2 CMQ UA . -11.32 -15.54 -23.08
C1 CMQ UA . -12.34 -15.10 -22.55
O1 CMQ UA . -12.95 -13.95 -23.17
C2 CMQ UA . -13.37 -14.14 -24.52
C3 CMQ UA . -13.85 -12.91 -25.24
C4 CMQ UA . -14.21 -13.05 -26.60
C5 CMQ UA . -14.65 -11.94 -27.29
C6 CMQ UA . -14.75 -10.69 -26.67
C7 CMQ UA . -14.41 -10.56 -25.31
C8 CMQ UA . -13.96 -11.67 -24.60
N1 CMQ UA . -12.89 -15.60 -21.45
C9 CMQ UA . -12.37 -16.79 -20.81
C11 CMQ UA . -12.36 -16.52 -19.30
C12 CMQ UA . -11.32 -15.48 -18.78
C13 CMQ UA . -11.60 -14.09 -19.29
C14 CMQ UA . -11.33 -15.39 -17.26
C10 CMQ UA . -13.38 -17.90 -21.00
O3 CMQ UA . -14.55 -17.61 -21.15
N2 CMQ UA . -12.94 -19.17 -20.98
C15 CMQ UA . -13.84 -20.34 -21.11
C16 CMQ UA . -13.57 -21.18 -19.81
O4 CMQ UA . -12.17 -21.23 -19.53
C24 CMQ UA . -14.36 -20.61 -18.58
C17 CMQ UA . -13.37 -21.06 -22.37
C18 CMQ UA . -14.53 -21.62 -23.21
C19 CMQ UA . -14.46 -22.90 -23.74
C21 CMQ UA . -15.51 -23.43 -24.53
C23 CMQ UA . -16.65 -22.67 -24.76
O5 CMQ UA . -17.70 -23.16 -25.52
C22 CMQ UA . -16.72 -21.38 -24.25
C20 CMQ UA . -15.65 -20.85 -23.46
C1 PGE VA . -2.97 -44.83 -25.30
O1 PGE VA . -1.75 -45.38 -25.87
C2 PGE VA . -2.74 -43.60 -24.41
O2 PGE VA . -1.44 -43.63 -23.80
C3 PGE VA . -1.27 -42.73 -22.70
C4 PGE VA . 0.06 -41.99 -22.76
O4 PGE VA . 4.60 -42.18 -23.35
C6 PGE VA . 3.48 -42.89 -23.91
C5 PGE VA . 2.20 -42.05 -23.82
O3 PGE VA . 1.11 -42.82 -23.27
C1 GOL WA . -13.44 -29.81 -11.46
O1 GOL WA . -13.15 -28.69 -12.35
C2 GOL WA . -13.18 -29.48 -10.00
O2 GOL WA . -14.12 -30.03 -9.09
C3 GOL WA . -13.07 -27.97 -9.76
O3 GOL WA . -12.92 -27.72 -8.37
O2 CMQ XA . -9.03 -28.53 -3.48
C1 CMQ XA . -9.84 -28.03 -2.65
O1 CMQ XA . -11.14 -27.67 -3.14
C2 CMQ XA . -11.73 -28.66 -3.99
C3 CMQ XA . -13.06 -28.31 -4.61
C4 CMQ XA . -13.73 -29.30 -5.35
C5 CMQ XA . -14.96 -29.02 -5.95
C6 CMQ XA . -15.54 -27.76 -5.80
C7 CMQ XA . -14.88 -26.76 -5.07
C8 CMQ XA . -13.64 -27.04 -4.46
N1 CMQ XA . -9.65 -27.80 -1.35
C9 CMQ XA . -8.39 -28.17 -0.75
C11 CMQ XA . -7.89 -27.03 0.16
C12 CMQ XA . -7.67 -25.67 -0.54
C13 CMQ XA . -7.45 -24.54 0.50
C14 CMQ XA . -6.50 -25.75 -1.54
C10 CMQ XA . -8.68 -29.34 0.16
O3 CMQ XA . -9.82 -29.49 0.60
N2 CMQ XA . -7.68 -30.17 0.42
C15 CMQ XA . -7.85 -31.30 1.34
C16 CMQ XA . -6.82 -31.14 2.49
O4 CMQ XA . -5.56 -30.76 1.94
C24 CMQ XA . -7.29 -30.08 3.54
C17 CMQ XA . -7.55 -32.54 0.50
C18 CMQ XA . -8.45 -33.73 0.79
C19 CMQ XA . -7.92 -35.01 0.83
C21 CMQ XA . -8.74 -36.10 1.10
C23 CMQ XA . -10.11 -35.93 1.34
O5 CMQ XA . -10.92 -37.01 1.61
C22 CMQ XA . -10.68 -34.65 1.25
C20 CMQ XA . -9.83 -33.54 1.00
C1 PGE YA . 11.97 -50.44 2.29
O1 PGE YA . 12.66 -50.81 1.09
C2 PGE YA . 11.50 -48.99 2.16
O2 PGE YA . 12.64 -48.14 2.02
C3 PGE YA . 12.26 -46.77 1.97
C4 PGE YA . 13.48 -45.94 1.61
O4 PGE YA . 16.24 -45.68 -1.95
C6 PGE YA . 15.50 -46.78 -1.38
C5 PGE YA . 14.37 -46.20 -0.52
O3 PGE YA . 14.38 -46.69 0.81
O2 CMQ ZA . 6.28 -25.90 14.27
C1 CMQ ZA . 5.67 -25.20 15.11
O1 CMQ ZA . 4.27 -25.45 15.33
C2 CMQ ZA . 3.92 -26.18 16.50
C3 CMQ ZA . 2.64 -26.97 16.29
C4 CMQ ZA . 2.69 -28.36 16.48
C5 CMQ ZA . 1.50 -29.08 16.31
C6 CMQ ZA . 0.29 -28.46 15.98
C7 CMQ ZA . 0.27 -27.08 15.79
C8 CMQ ZA . 1.45 -26.33 15.95
N1 CMQ ZA . 6.19 -24.22 15.85
C9 CMQ ZA . 7.55 -23.77 15.75
C11 CMQ ZA . 7.53 -22.22 15.73
C12 CMQ ZA . 6.85 -21.55 14.52
C13 CMQ ZA . 6.80 -20.04 14.63
C14 CMQ ZA . 7.57 -21.96 13.22
C10 CMQ ZA . 8.24 -24.13 17.03
O3 CMQ ZA . 7.60 -24.07 18.07
N2 CMQ ZA . 9.54 -24.42 16.94
C15 CMQ ZA . 10.33 -24.79 18.15
C16 CMQ ZA . 11.45 -23.74 18.28
O4 CMQ ZA . 11.99 -23.38 17.01
C24 CMQ ZA . 10.98 -22.46 19.00
C17 CMQ ZA . 10.87 -26.21 17.89
C18 CMQ ZA . 10.93 -27.07 19.14
C19 CMQ ZA . 12.08 -27.86 19.39
C21 CMQ ZA . 12.16 -28.67 20.53
C23 CMQ ZA . 11.08 -28.73 21.40
O5 CMQ ZA . 11.18 -29.53 22.52
C22 CMQ ZA . 9.93 -27.94 21.17
C20 CMQ ZA . 9.85 -27.12 20.03
C1 PGE AB . 34.72 -34.10 14.59
O1 PGE AB . 35.80 -33.85 15.49
C2 PGE AB . 34.25 -32.79 13.97
O2 PGE AB . 35.38 -32.03 13.49
C3 PGE AB . 35.12 -31.36 12.26
C4 PGE AB . 35.24 -32.40 11.14
O4 PGE AB . 34.72 -29.79 8.49
C6 PGE AB . 34.73 -31.08 7.85
C5 PGE AB . 35.23 -32.14 8.81
O3 PGE AB . 34.52 -31.94 10.02
C1 GOL BB . 22.53 -15.78 21.61
O1 GOL BB . 21.80 -14.73 22.16
C2 GOL BB . 21.67 -16.55 20.66
O2 GOL BB . 20.70 -15.65 20.13
C3 GOL BB . 21.03 -17.68 21.44
O3 GOL BB . 20.80 -18.83 20.67
#